data_8GJK
#
_entry.id   8GJK
#
_cell.length_a   1.00
_cell.length_b   1.00
_cell.length_c   1.00
_cell.angle_alpha   90.00
_cell.angle_beta   90.00
_cell.angle_gamma   90.00
#
_symmetry.space_group_name_H-M   'P 1'
#
loop_
_entity.id
_entity.type
_entity.pdbx_description
1 polymer 'Efflux pump membrane transporter'
2 non-polymer '(2R,4S)-2-[(R)-{[(2R)-2-amino-2-phenylacetyl]amino}(carboxy)methyl]-5,5-dimethyl-1,3-thiazolidine-4-carboxylic acid'
#
_entity_poly.entity_id   1
_entity_poly.type   'polypeptide(L)'
_entity_poly.pdbx_seq_one_letter_code
;MFSKFFIERPIFASVVAIIISIAGIIGLANLPVEQYPSLTPPTVQVSATYTGADAQTIASTVATPIEDAINGVDNMIYMD
STSSPGQMKLTVYFNIGTDPDQAAIDVNNRISAATAKLPEAVKKLGVTVRKSSSTILEVVSVYSEDSSMNDIDIYNYVSL
NILDELKRIPGVGDASAIGNKNYSMRIWLEPDLLNKFGVTANDVINAVNDQNAQYATGKIGEEPVVNKSPQVISITMQGR
LQTPQEFENIILRVNEDKSFLRIKDVAKVEIGAEQYNSTGRLNTSAAVPIIINLQSGANAVNTAKLINEKMQELSKNFPQ
GLKYQIPYDTTIFVKASIKEVIKTFVEALALVLVVMYLFLKNFKSTIIPMIAVPVSLLGTFAVLYVLGFSINLLTLFALV
LAIGIVVDDAIIVVENIDRILHEDSNISVKDAAIKAMNEVSSPVISIVLVLCAVFIPVSFISGFVGEIQRQFALTLAISV
AISGFVALTLTPSLSALFLTRNESKPFYFIQKFNDFFDWSTSVFSSGVAYILKRTIRFVLVFCIMIGFIAYLFKIVPSSL
VPSEDQGVIMSIINLPSGSSIHRTIEEVDTINKNATQMKEISSSVSLIGFDLFTSSLKENAAAVFFILKDWSQREASSDQ
IIAQLFGQYAADRNALSYFLNLPPIPGLSLTGGFEMYAQNKSGKDYDAIQQDVNKMLELARTRKELANVRTTLDTSFPQY
KLIIDRDKMKYYNLNMQDVFNTISATIGTYYVNDFPMLGKNFQVNIRALGDFRNTQDALKNIYIRSSDNKMIPLNSFLTL
VRSAGPDDVKRFNLFPAALIQGDPAPGYTSGQAIDAIAEVAKQSLGDEYSIAWSGSAYQEVSSKGAGAYAFVLGMIFVFL
ILAAQYERWLMPLAVITAVPFAVFGSILLVALRGFDNDIYFQTGLLLLIGLSAKNAILIIEFAMEERLKKGKSIFEAAIN
AAKLRFRPIIMTSLAFTFGVLPMIFATGAGSASRHSLGTGLIGGMIAASTLAIFFVPLFFYLLENFNEWLDKKRGKVHE
;
_entity_poly.pdbx_strand_id   B,A,C
#
# COMPACT_ATOMS: atom_id res chain seq x y z
N MET A 1 2.50 47.92 8.17
CA MET A 1 1.05 47.79 8.15
C MET A 1 0.58 46.46 8.69
N PHE A 2 1.32 45.40 8.41
CA PHE A 2 0.89 44.06 8.84
C PHE A 2 0.82 43.88 10.35
N SER A 3 1.79 44.41 11.07
CA SER A 3 1.81 44.16 12.49
C SER A 3 0.91 45.16 13.18
N LYS A 4 0.70 46.30 12.54
CA LYS A 4 -0.20 47.28 13.12
C LYS A 4 -1.65 46.85 13.00
N PHE A 5 -1.99 46.03 12.00
CA PHE A 5 -3.36 45.54 11.92
C PHE A 5 -3.66 44.81 13.19
N PHE A 6 -2.69 44.08 13.72
CA PHE A 6 -2.91 43.35 14.96
C PHE A 6 -2.85 44.25 16.19
N ILE A 7 -2.02 45.30 16.15
CA ILE A 7 -1.94 46.25 17.27
C ILE A 7 -3.24 47.02 17.45
N GLU A 8 -3.98 47.17 16.38
CA GLU A 8 -5.23 47.92 16.43
C GLU A 8 -6.32 46.96 16.83
N ARG A 9 -6.10 45.67 16.62
CA ARG A 9 -7.12 44.67 16.95
C ARG A 9 -6.59 43.68 17.97
N PRO A 10 -6.72 44.02 19.26
CA PRO A 10 -6.19 43.16 20.33
C PRO A 10 -6.84 41.79 20.41
N ILE A 11 -8.14 41.67 20.15
CA ILE A 11 -8.79 40.38 20.35
C ILE A 11 -8.47 39.49 19.16
N PHE A 12 -8.30 40.06 17.98
CA PHE A 12 -7.90 39.27 16.83
C PHE A 12 -6.59 38.56 17.08
N ALA A 13 -5.60 39.30 17.56
CA ALA A 13 -4.27 38.73 17.79
C ALA A 13 -4.28 37.62 18.82
N SER A 14 -5.10 37.76 19.84
CA SER A 14 -5.14 36.77 20.90
C SER A 14 -5.98 35.60 20.44
N VAL A 15 -7.01 35.84 19.66
CA VAL A 15 -7.83 34.76 19.11
C VAL A 15 -6.90 33.84 18.35
N VAL A 16 -6.07 34.44 17.52
CA VAL A 16 -5.16 33.66 16.68
C VAL A 16 -4.21 32.83 17.52
N ALA A 17 -3.73 33.38 18.63
CA ALA A 17 -2.74 32.65 19.38
C ALA A 17 -3.42 31.61 20.23
N ILE A 18 -4.70 31.79 20.53
CA ILE A 18 -5.42 30.72 21.21
C ILE A 18 -5.62 29.55 20.25
N ILE A 19 -5.94 29.83 19.00
CA ILE A 19 -6.11 28.78 18.00
C ILE A 19 -4.81 28.03 17.82
N ILE A 20 -3.72 28.76 17.70
CA ILE A 20 -2.42 28.13 17.50
C ILE A 20 -2.12 27.21 18.68
N SER A 21 -2.53 27.59 19.87
CA SER A 21 -2.21 26.79 21.04
C SER A 21 -3.19 25.62 21.20
N ILE A 22 -4.46 25.81 20.87
CA ILE A 22 -5.42 24.72 20.90
C ILE A 22 -4.99 23.67 19.90
N ALA A 23 -4.60 24.11 18.70
CA ALA A 23 -4.13 23.17 17.68
C ALA A 23 -2.92 22.45 18.23
N GLY A 24 -2.13 23.13 19.03
CA GLY A 24 -0.96 22.54 19.63
C GLY A 24 -1.25 21.41 20.58
N ILE A 25 -2.34 21.51 21.34
CA ILE A 25 -2.62 20.51 22.34
C ILE A 25 -3.32 19.37 21.65
N ILE A 26 -4.06 19.66 20.60
CA ILE A 26 -4.68 18.59 19.84
C ILE A 26 -3.53 17.82 19.26
N GLY A 27 -2.56 18.54 18.72
CA GLY A 27 -1.41 17.91 18.11
C GLY A 27 -0.58 17.03 19.03
N LEU A 28 -0.19 17.53 20.19
CA LEU A 28 0.68 16.73 21.05
C LEU A 28 0.02 15.44 21.49
N ALA A 29 -1.27 15.49 21.79
CA ALA A 29 -1.97 14.29 22.20
C ALA A 29 -1.96 13.27 21.09
N ASN A 30 -2.20 13.72 19.85
CA ASN A 30 -2.15 12.82 18.70
C ASN A 30 -0.76 12.29 18.36
N LEU A 31 0.27 13.11 18.54
CA LEU A 31 1.62 12.72 18.14
C LEU A 31 2.21 11.48 18.82
N PRO A 32 2.88 10.63 18.04
CA PRO A 32 3.53 9.44 18.61
C PRO A 32 4.72 9.82 19.47
N VAL A 33 4.92 9.13 20.59
CA VAL A 33 6.03 9.44 21.49
C VAL A 33 7.07 8.34 21.44
N GLU A 34 8.29 8.65 21.01
CA GLU A 34 9.33 7.63 20.89
C GLU A 34 10.69 8.15 21.33
N GLN A 35 11.64 7.28 21.60
CA GLN A 35 12.98 7.73 21.95
C GLN A 35 13.68 8.41 20.79
N TYR A 36 13.89 7.70 19.70
CA TYR A 36 14.62 8.28 18.57
C TYR A 36 13.87 8.20 17.27
N PRO A 37 13.93 9.28 16.44
CA PRO A 37 13.16 9.11 15.21
C PRO A 37 13.92 8.20 14.27
N SER A 38 14.82 7.40 14.83
CA SER A 38 15.63 6.51 14.02
C SER A 38 14.81 5.44 13.36
N LEU A 39 15.21 5.06 12.16
CA LEU A 39 14.51 4.01 11.46
C LEU A 39 15.28 2.72 11.63
N THR A 40 14.63 1.70 12.18
CA THR A 40 15.27 0.41 12.35
C THR A 40 14.98 -0.36 11.06
N PRO A 41 15.95 -1.17 10.54
CA PRO A 41 15.58 -1.86 9.32
C PRO A 41 14.33 -2.74 9.47
N PRO A 42 13.27 -2.61 8.61
CA PRO A 42 12.08 -3.43 8.86
C PRO A 42 12.40 -4.90 8.67
N THR A 43 11.91 -5.78 9.55
CA THR A 43 12.25 -7.19 9.46
C THR A 43 11.06 -8.11 9.43
N VAL A 44 11.18 -9.22 8.71
CA VAL A 44 10.12 -10.22 8.66
C VAL A 44 10.77 -11.50 9.15
N GLN A 45 10.12 -12.24 10.03
CA GLN A 45 10.73 -13.43 10.58
C GLN A 45 9.95 -14.66 10.20
N VAL A 46 10.65 -15.71 9.81
CA VAL A 46 9.98 -16.91 9.37
C VAL A 46 10.44 -18.04 10.25
N SER A 47 9.51 -18.78 10.82
CA SER A 47 9.88 -19.81 11.76
C SER A 47 9.25 -21.12 11.40
N ALA A 48 10.04 -22.18 11.43
CA ALA A 48 9.53 -23.50 11.12
C ALA A 48 9.93 -24.48 12.20
N THR A 49 9.16 -25.55 12.35
CA THR A 49 9.47 -26.56 13.36
C THR A 49 9.52 -27.97 12.77
N TYR A 50 10.57 -28.71 13.07
CA TYR A 50 10.67 -30.10 12.61
C TYR A 50 10.97 -30.78 13.92
N THR A 51 10.03 -31.53 14.46
CA THR A 51 10.26 -32.08 15.80
C THR A 51 11.09 -33.32 15.75
N GLY A 52 12.19 -33.33 16.49
CA GLY A 52 13.06 -34.48 16.50
C GLY A 52 14.12 -34.44 15.42
N ALA A 53 14.43 -33.28 14.91
CA ALA A 53 15.37 -33.18 13.83
C ALA A 53 16.60 -32.43 14.22
N ASP A 54 17.76 -32.96 13.90
CA ASP A 54 19.00 -32.32 14.28
C ASP A 54 19.21 -31.01 13.55
N ALA A 55 20.23 -30.25 13.96
CA ALA A 55 20.45 -28.95 13.36
C ALA A 55 20.76 -29.01 11.90
N GLN A 56 21.60 -29.95 11.51
CA GLN A 56 21.95 -30.10 10.12
C GLN A 56 20.77 -30.51 9.27
N THR A 57 19.93 -31.40 9.78
CA THR A 57 18.80 -31.85 9.00
C THR A 57 17.90 -30.67 8.75
N ILE A 58 17.66 -29.87 9.77
CA ILE A 58 16.84 -28.68 9.60
C ILE A 58 17.49 -27.69 8.66
N ALA A 59 18.79 -27.49 8.78
CA ALA A 59 19.48 -26.54 7.93
C ALA A 59 19.44 -26.95 6.47
N SER A 60 19.61 -28.22 6.19
CA SER A 60 19.66 -28.66 4.81
C SER A 60 18.27 -28.88 4.23
N THR A 61 17.44 -29.65 4.91
CA THR A 61 16.07 -29.84 4.44
C THR A 61 15.09 -28.68 4.61
N VAL A 62 15.10 -27.99 5.75
CA VAL A 62 14.11 -26.95 5.99
C VAL A 62 14.56 -25.52 5.75
N ALA A 63 15.82 -25.21 6.05
CA ALA A 63 16.23 -23.82 5.92
C ALA A 63 16.55 -23.50 4.50
N THR A 64 17.43 -24.26 3.87
CA THR A 64 17.82 -23.91 2.50
C THR A 64 16.69 -23.73 1.51
N PRO A 65 15.66 -24.60 1.51
CA PRO A 65 14.63 -24.28 0.52
C PRO A 65 13.91 -22.97 0.81
N ILE A 66 13.71 -22.61 2.07
CA ILE A 66 12.95 -21.39 2.38
C ILE A 66 13.88 -20.23 2.08
N GLU A 67 15.13 -20.35 2.46
CA GLU A 67 16.11 -19.29 2.24
C GLU A 67 16.33 -19.00 0.77
N ASP A 68 16.41 -20.04 -0.05
CA ASP A 68 16.59 -19.85 -1.50
C ASP A 68 15.40 -19.13 -2.10
N ALA A 69 14.21 -19.44 -1.62
CA ALA A 69 13.00 -18.80 -2.13
C ALA A 69 12.99 -17.31 -1.88
N ILE A 70 13.46 -16.89 -0.72
CA ILE A 70 13.42 -15.47 -0.36
C ILE A 70 14.73 -14.76 -0.63
N ASN A 71 15.55 -15.32 -1.51
CA ASN A 71 16.85 -14.72 -1.77
C ASN A 71 16.79 -13.33 -2.34
N GLY A 72 15.90 -13.08 -3.29
CA GLY A 72 15.90 -11.76 -3.90
C GLY A 72 14.64 -10.98 -3.67
N VAL A 73 14.07 -11.09 -2.49
CA VAL A 73 12.89 -10.33 -2.12
C VAL A 73 13.21 -8.88 -2.38
N ASP A 74 12.21 -8.09 -2.71
CA ASP A 74 12.44 -6.72 -3.08
C ASP A 74 12.85 -5.96 -1.85
N ASN A 75 13.86 -5.11 -1.98
CA ASN A 75 14.33 -4.30 -0.85
C ASN A 75 14.98 -5.08 0.28
N MET A 76 15.40 -6.31 0.04
CA MET A 76 16.07 -7.09 1.07
C MET A 76 17.52 -6.70 1.26
N ILE A 77 17.87 -6.26 2.46
CA ILE A 77 19.27 -5.95 2.71
C ILE A 77 20.10 -7.22 2.96
N TYR A 78 19.77 -8.02 3.97
CA TYR A 78 20.47 -9.29 4.23
C TYR A 78 19.59 -10.22 5.02
N MET A 79 19.89 -11.51 5.06
CA MET A 79 19.12 -12.43 5.90
C MET A 79 19.96 -13.38 6.72
N ASP A 80 19.43 -13.83 7.85
CA ASP A 80 20.14 -14.78 8.68
C ASP A 80 19.22 -15.90 9.12
N SER A 81 19.71 -17.13 9.08
CA SER A 81 18.92 -18.25 9.54
C SER A 81 19.62 -19.02 10.63
N THR A 82 18.94 -19.34 11.72
CA THR A 82 19.54 -20.18 12.73
C THR A 82 18.74 -21.45 12.83
N SER A 83 19.39 -22.58 12.61
CA SER A 83 18.71 -23.85 12.73
C SER A 83 19.25 -24.53 13.96
N SER A 84 18.37 -24.88 14.88
CA SER A 84 18.79 -25.49 16.12
C SER A 84 18.09 -26.83 16.15
N PRO A 85 18.44 -27.73 17.11
CA PRO A 85 17.71 -28.98 16.98
C PRO A 85 16.23 -28.73 17.20
N GLY A 86 15.40 -29.09 16.24
CA GLY A 86 13.97 -28.92 16.38
C GLY A 86 13.39 -27.65 15.81
N GLN A 87 14.17 -26.58 15.73
CA GLN A 87 13.61 -25.31 15.28
C GLN A 87 14.44 -24.56 14.26
N MET A 88 13.78 -23.82 13.37
CA MET A 88 14.50 -22.95 12.43
C MET A 88 13.95 -21.53 12.48
N LYS A 89 14.79 -20.52 12.68
CA LYS A 89 14.31 -19.14 12.60
C LYS A 89 15.05 -18.34 11.53
N LEU A 90 14.32 -17.78 10.57
CA LEU A 90 14.94 -16.98 9.52
C LEU A 90 14.50 -15.54 9.67
N THR A 91 15.40 -14.60 9.89
CA THR A 91 14.98 -13.22 9.94
C THR A 91 15.50 -12.51 8.72
N VAL A 92 14.59 -11.99 7.92
CA VAL A 92 14.96 -11.31 6.69
C VAL A 92 14.94 -9.84 7.00
N TYR A 93 16.03 -9.14 6.72
CA TYR A 93 16.12 -7.73 7.07
C TYR A 93 15.96 -6.91 5.82
N PHE A 94 15.31 -5.77 5.91
CA PHE A 94 15.04 -4.98 4.72
C PHE A 94 15.54 -3.55 4.84
N ASN A 95 15.75 -2.88 3.70
CA ASN A 95 16.29 -1.53 3.72
C ASN A 95 15.37 -0.56 4.39
N ILE A 96 15.92 0.32 5.20
CA ILE A 96 15.09 1.24 5.95
C ILE A 96 14.24 2.01 4.98
N GLY A 97 12.98 2.20 5.32
CA GLY A 97 12.10 2.85 4.38
C GLY A 97 11.18 1.87 3.67
N THR A 98 11.42 0.57 3.86
CA THR A 98 10.59 -0.42 3.19
C THR A 98 9.29 -0.50 3.97
N ASP A 99 8.17 -0.57 3.26
CA ASP A 99 6.89 -0.69 3.91
C ASP A 99 6.94 -1.98 4.68
N PRO A 100 6.70 -1.91 5.99
CA PRO A 100 6.85 -3.13 6.79
C PRO A 100 5.91 -4.18 6.31
N ASP A 101 4.74 -3.80 5.82
CA ASP A 101 3.73 -4.78 5.45
C ASP A 101 3.96 -5.40 4.10
N GLN A 102 4.49 -4.65 3.13
CA GLN A 102 4.66 -5.26 1.84
C GLN A 102 5.79 -6.26 1.87
N ALA A 103 6.78 -6.05 2.71
CA ALA A 103 7.82 -7.04 2.82
C ALA A 103 7.26 -8.37 3.24
N ALA A 104 6.33 -8.37 4.18
CA ALA A 104 5.75 -9.61 4.65
C ALA A 104 5.02 -10.29 3.52
N ILE A 105 4.31 -9.52 2.71
CA ILE A 105 3.59 -10.09 1.59
C ILE A 105 4.56 -10.71 0.61
N ASP A 106 5.65 -9.99 0.33
CA ASP A 106 6.64 -10.52 -0.59
C ASP A 106 7.33 -11.76 -0.05
N VAL A 107 7.70 -11.74 1.22
CA VAL A 107 8.32 -12.91 1.82
C VAL A 107 7.34 -14.07 1.77
N ASN A 108 6.08 -13.81 2.11
CA ASN A 108 5.08 -14.87 2.13
C ASN A 108 4.86 -15.46 0.76
N ASN A 109 4.80 -14.60 -0.25
CA ASN A 109 4.54 -15.10 -1.60
C ASN A 109 5.65 -16.02 -2.05
N ARG A 110 6.89 -15.66 -1.76
CA ARG A 110 8.00 -16.46 -2.23
C ARG A 110 8.13 -17.77 -1.46
N ILE A 111 7.82 -17.75 -0.18
CA ILE A 111 7.87 -18.97 0.64
C ILE A 111 6.85 -20.03 0.26
N SER A 112 5.70 -19.64 -0.27
CA SER A 112 4.65 -20.63 -0.54
C SER A 112 5.09 -21.73 -1.49
N ALA A 113 5.85 -21.37 -2.52
CA ALA A 113 6.37 -22.39 -3.42
C ALA A 113 7.31 -23.32 -2.68
N ALA A 114 8.16 -22.78 -1.80
CA ALA A 114 9.05 -23.60 -0.99
C ALA A 114 8.31 -24.48 -0.01
N THR A 115 7.16 -24.03 0.47
CA THR A 115 6.43 -24.77 1.50
C THR A 115 6.08 -26.16 1.03
N ALA A 116 5.76 -26.33 -0.25
CA ALA A 116 5.50 -27.66 -0.76
C ALA A 116 6.73 -28.54 -0.63
N LYS A 117 7.88 -28.05 -1.05
CA LYS A 117 9.12 -28.81 -0.98
C LYS A 117 9.52 -29.22 0.43
N LEU A 118 9.07 -28.49 1.44
CA LEU A 118 9.50 -28.80 2.81
C LEU A 118 9.06 -30.17 3.26
N PRO A 119 9.72 -30.71 4.29
CA PRO A 119 9.37 -32.04 4.77
C PRO A 119 7.96 -32.03 5.30
N GLU A 120 7.26 -33.16 5.24
CA GLU A 120 5.86 -33.21 5.64
C GLU A 120 5.62 -32.81 7.10
N ALA A 121 6.43 -33.30 8.03
CA ALA A 121 6.19 -32.98 9.42
C ALA A 121 6.27 -31.49 9.64
N VAL A 122 7.21 -30.83 9.00
CA VAL A 122 7.35 -29.40 9.18
C VAL A 122 6.10 -28.71 8.70
N LYS A 123 5.56 -29.14 7.57
CA LYS A 123 4.40 -28.46 7.01
C LYS A 123 3.12 -28.69 7.80
N LYS A 124 3.00 -29.84 8.44
CA LYS A 124 1.83 -30.12 9.27
C LYS A 124 1.83 -29.19 10.46
N LEU A 125 2.98 -29.02 11.10
CA LEU A 125 3.11 -28.09 12.22
C LEU A 125 2.97 -26.66 11.73
N GLY A 126 3.15 -26.44 10.44
CA GLY A 126 3.05 -25.12 9.85
C GLY A 126 4.29 -24.27 9.87
N VAL A 127 4.31 -23.23 9.03
CA VAL A 127 5.50 -22.39 8.91
C VAL A 127 4.92 -21.01 9.10
N THR A 128 5.55 -20.17 9.91
CA THR A 128 4.95 -18.88 10.23
C THR A 128 5.76 -17.71 9.75
N VAL A 129 5.14 -16.79 9.03
CA VAL A 129 5.83 -15.58 8.58
C VAL A 129 5.23 -14.41 9.29
N ARG A 130 5.96 -13.82 10.22
CA ARG A 130 5.43 -12.71 11.01
C ARG A 130 6.35 -11.53 10.97
N LYS A 131 5.78 -10.33 10.94
CA LYS A 131 6.58 -9.12 10.89
C LYS A 131 7.06 -8.75 12.27
N SER A 132 8.02 -9.50 12.79
CA SER A 132 8.49 -9.24 14.14
C SER A 132 9.96 -8.97 14.22
N SER A 133 10.35 -8.00 15.04
CA SER A 133 11.76 -7.62 15.15
C SER A 133 12.59 -8.68 15.83
N SER A 134 11.99 -9.50 16.68
CA SER A 134 12.72 -10.52 17.46
C SER A 134 13.46 -9.85 18.61
N THR A 135 13.17 -8.58 18.85
CA THR A 135 13.76 -7.88 19.99
C THR A 135 12.65 -7.72 21.00
N ILE A 136 12.87 -8.14 22.23
CA ILE A 136 11.83 -8.11 23.25
C ILE A 136 11.28 -6.75 23.68
N LEU A 137 10.03 -6.43 23.35
CA LEU A 137 9.43 -5.20 23.83
C LEU A 137 9.26 -5.31 25.32
N GLU A 138 8.69 -6.43 25.77
CA GLU A 138 8.45 -6.61 27.20
C GLU A 138 8.24 -8.05 27.61
N VAL A 139 8.41 -8.35 28.90
CA VAL A 139 8.17 -9.69 29.41
C VAL A 139 7.15 -9.60 30.54
N VAL A 140 6.00 -10.25 30.40
CA VAL A 140 4.97 -10.19 31.42
C VAL A 140 4.95 -11.51 32.18
N SER A 141 5.03 -11.46 33.50
CA SER A 141 5.09 -12.70 34.23
C SER A 141 3.81 -12.98 34.97
N VAL A 142 3.14 -14.06 34.61
CA VAL A 142 1.92 -14.46 35.31
C VAL A 142 2.30 -15.60 36.24
N TYR A 143 2.07 -15.43 37.54
CA TYR A 143 2.50 -16.42 38.52
C TYR A 143 1.46 -16.73 39.57
N SER A 144 1.47 -17.95 40.09
CA SER A 144 0.58 -18.27 41.19
C SER A 144 1.23 -17.99 42.53
N GLU A 145 0.70 -17.02 43.27
CA GLU A 145 1.25 -16.69 44.56
C GLU A 145 0.76 -17.77 45.47
N ASP A 146 -0.55 -18.00 45.45
CA ASP A 146 -1.17 -19.06 46.24
C ASP A 146 -0.49 -20.40 46.09
N SER A 147 0.11 -20.65 44.94
CA SER A 147 0.72 -21.95 44.63
C SER A 147 -0.39 -22.95 44.46
N SER A 148 -1.64 -22.48 44.40
CA SER A 148 -2.74 -23.39 44.08
C SER A 148 -2.84 -23.87 42.64
N MET A 149 -2.05 -23.30 41.74
CA MET A 149 -2.05 -23.75 40.35
C MET A 149 -0.66 -24.23 39.94
N ASN A 150 -0.56 -25.42 39.37
CA ASN A 150 0.76 -25.91 39.02
C ASN A 150 1.22 -25.28 37.73
N ASP A 151 2.51 -25.31 37.44
CA ASP A 151 3.01 -24.56 36.28
C ASP A 151 2.40 -24.97 34.95
N ILE A 152 2.08 -26.24 34.80
CA ILE A 152 1.47 -26.69 33.55
C ILE A 152 0.12 -26.02 33.36
N ASP A 153 -0.62 -25.81 34.45
CA ASP A 153 -1.93 -25.19 34.37
C ASP A 153 -1.82 -23.70 34.11
N ILE A 154 -0.86 -23.04 34.76
CA ILE A 154 -0.73 -21.61 34.58
C ILE A 154 -0.41 -21.32 33.14
N TYR A 155 0.47 -22.13 32.55
CA TYR A 155 0.85 -21.90 31.17
C TYR A 155 -0.36 -22.03 30.29
N ASN A 156 -1.16 -23.05 30.54
CA ASN A 156 -2.31 -23.25 29.71
C ASN A 156 -3.31 -22.13 29.83
N TYR A 157 -3.49 -21.60 31.03
CA TYR A 157 -4.38 -20.46 31.19
C TYR A 157 -3.88 -19.28 30.39
N VAL A 158 -2.57 -19.05 30.37
CA VAL A 158 -2.09 -17.86 29.70
C VAL A 158 -1.99 -18.04 28.20
N SER A 159 -2.04 -19.27 27.74
CA SER A 159 -2.06 -19.50 26.31
C SER A 159 -3.46 -19.24 25.85
N LEU A 160 -4.41 -20.00 26.37
CA LEU A 160 -5.79 -19.87 25.95
C LEU A 160 -6.47 -18.54 26.25
N ASN A 161 -6.30 -18.02 27.46
CA ASN A 161 -7.01 -16.79 27.85
C ASN A 161 -6.29 -15.47 27.59
N ILE A 162 -4.99 -15.40 27.88
CA ILE A 162 -4.22 -14.17 27.70
C ILE A 162 -3.45 -13.99 26.39
N LEU A 163 -2.78 -15.03 25.92
CA LEU A 163 -1.95 -14.90 24.72
C LEU A 163 -2.74 -14.53 23.49
N ASP A 164 -3.91 -15.12 23.33
CA ASP A 164 -4.74 -14.82 22.20
C ASP A 164 -5.13 -13.36 22.18
N GLU A 165 -5.47 -12.81 23.34
CA GLU A 165 -5.80 -11.39 23.44
C GLU A 165 -4.63 -10.48 23.14
N LEU A 166 -3.44 -10.81 23.63
CA LEU A 166 -2.27 -9.97 23.43
C LEU A 166 -1.83 -9.96 21.97
N LYS A 167 -1.95 -11.08 21.29
CA LYS A 167 -1.64 -11.13 19.87
C LYS A 167 -2.53 -10.20 19.08
N ARG A 168 -3.80 -10.11 19.44
CA ARG A 168 -4.72 -9.19 18.76
C ARG A 168 -4.36 -7.71 18.91
N ILE A 169 -3.77 -7.33 20.03
CA ILE A 169 -3.46 -5.91 20.28
C ILE A 169 -2.60 -5.33 19.17
N PRO A 170 -2.98 -4.15 18.68
CA PRO A 170 -2.24 -3.54 17.57
C PRO A 170 -0.79 -3.21 17.93
N GLY A 171 0.14 -3.62 17.08
CA GLY A 171 1.55 -3.37 17.35
C GLY A 171 2.29 -4.55 17.94
N VAL A 172 1.60 -5.65 18.19
CA VAL A 172 2.26 -6.83 18.69
C VAL A 172 2.48 -7.79 17.54
N GLY A 173 3.73 -7.95 17.11
CA GLY A 173 4.06 -8.90 16.07
C GLY A 173 3.86 -10.33 16.51
N ASP A 174 4.28 -10.65 17.73
CA ASP A 174 4.11 -12.00 18.25
C ASP A 174 4.33 -12.05 19.75
N ALA A 175 3.47 -12.75 20.47
CA ALA A 175 3.59 -12.86 21.91
C ALA A 175 3.71 -14.33 22.21
N SER A 176 4.81 -14.74 22.82
CA SER A 176 5.01 -16.15 23.08
C SER A 176 5.39 -16.46 24.51
N ALA A 177 4.73 -17.42 25.13
CA ALA A 177 5.15 -17.76 26.48
C ALA A 177 6.26 -18.77 26.38
N ILE A 178 7.35 -18.56 27.10
CA ILE A 178 8.55 -19.39 26.98
C ILE A 178 8.45 -20.88 27.29
N GLY A 179 7.68 -21.27 28.29
CA GLY A 179 7.67 -22.68 28.68
C GLY A 179 7.29 -23.74 27.66
N ASN A 180 6.32 -23.46 26.79
CA ASN A 180 5.81 -24.44 25.82
C ASN A 180 5.25 -25.66 26.50
N LYS A 181 4.58 -25.45 27.64
CA LYS A 181 4.02 -26.55 28.40
C LYS A 181 2.54 -26.73 28.14
N ASN A 182 2.08 -26.45 26.93
CA ASN A 182 0.68 -26.62 26.61
C ASN A 182 0.29 -28.07 26.80
N TYR A 183 -0.96 -28.34 27.12
CA TYR A 183 -1.41 -29.71 27.38
C TYR A 183 -1.21 -30.62 26.21
N SER A 184 -0.85 -31.86 26.47
CA SER A 184 -0.75 -32.84 25.41
C SER A 184 -1.08 -34.16 26.04
N MET A 185 -1.69 -35.07 25.32
CA MET A 185 -1.89 -36.38 25.92
C MET A 185 -0.60 -37.05 25.62
N ARG A 186 0.06 -37.51 26.66
CA ARG A 186 1.36 -38.09 26.46
C ARG A 186 1.24 -39.55 26.70
N ILE A 187 1.65 -40.34 25.71
CA ILE A 187 1.60 -41.77 25.85
C ILE A 187 3.03 -42.20 26.07
N TRP A 188 3.35 -42.57 27.31
CA TRP A 188 4.72 -42.93 27.62
C TRP A 188 4.95 -44.40 27.41
N LEU A 189 5.51 -44.76 26.27
CA LEU A 189 5.74 -46.15 25.95
C LEU A 189 6.80 -46.74 26.84
N GLU A 190 6.64 -47.99 27.23
CA GLU A 190 7.68 -48.63 28.00
C GLU A 190 8.18 -49.70 27.08
N PRO A 191 9.44 -49.64 26.70
CA PRO A 191 9.99 -50.59 25.73
C PRO A 191 10.13 -52.02 26.24
N ASP A 192 9.98 -52.25 27.52
CA ASP A 192 10.15 -53.58 28.09
C ASP A 192 8.81 -54.27 28.02
N LEU A 193 7.72 -53.53 28.09
CA LEU A 193 6.40 -54.11 27.93
C LEU A 193 6.07 -54.27 26.46
N LEU A 194 6.56 -53.34 25.63
CA LEU A 194 6.34 -53.45 24.19
C LEU A 194 7.05 -54.69 23.70
N ASN A 195 8.27 -54.91 24.16
CA ASN A 195 9.07 -56.08 23.75
C ASN A 195 8.45 -57.38 24.21
N LYS A 196 7.70 -57.35 25.30
CA LYS A 196 7.11 -58.56 25.86
C LYS A 196 5.88 -58.90 25.06
N PHE A 197 5.06 -57.91 24.75
CA PHE A 197 3.82 -58.17 24.03
C PHE A 197 4.02 -58.09 22.54
N GLY A 198 5.27 -58.01 22.10
CA GLY A 198 5.56 -57.98 20.68
C GLY A 198 4.94 -56.85 19.88
N VAL A 199 4.91 -55.64 20.44
CA VAL A 199 4.37 -54.48 19.74
C VAL A 199 5.43 -53.42 19.50
N THR A 200 5.60 -52.96 18.28
CA THR A 200 6.56 -51.90 17.96
C THR A 200 5.97 -50.53 18.26
N ALA A 201 6.80 -49.48 18.31
CA ALA A 201 6.22 -48.16 18.53
C ALA A 201 5.30 -47.92 17.37
N ASN A 202 5.69 -48.30 16.16
CA ASN A 202 4.88 -47.94 15.01
C ASN A 202 3.43 -48.45 15.12
N ASP A 203 3.24 -49.64 15.67
CA ASP A 203 1.89 -50.17 15.85
C ASP A 203 1.08 -49.37 16.83
N VAL A 204 1.74 -48.61 17.71
CA VAL A 204 1.03 -47.69 18.57
C VAL A 204 0.68 -46.42 17.81
N ILE A 205 1.61 -45.93 17.00
CA ILE A 205 1.35 -44.73 16.23
C ILE A 205 0.21 -44.93 15.26
N ASN A 206 0.20 -46.06 14.56
CA ASN A 206 -0.87 -46.35 13.63
C ASN A 206 -2.19 -46.49 14.33
N ALA A 207 -2.19 -47.15 15.48
CA ALA A 207 -3.42 -47.36 16.24
C ALA A 207 -4.03 -46.07 16.71
N VAL A 208 -3.23 -45.14 17.19
CA VAL A 208 -3.78 -43.91 17.72
C VAL A 208 -4.34 -43.06 16.60
N ASN A 209 -3.65 -43.03 15.47
CA ASN A 209 -4.12 -42.23 14.35
C ASN A 209 -5.46 -42.73 13.86
N ASP A 210 -5.62 -44.03 13.78
CA ASP A 210 -6.86 -44.59 13.32
C ASP A 210 -7.98 -44.45 14.33
N GLN A 211 -7.69 -44.71 15.61
CA GLN A 211 -8.74 -44.69 16.64
C GLN A 211 -8.93 -43.41 17.43
N ASN A 212 -8.25 -42.34 17.05
CA ASN A 212 -8.48 -41.06 17.72
C ASN A 212 -8.65 -40.04 16.61
N ALA A 213 -9.66 -40.23 15.77
CA ALA A 213 -9.93 -39.26 14.72
C ALA A 213 -11.41 -39.05 14.48
N GLN A 214 -11.80 -37.90 13.98
CA GLN A 214 -13.20 -37.68 13.64
C GLN A 214 -13.37 -37.68 12.14
N TYR A 215 -14.23 -38.57 11.64
CA TYR A 215 -14.42 -38.67 10.21
C TYR A 215 -15.76 -38.16 9.73
N ALA A 216 -16.05 -38.36 8.45
CA ALA A 216 -17.29 -37.89 7.88
C ALA A 216 -18.41 -38.92 7.78
N THR A 217 -19.55 -38.61 8.39
CA THR A 217 -20.71 -39.48 8.29
C THR A 217 -21.87 -38.64 7.75
N GLY A 218 -22.48 -39.06 6.65
CA GLY A 218 -23.55 -38.29 6.06
C GLY A 218 -24.92 -38.26 6.70
N LYS A 219 -25.86 -37.52 6.10
CA LYS A 219 -27.23 -37.41 6.63
C LYS A 219 -28.22 -38.48 6.19
N ILE A 220 -29.30 -38.67 6.95
CA ILE A 220 -30.32 -39.66 6.64
C ILE A 220 -31.60 -38.97 6.20
N GLY A 221 -32.19 -39.38 5.09
CA GLY A 221 -33.37 -38.74 4.56
C GLY A 221 -33.12 -37.68 3.50
N GLU A 222 -31.85 -37.50 3.12
CA GLU A 222 -31.49 -36.50 2.13
C GLU A 222 -31.91 -36.92 0.74
N GLU A 223 -32.01 -35.95 -0.15
CA GLU A 223 -32.46 -36.24 -1.49
C GLU A 223 -31.29 -36.55 -2.44
N PRO A 224 -31.49 -37.33 -3.57
CA PRO A 224 -32.76 -37.69 -4.22
C PRO A 224 -33.35 -39.01 -3.73
N VAL A 225 -34.55 -38.96 -3.18
CA VAL A 225 -35.22 -40.17 -2.72
C VAL A 225 -36.63 -40.30 -3.30
N VAL A 226 -36.97 -41.45 -3.87
CA VAL A 226 -38.31 -41.66 -4.43
C VAL A 226 -39.42 -41.65 -3.36
N ASN A 227 -39.19 -42.33 -2.26
CA ASN A 227 -40.17 -42.40 -1.18
C ASN A 227 -39.77 -41.37 -0.16
N LYS A 228 -40.44 -40.23 -0.16
CA LYS A 228 -40.06 -39.14 0.72
C LYS A 228 -40.19 -39.43 2.20
N SER A 229 -39.31 -38.86 3.00
CA SER A 229 -39.37 -39.08 4.44
C SER A 229 -39.71 -37.76 5.11
N PRO A 230 -40.32 -37.83 6.29
CA PRO A 230 -40.70 -36.61 7.01
C PRO A 230 -39.53 -35.73 7.41
N GLN A 231 -38.41 -36.31 7.83
CA GLN A 231 -37.28 -35.52 8.31
C GLN A 231 -35.94 -35.81 7.70
N VAL A 232 -34.99 -34.88 7.83
CA VAL A 232 -33.63 -35.13 7.38
C VAL A 232 -32.86 -35.13 8.68
N ILE A 233 -32.25 -36.24 9.04
CA ILE A 233 -31.54 -36.39 10.30
C ILE A 233 -30.05 -36.51 10.03
N SER A 234 -29.20 -35.82 10.77
CA SER A 234 -27.76 -35.88 10.46
C SER A 234 -26.99 -36.77 11.40
N ILE A 235 -26.30 -37.77 10.87
CA ILE A 235 -25.47 -38.64 11.70
C ILE A 235 -24.31 -37.88 12.28
N THR A 236 -24.06 -38.04 13.58
CA THR A 236 -22.97 -37.36 14.25
C THR A 236 -22.11 -38.46 14.82
N MET A 237 -20.79 -38.28 14.84
CA MET A 237 -19.90 -39.25 15.44
C MET A 237 -18.84 -38.63 16.31
N GLN A 238 -18.43 -39.32 17.38
CA GLN A 238 -17.31 -38.82 18.18
C GLN A 238 -16.27 -39.90 18.12
N GLY A 239 -15.13 -39.59 17.51
CA GLY A 239 -14.11 -40.59 17.37
C GLY A 239 -12.82 -40.17 18.01
N ARG A 240 -12.79 -38.98 18.61
CA ARG A 240 -11.58 -38.55 19.28
C ARG A 240 -11.75 -38.69 20.77
N LEU A 241 -10.94 -39.55 21.36
CA LEU A 241 -10.99 -39.75 22.80
C LEU A 241 -10.55 -38.50 23.56
N GLN A 242 -11.30 -38.16 24.61
CA GLN A 242 -10.98 -36.97 25.40
C GLN A 242 -10.24 -37.28 26.69
N THR A 243 -10.24 -38.52 27.13
CA THR A 243 -9.64 -38.85 28.42
C THR A 243 -8.44 -39.80 28.36
N PRO A 244 -7.53 -39.76 29.37
CA PRO A 244 -6.45 -40.75 29.33
C PRO A 244 -6.92 -42.17 29.47
N GLN A 245 -8.06 -42.42 30.10
CA GLN A 245 -8.47 -43.80 30.33
C GLN A 245 -9.01 -44.28 29.01
N GLU A 246 -9.54 -43.38 28.19
CA GLU A 246 -9.97 -43.77 26.86
C GLU A 246 -8.80 -44.04 25.93
N PHE A 247 -7.77 -43.22 26.00
CA PHE A 247 -6.58 -43.43 25.20
C PHE A 247 -5.90 -44.73 25.57
N GLU A 248 -5.92 -45.06 26.85
CA GLU A 248 -5.33 -46.30 27.30
C GLU A 248 -6.03 -47.47 26.64
N ASN A 249 -7.33 -47.36 26.41
CA ASN A 249 -8.03 -48.50 25.87
C ASN A 249 -7.98 -48.65 24.35
N ILE A 250 -7.15 -47.86 23.67
CA ILE A 250 -6.98 -48.06 22.23
C ILE A 250 -6.41 -49.45 22.00
N ILE A 251 -6.95 -50.21 21.05
CA ILE A 251 -6.54 -51.59 20.87
C ILE A 251 -5.47 -51.85 19.84
N LEU A 252 -4.29 -52.22 20.30
CA LEU A 252 -3.21 -52.57 19.39
C LEU A 252 -3.43 -53.87 18.63
N ARG A 253 -3.91 -54.91 19.30
CA ARG A 253 -4.07 -56.22 18.66
C ARG A 253 -5.07 -57.09 19.42
N VAL A 254 -5.72 -58.04 18.75
CA VAL A 254 -6.64 -58.95 19.43
C VAL A 254 -5.86 -60.25 19.65
N ASN A 255 -5.69 -60.67 20.90
CA ASN A 255 -4.83 -61.83 21.15
C ASN A 255 -5.41 -63.22 20.89
N GLU A 256 -6.52 -63.31 20.16
CA GLU A 256 -7.13 -64.59 19.72
C GLU A 256 -7.81 -65.32 20.84
N ASP A 257 -7.77 -64.79 22.04
CA ASP A 257 -8.51 -65.33 23.15
C ASP A 257 -9.52 -64.24 23.25
N LYS A 258 -9.57 -63.38 22.24
CA LYS A 258 -10.47 -62.23 22.24
C LYS A 258 -10.06 -61.35 23.38
N SER A 259 -8.78 -61.40 23.72
CA SER A 259 -8.25 -60.54 24.76
C SER A 259 -7.73 -59.40 23.94
N PHE A 260 -7.99 -58.17 24.34
CA PHE A 260 -7.55 -57.09 23.48
C PHE A 260 -6.31 -56.48 24.08
N LEU A 261 -5.21 -56.51 23.35
CA LEU A 261 -4.02 -55.85 23.83
C LEU A 261 -4.35 -54.39 23.67
N ARG A 262 -4.03 -53.59 24.66
CA ARG A 262 -4.33 -52.18 24.61
C ARG A 262 -3.12 -51.35 24.95
N ILE A 263 -3.23 -50.04 24.82
CA ILE A 263 -2.14 -49.16 25.19
C ILE A 263 -1.89 -49.29 26.68
N LYS A 264 -2.94 -49.48 27.46
CA LYS A 264 -2.81 -49.60 28.91
C LYS A 264 -1.78 -50.64 29.28
N ASP A 265 -1.67 -51.69 28.47
CA ASP A 265 -0.72 -52.75 28.76
C ASP A 265 0.70 -52.39 28.38
N VAL A 266 0.91 -51.82 27.21
CA VAL A 266 2.27 -51.51 26.79
C VAL A 266 2.77 -50.12 27.18
N ALA A 267 1.90 -49.25 27.69
CA ALA A 267 2.30 -47.88 28.00
C ALA A 267 1.49 -47.19 29.08
N LYS A 268 1.97 -46.04 29.56
CA LYS A 268 1.24 -45.26 30.56
C LYS A 268 0.80 -43.96 29.93
N VAL A 269 -0.48 -43.60 30.05
CA VAL A 269 -0.96 -42.38 29.42
C VAL A 269 -1.26 -41.33 30.49
N GLU A 270 -1.04 -40.06 30.17
CA GLU A 270 -1.28 -38.99 31.13
C GLU A 270 -1.43 -37.70 30.35
N ILE A 271 -1.97 -36.65 30.96
CA ILE A 271 -2.01 -35.37 30.26
C ILE A 271 -0.85 -34.58 30.78
N GLY A 272 0.18 -34.42 29.97
CA GLY A 272 1.36 -33.71 30.41
C GLY A 272 1.56 -32.47 29.59
N ALA A 273 2.79 -32.18 29.20
CA ALA A 273 2.94 -31.01 28.38
C ALA A 273 3.79 -31.30 27.20
N GLU A 274 3.52 -30.60 26.11
CA GLU A 274 4.21 -30.90 24.88
C GLU A 274 5.71 -30.79 24.97
N GLN A 275 6.22 -29.73 25.58
CA GLN A 275 7.66 -29.65 25.75
C GLN A 275 8.06 -29.45 27.19
N TYR A 276 9.01 -30.23 27.67
CA TYR A 276 9.48 -30.12 29.04
C TYR A 276 10.83 -29.44 28.99
N ASN A 277 11.18 -28.84 27.87
CA ASN A 277 12.52 -28.26 27.72
C ASN A 277 12.86 -27.01 28.50
N SER A 278 11.93 -26.06 28.56
CA SER A 278 12.26 -24.81 29.20
C SER A 278 11.26 -24.32 30.20
N THR A 279 11.73 -23.66 31.25
CA THR A 279 10.83 -23.06 32.23
C THR A 279 11.10 -21.57 32.36
N GLY A 280 10.37 -20.89 33.23
CA GLY A 280 10.62 -19.48 33.48
C GLY A 280 10.47 -19.15 34.95
N ARG A 281 11.19 -18.14 35.42
CA ARG A 281 11.12 -17.73 36.82
C ARG A 281 10.93 -16.24 36.95
N LEU A 282 10.25 -15.80 37.99
CA LEU A 282 10.13 -14.37 38.26
C LEU A 282 10.78 -14.28 39.61
N ASN A 283 11.80 -13.45 39.76
CA ASN A 283 12.51 -13.37 41.02
C ASN A 283 13.02 -14.76 41.29
N THR A 284 12.66 -15.32 42.43
CA THR A 284 13.06 -16.68 42.76
C THR A 284 11.97 -17.68 42.45
N SER A 285 10.72 -17.22 42.46
CA SER A 285 9.58 -18.10 42.18
C SER A 285 9.24 -18.39 40.74
N ALA A 286 8.50 -19.47 40.51
CA ALA A 286 8.16 -19.88 39.14
C ALA A 286 7.05 -19.05 38.56
N ALA A 287 7.16 -18.72 37.28
CA ALA A 287 6.13 -17.93 36.61
C ALA A 287 6.19 -18.25 35.15
N VAL A 288 5.15 -17.92 34.39
CA VAL A 288 5.23 -18.11 32.95
C VAL A 288 5.60 -16.78 32.33
N PRO A 289 6.60 -16.78 31.47
CA PRO A 289 7.03 -15.49 30.93
C PRO A 289 6.50 -15.28 29.52
N ILE A 290 5.81 -14.18 29.29
CA ILE A 290 5.21 -13.92 27.99
C ILE A 290 6.03 -12.84 27.33
N ILE A 291 6.79 -13.20 26.31
CA ILE A 291 7.66 -12.23 25.68
C ILE A 291 6.97 -11.63 24.48
N ILE A 292 6.94 -10.31 24.41
CA ILE A 292 6.27 -9.65 23.31
C ILE A 292 7.28 -8.99 22.40
N ASN A 293 7.18 -9.26 21.09
CA ASN A 293 8.07 -8.64 20.14
C ASN A 293 7.25 -7.62 19.38
N LEU A 294 7.78 -6.44 19.18
CA LEU A 294 7.05 -5.39 18.50
C LEU A 294 6.92 -5.63 17.02
N GLN A 295 5.77 -5.37 16.44
CA GLN A 295 5.61 -5.48 15.00
C GLN A 295 6.47 -4.43 14.39
N SER A 296 7.09 -4.74 13.26
CA SER A 296 7.94 -3.77 12.61
C SER A 296 7.11 -2.57 12.17
N GLY A 297 7.63 -1.37 12.36
CA GLY A 297 6.91 -0.17 11.99
C GLY A 297 5.87 0.34 12.96
N ALA A 298 5.87 -0.17 14.19
CA ALA A 298 4.89 0.26 15.18
C ALA A 298 5.55 0.97 16.34
N ASN A 299 4.78 1.80 17.05
CA ASN A 299 5.35 2.57 18.15
C ASN A 299 5.43 1.70 19.38
N ALA A 300 6.62 1.63 19.98
CA ALA A 300 6.79 0.83 21.18
C ALA A 300 5.98 1.35 22.33
N VAL A 301 5.99 2.66 22.54
CA VAL A 301 5.29 3.23 23.68
C VAL A 301 3.79 3.00 23.61
N ASN A 302 3.19 3.21 22.44
CA ASN A 302 1.77 2.97 22.32
C ASN A 302 1.44 1.50 22.53
N THR A 303 2.23 0.61 21.96
CA THR A 303 1.95 -0.80 22.11
C THR A 303 2.12 -1.23 23.56
N ALA A 304 3.11 -0.69 24.23
CA ALA A 304 3.37 -1.04 25.61
C ALA A 304 2.24 -0.60 26.51
N LYS A 305 1.59 0.50 26.16
CA LYS A 305 0.55 1.02 27.01
C LYS A 305 -0.71 0.22 26.74
N LEU A 306 -0.88 -0.21 25.49
CA LEU A 306 -2.02 -1.04 25.17
C LEU A 306 -1.95 -2.40 25.83
N ILE A 307 -0.77 -3.00 25.88
CA ILE A 307 -0.63 -4.30 26.50
C ILE A 307 -0.91 -4.20 27.99
N ASN A 308 -0.50 -3.10 28.60
CA ASN A 308 -0.78 -2.89 30.01
C ASN A 308 -2.27 -2.77 30.29
N GLU A 309 -3.01 -2.13 29.39
CA GLU A 309 -4.43 -1.90 29.64
C GLU A 309 -5.23 -3.15 29.33
N LYS A 310 -4.80 -3.96 28.37
CA LYS A 310 -5.48 -5.22 28.14
C LYS A 310 -5.29 -6.12 29.33
N MET A 311 -4.08 -6.13 29.88
CA MET A 311 -3.77 -6.98 31.02
C MET A 311 -4.55 -6.58 32.25
N GLN A 312 -4.77 -5.29 32.44
CA GLN A 312 -5.59 -4.85 33.56
C GLN A 312 -7.01 -5.36 33.39
N GLU A 313 -7.56 -5.28 32.18
CA GLU A 313 -8.89 -5.82 31.94
C GLU A 313 -8.92 -7.32 32.14
N LEU A 314 -7.93 -8.03 31.64
CA LEU A 314 -7.87 -9.48 31.79
C LEU A 314 -7.71 -9.89 33.24
N SER A 315 -6.96 -9.11 34.00
CA SER A 315 -6.69 -9.47 35.39
C SER A 315 -7.94 -9.56 36.22
N LYS A 316 -8.95 -8.78 35.88
CA LYS A 316 -10.19 -8.79 36.62
C LYS A 316 -10.79 -10.18 36.59
N ASN A 317 -10.64 -10.88 35.47
CA ASN A 317 -11.15 -12.24 35.36
C ASN A 317 -10.17 -13.35 35.80
N PHE A 318 -8.98 -13.02 36.27
CA PHE A 318 -7.98 -14.04 36.63
C PHE A 318 -8.45 -14.94 37.76
N PRO A 319 -8.18 -16.26 37.65
CA PRO A 319 -8.54 -17.19 38.73
C PRO A 319 -7.76 -16.90 39.99
N GLN A 320 -8.33 -17.12 41.16
CA GLN A 320 -7.71 -16.67 42.40
C GLN A 320 -6.25 -17.08 42.46
N GLY A 321 -5.38 -16.12 42.76
CA GLY A 321 -4.01 -16.53 42.98
C GLY A 321 -3.14 -16.22 41.77
N LEU A 322 -3.53 -15.25 40.97
CA LEU A 322 -2.75 -14.98 39.78
C LEU A 322 -2.43 -13.52 39.71
N LYS A 323 -1.16 -13.22 39.51
CA LYS A 323 -0.74 -11.83 39.44
C LYS A 323 0.14 -11.67 38.21
N TYR A 324 0.05 -10.54 37.54
CA TYR A 324 0.87 -10.29 36.38
C TYR A 324 1.73 -9.12 36.76
N GLN A 325 2.98 -9.10 36.35
CA GLN A 325 3.84 -8.00 36.79
C GLN A 325 4.56 -7.20 35.73
N ILE A 326 4.90 -7.78 34.58
CA ILE A 326 5.67 -7.07 33.55
C ILE A 326 6.96 -6.49 34.09
N PRO A 327 7.84 -7.35 34.68
CA PRO A 327 9.04 -6.70 35.21
C PRO A 327 9.89 -5.99 34.17
N TYR A 328 10.21 -6.64 33.05
CA TYR A 328 11.08 -6.02 32.06
C TYR A 328 10.28 -5.31 31.00
N ASP A 329 10.24 -4.00 31.06
CA ASP A 329 9.59 -3.25 29.99
C ASP A 329 10.60 -2.27 29.41
N THR A 330 10.78 -2.28 28.10
CA THR A 330 11.71 -1.37 27.46
C THR A 330 11.27 0.06 27.46
N THR A 331 10.00 0.29 27.24
CA THR A 331 9.47 1.66 27.13
C THR A 331 9.58 2.47 28.40
N ILE A 332 9.75 1.80 29.54
CA ILE A 332 9.85 2.50 30.81
C ILE A 332 10.93 3.56 30.75
N PHE A 333 12.11 3.21 30.26
CA PHE A 333 13.21 4.15 30.17
C PHE A 333 12.87 5.29 29.24
N VAL A 334 12.25 4.99 28.12
CA VAL A 334 11.94 6.03 27.15
C VAL A 334 10.99 7.02 27.75
N LYS A 335 9.89 6.53 28.33
CA LYS A 335 8.93 7.42 28.95
C LYS A 335 9.56 8.22 30.08
N ALA A 336 10.44 7.59 30.84
CA ALA A 336 11.09 8.28 31.93
C ALA A 336 11.94 9.43 31.43
N SER A 337 12.61 9.23 30.30
CA SER A 337 13.48 10.29 29.80
C SER A 337 12.64 11.40 29.23
N ILE A 338 11.42 11.08 28.82
CA ILE A 338 10.52 12.10 28.31
C ILE A 338 10.12 12.99 29.45
N LYS A 339 9.90 12.38 30.62
CA LYS A 339 9.51 13.14 31.81
C LYS A 339 10.65 14.01 32.27
N GLU A 340 11.87 13.50 32.20
CA GLU A 340 13.04 14.26 32.62
C GLU A 340 13.25 15.51 31.77
N VAL A 341 12.93 15.43 30.48
CA VAL A 341 13.14 16.55 29.57
C VAL A 341 11.98 17.51 29.73
N ILE A 342 10.83 17.00 30.16
CA ILE A 342 9.72 17.90 30.44
C ILE A 342 10.01 18.72 31.70
N LYS A 343 10.60 18.08 32.70
CA LYS A 343 10.96 18.80 33.92
C LYS A 343 12.00 19.84 33.59
N THR A 344 12.93 19.48 32.72
CA THR A 344 13.98 20.41 32.33
C THR A 344 13.38 21.61 31.65
N PHE A 345 12.36 21.38 30.82
CA PHE A 345 11.69 22.48 30.13
C PHE A 345 11.05 23.45 31.12
N VAL A 346 10.40 22.93 32.15
CA VAL A 346 9.83 23.80 33.17
C VAL A 346 10.95 24.54 33.91
N GLU A 347 12.04 23.85 34.21
CA GLU A 347 13.17 24.46 34.92
C GLU A 347 13.97 25.38 34.03
N ALA A 348 13.75 25.32 32.72
CA ALA A 348 14.47 26.21 31.82
C ALA A 348 13.66 27.46 31.67
N LEU A 349 12.36 27.30 31.49
CA LEU A 349 11.49 28.44 31.31
C LEU A 349 11.53 29.28 32.56
N ALA A 350 11.53 28.64 33.72
CA ALA A 350 11.50 29.39 34.97
C ALA A 350 12.71 30.28 35.12
N LEU A 351 13.88 29.74 34.81
CA LEU A 351 15.11 30.53 34.88
C LEU A 351 15.10 31.69 33.92
N VAL A 352 14.62 31.45 32.71
CA VAL A 352 14.56 32.52 31.72
C VAL A 352 13.63 33.61 32.20
N LEU A 353 12.50 33.23 32.80
CA LEU A 353 11.56 34.22 33.32
C LEU A 353 12.19 35.05 34.42
N VAL A 354 12.95 34.41 35.31
CA VAL A 354 13.61 35.14 36.38
C VAL A 354 14.63 36.11 35.80
N VAL A 355 15.37 35.68 34.79
CA VAL A 355 16.36 36.56 34.17
C VAL A 355 15.65 37.76 33.57
N MET A 356 14.48 37.54 32.97
CA MET A 356 13.72 38.65 32.42
C MET A 356 13.28 39.65 33.48
N TYR A 357 12.90 39.17 34.66
CA TYR A 357 12.53 40.07 35.75
C TYR A 357 13.68 40.95 36.22
N LEU A 358 14.90 40.46 36.06
CA LEU A 358 16.06 41.21 36.54
C LEU A 358 16.42 42.21 35.47
N PHE A 359 16.44 41.79 34.21
CA PHE A 359 16.68 42.72 33.12
C PHE A 359 15.58 43.75 32.88
N LEU A 360 14.32 43.34 32.91
CA LEU A 360 13.21 44.28 32.76
C LEU A 360 12.51 44.47 34.11
N LYS A 361 12.48 45.70 34.60
CA LYS A 361 11.93 45.94 35.95
C LYS A 361 10.46 45.62 36.18
N ASN A 362 9.58 45.95 35.23
CA ASN A 362 8.15 45.75 35.46
C ASN A 362 7.71 44.29 35.36
N PHE A 363 6.73 43.87 36.16
CA PHE A 363 6.21 42.52 35.99
C PHE A 363 5.50 42.32 34.66
N LYS A 364 4.79 43.33 34.20
CA LYS A 364 4.03 43.19 32.95
C LYS A 364 4.93 42.90 31.76
N SER A 365 6.10 43.52 31.72
CA SER A 365 7.04 43.23 30.64
C SER A 365 7.38 41.76 30.70
N THR A 366 7.56 41.24 31.90
CA THR A 366 7.91 39.82 32.08
C THR A 366 6.81 38.89 31.58
N ILE A 367 5.56 39.32 31.67
CA ILE A 367 4.47 38.44 31.29
C ILE A 367 4.27 38.38 29.78
N ILE A 368 4.65 39.40 29.02
CA ILE A 368 4.43 39.25 27.58
C ILE A 368 5.21 38.12 26.90
N PRO A 369 6.54 37.97 27.17
CA PRO A 369 7.15 36.83 26.49
C PRO A 369 6.77 35.55 27.17
N MET A 370 6.27 35.63 28.40
CA MET A 370 5.80 34.43 29.07
C MET A 370 4.65 33.81 28.30
N ILE A 371 3.76 34.64 27.77
CA ILE A 371 2.61 34.14 27.00
C ILE A 371 3.08 33.64 25.64
N ALA A 372 4.04 34.34 25.05
CA ALA A 372 4.57 33.94 23.75
C ALA A 372 5.15 32.54 23.71
N VAL A 373 5.79 32.11 24.79
CA VAL A 373 6.47 30.81 24.78
C VAL A 373 5.56 29.61 24.59
N PRO A 374 4.40 29.58 25.25
CA PRO A 374 3.62 28.37 24.99
C PRO A 374 2.87 28.46 23.67
N VAL A 375 2.63 29.65 23.17
CA VAL A 375 2.00 29.74 21.87
C VAL A 375 2.93 29.28 20.77
N SER A 376 4.16 29.77 20.77
CA SER A 376 5.17 29.38 19.78
C SER A 376 5.47 27.92 19.86
N LEU A 377 5.78 27.44 21.05
CA LEU A 377 6.12 26.04 21.25
C LEU A 377 4.98 25.07 20.93
N LEU A 378 3.74 25.44 21.22
CA LEU A 378 2.66 24.50 20.99
C LEU A 378 2.31 24.54 19.53
N GLY A 379 2.47 25.69 18.90
CA GLY A 379 2.25 25.77 17.47
C GLY A 379 3.18 24.83 16.75
N THR A 380 4.41 24.74 17.24
CA THR A 380 5.37 23.81 16.67
C THR A 380 4.77 22.43 16.68
N PHE A 381 4.12 22.06 17.76
CA PHE A 381 3.58 20.71 17.90
C PHE A 381 2.57 20.35 16.84
N ALA A 382 1.76 21.31 16.42
CA ALA A 382 0.72 20.99 15.48
C ALA A 382 1.34 20.90 14.11
N VAL A 383 2.36 21.71 13.85
CA VAL A 383 3.06 21.60 12.58
C VAL A 383 3.78 20.26 12.52
N LEU A 384 4.31 19.81 13.64
CA LEU A 384 4.98 18.52 13.67
C LEU A 384 4.02 17.39 13.34
N TYR A 385 2.80 17.47 13.85
CA TYR A 385 1.82 16.44 13.57
C TYR A 385 1.48 16.37 12.09
N VAL A 386 1.29 17.51 11.46
CA VAL A 386 1.01 17.54 10.03
C VAL A 386 2.19 16.93 9.30
N LEU A 387 3.39 17.29 9.70
CA LEU A 387 4.60 16.77 9.05
C LEU A 387 4.79 15.28 9.21
N GLY A 388 4.30 14.69 10.30
CA GLY A 388 4.54 13.28 10.54
C GLY A 388 5.74 13.06 11.45
N PHE A 389 6.31 14.15 11.96
CA PHE A 389 7.42 14.03 12.90
C PHE A 389 6.80 13.51 14.19
N SER A 390 7.56 12.86 15.05
CA SER A 390 7.04 12.40 16.34
C SER A 390 7.58 13.16 17.52
N ILE A 391 7.17 12.82 18.73
CA ILE A 391 7.75 13.43 19.91
C ILE A 391 8.90 12.54 20.27
N ASN A 392 10.12 12.95 19.95
CA ASN A 392 11.26 12.15 20.33
C ASN A 392 12.24 12.97 21.12
N LEU A 393 13.33 12.33 21.54
CA LEU A 393 14.23 13.06 22.41
C LEU A 393 14.77 14.26 21.70
N LEU A 394 15.17 14.10 20.45
CA LEU A 394 15.77 15.21 19.75
C LEU A 394 14.79 16.36 19.54
N THR A 395 13.59 16.08 19.08
CA THR A 395 12.58 17.13 18.94
C THR A 395 12.31 17.80 20.28
N LEU A 396 12.14 17.02 21.34
CA LEU A 396 11.85 17.59 22.64
C LEU A 396 13.01 18.43 23.09
N PHE A 397 14.21 17.97 22.81
CA PHE A 397 15.39 18.75 23.16
C PHE A 397 15.41 20.05 22.38
N ALA A 398 14.91 20.06 21.16
CA ALA A 398 15.01 21.26 20.35
C ALA A 398 13.95 22.22 20.79
N LEU A 399 12.89 21.73 21.42
CA LEU A 399 11.93 22.66 21.99
C LEU A 399 12.45 23.34 23.24
N VAL A 400 13.12 22.58 24.10
CA VAL A 400 13.74 23.16 25.29
C VAL A 400 14.80 24.15 24.85
N LEU A 401 15.56 23.78 23.83
CA LEU A 401 16.62 24.65 23.33
C LEU A 401 16.09 25.95 22.76
N ALA A 402 14.94 25.91 22.13
CA ALA A 402 14.38 27.09 21.50
C ALA A 402 13.48 27.84 22.45
N ILE A 403 13.65 27.66 23.75
CA ILE A 403 12.95 28.53 24.69
C ILE A 403 13.57 29.92 24.55
N GLY A 404 14.89 29.96 24.49
CA GLY A 404 15.57 31.23 24.37
C GLY A 404 15.22 32.00 23.11
N ILE A 405 15.19 31.33 21.97
CA ILE A 405 14.94 32.03 20.72
C ILE A 405 13.57 32.70 20.72
N VAL A 406 12.56 31.97 21.18
CA VAL A 406 11.22 32.53 21.20
C VAL A 406 11.15 33.69 22.18
N VAL A 407 11.79 33.55 23.33
CA VAL A 407 11.81 34.62 24.30
C VAL A 407 12.53 35.85 23.79
N ASP A 408 13.68 35.68 23.13
CA ASP A 408 14.45 36.83 22.69
C ASP A 408 13.70 37.65 21.66
N ASP A 409 12.95 36.98 20.80
CA ASP A 409 12.20 37.68 19.78
C ASP A 409 11.19 38.61 20.44
N ALA A 410 10.66 38.21 21.59
CA ALA A 410 9.74 39.08 22.34
C ALA A 410 10.51 40.10 23.14
N ILE A 411 11.67 39.71 23.64
CA ILE A 411 12.50 40.59 24.47
C ILE A 411 12.94 41.79 23.65
N ILE A 412 12.96 41.64 22.35
CA ILE A 412 13.44 42.71 21.51
C ILE A 412 12.31 43.70 21.35
N VAL A 413 11.10 43.18 21.21
CA VAL A 413 9.97 44.06 20.94
C VAL A 413 9.55 44.84 22.19
N VAL A 414 9.38 44.12 23.30
CA VAL A 414 8.94 44.76 24.54
C VAL A 414 9.88 45.88 24.94
N GLU A 415 11.18 45.61 24.92
CA GLU A 415 12.16 46.59 25.34
C GLU A 415 12.11 47.82 24.48
N ASN A 416 11.91 47.66 23.18
CA ASN A 416 11.98 48.81 22.30
C ASN A 416 10.76 49.67 22.40
N ILE A 417 9.60 49.05 22.59
CA ILE A 417 8.39 49.84 22.80
C ILE A 417 8.66 50.70 24.01
N ASP A 418 9.22 50.13 25.07
CA ASP A 418 9.45 50.92 26.27
C ASP A 418 10.54 51.98 26.06
N ARG A 419 11.57 51.66 25.28
CA ARG A 419 12.58 52.68 24.99
C ARG A 419 11.96 53.86 24.27
N ILE A 420 11.09 53.58 23.30
CA ILE A 420 10.38 54.66 22.61
C ILE A 420 9.45 55.39 23.57
N LEU A 421 8.83 54.64 24.47
CA LEU A 421 7.92 55.24 25.43
C LEU A 421 8.65 56.22 26.31
N HIS A 422 9.88 55.91 26.70
CA HIS A 422 10.56 56.80 27.61
C HIS A 422 11.20 57.95 26.85
N GLU A 423 11.62 57.69 25.62
CA GLU A 423 12.17 58.78 24.81
C GLU A 423 11.22 59.96 24.70
N ASP A 424 9.94 59.69 24.47
CA ASP A 424 9.01 60.78 24.27
C ASP A 424 8.00 60.90 25.38
N SER A 425 7.92 62.06 26.00
CA SER A 425 6.91 62.27 27.02
C SER A 425 5.57 62.38 26.31
N ASN A 426 4.50 61.92 26.95
CA ASN A 426 3.17 61.95 26.35
C ASN A 426 3.08 61.22 25.02
N ILE A 427 3.68 60.04 24.92
CA ILE A 427 3.57 59.26 23.69
C ILE A 427 2.67 58.05 23.96
N SER A 428 1.78 57.74 23.04
CA SER A 428 0.83 56.68 23.37
C SER A 428 1.46 55.33 23.18
N VAL A 429 1.16 54.41 24.07
CA VAL A 429 1.77 53.08 24.03
C VAL A 429 1.46 52.40 22.73
N LYS A 430 0.26 52.58 22.21
CA LYS A 430 -0.09 51.87 21.02
C LYS A 430 0.69 52.47 19.87
N ASP A 431 0.82 53.78 19.82
CA ASP A 431 1.68 54.42 18.82
C ASP A 431 3.10 53.91 18.95
N ALA A 432 3.57 53.66 20.15
CA ALA A 432 4.97 53.27 20.28
C ALA A 432 5.07 51.81 19.88
N ALA A 433 3.96 51.09 19.93
CA ALA A 433 3.95 49.70 19.45
C ALA A 433 4.10 49.64 17.95
N ILE A 434 3.65 50.67 17.25
CA ILE A 434 3.68 50.67 15.79
C ILE A 434 5.05 51.12 15.44
N LYS A 435 5.47 52.21 16.08
CA LYS A 435 6.80 52.76 15.84
C LYS A 435 7.87 51.70 15.91
N ALA A 436 7.99 51.08 17.07
CA ALA A 436 9.02 50.06 17.26
C ALA A 436 8.98 49.02 16.16
N MET A 437 7.79 48.52 15.86
CA MET A 437 7.67 47.47 14.87
C MET A 437 8.15 47.85 13.48
N ASN A 438 8.03 49.11 13.09
CA ASN A 438 8.38 49.46 11.73
C ASN A 438 9.88 49.51 11.71
N GLU A 439 10.50 49.76 12.85
CA GLU A 439 11.95 49.68 12.94
C GLU A 439 12.45 48.24 13.02
N VAL A 440 11.76 47.38 13.74
CA VAL A 440 12.25 46.01 13.95
C VAL A 440 11.68 44.90 13.04
N SER A 441 10.78 45.24 12.13
CA SER A 441 10.17 44.21 11.30
C SER A 441 11.16 43.48 10.40
N SER A 442 11.97 44.22 9.67
CA SER A 442 12.98 43.59 8.82
C SER A 442 14.00 42.77 9.63
N PRO A 443 14.54 43.32 10.74
CA PRO A 443 15.49 42.49 11.48
C PRO A 443 14.95 41.13 11.90
N VAL A 444 13.64 40.96 12.04
CA VAL A 444 13.09 39.69 12.52
C VAL A 444 12.94 38.76 11.34
N ILE A 445 12.33 39.25 10.26
CA ILE A 445 12.11 38.44 9.07
C ILE A 445 13.44 37.88 8.55
N SER A 446 14.44 38.75 8.44
CA SER A 446 15.76 38.29 7.99
C SER A 446 16.31 37.22 8.90
N ILE A 447 16.25 37.45 10.21
CA ILE A 447 16.79 36.48 11.16
C ILE A 447 16.10 35.14 11.01
N VAL A 448 14.82 35.13 10.67
CA VAL A 448 14.11 33.88 10.60
C VAL A 448 14.56 33.18 9.33
N LEU A 449 14.86 33.95 8.28
CA LEU A 449 15.35 33.32 7.07
C LEU A 449 16.79 32.87 7.23
N VAL A 450 17.58 33.60 8.01
CA VAL A 450 18.98 33.22 8.26
C VAL A 450 19.05 31.99 9.13
N LEU A 451 18.31 32.00 10.24
CA LEU A 451 18.35 30.87 11.16
C LEU A 451 17.89 29.63 10.43
N CYS A 452 16.90 29.76 9.56
CA CYS A 452 16.39 28.59 8.87
C CYS A 452 17.35 28.24 7.76
N ALA A 453 18.05 29.22 7.22
CA ALA A 453 19.06 28.92 6.23
C ALA A 453 20.10 27.99 6.82
N VAL A 454 20.44 28.14 8.09
CA VAL A 454 21.36 27.18 8.69
C VAL A 454 20.62 25.86 8.85
N PHE A 455 19.41 25.91 9.37
CA PHE A 455 18.63 24.70 9.65
C PHE A 455 18.21 23.79 8.49
N ILE A 456 18.00 24.32 7.31
CA ILE A 456 17.45 23.50 6.21
C ILE A 456 18.45 22.57 5.47
N PRO A 457 19.68 23.03 5.15
CA PRO A 457 20.58 22.04 4.53
C PRO A 457 20.83 20.79 5.37
N VAL A 458 20.96 20.93 6.67
CA VAL A 458 21.14 19.77 7.53
C VAL A 458 19.90 18.89 7.45
N SER A 459 18.73 19.51 7.39
CA SER A 459 17.50 18.74 7.21
C SER A 459 17.41 18.33 5.76
N PHE A 460 16.52 17.40 5.44
CA PHE A 460 16.35 16.93 4.07
C PHE A 460 17.62 16.30 3.51
N ILE A 461 18.38 15.62 4.36
CA ILE A 461 19.56 14.91 3.87
C ILE A 461 19.23 13.43 4.01
N SER A 462 19.94 12.57 3.28
CA SER A 462 19.62 11.13 3.26
C SER A 462 20.40 10.24 4.19
N GLY A 463 20.10 10.28 5.49
CA GLY A 463 20.75 9.38 6.42
C GLY A 463 19.86 9.04 7.60
N PHE A 464 20.05 7.88 8.22
CA PHE A 464 19.31 7.58 9.45
C PHE A 464 19.80 8.56 10.50
N VAL A 465 21.10 8.82 10.54
CA VAL A 465 21.65 9.82 11.45
C VAL A 465 21.05 11.13 11.00
N GLY A 466 20.90 11.29 9.69
CA GLY A 466 20.33 12.50 9.15
C GLY A 466 18.92 12.71 9.62
N GLU A 467 18.13 11.65 9.73
CA GLU A 467 16.78 11.78 10.25
C GLU A 467 16.82 12.27 11.68
N ILE A 468 17.74 11.75 12.47
CA ILE A 468 17.89 12.18 13.86
C ILE A 468 18.26 13.67 13.88
N GLN A 469 19.06 14.10 12.91
CA GLN A 469 19.51 15.48 12.85
C GLN A 469 18.43 16.37 12.27
N ARG A 470 17.65 15.84 11.35
CA ARG A 470 16.69 16.60 10.57
C ARG A 470 15.52 16.96 11.43
N GLN A 471 15.10 16.05 12.29
CA GLN A 471 13.99 16.34 13.16
C GLN A 471 14.35 17.46 14.10
N PHE A 472 15.57 17.43 14.65
CA PHE A 472 16.02 18.50 15.52
C PHE A 472 16.05 19.81 14.75
N ALA A 473 16.70 19.82 13.59
CA ALA A 473 16.84 21.05 12.83
C ALA A 473 15.51 21.62 12.38
N LEU A 474 14.63 20.77 11.88
CA LEU A 474 13.33 21.24 11.40
C LEU A 474 12.48 21.79 12.53
N THR A 475 12.59 21.23 13.73
CA THR A 475 11.62 21.62 14.74
C THR A 475 12.15 22.94 15.26
N LEU A 476 13.47 23.10 15.30
CA LEU A 476 14.03 24.38 15.68
C LEU A 476 13.59 25.47 14.73
N ALA A 477 13.53 25.17 13.45
CA ALA A 477 13.18 26.17 12.43
C ALA A 477 11.70 26.50 12.42
N ILE A 478 10.83 25.51 12.52
CA ILE A 478 9.41 25.80 12.65
C ILE A 478 9.19 26.72 13.83
N SER A 479 9.89 26.47 14.93
CA SER A 479 9.74 27.28 16.11
C SER A 479 10.15 28.72 15.83
N VAL A 480 11.22 28.91 15.06
CA VAL A 480 11.69 30.27 14.84
C VAL A 480 10.68 30.97 13.94
N ALA A 481 10.16 30.26 12.94
CA ALA A 481 9.13 30.86 12.10
C ALA A 481 7.85 31.22 12.85
N ILE A 482 7.37 30.32 13.71
CA ILE A 482 6.18 30.61 14.50
C ILE A 482 6.46 31.76 15.47
N SER A 483 7.64 31.76 16.08
CA SER A 483 7.99 32.82 17.01
C SER A 483 8.04 34.15 16.30
N GLY A 484 8.50 34.13 15.05
CA GLY A 484 8.55 35.34 14.27
C GLY A 484 7.15 35.86 14.15
N PHE A 485 6.22 34.99 13.77
CA PHE A 485 4.82 35.41 13.62
C PHE A 485 4.32 36.04 14.88
N VAL A 486 4.61 35.41 16.01
CA VAL A 486 4.13 35.90 17.28
C VAL A 486 4.75 37.25 17.61
N ALA A 487 6.04 37.39 17.35
CA ALA A 487 6.72 38.65 17.61
C ALA A 487 6.11 39.74 16.74
N LEU A 488 5.83 39.42 15.48
CA LEU A 488 5.16 40.39 14.62
C LEU A 488 3.73 40.70 15.02
N THR A 489 2.96 39.70 15.43
CA THR A 489 1.55 39.94 15.73
C THR A 489 1.08 39.91 17.20
N LEU A 490 1.30 38.80 17.89
CA LEU A 490 0.86 38.70 19.27
C LEU A 490 1.60 39.63 20.24
N THR A 491 2.91 39.69 20.13
CA THR A 491 3.68 40.49 21.08
C THR A 491 3.42 41.99 21.04
N PRO A 492 3.43 42.62 19.84
CA PRO A 492 3.20 44.06 19.92
C PRO A 492 1.85 44.40 20.49
N SER A 493 0.81 43.71 20.03
CA SER A 493 -0.55 44.04 20.47
C SER A 493 -0.76 43.89 21.96
N LEU A 494 -0.19 42.87 22.58
CA LEU A 494 -0.48 42.70 24.00
C LEU A 494 0.48 43.58 24.77
N SER A 495 1.70 43.78 24.27
CA SER A 495 2.60 44.70 24.93
C SER A 495 1.96 46.08 24.93
N ALA A 496 1.37 46.47 23.81
CA ALA A 496 0.70 47.76 23.77
C ALA A 496 -0.45 47.79 24.74
N LEU A 497 -1.17 46.68 24.85
CA LEU A 497 -2.36 46.65 25.70
C LEU A 497 -2.11 46.87 27.19
N PHE A 498 -1.21 46.10 27.78
CA PHE A 498 -1.02 46.21 29.24
C PHE A 498 0.33 46.72 29.77
N LEU A 499 1.20 47.25 28.92
CA LEU A 499 2.46 47.81 29.41
C LEU A 499 2.18 48.97 30.34
N THR A 500 1.20 49.81 30.00
CA THR A 500 0.75 50.96 30.84
C THR A 500 1.62 52.21 30.81
N ARG A 501 2.71 52.18 30.03
CA ARG A 501 3.59 53.35 29.88
C ARG A 501 4.29 53.79 31.17
N ASN A 502 4.03 53.12 32.27
CA ASN A 502 4.62 53.57 33.52
C ASN A 502 5.66 52.65 34.09
N GLU A 503 6.87 53.15 34.28
CA GLU A 503 7.91 52.36 34.94
C GLU A 503 8.49 53.31 35.96
N SER A 504 7.83 53.47 37.10
CA SER A 504 8.34 54.35 38.15
C SER A 504 9.31 53.72 39.17
N LYS A 505 9.30 52.40 39.34
CA LYS A 505 10.11 51.80 40.42
C LYS A 505 11.26 50.86 40.08
N PRO A 506 12.46 51.15 40.62
CA PRO A 506 13.63 50.28 40.43
C PRO A 506 13.52 48.91 41.09
N PHE A 507 12.95 48.81 42.30
CA PHE A 507 12.84 47.55 43.07
C PHE A 507 14.14 47.23 43.80
N TYR A 508 15.13 48.12 43.70
CA TYR A 508 16.43 47.94 44.39
C TYR A 508 17.33 46.81 43.86
N PHE A 509 16.88 45.57 43.95
CA PHE A 509 17.69 44.46 43.48
C PHE A 509 17.89 44.57 42.00
N ILE A 510 16.83 44.92 41.28
CA ILE A 510 16.91 45.07 39.84
C ILE A 510 17.88 46.19 39.52
N GLN A 511 17.80 47.27 40.29
CA GLN A 511 18.66 48.42 40.05
C GLN A 511 20.12 48.04 40.21
N LYS A 512 20.43 47.23 41.22
CA LYS A 512 21.79 46.78 41.42
C LYS A 512 22.32 45.99 40.23
N PHE A 513 21.63 44.91 39.87
CA PHE A 513 22.07 44.08 38.78
C PHE A 513 22.26 44.93 37.53
N ASN A 514 21.30 45.77 37.23
CA ASN A 514 21.37 46.61 36.04
C ASN A 514 22.53 47.58 36.09
N ASP A 515 22.82 48.14 37.25
CA ASP A 515 23.95 49.05 37.39
C ASP A 515 25.24 48.33 37.10
N PHE A 516 25.38 47.11 37.60
CA PHE A 516 26.57 46.31 37.33
C PHE A 516 26.64 46.11 35.84
N PHE A 517 25.50 45.81 35.24
CA PHE A 517 25.45 45.60 33.80
C PHE A 517 25.82 46.85 33.01
N ASP A 518 25.35 48.01 33.46
CA ASP A 518 25.68 49.27 32.80
C ASP A 518 27.17 49.50 32.91
N TRP A 519 27.73 49.16 34.07
CA TRP A 519 29.16 49.31 34.25
C TRP A 519 29.86 48.39 33.28
N SER A 520 29.32 47.20 33.10
CA SER A 520 29.92 46.24 32.17
C SER A 520 29.89 46.81 30.77
N THR A 521 28.81 47.51 30.43
CA THR A 521 28.68 48.10 29.12
C THR A 521 29.78 49.11 28.87
N SER A 522 30.12 49.90 29.89
CA SER A 522 31.21 50.87 29.77
C SER A 522 32.53 50.17 29.51
N VAL A 523 32.80 49.10 30.27
CA VAL A 523 34.02 48.33 30.06
C VAL A 523 33.99 47.69 28.68
N PHE A 524 32.82 47.21 28.28
CA PHE A 524 32.68 46.56 26.97
C PHE A 524 33.01 47.55 25.87
N SER A 525 32.61 48.80 26.06
CA SER A 525 32.89 49.81 25.05
C SER A 525 34.38 50.00 24.85
N SER A 526 35.16 49.94 25.93
CA SER A 526 36.60 50.20 25.81
C SER A 526 37.34 48.97 25.34
N GLY A 527 36.78 47.79 25.61
CA GLY A 527 37.39 46.58 25.10
C GLY A 527 37.15 46.57 23.61
N VAL A 528 35.95 46.93 23.19
CA VAL A 528 35.62 47.02 21.76
C VAL A 528 36.48 48.07 21.09
N ALA A 529 36.85 49.11 21.84
CA ALA A 529 37.58 50.21 21.23
C ALA A 529 39.04 49.87 21.07
N TYR A 530 39.60 49.14 22.05
CA TYR A 530 41.01 48.83 21.97
C TYR A 530 41.21 47.73 20.95
N ILE A 531 40.26 46.79 20.90
CA ILE A 531 40.31 45.74 19.89
C ILE A 531 40.32 46.45 18.55
N LEU A 532 39.51 47.49 18.44
CA LEU A 532 39.44 48.26 17.19
C LEU A 532 40.73 48.98 16.84
N LYS A 533 41.45 49.48 17.84
CA LYS A 533 42.64 50.26 17.53
C LYS A 533 43.78 49.33 17.17
N ARG A 534 43.79 48.14 17.77
CA ARG A 534 44.82 47.15 17.43
C ARG A 534 44.19 46.10 16.56
N THR A 535 43.65 46.52 15.42
CA THR A 535 42.94 45.58 14.56
C THR A 535 43.76 44.34 14.26
N ILE A 536 45.00 44.52 13.83
CA ILE A 536 45.82 43.39 13.42
C ILE A 536 46.11 42.35 14.49
N ARG A 537 46.43 42.77 15.70
CA ARG A 537 46.82 41.79 16.72
C ARG A 537 45.69 40.82 17.02
N PHE A 538 44.48 41.33 17.14
CA PHE A 538 43.32 40.48 17.39
C PHE A 538 43.02 39.54 16.22
N VAL A 539 43.30 39.99 15.00
CA VAL A 539 43.10 39.13 13.83
C VAL A 539 43.97 37.91 13.93
N LEU A 540 45.21 38.10 14.39
CA LEU A 540 46.14 36.99 14.47
C LEU A 540 45.62 35.94 15.43
N VAL A 541 45.08 36.37 16.57
CA VAL A 541 44.49 35.42 17.52
C VAL A 541 43.46 34.57 16.81
N PHE A 542 42.60 35.19 16.00
CA PHE A 542 41.54 34.46 15.29
C PHE A 542 42.06 33.42 14.32
N CYS A 543 43.13 33.73 13.59
CA CYS A 543 43.70 32.75 12.67
C CYS A 543 44.22 31.53 13.42
N ILE A 544 44.92 31.73 14.53
CA ILE A 544 45.38 30.58 15.32
C ILE A 544 44.19 29.87 15.96
N MET A 545 43.12 30.60 16.23
CA MET A 545 41.95 30.02 16.87
C MET A 545 41.32 28.95 15.99
N ILE A 546 41.24 29.21 14.69
CA ILE A 546 40.70 28.22 13.77
C ILE A 546 41.57 26.98 13.77
N GLY A 547 42.88 27.16 13.86
CA GLY A 547 43.77 26.02 13.96
C GLY A 547 43.51 25.23 15.23
N PHE A 548 43.20 25.91 16.32
CA PHE A 548 42.87 25.23 17.57
C PHE A 548 41.64 24.37 17.38
N ILE A 549 40.65 24.87 16.65
CA ILE A 549 39.43 24.12 16.42
C ILE A 549 39.78 22.84 15.70
N ALA A 550 40.66 22.93 14.72
CA ALA A 550 41.06 21.75 13.97
C ALA A 550 41.74 20.73 14.86
N TYR A 551 42.59 21.21 15.76
CA TYR A 551 43.26 20.31 16.69
C TYR A 551 42.22 19.61 17.52
N LEU A 552 41.28 20.38 18.09
CA LEU A 552 40.28 19.79 18.98
C LEU A 552 39.39 18.75 18.31
N PHE A 553 38.99 19.01 17.08
CA PHE A 553 38.16 18.04 16.36
C PHE A 553 38.92 16.74 16.18
N LYS A 554 40.21 16.83 15.88
CA LYS A 554 41.03 15.63 15.73
C LYS A 554 41.13 14.83 17.02
N ILE A 555 41.25 15.52 18.16
CA ILE A 555 41.44 14.81 19.44
C ILE A 555 40.15 14.50 20.20
N VAL A 556 39.00 14.60 19.55
CA VAL A 556 37.74 14.24 20.21
C VAL A 556 37.14 13.02 19.50
N PRO A 557 36.76 11.99 20.28
CA PRO A 557 36.23 10.76 19.68
C PRO A 557 34.86 10.94 19.04
N SER A 558 34.53 10.12 18.05
CA SER A 558 33.24 10.24 17.36
C SER A 558 32.27 9.15 17.77
N SER A 559 31.04 9.50 18.11
CA SER A 559 30.04 8.50 18.47
C SER A 559 28.67 8.96 18.03
N LEU A 560 27.70 8.07 18.09
CA LEU A 560 26.36 8.42 17.68
C LEU A 560 25.48 8.72 18.88
N VAL A 561 25.42 7.81 19.84
CA VAL A 561 24.57 7.99 21.02
C VAL A 561 25.33 7.69 22.33
N PRO A 562 25.40 8.66 23.28
CA PRO A 562 26.07 8.27 24.53
C PRO A 562 25.38 7.11 25.24
N SER A 563 26.15 6.22 25.85
CA SER A 563 25.59 5.06 26.53
C SER A 563 24.74 5.47 27.71
N GLU A 564 23.66 4.73 27.98
CA GLU A 564 22.74 5.14 29.04
C GLU A 564 22.45 4.07 30.05
N ASP A 565 21.97 4.47 31.22
CA ASP A 565 21.61 3.53 32.26
C ASP A 565 20.15 3.28 32.03
N GLN A 566 19.81 2.09 31.55
CA GLN A 566 18.42 1.78 31.24
C GLN A 566 17.75 1.11 32.42
N GLY A 567 18.42 1.10 33.56
CA GLY A 567 17.87 0.45 34.73
C GLY A 567 17.58 -1.03 34.62
N VAL A 568 18.02 -1.66 33.53
CA VAL A 568 17.85 -3.09 33.39
C VAL A 568 19.18 -3.66 32.97
N ILE A 569 19.64 -4.69 33.65
CA ILE A 569 20.89 -5.32 33.27
C ILE A 569 20.66 -6.75 32.82
N MET A 570 20.53 -6.94 31.51
CA MET A 570 20.30 -8.27 30.97
C MET A 570 21.48 -9.18 31.23
N SER A 571 21.23 -10.31 31.86
CA SER A 571 22.30 -11.24 32.13
C SER A 571 22.08 -12.40 31.20
N ILE A 572 23.13 -12.89 30.56
CA ILE A 572 22.99 -14.05 29.69
C ILE A 572 23.86 -15.15 30.23
N ILE A 573 23.26 -16.14 30.86
CA ILE A 573 24.03 -17.22 31.44
C ILE A 573 24.06 -18.41 30.52
N ASN A 574 25.25 -18.81 30.11
CA ASN A 574 25.38 -19.99 29.28
C ASN A 574 26.15 -20.96 30.14
N LEU A 575 25.60 -22.14 30.31
CA LEU A 575 26.25 -23.16 31.10
C LEU A 575 27.23 -23.89 30.19
N PRO A 576 27.91 -24.93 30.70
CA PRO A 576 28.82 -25.58 29.77
C PRO A 576 28.04 -26.13 28.61
N SER A 577 28.69 -26.35 27.49
CA SER A 577 27.94 -26.71 26.30
C SER A 577 27.47 -28.12 26.39
N GLY A 578 26.18 -28.29 26.20
CA GLY A 578 25.60 -29.62 26.36
C GLY A 578 25.00 -29.96 27.70
N SER A 579 24.95 -29.03 28.63
CA SER A 579 24.45 -29.31 29.97
C SER A 579 22.95 -29.48 29.94
N SER A 580 22.41 -30.29 30.86
CA SER A 580 20.98 -30.46 30.89
C SER A 580 20.24 -29.33 31.55
N ILE A 581 18.93 -29.29 31.36
CA ILE A 581 18.12 -28.21 31.93
C ILE A 581 18.20 -28.17 33.45
N HIS A 582 18.22 -29.31 34.13
CA HIS A 582 18.23 -29.27 35.58
C HIS A 582 19.45 -28.57 36.08
N ARG A 583 20.59 -28.78 35.43
CA ARG A 583 21.79 -28.06 35.82
C ARG A 583 21.65 -26.59 35.52
N THR A 584 20.94 -26.25 34.45
CA THR A 584 20.69 -24.85 34.11
C THR A 584 19.79 -24.15 35.12
N ILE A 585 18.82 -24.86 35.68
CA ILE A 585 17.86 -24.21 36.54
C ILE A 585 18.48 -24.04 37.90
N GLU A 586 19.25 -25.02 38.34
CA GLU A 586 19.94 -24.92 39.62
C GLU A 586 20.80 -23.68 39.61
N GLU A 587 21.59 -23.53 38.56
CA GLU A 587 22.48 -22.39 38.45
C GLU A 587 21.74 -21.08 38.42
N VAL A 588 20.60 -21.03 37.76
CA VAL A 588 19.92 -19.76 37.61
C VAL A 588 19.17 -19.45 38.89
N ASP A 589 18.95 -20.44 39.74
CA ASP A 589 18.31 -20.14 41.01
C ASP A 589 19.32 -19.60 42.01
N THR A 590 20.57 -20.03 41.94
CA THR A 590 21.56 -19.45 42.83
C THR A 590 21.80 -18.03 42.38
N ILE A 591 21.76 -17.79 41.09
CA ILE A 591 21.93 -16.45 40.54
C ILE A 591 20.79 -15.53 40.95
N ASN A 592 19.59 -16.09 41.07
CA ASN A 592 18.42 -15.27 41.38
C ASN A 592 18.31 -15.02 42.86
N LYS A 593 18.87 -15.90 43.68
CA LYS A 593 18.89 -15.69 45.11
C LYS A 593 19.93 -14.66 45.50
N ASN A 594 21.13 -14.80 44.96
CA ASN A 594 22.19 -13.83 45.19
C ASN A 594 21.63 -12.46 44.91
N ALA A 595 20.75 -12.38 43.92
CA ALA A 595 20.11 -11.12 43.57
C ALA A 595 19.17 -10.59 44.63
N THR A 596 18.53 -11.48 45.39
CA THR A 596 17.53 -10.99 46.34
C THR A 596 18.28 -10.42 47.51
N GLN A 597 19.59 -10.56 47.49
CA GLN A 597 20.41 -9.91 48.49
C GLN A 597 20.60 -8.43 48.17
N MET A 598 20.86 -8.12 46.92
CA MET A 598 21.13 -6.74 46.53
C MET A 598 19.92 -5.83 46.63
N LYS A 599 20.07 -4.71 47.32
CA LYS A 599 18.95 -3.78 47.48
C LYS A 599 18.72 -2.99 46.21
N GLU A 600 19.73 -2.88 45.36
CA GLU A 600 19.57 -2.21 44.08
C GLU A 600 18.65 -2.94 43.11
N ILE A 601 18.70 -4.27 43.09
CA ILE A 601 17.89 -5.02 42.15
C ILE A 601 16.53 -5.31 42.74
N SER A 602 15.51 -4.60 42.28
CA SER A 602 14.15 -4.87 42.76
C SER A 602 13.57 -6.23 42.34
N SER A 603 13.69 -6.58 41.07
CA SER A 603 13.13 -7.86 40.59
C SER A 603 13.88 -8.42 39.40
N SER A 604 13.69 -9.70 39.10
CA SER A 604 14.34 -10.33 37.95
C SER A 604 13.42 -11.25 37.17
N VAL A 605 13.39 -11.14 35.85
CA VAL A 605 12.62 -12.12 35.09
C VAL A 605 13.50 -13.10 34.34
N SER A 606 13.44 -14.37 34.68
CA SER A 606 14.40 -15.32 34.16
C SER A 606 13.79 -16.24 33.12
N LEU A 607 14.42 -16.36 31.97
CA LEU A 607 13.93 -17.30 30.99
C LEU A 607 14.95 -18.41 30.96
N ILE A 608 14.62 -19.55 31.55
CA ILE A 608 15.55 -20.67 31.61
C ILE A 608 15.40 -21.56 30.38
N GLY A 609 16.49 -21.98 29.78
CA GLY A 609 16.42 -22.82 28.60
C GLY A 609 16.21 -22.04 27.32
N PHE A 610 16.27 -20.72 27.39
CA PHE A 610 16.02 -19.88 26.22
C PHE A 610 17.24 -19.08 25.80
N ASP A 611 17.69 -19.21 24.56
CA ASP A 611 18.80 -18.38 24.09
C ASP A 611 18.22 -17.05 23.68
N LEU A 612 18.65 -15.97 24.32
CA LEU A 612 18.11 -14.65 24.02
C LEU A 612 18.15 -14.28 22.55
N PHE A 613 19.33 -14.13 21.98
CA PHE A 613 19.41 -13.65 20.60
C PHE A 613 18.80 -14.56 19.53
N THR A 614 19.12 -15.84 19.57
CA THR A 614 18.57 -16.77 18.58
C THR A 614 17.09 -17.03 18.72
N SER A 615 16.50 -16.67 19.85
CA SER A 615 15.07 -16.94 20.11
C SER A 615 14.83 -18.45 20.23
N SER A 616 15.82 -19.25 19.91
CA SER A 616 15.64 -20.70 19.99
C SER A 616 15.91 -21.18 21.40
N LEU A 617 15.60 -22.44 21.66
CA LEU A 617 15.78 -22.95 23.01
C LEU A 617 17.01 -23.83 23.11
N LYS A 618 17.94 -23.46 23.99
CA LYS A 618 19.12 -24.28 24.22
C LYS A 618 19.09 -24.61 25.69
N GLU A 619 19.23 -25.87 26.05
CA GLU A 619 19.08 -26.25 27.45
C GLU A 619 20.11 -25.58 28.32
N ASN A 620 21.34 -25.46 27.86
CA ASN A 620 22.36 -24.75 28.62
C ASN A 620 22.09 -23.26 28.81
N ALA A 621 21.56 -22.58 27.80
CA ALA A 621 21.33 -21.13 27.87
C ALA A 621 20.20 -20.65 28.74
N ALA A 622 20.29 -19.42 29.23
CA ALA A 622 19.23 -18.83 30.05
C ALA A 622 19.46 -17.33 30.14
N ALA A 623 18.39 -16.55 30.26
CA ALA A 623 18.57 -15.11 30.42
C ALA A 623 17.83 -14.61 31.65
N VAL A 624 18.51 -13.82 32.47
CA VAL A 624 17.86 -13.26 33.64
C VAL A 624 17.93 -11.74 33.57
N PHE A 625 16.79 -11.06 33.60
CA PHE A 625 16.81 -9.62 33.48
C PHE A 625 16.65 -9.01 34.85
N PHE A 626 17.75 -8.61 35.46
CA PHE A 626 17.68 -7.95 36.75
C PHE A 626 17.15 -6.54 36.53
N ILE A 627 16.06 -6.19 37.18
CA ILE A 627 15.49 -4.86 37.02
C ILE A 627 15.90 -4.09 38.24
N LEU A 628 16.49 -2.92 38.02
CA LEU A 628 16.99 -2.12 39.13
C LEU A 628 15.94 -1.20 39.71
N LYS A 629 16.34 -0.39 40.68
CA LYS A 629 15.41 0.55 41.29
C LYS A 629 15.55 1.88 40.59
N ASP A 630 14.66 2.82 40.90
CA ASP A 630 14.66 4.14 40.25
C ASP A 630 16.02 4.78 40.34
N TRP A 631 16.35 5.61 39.35
CA TRP A 631 17.67 6.21 39.32
C TRP A 631 17.91 7.09 40.54
N SER A 632 16.91 7.84 40.95
CA SER A 632 17.04 8.71 42.11
C SER A 632 17.09 7.93 43.41
N GLN A 633 16.45 6.76 43.45
CA GLN A 633 16.53 5.91 44.64
C GLN A 633 17.84 5.13 44.75
N ARG A 634 18.22 4.38 43.73
CA ARG A 634 19.40 3.54 43.86
C ARG A 634 20.73 4.27 44.00
N GLU A 635 21.62 3.70 44.80
CA GLU A 635 22.94 4.29 45.02
C GLU A 635 23.92 4.31 43.85
N ALA A 636 23.95 3.26 43.04
CA ALA A 636 24.96 3.17 41.99
C ALA A 636 24.45 3.03 40.57
N SER A 637 25.29 3.34 39.58
CA SER A 637 24.90 3.19 38.19
C SER A 637 24.90 1.73 37.78
N SER A 638 24.37 1.45 36.60
CA SER A 638 24.28 0.06 36.16
C SER A 638 25.65 -0.53 36.05
N ASP A 639 26.61 0.25 35.58
CA ASP A 639 27.96 -0.26 35.38
C ASP A 639 28.62 -0.71 36.69
N GLN A 640 28.42 0.03 37.77
CA GLN A 640 28.98 -0.37 39.04
C GLN A 640 28.38 -1.68 39.49
N ILE A 641 27.07 -1.84 39.33
CA ILE A 641 26.42 -3.11 39.65
C ILE A 641 26.92 -4.19 38.71
N ILE A 642 27.12 -3.86 37.44
CA ILE A 642 27.62 -4.83 36.47
C ILE A 642 29.01 -5.32 36.85
N ALA A 643 29.85 -4.45 37.39
CA ALA A 643 31.21 -4.84 37.71
C ALA A 643 31.14 -5.60 39.00
N GLN A 644 30.16 -5.30 39.83
CA GLN A 644 29.97 -6.11 41.03
C GLN A 644 29.49 -7.49 40.65
N LEU A 645 28.57 -7.55 39.69
CA LEU A 645 28.01 -8.82 39.26
C LEU A 645 29.07 -9.71 38.64
N PHE A 646 29.94 -9.12 37.84
CA PHE A 646 31.00 -9.90 37.22
C PHE A 646 31.88 -10.49 38.29
N GLY A 647 32.18 -9.71 39.33
CA GLY A 647 32.97 -10.24 40.42
C GLY A 647 32.32 -11.36 41.20
N GLN A 648 31.05 -11.21 41.55
CA GLN A 648 30.37 -12.28 42.26
C GLN A 648 30.22 -13.48 41.35
N TYR A 649 29.80 -13.26 40.12
CA TYR A 649 29.69 -14.34 39.16
C TYR A 649 30.98 -14.40 38.37
N ALA A 650 32.07 -14.75 39.04
CA ALA A 650 33.36 -14.77 38.38
C ALA A 650 33.54 -16.10 37.72
N ALA A 651 32.43 -16.73 37.37
CA ALA A 651 32.48 -18.04 36.73
C ALA A 651 33.26 -18.96 37.63
N ASP A 652 34.27 -19.64 37.08
CA ASP A 652 35.06 -20.61 37.85
C ASP A 652 34.05 -21.62 38.31
N ARG A 653 33.01 -21.80 37.52
CA ARG A 653 31.97 -22.77 37.84
C ARG A 653 31.31 -23.05 36.51
N ASN A 654 30.07 -23.53 36.56
CA ASN A 654 29.35 -23.79 35.33
C ASN A 654 28.99 -22.52 34.56
N ALA A 655 28.60 -21.47 35.26
CA ALA A 655 28.13 -20.27 34.58
C ALA A 655 29.11 -19.55 33.69
N LEU A 656 28.62 -19.02 32.57
CA LEU A 656 29.47 -18.21 31.70
C LEU A 656 28.62 -16.96 31.51
N SER A 657 28.60 -16.11 32.52
CA SER A 657 27.76 -14.91 32.46
C SER A 657 28.21 -13.76 31.59
N TYR A 658 27.27 -13.08 30.94
CA TYR A 658 27.58 -11.91 30.14
C TYR A 658 26.56 -10.86 30.51
N PHE A 659 26.97 -9.81 31.21
CA PHE A 659 26.02 -8.80 31.67
C PHE A 659 26.11 -7.60 30.77
N LEU A 660 25.16 -7.46 29.85
CA LEU A 660 25.19 -6.35 28.91
C LEU A 660 23.98 -5.45 29.07
N ASN A 661 24.21 -4.14 29.19
CA ASN A 661 23.12 -3.19 29.32
C ASN A 661 22.25 -3.13 28.07
N LEU A 662 21.10 -2.46 28.17
CA LEU A 662 20.20 -2.35 27.03
C LEU A 662 20.72 -1.43 25.92
N PRO A 663 20.29 -1.67 24.66
CA PRO A 663 20.74 -0.86 23.52
C PRO A 663 20.22 0.57 23.51
N PRO A 664 20.99 1.54 22.93
CA PRO A 664 20.42 2.89 22.96
C PRO A 664 19.18 3.00 22.11
N ILE A 665 19.21 2.43 20.92
CA ILE A 665 18.03 2.42 20.08
C ILE A 665 17.57 1.00 20.27
N PRO A 666 16.34 0.82 20.76
CA PRO A 666 15.98 -0.56 21.07
C PRO A 666 15.49 -1.38 19.89
N GLY A 667 15.03 -0.76 18.81
CA GLY A 667 14.61 -1.55 17.67
C GLY A 667 15.75 -2.23 16.93
N LEU A 668 16.88 -1.54 16.81
CA LEU A 668 18.00 -2.07 16.04
C LEU A 668 18.58 -3.37 16.54
N SER A 669 18.69 -3.53 17.85
CA SER A 669 19.35 -4.72 18.38
C SER A 669 18.85 -5.18 19.73
N LEU A 670 19.01 -6.47 20.05
CA LEU A 670 18.70 -6.90 21.41
C LEU A 670 19.66 -6.18 22.34
N THR A 671 20.92 -6.11 21.94
CA THR A 671 21.94 -5.44 22.76
C THR A 671 22.82 -4.61 21.86
N GLY A 672 23.34 -3.49 22.36
CA GLY A 672 24.14 -2.60 21.53
C GLY A 672 25.60 -2.98 21.34
N GLY A 673 25.90 -3.84 20.38
CA GLY A 673 27.27 -4.22 20.11
C GLY A 673 27.52 -4.41 18.63
N PHE A 674 28.74 -4.15 18.18
CA PHE A 674 29.09 -4.37 16.77
C PHE A 674 29.04 -5.86 16.43
N GLU A 675 28.36 -6.20 15.34
CA GLU A 675 28.25 -7.59 14.95
C GLU A 675 28.77 -7.79 13.54
N MET A 676 29.65 -8.76 13.34
CA MET A 676 30.06 -9.06 11.98
C MET A 676 29.83 -10.54 11.68
N TYR A 677 29.17 -10.82 10.58
CA TYR A 677 28.93 -12.20 10.22
C TYR A 677 30.02 -12.58 9.26
N ALA A 678 30.74 -13.63 9.57
CA ALA A 678 31.84 -14.02 8.73
C ALA A 678 31.41 -15.14 7.81
N GLN A 679 30.76 -14.78 6.71
CA GLN A 679 30.30 -15.80 5.76
C GLN A 679 31.44 -16.62 5.24
N ASN A 680 31.21 -17.89 4.99
CA ASN A 680 32.23 -18.74 4.43
C ASN A 680 31.64 -19.32 3.18
N LYS A 681 32.44 -19.46 2.13
CA LYS A 681 31.91 -19.93 0.87
C LYS A 681 32.73 -21.10 0.41
N SER A 682 33.80 -21.44 1.12
CA SER A 682 34.66 -22.58 0.80
C SER A 682 33.95 -23.91 0.93
N GLY A 683 32.79 -23.94 1.51
CA GLY A 683 32.11 -25.19 1.80
C GLY A 683 32.78 -25.92 2.94
N LYS A 684 33.57 -25.23 3.74
CA LYS A 684 34.32 -25.91 4.79
C LYS A 684 33.49 -26.41 5.95
N ASP A 685 34.05 -27.28 6.76
CA ASP A 685 33.29 -27.89 7.83
C ASP A 685 33.27 -26.93 8.97
N TYR A 686 32.21 -27.01 9.77
CA TYR A 686 32.04 -26.08 10.88
C TYR A 686 33.20 -26.17 11.86
N ASP A 687 33.79 -27.35 12.00
CA ASP A 687 34.95 -27.46 12.87
C ASP A 687 36.07 -26.59 12.35
N ALA A 688 36.26 -26.54 11.04
CA ALA A 688 37.28 -25.69 10.46
C ALA A 688 36.95 -24.24 10.70
N ILE A 689 35.68 -23.90 10.61
CA ILE A 689 35.27 -22.53 10.81
C ILE A 689 35.62 -22.12 12.23
N GLN A 690 35.42 -23.02 13.18
CA GLN A 690 35.69 -22.67 14.57
C GLN A 690 37.15 -22.35 14.71
N GLN A 691 38.02 -23.15 14.10
CA GLN A 691 39.45 -22.92 14.26
C GLN A 691 39.81 -21.59 13.66
N ASP A 692 39.29 -21.30 12.48
CA ASP A 692 39.63 -20.06 11.80
C ASP A 692 39.13 -18.85 12.52
N VAL A 693 37.98 -18.95 13.14
CA VAL A 693 37.40 -17.80 13.78
C VAL A 693 38.07 -17.63 15.13
N ASN A 694 38.63 -18.69 15.67
CA ASN A 694 39.33 -18.48 16.94
C ASN A 694 40.71 -17.93 16.66
N LYS A 695 41.36 -18.35 15.58
CA LYS A 695 42.63 -17.74 15.20
C LYS A 695 42.45 -16.26 14.96
N MET A 696 41.37 -15.90 14.28
CA MET A 696 41.08 -14.51 13.99
C MET A 696 40.89 -13.80 15.31
N LEU A 697 40.20 -14.46 16.23
CA LEU A 697 39.97 -13.87 17.54
C LEU A 697 41.28 -13.65 18.24
N GLU A 698 42.25 -14.53 18.06
CA GLU A 698 43.58 -14.35 18.67
C GLU A 698 44.22 -13.04 18.26
N LEU A 699 44.35 -12.80 16.95
CA LEU A 699 44.93 -11.56 16.45
C LEU A 699 44.09 -10.37 16.86
N ALA A 700 42.79 -10.54 16.92
CA ALA A 700 41.89 -9.43 17.24
C ALA A 700 41.73 -9.16 18.73
N ARG A 701 41.72 -10.19 19.56
CA ARG A 701 41.43 -9.98 20.98
C ARG A 701 42.62 -9.39 21.70
N THR A 702 42.39 -8.40 22.55
CA THR A 702 43.45 -7.74 23.29
C THR A 702 44.51 -7.26 22.32
N ARG A 703 44.06 -6.78 21.16
CA ARG A 703 44.98 -6.30 20.13
C ARG A 703 44.22 -5.34 19.25
N LYS A 704 44.94 -4.56 18.46
CA LYS A 704 44.32 -3.61 17.56
C LYS A 704 43.43 -2.63 18.33
N GLU A 705 42.22 -2.42 17.84
CA GLU A 705 41.31 -1.47 18.47
C GLU A 705 40.05 -2.04 19.11
N LEU A 706 39.91 -3.37 19.17
CA LEU A 706 38.68 -3.98 19.69
C LEU A 706 38.83 -4.62 21.07
N ALA A 707 38.11 -4.08 22.06
CA ALA A 707 38.25 -4.57 23.42
C ALA A 707 37.79 -6.00 23.70
N ASN A 708 36.58 -6.36 23.30
CA ASN A 708 36.06 -7.69 23.62
C ASN A 708 35.57 -8.42 22.38
N VAL A 709 36.09 -9.62 22.15
CA VAL A 709 35.68 -10.38 20.99
C VAL A 709 35.08 -11.70 21.43
N ARG A 710 33.85 -11.97 21.01
CA ARG A 710 33.22 -13.24 21.35
C ARG A 710 32.55 -13.78 20.11
N THR A 711 32.55 -15.10 19.94
CA THR A 711 31.81 -15.63 18.82
C THR A 711 30.66 -16.50 19.26
N THR A 712 29.61 -16.55 18.45
CA THR A 712 28.45 -17.35 18.78
C THR A 712 28.59 -18.80 18.33
N LEU A 713 29.68 -19.11 17.62
CA LEU A 713 29.84 -20.45 17.09
C LEU A 713 30.43 -21.41 18.10
N ASP A 714 29.66 -22.42 18.49
CA ASP A 714 30.17 -23.45 19.38
C ASP A 714 30.05 -24.80 18.71
N THR A 715 31.16 -25.54 18.57
CA THR A 715 31.13 -26.84 17.95
C THR A 715 31.38 -27.91 19.02
N SER A 716 31.33 -27.53 20.28
CA SER A 716 31.63 -28.46 21.35
C SER A 716 30.45 -29.23 21.91
N PHE A 717 29.26 -28.97 21.39
CA PHE A 717 28.07 -29.63 21.90
C PHE A 717 28.17 -31.13 21.67
N PRO A 718 27.83 -31.92 22.68
CA PRO A 718 27.82 -33.37 22.51
C PRO A 718 26.77 -33.82 21.54
N GLN A 719 27.08 -34.79 20.70
CA GLN A 719 26.15 -35.30 19.71
C GLN A 719 26.32 -36.82 19.63
N TYR A 720 25.33 -37.52 19.10
CA TYR A 720 25.45 -38.95 18.92
C TYR A 720 25.15 -39.22 17.47
N LYS A 721 26.09 -39.79 16.76
CA LYS A 721 25.92 -39.98 15.34
C LYS A 721 25.42 -41.38 15.09
N LEU A 722 24.36 -41.51 14.30
CA LEU A 722 23.79 -42.83 14.07
C LEU A 722 24.27 -43.41 12.76
N ILE A 723 25.00 -44.52 12.84
CA ILE A 723 25.49 -45.17 11.64
C ILE A 723 24.60 -46.35 11.28
N ILE A 724 24.02 -46.32 10.09
CA ILE A 724 23.13 -47.38 9.66
C ILE A 724 23.91 -48.36 8.81
N ASP A 725 23.94 -49.62 9.21
CA ASP A 725 24.58 -50.61 8.37
C ASP A 725 23.45 -50.98 7.45
N ARG A 726 23.36 -50.31 6.31
CA ARG A 726 22.23 -50.54 5.42
C ARG A 726 22.03 -51.99 5.05
N ASP A 727 23.13 -52.72 4.85
CA ASP A 727 23.02 -54.11 4.44
C ASP A 727 22.28 -54.88 5.50
N LYS A 728 22.65 -54.70 6.75
CA LYS A 728 21.98 -55.38 7.85
C LYS A 728 20.54 -54.94 7.93
N MET A 729 20.30 -53.65 7.73
CA MET A 729 18.95 -53.12 7.83
C MET A 729 18.05 -53.76 6.83
N LYS A 730 18.60 -54.23 5.72
CA LYS A 730 17.79 -54.91 4.72
C LYS A 730 17.88 -56.44 4.73
N TYR A 731 18.84 -57.01 5.44
CA TYR A 731 18.87 -58.46 5.53
C TYR A 731 17.70 -58.82 6.41
N TYR A 732 17.27 -57.88 7.22
CA TYR A 732 16.17 -58.13 8.12
C TYR A 732 14.84 -57.67 7.54
N ASN A 733 14.84 -57.19 6.31
CA ASN A 733 13.62 -56.74 5.65
C ASN A 733 12.92 -55.63 6.40
N LEU A 734 13.61 -54.51 6.60
CA LEU A 734 13.04 -53.35 7.26
C LEU A 734 13.20 -52.15 6.37
N ASN A 735 12.13 -51.42 6.13
CA ASN A 735 12.24 -50.18 5.36
C ASN A 735 12.87 -49.15 6.28
N MET A 736 13.54 -48.15 5.71
CA MET A 736 14.23 -47.17 6.53
C MET A 736 13.30 -46.25 7.29
N GLN A 737 12.24 -45.79 6.65
CA GLN A 737 11.33 -44.85 7.29
C GLN A 737 10.78 -45.43 8.56
N ASP A 738 10.39 -46.70 8.53
CA ASP A 738 9.79 -47.33 9.70
C ASP A 738 10.80 -47.43 10.82
N VAL A 739 12.05 -47.65 10.47
CA VAL A 739 13.09 -47.74 11.48
C VAL A 739 13.22 -46.41 12.19
N PHE A 740 13.10 -45.31 11.47
CA PHE A 740 13.31 -44.04 12.12
C PHE A 740 12.07 -43.54 12.82
N ASN A 741 10.89 -43.97 12.41
CA ASN A 741 9.70 -43.66 13.19
C ASN A 741 9.78 -44.33 14.55
N THR A 742 10.36 -45.51 14.62
CA THR A 742 10.50 -46.20 15.89
C THR A 742 11.39 -45.37 16.79
N ILE A 743 12.48 -44.84 16.24
CA ILE A 743 13.37 -43.97 17.00
C ILE A 743 12.68 -42.68 17.36
N SER A 744 11.86 -42.16 16.46
CA SER A 744 11.23 -40.86 16.70
C SER A 744 10.05 -40.99 17.61
N ALA A 745 9.60 -42.20 17.89
CA ALA A 745 8.54 -42.32 18.88
C ALA A 745 9.00 -42.91 20.20
N THR A 746 10.27 -43.28 20.33
CA THR A 746 10.76 -43.78 21.61
C THR A 746 11.90 -42.95 22.21
N ILE A 747 12.64 -42.25 21.39
CA ILE A 747 13.73 -41.41 21.88
C ILE A 747 13.23 -40.01 21.70
N GLY A 748 12.46 -39.80 20.65
CA GLY A 748 11.86 -38.50 20.41
C GLY A 748 10.37 -38.56 20.58
N THR A 749 9.68 -37.43 20.43
CA THR A 749 8.23 -37.41 20.56
C THR A 749 7.53 -37.31 19.21
N TYR A 750 6.61 -38.21 18.92
CA TYR A 750 5.89 -38.20 17.65
C TYR A 750 4.49 -37.65 17.85
N TYR A 751 4.14 -36.57 17.15
CA TYR A 751 2.80 -36.00 17.26
C TYR A 751 1.87 -36.73 16.32
N VAL A 752 1.15 -37.71 16.85
CA VAL A 752 0.21 -38.48 16.05
C VAL A 752 -1.01 -37.70 15.58
N ASN A 753 -1.76 -37.10 16.51
CA ASN A 753 -3.03 -36.46 16.18
C ASN A 753 -3.47 -35.51 17.29
N ASP A 754 -4.61 -34.84 17.13
CA ASP A 754 -5.10 -33.90 18.13
C ASP A 754 -6.22 -34.44 19.00
N PHE A 755 -6.20 -34.14 20.30
CA PHE A 755 -7.24 -34.59 21.21
C PHE A 755 -8.02 -33.40 21.76
N PRO A 756 -9.34 -33.51 21.80
CA PRO A 756 -10.17 -32.38 22.24
C PRO A 756 -10.20 -32.02 23.71
N MET A 757 -9.73 -30.84 24.11
CA MET A 757 -9.87 -30.42 25.50
C MET A 757 -10.13 -28.93 25.58
N LEU A 758 -11.04 -28.51 26.46
CA LEU A 758 -11.31 -27.09 26.70
C LEU A 758 -11.66 -26.27 25.46
N GLY A 759 -12.41 -26.86 24.54
CA GLY A 759 -12.79 -26.17 23.32
C GLY A 759 -11.64 -25.95 22.36
N LYS A 760 -10.51 -26.59 22.62
CA LYS A 760 -9.38 -26.47 21.73
C LYS A 760 -8.83 -27.85 21.41
N ASN A 761 -7.91 -27.93 20.46
CA ASN A 761 -7.33 -29.20 20.07
C ASN A 761 -5.92 -29.24 20.59
N PHE A 762 -5.56 -30.30 21.30
CA PHE A 762 -4.21 -30.41 21.85
C PHE A 762 -3.52 -31.66 21.36
N GLN A 763 -2.21 -31.57 21.13
CA GLN A 763 -1.46 -32.68 20.55
C GLN A 763 -1.35 -33.97 21.33
N VAL A 764 -1.20 -35.10 20.63
CA VAL A 764 -0.96 -36.35 21.34
C VAL A 764 0.48 -36.66 20.99
N ASN A 765 1.31 -36.99 21.98
CA ASN A 765 2.71 -37.22 21.69
C ASN A 765 3.13 -38.54 22.27
N ILE A 766 3.71 -39.41 21.45
CA ILE A 766 4.09 -40.73 21.90
C ILE A 766 5.59 -40.78 22.05
N ARG A 767 6.09 -40.79 23.28
CA ARG A 767 7.53 -40.87 23.54
C ARG A 767 7.71 -41.89 24.64
N ALA A 768 8.87 -42.51 24.74
CA ALA A 768 9.07 -43.56 25.73
C ALA A 768 9.32 -43.03 27.11
N LEU A 769 9.43 -43.94 28.07
CA LEU A 769 9.71 -43.54 29.42
C LEU A 769 11.12 -42.98 29.45
N GLY A 770 11.39 -42.03 30.33
CA GLY A 770 12.68 -41.37 30.32
C GLY A 770 13.88 -42.24 30.57
N ASP A 771 13.78 -43.20 31.47
CA ASP A 771 14.94 -44.02 31.81
C ASP A 771 15.42 -44.82 30.60
N PHE A 772 14.50 -45.18 29.71
CA PHE A 772 14.88 -45.98 28.55
C PHE A 772 15.56 -45.18 27.44
N ARG A 773 15.41 -43.85 27.44
CA ARG A 773 16.12 -43.03 26.47
C ARG A 773 17.28 -42.28 27.12
N ASN A 774 17.66 -42.64 28.34
CA ASN A 774 18.69 -41.89 29.07
C ASN A 774 20.15 -42.21 28.76
N THR A 775 20.45 -43.25 27.99
CA THR A 775 21.85 -43.63 27.76
C THR A 775 22.22 -43.82 26.32
N GLN A 776 23.51 -44.02 26.05
CA GLN A 776 23.96 -44.27 24.69
C GLN A 776 23.38 -45.58 24.15
N ASP A 777 23.30 -46.60 24.99
CA ASP A 777 22.85 -47.90 24.51
C ASP A 777 21.35 -47.98 24.48
N ALA A 778 20.68 -46.84 24.63
CA ALA A 778 19.23 -46.79 24.54
C ALA A 778 18.75 -47.55 23.35
N LEU A 779 19.51 -47.55 22.27
CA LEU A 779 19.07 -48.18 21.05
C LEU A 779 18.78 -49.65 21.20
N LYS A 780 19.42 -50.34 22.13
CA LYS A 780 19.23 -51.78 22.18
C LYS A 780 17.88 -52.21 22.73
N ASN A 781 17.31 -51.45 23.66
CA ASN A 781 15.96 -51.78 24.13
C ASN A 781 14.88 -51.74 23.06
N ILE A 782 14.95 -50.77 22.16
CA ILE A 782 13.90 -50.62 21.15
C ILE A 782 13.92 -51.72 20.09
N TYR A 783 12.75 -52.25 19.73
CA TYR A 783 12.66 -53.34 18.77
C TYR A 783 11.67 -53.05 17.67
N ILE A 784 12.03 -53.35 16.42
CA ILE A 784 11.09 -53.18 15.32
C ILE A 784 10.72 -54.52 14.69
N ARG A 785 9.48 -54.71 14.25
CA ARG A 785 9.14 -55.93 13.53
C ARG A 785 9.55 -55.84 12.08
N SER A 786 9.85 -56.98 11.48
CA SER A 786 10.31 -57.01 10.10
C SER A 786 9.17 -57.32 9.17
N SER A 787 9.47 -57.54 7.90
CA SER A 787 8.43 -57.96 6.97
C SER A 787 8.01 -59.37 7.29
N ASP A 788 8.93 -60.20 7.76
CA ASP A 788 8.58 -61.57 8.14
C ASP A 788 8.20 -61.68 9.60
N ASN A 789 7.67 -60.61 10.18
CA ASN A 789 7.17 -60.63 11.55
C ASN A 789 8.13 -61.10 12.64
N LYS A 790 9.40 -60.69 12.59
CA LYS A 790 10.28 -61.04 13.70
C LYS A 790 10.92 -59.79 14.22
N MET A 791 10.85 -59.62 15.54
CA MET A 791 11.35 -58.41 16.15
C MET A 791 12.86 -58.35 16.06
N ILE A 792 13.38 -57.20 15.64
CA ILE A 792 14.82 -57.02 15.51
C ILE A 792 15.23 -55.88 16.41
N PRO A 793 16.23 -56.12 17.32
CA PRO A 793 16.79 -55.00 18.11
C PRO A 793 17.23 -53.88 17.20
N LEU A 794 17.11 -52.62 17.60
CA LEU A 794 17.63 -51.54 16.76
C LEU A 794 19.14 -51.59 16.77
N ASN A 795 19.73 -52.17 17.81
CA ASN A 795 21.17 -52.22 17.93
C ASN A 795 21.83 -52.99 16.81
N SER A 796 21.18 -54.04 16.33
CA SER A 796 21.82 -54.87 15.33
C SER A 796 22.20 -54.14 14.06
N PHE A 797 21.38 -53.21 13.61
CA PHE A 797 21.68 -52.45 12.41
C PHE A 797 22.12 -51.01 12.64
N LEU A 798 21.90 -50.48 13.84
CA LEU A 798 22.21 -49.08 14.11
C LEU A 798 23.21 -48.91 15.23
N THR A 799 24.19 -48.03 15.05
CA THR A 799 25.19 -47.78 16.08
C THR A 799 25.23 -46.31 16.42
N LEU A 800 25.27 -45.97 17.70
CA LEU A 800 25.39 -44.58 18.11
C LEU A 800 26.85 -44.28 18.45
N VAL A 801 27.43 -43.26 17.82
CA VAL A 801 28.83 -42.93 18.04
C VAL A 801 28.96 -41.52 18.58
N ARG A 802 29.70 -41.35 19.67
CA ARG A 802 29.87 -40.02 20.27
C ARG A 802 30.58 -39.07 19.34
N SER A 803 30.11 -37.83 19.27
CA SER A 803 30.70 -36.85 18.37
C SER A 803 30.45 -35.45 18.90
N ALA A 804 31.16 -34.47 18.37
CA ALA A 804 30.95 -33.08 18.76
C ALA A 804 30.41 -32.35 17.57
N GLY A 805 29.58 -31.35 17.79
CA GLY A 805 28.95 -30.67 16.67
C GLY A 805 28.36 -29.33 17.05
N PRO A 806 27.98 -28.54 16.05
CA PRO A 806 27.33 -27.28 16.38
C PRO A 806 25.82 -27.42 16.51
N ASP A 807 25.28 -27.11 17.68
CA ASP A 807 23.83 -27.16 17.86
C ASP A 807 23.12 -26.13 17.00
N ASP A 808 23.68 -24.94 16.89
CA ASP A 808 23.08 -23.96 16.00
C ASP A 808 23.88 -23.86 14.75
N VAL A 809 23.23 -24.04 13.61
CA VAL A 809 23.91 -23.88 12.36
C VAL A 809 23.43 -22.54 11.88
N LYS A 810 24.34 -21.62 11.59
CA LYS A 810 23.95 -20.29 11.19
C LYS A 810 24.32 -20.06 9.76
N ARG A 811 23.39 -19.59 8.96
CA ARG A 811 23.73 -19.24 7.60
C ARG A 811 23.35 -17.80 7.41
N PHE A 812 24.23 -17.02 6.81
CA PHE A 812 23.95 -15.63 6.56
C PHE A 812 24.05 -15.38 5.09
N ASN A 813 22.98 -14.89 4.48
CA ASN A 813 22.96 -14.60 3.06
C ASN A 813 23.26 -15.88 2.33
N LEU A 814 22.64 -16.98 2.72
CA LEU A 814 22.78 -18.24 2.00
C LEU A 814 24.11 -18.97 2.13
N PHE A 815 24.96 -18.54 3.06
CA PHE A 815 26.27 -19.16 3.21
C PHE A 815 26.57 -19.43 4.68
N PRO A 816 27.27 -20.55 4.99
CA PRO A 816 27.41 -20.82 6.41
C PRO A 816 28.21 -19.71 7.03
N ALA A 817 27.99 -19.41 8.31
CA ALA A 817 28.64 -18.25 8.89
C ALA A 817 28.85 -18.30 10.37
N ALA A 818 29.72 -17.44 10.88
CA ALA A 818 29.93 -17.33 12.31
C ALA A 818 29.79 -15.88 12.68
N LEU A 819 29.06 -15.59 13.75
CA LEU A 819 28.85 -14.21 14.15
C LEU A 819 29.84 -13.82 15.20
N ILE A 820 30.59 -12.74 14.97
CA ILE A 820 31.57 -12.27 15.94
C ILE A 820 31.12 -11.00 16.61
N GLN A 821 30.31 -11.14 17.65
CA GLN A 821 29.78 -9.96 18.35
C GLN A 821 30.85 -9.44 19.30
N GLY A 822 30.61 -8.29 19.92
CA GLY A 822 31.64 -7.69 20.75
C GLY A 822 31.13 -6.64 21.69
N ASP A 823 31.95 -6.26 22.65
CA ASP A 823 31.58 -5.21 23.59
C ASP A 823 32.32 -3.92 23.28
N PRO A 824 31.59 -2.78 23.09
CA PRO A 824 32.38 -1.59 22.73
C PRO A 824 33.02 -0.88 23.91
N ALA A 825 34.21 -0.32 23.71
CA ALA A 825 34.90 0.38 24.79
C ALA A 825 35.38 1.76 24.34
N PRO A 826 35.49 2.71 25.29
CA PRO A 826 35.93 4.08 24.99
C PRO A 826 37.40 4.17 24.65
N GLY A 827 38.19 3.13 24.92
CA GLY A 827 39.62 3.27 24.73
C GLY A 827 39.91 3.65 23.30
N TYR A 828 39.23 3.03 22.35
CA TYR A 828 39.38 3.45 20.96
C TYR A 828 38.03 3.87 20.40
N THR A 829 38.03 4.60 19.29
CA THR A 829 36.77 4.95 18.66
C THR A 829 36.12 3.68 18.14
N SER A 830 34.82 3.52 18.35
CA SER A 830 34.11 2.32 17.93
C SER A 830 34.18 2.03 16.43
N GLY A 831 33.84 3.02 15.60
CA GLY A 831 33.81 2.80 14.16
C GLY A 831 35.14 2.43 13.55
N GLN A 832 36.20 3.06 14.03
CA GLN A 832 37.53 2.78 13.49
C GLN A 832 37.89 1.34 13.74
N ALA A 833 37.55 0.84 14.93
CA ALA A 833 37.81 -0.55 15.29
C ALA A 833 37.33 -1.48 14.22
N ILE A 834 36.09 -1.28 13.76
CA ILE A 834 35.50 -2.22 12.83
C ILE A 834 36.29 -2.44 11.54
N ASP A 835 37.01 -1.43 11.07
CA ASP A 835 37.69 -1.63 9.82
C ASP A 835 38.97 -2.40 10.13
N ALA A 836 39.47 -2.36 11.37
CA ALA A 836 40.61 -3.17 11.75
C ALA A 836 40.20 -4.61 11.86
N ILE A 837 39.00 -4.83 12.37
CA ILE A 837 38.46 -6.17 12.55
C ILE A 837 38.32 -6.78 11.18
N ALA A 838 37.92 -5.96 10.22
CA ALA A 838 37.74 -6.44 8.85
C ALA A 838 39.05 -6.92 8.27
N GLU A 839 40.12 -6.22 8.57
CA GLU A 839 41.41 -6.57 7.99
C GLU A 839 42.00 -7.70 8.78
N VAL A 840 41.79 -7.69 10.10
CA VAL A 840 42.27 -8.82 10.87
C VAL A 840 41.63 -10.06 10.31
N ALA A 841 40.35 -9.97 10.01
CA ALA A 841 39.63 -11.11 9.46
C ALA A 841 40.19 -11.50 8.11
N LYS A 842 40.50 -10.54 7.26
CA LYS A 842 40.96 -10.89 5.94
C LYS A 842 42.26 -11.67 6.03
N GLN A 843 43.15 -11.25 6.93
CA GLN A 843 44.43 -11.92 7.10
C GLN A 843 44.30 -13.20 7.92
N SER A 844 44.02 -13.07 9.22
CA SER A 844 43.85 -14.26 10.07
C SER A 844 42.83 -15.26 9.58
N LEU A 845 41.58 -14.82 9.39
CA LEU A 845 40.59 -15.72 8.83
C LEU A 845 41.00 -15.95 7.40
N GLY A 846 40.62 -17.10 6.85
CA GLY A 846 41.03 -17.42 5.51
C GLY A 846 40.42 -16.43 4.53
N ASP A 847 41.08 -16.25 3.40
CA ASP A 847 40.60 -15.31 2.40
C ASP A 847 39.22 -15.72 1.90
N GLU A 848 38.94 -17.01 1.92
CA GLU A 848 37.65 -17.52 1.46
C GLU A 848 36.51 -16.93 2.29
N TYR A 849 36.73 -16.75 3.58
CA TYR A 849 35.71 -16.13 4.41
C TYR A 849 35.43 -14.74 3.92
N SER A 850 34.15 -14.37 3.86
CA SER A 850 33.76 -13.03 3.47
C SER A 850 33.20 -12.34 4.70
N ILE A 851 33.39 -11.03 4.80
CA ILE A 851 32.93 -10.32 5.98
C ILE A 851 31.68 -9.52 5.67
N ALA A 852 30.60 -9.80 6.39
CA ALA A 852 29.36 -9.07 6.18
C ALA A 852 28.87 -8.49 7.48
N TRP A 853 28.61 -7.20 7.50
CA TRP A 853 28.21 -6.53 8.73
C TRP A 853 26.72 -6.61 9.05
N SER A 854 26.35 -6.35 10.30
CA SER A 854 24.95 -6.37 10.69
C SER A 854 24.61 -5.27 11.66
N GLY A 855 23.35 -4.90 11.73
CA GLY A 855 22.92 -3.90 12.70
C GLY A 855 23.63 -2.56 12.57
N SER A 856 24.23 -2.12 13.67
CA SER A 856 24.90 -0.83 13.68
C SER A 856 26.02 -0.81 12.67
N ALA A 857 26.75 -1.90 12.55
CA ALA A 857 27.87 -1.93 11.64
C ALA A 857 27.42 -1.70 10.21
N TYR A 858 26.24 -2.20 9.85
CA TYR A 858 25.75 -2.04 8.49
C TYR A 858 25.52 -0.58 8.14
N GLN A 859 24.85 0.16 9.02
CA GLN A 859 24.56 1.54 8.69
C GLN A 859 25.87 2.31 8.54
N GLU A 860 26.86 2.01 9.39
CA GLU A 860 28.16 2.66 9.28
C GLU A 860 28.75 2.48 7.90
N VAL A 861 28.81 1.23 7.43
CA VAL A 861 29.42 0.98 6.12
C VAL A 861 28.69 1.70 4.97
N SER A 862 27.37 1.72 5.01
CA SER A 862 26.62 2.31 3.92
C SER A 862 26.82 3.81 3.85
N SER A 863 26.87 4.46 5.01
CA SER A 863 27.12 5.89 5.02
C SER A 863 28.50 6.18 4.45
N LYS A 864 29.51 5.39 4.85
CA LYS A 864 30.86 5.55 4.30
C LYS A 864 31.38 6.97 4.36
N GLY A 865 31.27 7.62 5.52
CA GLY A 865 31.68 9.01 5.65
C GLY A 865 30.56 9.99 5.46
N ALA A 866 29.39 9.53 5.00
CA ALA A 866 28.22 10.41 4.83
C ALA A 866 28.51 11.75 4.16
N GLY A 867 27.88 12.82 4.63
CA GLY A 867 28.11 14.14 4.06
C GLY A 867 28.06 15.31 5.03
N ALA A 868 29.15 16.08 5.12
CA ALA A 868 29.18 17.26 5.99
C ALA A 868 29.01 18.54 5.18
N TYR A 869 28.67 18.42 3.90
CA TYR A 869 28.51 19.57 3.02
C TYR A 869 27.36 20.47 3.43
N ALA A 870 26.40 19.93 4.16
CA ALA A 870 25.22 20.69 4.53
C ALA A 870 25.52 21.94 5.36
N PHE A 871 26.36 21.81 6.38
CA PHE A 871 26.71 22.99 7.18
C PHE A 871 27.33 24.01 6.25
N VAL A 872 28.23 23.57 5.39
CA VAL A 872 28.91 24.48 4.48
C VAL A 872 27.91 25.17 3.57
N LEU A 873 26.93 24.44 3.07
CA LEU A 873 25.88 25.03 2.23
C LEU A 873 25.08 26.04 3.00
N GLY A 874 24.81 25.74 4.26
CA GLY A 874 24.04 26.64 5.10
C GLY A 874 24.72 27.97 5.18
N MET A 875 26.05 27.94 5.29
CA MET A 875 26.81 29.18 5.35
C MET A 875 26.67 29.98 4.08
N ILE A 876 26.69 29.30 2.93
CA ILE A 876 26.57 29.99 1.67
C ILE A 876 25.23 30.70 1.60
N PHE A 877 24.18 30.01 2.01
CA PHE A 877 22.85 30.63 2.00
C PHE A 877 22.79 31.80 2.96
N VAL A 878 23.38 31.65 4.15
CA VAL A 878 23.38 32.74 5.13
C VAL A 878 24.16 33.92 4.57
N PHE A 879 25.26 33.63 3.88
CA PHE A 879 26.07 34.68 3.30
C PHE A 879 25.26 35.46 2.28
N LEU A 880 24.42 34.76 1.53
CA LEU A 880 23.69 35.43 0.49
C LEU A 880 22.44 36.11 1.01
N ILE A 881 21.75 35.51 1.97
CA ILE A 881 20.58 36.18 2.52
C ILE A 881 21.04 37.52 3.06
N LEU A 882 22.16 37.50 3.77
CA LEU A 882 22.69 38.73 4.34
C LEU A 882 23.11 39.73 3.28
N ALA A 883 23.69 39.24 2.20
CA ALA A 883 24.12 40.13 1.12
C ALA A 883 22.91 40.83 0.56
N ALA A 884 21.81 40.11 0.42
CA ALA A 884 20.60 40.75 -0.03
C ALA A 884 20.09 41.79 0.95
N GLN A 885 20.06 41.44 2.24
CA GLN A 885 19.58 42.38 3.25
C GLN A 885 20.48 43.57 3.42
N TYR A 886 21.77 43.33 3.55
CA TYR A 886 22.73 44.41 3.69
C TYR A 886 22.85 45.21 2.41
N GLU A 887 22.72 44.54 1.26
CA GLU A 887 22.92 45.17 -0.05
C GLU A 887 24.41 45.37 -0.29
N ARG A 888 25.23 44.79 0.58
CA ARG A 888 26.67 44.85 0.38
C ARG A 888 27.23 43.43 0.39
N TRP A 889 28.01 43.08 -0.62
CA TRP A 889 28.62 41.76 -0.66
C TRP A 889 29.62 41.53 0.46
N LEU A 890 30.45 42.52 0.75
CA LEU A 890 31.48 42.40 1.78
C LEU A 890 31.01 42.20 3.21
N MET A 891 29.93 42.85 3.59
CA MET A 891 29.45 42.81 4.99
C MET A 891 29.05 41.50 5.67
N PRO A 892 28.50 40.52 4.92
CA PRO A 892 28.05 39.34 5.67
C PRO A 892 29.19 38.45 6.08
N LEU A 893 30.39 38.70 5.59
CA LEU A 893 31.54 37.94 6.04
C LEU A 893 31.75 38.13 7.54
N ALA A 894 31.49 39.32 8.05
CA ALA A 894 31.68 39.59 9.48
C ALA A 894 30.81 38.69 10.36
N VAL A 895 29.56 38.46 9.96
CA VAL A 895 28.67 37.59 10.73
C VAL A 895 29.04 36.11 10.55
N ILE A 896 29.29 35.69 9.31
CA ILE A 896 29.67 34.30 9.06
C ILE A 896 30.96 33.97 9.84
N THR A 897 31.90 34.90 9.97
CA THR A 897 33.11 34.66 10.79
C THR A 897 32.83 34.51 12.30
N ALA A 898 31.72 35.05 12.79
CA ALA A 898 31.34 34.86 14.18
C ALA A 898 31.08 33.40 14.47
N VAL A 899 30.65 32.66 13.45
CA VAL A 899 30.38 31.22 13.61
C VAL A 899 31.51 30.42 14.28
N PRO A 900 32.77 30.58 13.80
CA PRO A 900 33.81 29.78 14.45
C PRO A 900 33.94 29.99 15.95
N PHE A 901 33.67 31.17 16.48
CA PHE A 901 33.88 31.36 17.91
C PHE A 901 33.02 30.40 18.71
N ALA A 902 31.75 30.25 18.32
CA ALA A 902 30.87 29.32 19.01
C ALA A 902 31.33 27.88 18.85
N VAL A 903 31.78 27.52 17.65
CA VAL A 903 32.21 26.15 17.41
C VAL A 903 33.44 25.84 18.24
N PHE A 904 34.35 26.80 18.35
CA PHE A 904 35.55 26.59 19.14
C PHE A 904 35.23 26.40 20.61
N GLY A 905 34.36 27.24 21.15
CA GLY A 905 34.06 27.14 22.55
C GLY A 905 33.42 25.81 22.85
N SER A 906 32.48 25.39 22.01
CA SER A 906 31.77 24.14 22.25
C SER A 906 32.69 22.94 22.10
N ILE A 907 33.46 22.89 21.02
CA ILE A 907 34.33 21.74 20.81
C ILE A 907 35.37 21.67 21.93
N LEU A 908 35.88 22.81 22.35
CA LEU A 908 36.85 22.80 23.44
C LEU A 908 36.20 22.27 24.69
N LEU A 909 34.99 22.70 24.99
CA LEU A 909 34.32 22.29 26.23
C LEU A 909 34.01 20.80 26.28
N VAL A 910 33.47 20.26 25.20
CA VAL A 910 33.20 18.83 25.17
C VAL A 910 34.49 18.05 25.26
N ALA A 911 35.56 18.53 24.61
CA ALA A 911 36.86 17.86 24.72
C ALA A 911 37.37 17.89 26.14
N LEU A 912 37.19 19.02 26.83
CA LEU A 912 37.63 19.12 28.22
C LEU A 912 36.88 18.15 29.10
N ARG A 913 35.57 18.04 28.91
CA ARG A 913 34.78 17.09 29.68
C ARG A 913 35.02 15.65 29.26
N GLY A 914 35.59 15.48 28.07
CA GLY A 914 35.83 14.15 27.56
C GLY A 914 34.64 13.58 26.82
N PHE A 915 33.58 14.37 26.71
CA PHE A 915 32.40 13.91 26.01
C PHE A 915 32.71 13.74 24.54
N ASP A 916 32.28 12.63 23.97
CA ASP A 916 32.53 12.37 22.56
C ASP A 916 31.71 13.22 21.61
N ASN A 917 32.22 13.48 20.42
CA ASN A 917 31.42 14.17 19.43
C ASN A 917 30.32 13.18 19.19
N ASP A 918 29.08 13.65 19.18
CA ASP A 918 27.95 12.74 19.05
C ASP A 918 26.78 13.45 18.41
N ILE A 919 25.70 12.73 18.12
CA ILE A 919 24.51 13.37 17.56
C ILE A 919 24.22 14.58 18.39
N TYR A 920 24.16 14.37 19.69
CA TYR A 920 23.79 15.46 20.58
C TYR A 920 24.69 16.67 20.41
N PHE A 921 26.00 16.46 20.27
CA PHE A 921 26.89 17.59 20.03
C PHE A 921 26.61 18.27 18.70
N GLN A 922 26.38 17.50 17.65
CA GLN A 922 26.16 18.08 16.33
C GLN A 922 24.87 18.88 16.32
N THR A 923 23.82 18.31 16.90
CA THR A 923 22.55 19.02 17.00
C THR A 923 22.75 20.29 17.82
N GLY A 924 23.39 20.17 18.98
CA GLY A 924 23.63 21.32 19.82
C GLY A 924 24.48 22.37 19.14
N LEU A 925 25.48 21.94 18.38
CA LEU A 925 26.32 22.87 17.65
C LEU A 925 25.50 23.65 16.64
N LEU A 926 24.51 23.01 16.03
CA LEU A 926 23.67 23.67 15.05
C LEU A 926 22.96 24.86 15.68
N LEU A 927 22.45 24.69 16.89
CA LEU A 927 21.79 25.80 17.57
C LEU A 927 22.78 26.93 17.75
N LEU A 928 23.99 26.60 18.20
CA LEU A 928 24.99 27.63 18.48
C LEU A 928 25.36 28.42 17.24
N ILE A 929 25.47 27.75 16.11
CA ILE A 929 25.87 28.43 14.89
C ILE A 929 24.86 29.50 14.50
N GLY A 930 23.57 29.19 14.59
CA GLY A 930 22.54 30.15 14.27
C GLY A 930 22.54 31.33 15.21
N LEU A 931 22.71 31.08 16.49
CA LEU A 931 22.75 32.15 17.48
C LEU A 931 23.92 33.07 17.30
N SER A 932 25.06 32.54 16.86
CA SER A 932 26.26 33.36 16.80
C SER A 932 26.08 34.22 15.58
N ALA A 933 25.17 33.84 14.72
CA ALA A 933 24.85 34.68 13.58
C ALA A 933 23.85 35.74 13.97
N LYS A 934 22.79 35.34 14.65
CA LYS A 934 21.72 36.27 14.97
C LYS A 934 22.21 37.45 15.80
N ASN A 935 23.04 37.18 16.79
CA ASN A 935 23.54 38.24 17.62
C ASN A 935 24.34 39.20 16.76
N ALA A 936 25.19 38.63 15.92
CA ALA A 936 26.02 39.46 15.05
C ALA A 936 25.22 40.26 14.04
N ILE A 937 24.26 39.64 13.38
CA ILE A 937 23.46 40.32 12.37
C ILE A 937 22.91 41.58 12.96
N LEU A 938 22.32 41.48 14.15
CA LEU A 938 21.69 42.64 14.74
C LEU A 938 22.68 43.76 15.02
N ILE A 939 23.84 43.41 15.55
CA ILE A 939 24.89 44.41 15.78
C ILE A 939 25.20 45.08 14.46
N ILE A 940 25.57 44.30 13.44
CA ILE A 940 25.98 44.87 12.16
C ILE A 940 24.87 45.66 11.49
N GLU A 941 23.65 45.14 11.50
CA GLU A 941 22.53 45.84 10.88
C GLU A 941 22.28 47.16 11.60
N PHE A 942 22.32 47.16 12.91
CA PHE A 942 22.16 48.41 13.64
C PHE A 942 23.30 49.35 13.32
N ALA A 943 24.51 48.81 13.20
CA ALA A 943 25.65 49.64 12.88
C ALA A 943 25.44 50.25 11.51
N MET A 944 24.95 49.46 10.55
CA MET A 944 24.73 49.97 9.21
C MET A 944 23.68 51.06 9.24
N GLU A 945 22.59 50.83 9.95
CA GLU A 945 21.51 51.80 9.94
C GLU A 945 21.98 53.09 10.52
N GLU A 946 22.62 53.01 11.69
CA GLU A 946 23.09 54.21 12.35
C GLU A 946 24.14 54.93 11.53
N ARG A 947 25.09 54.17 10.97
CA ARG A 947 26.16 54.78 10.19
C ARG A 947 25.67 55.48 8.95
N LEU A 948 24.63 54.95 8.31
CA LEU A 948 24.23 55.54 7.04
C LEU A 948 23.43 56.82 7.26
N LYS A 949 22.54 56.84 8.26
CA LYS A 949 21.81 58.09 8.57
C LYS A 949 22.69 59.14 9.23
N LYS A 950 23.50 58.76 10.19
CA LYS A 950 24.41 59.68 10.88
C LYS A 950 25.60 60.15 10.06
N GLY A 951 26.17 59.26 9.26
CA GLY A 951 27.36 59.61 8.52
C GLY A 951 28.55 59.52 9.45
N LYS A 952 28.37 58.85 10.58
CA LYS A 952 29.46 58.79 11.57
C LYS A 952 30.65 57.94 11.17
N SER A 953 31.68 57.96 12.00
CA SER A 953 32.91 57.24 11.67
C SER A 953 32.75 55.75 11.86
N ILE A 954 33.60 54.97 11.22
CA ILE A 954 33.47 53.52 11.27
C ILE A 954 33.53 53.00 12.69
N PHE A 955 34.40 53.60 13.50
CA PHE A 955 34.52 53.18 14.89
C PHE A 955 33.28 53.56 15.67
N GLU A 956 32.82 54.79 15.52
CA GLU A 956 31.68 55.27 16.29
C GLU A 956 30.44 54.42 16.04
N ALA A 957 30.18 54.07 14.78
CA ALA A 957 29.03 53.25 14.45
C ALA A 957 29.16 51.90 15.08
N ALA A 958 30.37 51.35 15.03
CA ALA A 958 30.60 50.05 15.61
C ALA A 958 30.36 50.09 17.10
N ILE A 959 30.76 51.16 17.77
CA ILE A 959 30.66 51.17 19.22
C ILE A 959 29.34 51.70 19.78
N ASN A 960 28.54 52.36 18.96
CA ASN A 960 27.25 52.85 19.43
C ASN A 960 26.20 51.77 19.27
N ALA A 961 26.14 51.19 18.07
CA ALA A 961 25.21 50.08 17.82
C ALA A 961 25.48 48.95 18.78
N ALA A 962 26.76 48.56 18.90
CA ALA A 962 27.12 47.46 19.77
C ALA A 962 26.75 47.76 21.21
N LYS A 963 26.87 49.03 21.60
CA LYS A 963 26.52 49.40 22.95
C LYS A 963 25.04 49.18 23.19
N LEU A 964 24.23 49.58 22.21
CA LEU A 964 22.80 49.37 22.32
C LEU A 964 22.54 47.87 22.33
N ARG A 965 23.25 47.15 21.47
CA ARG A 965 23.07 45.70 21.37
C ARG A 965 23.52 44.93 22.58
N PHE A 966 24.44 45.49 23.37
CA PHE A 966 25.01 44.72 24.47
C PHE A 966 23.95 44.24 25.44
N ARG A 967 22.97 45.08 25.75
CA ARG A 967 21.90 44.63 26.63
C ARG A 967 21.08 43.46 26.04
N PRO A 968 20.42 43.63 24.85
CA PRO A 968 19.67 42.46 24.38
C PRO A 968 20.52 41.21 24.20
N ILE A 969 21.72 41.35 23.65
CA ILE A 969 22.51 40.15 23.38
C ILE A 969 22.87 39.40 24.64
N ILE A 970 23.30 40.13 25.67
CA ILE A 970 23.62 39.47 26.92
C ILE A 970 22.38 38.81 27.47
N MET A 971 21.23 39.46 27.28
CA MET A 971 20.01 38.92 27.83
C MET A 971 19.72 37.56 27.20
N THR A 972 19.92 37.46 25.89
CA THR A 972 19.71 36.18 25.23
C THR A 972 20.75 35.20 25.72
N SER A 973 21.97 35.66 25.90
CA SER A 973 23.04 34.77 26.32
C SER A 973 22.75 34.22 27.70
N LEU A 974 22.32 35.08 28.60
CA LEU A 974 21.96 34.64 29.94
C LEU A 974 20.76 33.71 29.90
N ALA A 975 19.78 34.04 29.07
CA ALA A 975 18.60 33.22 28.98
C ALA A 975 18.99 31.82 28.50
N PHE A 976 19.81 31.75 27.46
CA PHE A 976 20.26 30.46 26.98
C PHE A 976 21.14 29.73 27.97
N THR A 977 22.07 30.43 28.58
CA THR A 977 23.00 29.80 29.50
C THR A 977 22.27 29.24 30.69
N PHE A 978 21.31 30.02 31.22
CA PHE A 978 20.63 29.57 32.42
C PHE A 978 19.57 28.60 31.98
N GLY A 979 19.20 28.65 30.71
CA GLY A 979 18.25 27.68 30.21
C GLY A 979 18.84 26.31 29.96
N VAL A 980 20.16 26.21 29.95
CA VAL A 980 20.83 24.94 29.70
C VAL A 980 21.70 24.53 30.88
N LEU A 981 21.47 25.16 32.03
CA LEU A 981 22.24 24.82 33.22
C LEU A 981 21.65 23.57 33.87
N PRO A 982 20.29 23.44 33.92
CA PRO A 982 19.81 22.15 34.45
C PRO A 982 20.43 20.98 33.74
N MET A 983 20.66 21.11 32.44
CA MET A 983 21.18 20.01 31.63
C MET A 983 22.56 19.58 32.04
N ILE A 984 23.32 20.48 32.65
CA ILE A 984 24.69 20.16 33.00
C ILE A 984 24.67 19.34 34.28
N PHE A 985 23.66 19.58 35.12
CA PHE A 985 23.60 18.87 36.40
C PHE A 985 22.49 17.83 36.44
N ALA A 986 21.88 17.52 35.32
CA ALA A 986 20.75 16.60 35.32
C ALA A 986 21.04 15.15 35.63
N THR A 987 20.22 14.57 36.50
CA THR A 987 20.41 13.19 36.92
C THR A 987 19.09 12.47 36.72
N GLY A 988 19.10 11.15 36.66
CA GLY A 988 17.90 10.41 36.38
C GLY A 988 18.04 9.82 34.98
N ALA A 989 16.95 9.35 34.41
CA ALA A 989 17.00 8.73 33.09
C ALA A 989 17.35 9.72 32.01
N GLY A 990 18.31 9.35 31.16
CA GLY A 990 18.74 10.25 30.11
C GLY A 990 19.75 11.28 30.57
N SER A 991 20.33 11.08 31.74
CA SER A 991 21.26 12.06 32.28
C SER A 991 22.49 12.26 31.41
N ALA A 992 23.09 11.16 30.96
CA ALA A 992 24.30 11.26 30.15
C ALA A 992 24.02 12.07 28.91
N SER A 993 22.87 11.84 28.30
CA SER A 993 22.53 12.54 27.08
C SER A 993 22.38 14.03 27.32
N ARG A 994 21.74 14.37 28.43
CA ARG A 994 21.56 15.77 28.75
C ARG A 994 22.90 16.44 29.02
N HIS A 995 23.80 15.76 29.70
CA HIS A 995 25.12 16.31 29.92
C HIS A 995 25.84 16.52 28.59
N SER A 996 25.73 15.57 27.68
CA SER A 996 26.54 15.71 26.47
C SER A 996 25.94 16.73 25.53
N LEU A 997 24.62 16.75 25.36
CA LEU A 997 24.04 17.84 24.57
C LEU A 997 24.27 19.16 25.27
N GLY A 998 24.08 19.19 26.58
CA GLY A 998 24.23 20.41 27.36
C GLY A 998 25.59 21.05 27.42
N THR A 999 26.64 20.24 27.54
CA THR A 999 27.98 20.80 27.68
C THR A 999 28.41 21.64 26.49
N GLY A 1000 28.19 21.12 25.29
CA GLY A 1000 28.57 21.87 24.11
C GLY A 1000 27.85 23.19 24.12
N LEU A 1001 26.56 23.19 24.35
CA LEU A 1001 25.82 24.45 24.28
C LEU A 1001 26.35 25.48 25.27
N ILE A 1002 26.64 25.08 26.50
CA ILE A 1002 27.12 26.04 27.49
C ILE A 1002 28.43 26.66 27.05
N GLY A 1003 29.37 25.83 26.62
CA GLY A 1003 30.67 26.32 26.18
C GLY A 1003 30.54 27.24 24.99
N GLY A 1004 29.69 26.87 24.05
CA GLY A 1004 29.47 27.71 22.89
C GLY A 1004 28.88 29.06 23.24
N MET A 1005 27.91 29.07 24.16
CA MET A 1005 27.32 30.32 24.60
C MET A 1005 28.35 31.20 25.27
N ILE A 1006 29.23 30.60 26.06
CA ILE A 1006 30.28 31.37 26.73
C ILE A 1006 31.17 32.10 25.73
N ALA A 1007 31.67 31.37 24.74
CA ALA A 1007 32.54 31.99 23.77
C ALA A 1007 31.81 33.07 22.98
N ALA A 1008 30.58 32.81 22.58
CA ALA A 1008 29.80 33.81 21.87
C ALA A 1008 29.53 35.03 22.73
N SER A 1009 29.21 34.79 23.99
CA SER A 1009 28.94 35.88 24.90
C SER A 1009 30.15 36.75 25.09
N THR A 1010 31.34 36.14 25.14
CA THR A 1010 32.53 36.93 25.41
C THR A 1010 33.33 37.30 24.18
N LEU A 1011 34.01 36.35 23.56
CA LEU A 1011 34.90 36.72 22.47
C LEU A 1011 34.17 37.18 21.21
N ALA A 1012 33.09 36.52 20.82
CA ALA A 1012 32.43 36.90 19.59
C ALA A 1012 31.88 38.32 19.63
N ILE A 1013 31.29 38.74 20.75
CA ILE A 1013 30.69 40.06 20.79
C ILE A 1013 31.72 41.16 20.59
N PHE A 1014 32.89 41.04 21.18
CA PHE A 1014 33.95 42.00 20.94
C PHE A 1014 34.47 41.91 19.51
N PHE A 1015 34.65 40.70 18.98
CA PHE A 1015 35.29 40.53 17.67
C PHE A 1015 34.45 40.78 16.42
N VAL A 1016 33.14 40.55 16.44
CA VAL A 1016 32.37 40.88 15.25
C VAL A 1016 32.53 42.38 14.91
N PRO A 1017 32.50 43.27 15.93
CA PRO A 1017 32.79 44.67 15.62
C PRO A 1017 34.19 44.85 15.04
N LEU A 1018 35.17 44.10 15.51
CA LEU A 1018 36.50 44.20 14.92
C LEU A 1018 36.49 43.84 13.44
N PHE A 1019 35.85 42.73 13.09
CA PHE A 1019 35.73 42.36 11.69
C PHE A 1019 35.04 43.48 10.96
N PHE A 1020 33.92 43.98 11.48
CA PHE A 1020 33.17 45.02 10.81
C PHE A 1020 34.01 46.25 10.59
N TYR A 1021 34.85 46.60 11.56
CA TYR A 1021 35.68 47.79 11.42
C TYR A 1021 36.63 47.62 10.25
N LEU A 1022 37.25 46.45 10.15
CA LEU A 1022 38.12 46.19 9.00
C LEU A 1022 37.32 46.14 7.70
N LEU A 1023 36.15 45.49 7.72
CA LEU A 1023 35.39 45.33 6.49
C LEU A 1023 34.88 46.64 5.94
N GLU A 1024 34.46 47.54 6.81
CA GLU A 1024 34.04 48.85 6.34
C GLU A 1024 35.23 49.56 5.74
N ASN A 1025 36.38 49.44 6.38
CA ASN A 1025 37.58 50.09 5.88
C ASN A 1025 37.98 49.55 4.52
N PHE A 1026 37.85 48.24 4.34
CA PHE A 1026 38.23 47.62 3.07
C PHE A 1026 37.40 48.21 1.95
N ASN A 1027 36.12 48.41 2.21
CA ASN A 1027 35.23 48.97 1.20
C ASN A 1027 35.68 50.36 0.81
N GLU A 1028 36.09 51.15 1.80
CA GLU A 1028 36.58 52.50 1.51
C GLU A 1028 37.84 52.46 0.65
N TRP A 1029 38.73 51.51 0.92
CA TRP A 1029 39.92 51.37 0.09
C TRP A 1029 39.53 51.03 -1.35
N LEU A 1030 38.54 50.15 -1.53
CA LEU A 1030 38.04 49.83 -2.87
C LEU A 1030 37.42 51.04 -3.51
N ASP A 1031 36.71 51.86 -2.74
CA ASP A 1031 36.08 53.06 -3.27
C ASP A 1031 37.17 53.98 -3.80
N LYS A 1032 38.30 54.04 -3.10
CA LYS A 1032 39.42 54.83 -3.58
C LYS A 1032 40.16 54.08 -4.68
N MET B 1 5.24 48.54 -8.46
CA MET B 1 6.64 48.62 -8.82
C MET B 1 7.39 47.35 -8.43
N PHE B 2 6.87 46.21 -8.88
CA PHE B 2 7.50 44.93 -8.55
C PHE B 2 8.90 44.85 -9.12
N SER B 3 9.07 45.37 -10.32
CA SER B 3 10.35 45.21 -10.97
C SER B 3 11.30 46.30 -10.52
N LYS B 4 10.78 47.49 -10.23
CA LYS B 4 11.68 48.57 -9.85
C LYS B 4 12.33 48.32 -8.51
N PHE B 5 11.65 47.62 -7.60
CA PHE B 5 12.26 47.27 -6.33
C PHE B 5 13.58 46.63 -6.66
N PHE B 6 13.55 45.62 -7.51
CA PHE B 6 14.76 44.93 -7.90
C PHE B 6 15.77 45.78 -8.66
N ILE B 7 15.30 46.66 -9.52
CA ILE B 7 16.20 47.52 -10.27
C ILE B 7 16.98 48.39 -9.28
N GLU B 8 16.29 48.91 -8.27
CA GLU B 8 16.96 49.73 -7.26
C GLU B 8 17.99 48.93 -6.48
N ARG B 9 17.65 47.68 -6.17
CA ARG B 9 18.55 46.83 -5.38
C ARG B 9 19.17 45.73 -6.21
N PRO B 10 20.32 45.99 -6.89
CA PRO B 10 20.79 44.90 -7.76
C PRO B 10 21.25 43.64 -7.03
N ILE B 11 21.83 43.78 -5.85
CA ILE B 11 22.35 42.63 -5.13
C ILE B 11 21.24 41.66 -4.77
N PHE B 12 20.09 42.19 -4.41
CA PHE B 12 18.97 41.34 -4.01
C PHE B 12 18.58 40.45 -5.17
N ALA B 13 18.50 41.04 -6.36
CA ALA B 13 18.13 40.27 -7.53
C ALA B 13 19.16 39.20 -7.84
N SER B 14 20.43 39.55 -7.76
CA SER B 14 21.48 38.59 -8.03
C SER B 14 21.46 37.46 -7.02
N VAL B 15 21.21 37.79 -5.76
CA VAL B 15 21.19 36.77 -4.71
C VAL B 15 20.09 35.75 -4.96
N VAL B 16 18.91 36.21 -5.36
CA VAL B 16 17.82 35.29 -5.61
C VAL B 16 18.19 34.36 -6.75
N ALA B 17 18.79 34.93 -7.80
CA ALA B 17 19.20 34.11 -8.94
C ALA B 17 20.23 33.07 -8.55
N ILE B 18 21.20 33.45 -7.72
CA ILE B 18 22.20 32.51 -7.25
C ILE B 18 21.58 31.39 -6.43
N ILE B 19 20.59 31.73 -5.61
CA ILE B 19 19.99 30.71 -4.74
C ILE B 19 19.28 29.72 -5.64
N ILE B 20 18.64 30.22 -6.69
CA ILE B 20 17.91 29.36 -7.62
C ILE B 20 18.90 28.49 -8.37
N SER B 21 20.04 29.04 -8.71
CA SER B 21 21.05 28.26 -9.41
C SER B 21 21.65 27.21 -8.49
N ILE B 22 21.94 27.59 -7.25
CA ILE B 22 22.52 26.64 -6.29
C ILE B 22 21.58 25.49 -6.00
N ALA B 23 20.30 25.75 -5.89
CA ALA B 23 19.40 24.68 -5.50
C ALA B 23 19.18 23.79 -6.69
N GLY B 24 19.38 24.32 -7.88
CA GLY B 24 19.31 23.49 -9.06
C GLY B 24 20.46 22.53 -9.21
N ILE B 25 21.66 22.98 -8.91
CA ILE B 25 22.83 22.12 -9.02
C ILE B 25 22.63 20.92 -8.11
N ILE B 26 22.22 21.17 -6.87
CA ILE B 26 22.01 20.09 -5.93
C ILE B 26 20.93 19.16 -6.45
N GLY B 27 19.84 19.73 -6.94
CA GLY B 27 18.74 18.93 -7.46
C GLY B 27 19.19 18.04 -8.60
N LEU B 28 19.98 18.61 -9.52
CA LEU B 28 20.44 17.84 -10.67
C LEU B 28 21.30 16.68 -10.24
N ALA B 29 22.19 16.90 -9.28
CA ALA B 29 23.05 15.83 -8.81
C ALA B 29 22.21 14.74 -8.16
N ASN B 30 21.23 15.12 -7.38
CA ASN B 30 20.35 14.16 -6.74
C ASN B 30 19.50 13.36 -7.71
N LEU B 31 19.00 14.01 -8.76
CA LEU B 31 18.09 13.33 -9.69
C LEU B 31 18.68 12.15 -10.44
N PRO B 32 17.91 11.05 -10.54
CA PRO B 32 18.36 9.89 -11.30
C PRO B 32 18.33 10.11 -12.80
N VAL B 33 19.15 9.39 -13.55
CA VAL B 33 19.14 9.50 -15.02
C VAL B 33 18.58 8.23 -15.65
N GLU B 34 17.49 8.36 -16.41
CA GLU B 34 16.86 7.20 -17.05
C GLU B 34 16.66 7.50 -18.51
N GLN B 35 16.62 6.50 -19.38
CA GLN B 35 16.32 6.77 -20.78
C GLN B 35 14.92 7.30 -21.00
N TYR B 36 13.94 6.66 -20.37
CA TYR B 36 12.54 7.05 -20.58
C TYR B 36 11.77 6.96 -19.28
N PRO B 37 10.67 7.70 -19.17
CA PRO B 37 9.96 7.73 -17.88
C PRO B 37 8.98 6.62 -17.58
N SER B 38 9.43 5.40 -17.32
CA SER B 38 8.52 4.31 -16.91
C SER B 38 7.32 4.12 -17.79
N LEU B 39 7.55 4.05 -19.09
CA LEU B 39 6.45 3.89 -20.05
C LEU B 39 5.97 2.44 -20.14
N THR B 40 6.63 1.51 -19.48
CA THR B 40 6.22 0.10 -19.44
C THR B 40 4.92 -0.28 -18.67
N PRO B 41 3.92 -1.00 -19.30
CA PRO B 41 2.77 -1.48 -18.54
C PRO B 41 3.24 -2.42 -17.45
N PRO B 42 2.85 -2.19 -16.16
CA PRO B 42 3.32 -3.17 -15.18
C PRO B 42 2.74 -4.55 -15.41
N THR B 43 3.48 -5.61 -15.08
CA THR B 43 3.00 -6.96 -15.32
C THR B 43 3.12 -7.87 -14.12
N VAL B 44 2.17 -8.78 -13.95
CA VAL B 44 2.22 -9.74 -12.87
C VAL B 44 2.09 -11.12 -13.51
N GLN B 45 2.92 -12.07 -13.13
CA GLN B 45 2.88 -13.36 -13.78
C GLN B 45 2.31 -14.46 -12.91
N VAL B 46 1.23 -15.07 -13.35
CA VAL B 46 0.66 -16.19 -12.63
C VAL B 46 1.12 -17.50 -13.26
N SER B 47 1.71 -18.39 -12.48
CA SER B 47 2.15 -19.67 -12.99
C SER B 47 1.52 -20.86 -12.28
N ALA B 48 0.91 -21.77 -13.04
CA ALA B 48 0.29 -22.95 -12.44
C ALA B 48 0.72 -24.21 -13.18
N THR B 49 1.00 -25.28 -12.45
CA THR B 49 1.49 -26.50 -13.07
C THR B 49 0.57 -27.69 -12.92
N TYR B 50 0.19 -28.35 -13.96
CA TYR B 50 -0.63 -29.55 -13.88
C TYR B 50 0.24 -30.55 -14.56
N THR B 51 0.88 -31.41 -13.84
CA THR B 51 1.86 -32.33 -14.43
C THR B 51 1.26 -33.32 -15.39
N GLY B 52 1.92 -33.51 -16.53
CA GLY B 52 1.49 -34.51 -17.48
C GLY B 52 0.36 -34.14 -18.41
N ALA B 53 -0.13 -32.92 -18.33
CA ALA B 53 -1.25 -32.52 -19.16
C ALA B 53 -0.79 -31.94 -20.49
N ASP B 54 -1.57 -32.17 -21.55
CA ASP B 54 -1.21 -31.63 -22.85
C ASP B 54 -1.55 -30.16 -22.87
N ALA B 55 -1.01 -29.42 -23.81
CA ALA B 55 -1.21 -27.98 -23.82
C ALA B 55 -2.66 -27.55 -23.94
N GLN B 56 -3.41 -28.21 -24.80
CA GLN B 56 -4.83 -27.89 -24.96
C GLN B 56 -5.61 -28.14 -23.68
N THR B 57 -5.31 -29.24 -23.00
CA THR B 57 -5.96 -29.52 -21.73
C THR B 57 -5.62 -28.42 -20.72
N ILE B 58 -4.35 -28.06 -20.62
CA ILE B 58 -3.95 -27.02 -19.68
C ILE B 58 -4.72 -25.75 -19.93
N ALA B 59 -4.94 -25.41 -21.20
CA ALA B 59 -5.66 -24.18 -21.53
C ALA B 59 -7.10 -24.17 -21.06
N SER B 60 -7.79 -25.30 -21.14
CA SER B 60 -9.22 -25.34 -20.80
C SER B 60 -9.45 -25.69 -19.35
N THR B 61 -8.73 -26.71 -18.90
CA THR B 61 -8.86 -27.07 -17.50
C THR B 61 -8.13 -26.13 -16.55
N VAL B 62 -6.97 -25.58 -16.92
CA VAL B 62 -6.35 -24.73 -15.90
C VAL B 62 -6.28 -23.25 -16.29
N ALA B 63 -5.83 -22.91 -17.49
CA ALA B 63 -5.70 -21.49 -17.84
C ALA B 63 -7.00 -20.70 -17.84
N THR B 64 -8.08 -21.28 -18.37
CA THR B 64 -9.35 -20.58 -18.42
C THR B 64 -9.93 -20.24 -17.04
N PRO B 65 -9.90 -21.18 -16.09
CA PRO B 65 -10.43 -20.75 -14.79
C PRO B 65 -9.63 -19.62 -14.15
N ILE B 66 -8.31 -19.71 -14.18
CA ILE B 66 -7.47 -18.67 -13.59
C ILE B 66 -7.72 -17.36 -14.31
N GLU B 67 -7.84 -17.41 -15.63
CA GLU B 67 -8.02 -16.20 -16.42
C GLU B 67 -9.31 -15.47 -16.11
N ASP B 68 -10.39 -16.19 -15.81
CA ASP B 68 -11.67 -15.52 -15.62
C ASP B 68 -11.76 -14.94 -14.24
N ALA B 69 -10.96 -15.44 -13.31
CA ALA B 69 -10.89 -14.86 -11.97
C ALA B 69 -10.05 -13.61 -12.00
N ILE B 70 -8.93 -13.67 -12.69
CA ILE B 70 -8.08 -12.49 -12.82
C ILE B 70 -8.79 -11.40 -13.60
N ASN B 71 -9.59 -11.77 -14.59
CA ASN B 71 -10.24 -10.77 -15.41
C ASN B 71 -11.01 -9.91 -14.46
N GLY B 72 -11.02 -8.60 -14.69
CA GLY B 72 -11.64 -7.69 -13.75
C GLY B 72 -10.74 -7.10 -12.65
N VAL B 73 -9.42 -7.25 -12.74
CA VAL B 73 -8.54 -6.62 -11.77
C VAL B 73 -8.48 -5.16 -12.18
N ASP B 74 -8.49 -4.25 -11.21
CA ASP B 74 -8.52 -2.85 -11.55
C ASP B 74 -7.28 -2.47 -12.34
N ASN B 75 -7.43 -1.54 -13.28
CA ASN B 75 -6.31 -1.12 -14.12
C ASN B 75 -5.57 -2.22 -14.86
N MET B 76 -6.28 -3.18 -15.42
CA MET B 76 -5.65 -4.24 -16.22
C MET B 76 -5.91 -3.93 -17.67
N ILE B 77 -4.89 -3.92 -18.50
CA ILE B 77 -5.15 -3.73 -19.92
C ILE B 77 -5.31 -5.04 -20.70
N TYR B 78 -4.36 -5.96 -20.61
CA TYR B 78 -4.52 -7.24 -21.29
C TYR B 78 -3.85 -8.41 -20.59
N MET B 79 -4.34 -9.62 -20.83
CA MET B 79 -3.71 -10.80 -20.25
C MET B 79 -3.46 -11.88 -21.30
N ASP B 80 -2.26 -12.46 -21.32
CA ASP B 80 -1.97 -13.54 -22.25
C ASP B 80 -1.50 -14.76 -21.51
N SER B 81 -2.01 -15.93 -21.88
CA SER B 81 -1.69 -17.14 -21.15
C SER B 81 -1.15 -18.19 -22.10
N THR B 82 0.13 -18.53 -21.94
CA THR B 82 0.68 -19.57 -22.80
C THR B 82 0.78 -20.87 -22.03
N SER B 83 0.11 -21.90 -22.51
CA SER B 83 0.11 -23.18 -21.83
C SER B 83 1.07 -24.12 -22.53
N SER B 84 2.21 -24.40 -21.91
CA SER B 84 3.19 -25.30 -22.50
C SER B 84 2.81 -26.71 -22.05
N PRO B 85 3.59 -27.75 -22.45
CA PRO B 85 3.07 -29.02 -21.94
C PRO B 85 3.41 -29.12 -20.47
N GLY B 86 2.39 -29.21 -19.62
CA GLY B 86 2.66 -29.26 -18.19
C GLY B 86 2.58 -27.95 -17.44
N GLN B 87 2.98 -26.85 -18.07
CA GLN B 87 3.01 -25.58 -17.36
C GLN B 87 2.16 -24.49 -17.96
N MET B 88 1.51 -23.69 -17.14
CA MET B 88 0.76 -22.54 -17.67
C MET B 88 1.33 -21.27 -17.11
N LYS B 89 1.68 -20.32 -17.99
CA LYS B 89 2.15 -19.02 -17.52
C LYS B 89 1.23 -17.96 -18.06
N LEU B 90 0.65 -17.17 -17.18
CA LEU B 90 -0.27 -16.12 -17.59
C LEU B 90 0.31 -14.83 -17.12
N THR B 91 0.46 -13.86 -18.01
CA THR B 91 0.94 -12.58 -17.57
C THR B 91 -0.12 -11.52 -17.72
N VAL B 92 -0.41 -10.83 -16.63
CA VAL B 92 -1.45 -9.84 -16.66
C VAL B 92 -0.78 -8.50 -16.74
N TYR B 93 -1.08 -7.72 -17.77
CA TYR B 93 -0.43 -6.46 -17.96
C TYR B 93 -1.35 -5.38 -17.48
N PHE B 94 -0.82 -4.44 -16.71
CA PHE B 94 -1.65 -3.41 -16.14
C PHE B 94 -1.41 -2.07 -16.77
N ASN B 95 -2.35 -1.14 -16.61
CA ASN B 95 -2.25 0.17 -17.22
C ASN B 95 -0.99 0.87 -16.78
N ILE B 96 -0.40 1.69 -17.65
CA ILE B 96 0.85 2.31 -17.31
C ILE B 96 0.65 3.20 -16.10
N GLY B 97 1.57 3.14 -15.14
CA GLY B 97 1.41 3.91 -13.92
C GLY B 97 0.78 3.21 -12.73
N THR B 98 0.33 1.97 -12.92
CA THR B 98 -0.29 1.21 -11.83
C THR B 98 0.85 0.74 -10.94
N ASP B 99 0.64 0.77 -9.62
CA ASP B 99 1.67 0.25 -8.74
C ASP B 99 1.80 -1.23 -9.03
N PRO B 100 3.04 -1.73 -9.27
CA PRO B 100 3.07 -3.16 -9.53
C PRO B 100 2.81 -3.96 -8.27
N ASP B 101 3.18 -3.41 -7.13
CA ASP B 101 2.95 -4.07 -5.85
C ASP B 101 1.48 -4.25 -5.52
N GLN B 102 0.65 -3.27 -5.84
CA GLN B 102 -0.76 -3.36 -5.47
C GLN B 102 -1.46 -4.18 -6.50
N ALA B 103 -0.98 -4.16 -7.73
CA ALA B 103 -1.56 -5.00 -8.75
C ALA B 103 -1.38 -6.46 -8.38
N ALA B 104 -0.23 -6.83 -7.87
CA ALA B 104 0.04 -8.21 -7.45
C ALA B 104 -0.93 -8.68 -6.38
N ILE B 105 -1.25 -7.81 -5.43
CA ILE B 105 -2.16 -8.16 -4.34
C ILE B 105 -3.52 -8.44 -4.89
N ASP B 106 -3.94 -7.67 -5.86
CA ASP B 106 -5.27 -7.82 -6.41
C ASP B 106 -5.38 -9.05 -7.28
N VAL B 107 -4.29 -9.51 -7.85
CA VAL B 107 -4.33 -10.75 -8.60
C VAL B 107 -4.34 -11.93 -7.65
N ASN B 108 -3.50 -11.87 -6.62
CA ASN B 108 -3.42 -12.97 -5.68
C ASN B 108 -4.73 -13.13 -4.95
N ASN B 109 -5.36 -12.03 -4.56
CA ASN B 109 -6.64 -12.09 -3.87
C ASN B 109 -7.73 -12.69 -4.74
N ARG B 110 -7.75 -12.34 -6.01
CA ARG B 110 -8.76 -12.89 -6.91
C ARG B 110 -8.58 -14.37 -7.14
N ILE B 111 -7.33 -14.81 -7.30
CA ILE B 111 -7.07 -16.23 -7.46
C ILE B 111 -7.49 -17.01 -6.23
N SER B 112 -7.22 -16.45 -5.05
CA SER B 112 -7.57 -17.13 -3.81
C SER B 112 -9.07 -17.31 -3.70
N ALA B 113 -9.85 -16.33 -4.13
CA ALA B 113 -11.29 -16.45 -4.08
C ALA B 113 -11.78 -17.59 -4.96
N ALA B 114 -11.18 -17.74 -6.14
CA ALA B 114 -11.55 -18.87 -6.98
C ALA B 114 -10.76 -20.13 -6.69
N THR B 115 -10.79 -20.61 -5.45
CA THR B 115 -10.12 -21.86 -5.12
C THR B 115 -10.75 -23.05 -5.80
N ALA B 116 -12.08 -23.15 -5.73
CA ALA B 116 -12.82 -24.27 -6.29
C ALA B 116 -12.67 -24.50 -7.78
N LYS B 117 -12.80 -23.45 -8.57
CA LYS B 117 -12.74 -23.58 -10.03
C LYS B 117 -11.52 -24.35 -10.48
N LEU B 118 -10.40 -24.17 -9.78
CA LEU B 118 -9.19 -24.91 -10.11
C LEU B 118 -9.23 -26.41 -9.89
N PRO B 119 -8.59 -27.17 -10.79
CA PRO B 119 -8.51 -28.62 -10.59
C PRO B 119 -7.61 -28.96 -9.41
N GLU B 120 -7.79 -30.12 -8.82
CA GLU B 120 -7.02 -30.47 -7.63
C GLU B 120 -5.51 -30.51 -7.85
N ALA B 121 -5.07 -31.00 -9.00
CA ALA B 121 -3.63 -31.16 -9.18
C ALA B 121 -2.91 -29.83 -9.19
N VAL B 122 -3.53 -28.80 -9.74
CA VAL B 122 -2.92 -27.48 -9.67
C VAL B 122 -2.86 -26.98 -8.23
N LYS B 123 -3.90 -27.25 -7.45
CA LYS B 123 -3.93 -26.79 -6.07
C LYS B 123 -2.80 -27.43 -5.28
N LYS B 124 -2.57 -28.72 -5.51
CA LYS B 124 -1.56 -29.41 -4.74
C LYS B 124 -0.20 -28.79 -5.00
N LEU B 125 0.10 -28.54 -6.27
CA LEU B 125 1.35 -27.87 -6.61
C LEU B 125 1.36 -26.42 -6.13
N GLY B 126 0.22 -25.75 -6.23
CA GLY B 126 0.12 -24.35 -5.86
C GLY B 126 0.18 -23.42 -7.06
N VAL B 127 -0.37 -22.23 -6.93
CA VAL B 127 -0.37 -21.29 -8.04
C VAL B 127 0.52 -20.16 -7.57
N THR B 128 1.39 -19.63 -8.43
CA THR B 128 2.32 -18.61 -7.99
C THR B 128 2.06 -17.27 -8.65
N VAL B 129 1.85 -16.24 -7.85
CA VAL B 129 1.63 -14.91 -8.39
C VAL B 129 2.79 -14.03 -8.00
N ARG B 130 3.58 -13.57 -8.96
CA ARG B 130 4.74 -12.76 -8.66
C ARG B 130 4.91 -11.66 -9.69
N LYS B 131 5.34 -10.48 -9.26
CA LYS B 131 5.55 -9.37 -10.18
C LYS B 131 6.65 -9.76 -11.15
N SER B 132 6.46 -9.45 -12.42
CA SER B 132 7.44 -9.83 -13.41
C SER B 132 7.75 -8.69 -14.35
N SER B 133 8.97 -8.63 -14.87
CA SER B 133 9.30 -7.62 -15.87
C SER B 133 10.02 -8.30 -17.01
N SER B 134 9.67 -7.96 -18.23
CA SER B 134 10.28 -8.59 -19.39
C SER B 134 11.54 -7.90 -19.87
N THR B 135 11.84 -6.72 -19.34
CA THR B 135 12.99 -5.98 -19.83
C THR B 135 14.24 -6.76 -19.55
N ILE B 136 15.14 -6.88 -20.53
CA ILE B 136 16.39 -7.53 -20.26
C ILE B 136 17.38 -6.41 -20.14
N LEU B 137 17.83 -6.11 -18.92
CA LEU B 137 18.84 -5.09 -18.75
C LEU B 137 20.13 -5.52 -19.41
N GLU B 138 20.53 -6.77 -19.21
CA GLU B 138 21.76 -7.27 -19.78
C GLU B 138 21.84 -8.78 -19.84
N VAL B 139 22.71 -9.32 -20.68
CA VAL B 139 22.92 -10.76 -20.68
C VAL B 139 24.39 -10.95 -20.37
N VAL B 140 24.71 -11.60 -19.26
CA VAL B 140 26.10 -11.87 -18.92
C VAL B 140 26.45 -13.29 -19.35
N SER B 141 27.56 -13.48 -20.05
CA SER B 141 27.95 -14.81 -20.43
C SER B 141 29.23 -15.25 -19.74
N VAL B 142 29.15 -16.28 -18.91
CA VAL B 142 30.33 -16.79 -18.23
C VAL B 142 30.92 -17.96 -18.99
N TYR B 143 32.20 -17.88 -19.39
CA TYR B 143 32.80 -18.92 -20.20
C TYR B 143 34.14 -19.38 -19.68
N SER B 144 34.48 -20.64 -19.91
CA SER B 144 35.80 -21.10 -19.53
C SER B 144 36.81 -20.84 -20.63
N GLU B 145 37.69 -19.87 -20.46
CA GLU B 145 38.71 -19.59 -21.46
C GLU B 145 39.50 -20.84 -21.71
N ASP B 146 39.84 -21.55 -20.64
CA ASP B 146 40.58 -22.81 -20.78
C ASP B 146 39.78 -23.87 -21.51
N SER B 147 38.48 -23.94 -21.26
CA SER B 147 37.60 -24.95 -21.86
C SER B 147 37.72 -26.27 -21.11
N SER B 148 38.50 -26.27 -20.03
CA SER B 148 38.61 -27.46 -19.20
C SER B 148 37.27 -27.77 -18.57
N MET B 149 36.60 -26.73 -18.09
CA MET B 149 35.28 -26.90 -17.48
C MET B 149 34.23 -27.23 -18.54
N ASN B 150 33.27 -28.05 -18.17
CA ASN B 150 32.19 -28.38 -19.10
C ASN B 150 31.07 -27.39 -18.83
N ASP B 151 30.20 -27.20 -19.81
CA ASP B 151 29.16 -26.18 -19.65
C ASP B 151 28.28 -26.44 -18.45
N ILE B 152 28.20 -27.69 -18.00
CA ILE B 152 27.31 -28.01 -16.91
C ILE B 152 27.97 -27.62 -15.60
N ASP B 153 29.30 -27.64 -15.52
CA ASP B 153 29.94 -27.20 -14.29
C ASP B 153 29.96 -25.69 -14.26
N ILE B 154 30.01 -25.05 -15.42
CA ILE B 154 29.93 -23.60 -15.46
C ILE B 154 28.54 -23.17 -15.03
N TYR B 155 27.51 -23.86 -15.50
CA TYR B 155 26.14 -23.52 -15.15
C TYR B 155 25.91 -23.62 -13.67
N ASN B 156 26.46 -24.67 -13.06
CA ASN B 156 26.24 -24.88 -11.64
C ASN B 156 27.20 -24.10 -10.79
N TYR B 157 28.10 -23.35 -11.41
CA TYR B 157 28.98 -22.51 -10.65
C TYR B 157 28.25 -21.20 -10.60
N VAL B 158 27.60 -20.86 -11.71
CA VAL B 158 26.95 -19.58 -11.76
C VAL B 158 25.72 -19.64 -10.88
N SER B 159 24.93 -20.69 -11.03
CA SER B 159 23.75 -20.79 -10.20
C SER B 159 24.14 -20.70 -8.74
N LEU B 160 25.09 -21.52 -8.31
CA LEU B 160 25.47 -21.51 -6.90
C LEU B 160 26.15 -20.25 -6.38
N ASN B 161 27.09 -19.69 -7.12
CA ASN B 161 27.83 -18.53 -6.62
C ASN B 161 27.43 -17.17 -7.18
N ILE B 162 27.40 -17.01 -8.50
CA ILE B 162 27.10 -15.74 -9.15
C ILE B 162 25.64 -15.33 -9.12
N LEU B 163 24.73 -16.21 -9.48
CA LEU B 163 23.32 -15.84 -9.57
C LEU B 163 22.72 -15.35 -8.28
N ASP B 164 23.09 -15.96 -7.17
CA ASP B 164 22.50 -15.60 -5.87
C ASP B 164 22.80 -14.17 -5.48
N GLU B 165 24.00 -13.72 -5.75
CA GLU B 165 24.41 -12.37 -5.37
C GLU B 165 23.83 -11.37 -6.32
N LEU B 166 23.67 -11.74 -7.58
CA LEU B 166 23.02 -10.85 -8.54
C LEU B 166 21.57 -10.60 -8.17
N LYS B 167 20.89 -11.63 -7.67
CA LYS B 167 19.51 -11.49 -7.26
C LYS B 167 19.34 -10.49 -6.13
N ARG B 168 20.30 -10.46 -5.21
CA ARG B 168 20.18 -9.55 -4.06
C ARG B 168 20.62 -8.15 -4.44
N ILE B 169 21.19 -7.98 -5.63
CA ILE B 169 21.55 -6.63 -6.08
C ILE B 169 20.29 -5.82 -6.31
N PRO B 170 20.24 -4.56 -5.80
CA PRO B 170 18.95 -3.87 -5.96
C PRO B 170 18.63 -3.46 -7.38
N GLY B 171 17.39 -3.64 -7.77
CA GLY B 171 16.98 -3.30 -9.12
C GLY B 171 17.02 -4.47 -10.09
N VAL B 172 17.41 -5.64 -9.61
CA VAL B 172 17.37 -6.82 -10.47
C VAL B 172 16.10 -7.57 -10.17
N GLY B 173 15.16 -7.55 -11.10
CA GLY B 173 13.93 -8.29 -10.92
C GLY B 173 14.15 -9.77 -10.87
N ASP B 174 14.97 -10.28 -11.79
CA ASP B 174 15.27 -11.71 -11.79
C ASP B 174 16.54 -12.00 -12.58
N ALA B 175 17.39 -12.86 -12.06
CA ALA B 175 18.60 -13.20 -12.79
C ALA B 175 18.41 -14.65 -13.15
N SER B 176 18.44 -14.98 -14.43
CA SER B 176 18.17 -16.35 -14.84
C SER B 176 19.26 -16.89 -15.72
N ALA B 177 19.71 -18.11 -15.43
CA ALA B 177 20.73 -18.72 -16.27
C ALA B 177 20.03 -19.71 -17.19
N ILE B 178 20.25 -19.57 -18.50
CA ILE B 178 19.56 -20.41 -19.46
C ILE B 178 20.04 -21.86 -19.50
N GLY B 179 19.13 -22.80 -19.74
CA GLY B 179 19.49 -24.21 -19.86
C GLY B 179 19.17 -25.20 -18.77
N ASN B 180 18.90 -24.76 -17.55
CA ASN B 180 18.47 -25.67 -16.49
C ASN B 180 19.40 -26.88 -16.30
N LYS B 181 20.70 -26.65 -16.34
CA LYS B 181 21.66 -27.73 -16.23
C LYS B 181 22.03 -27.97 -14.79
N ASN B 182 21.07 -27.91 -13.88
CA ASN B 182 21.41 -28.04 -12.47
C ASN B 182 21.80 -29.47 -12.20
N TYR B 183 22.78 -29.68 -11.34
CA TYR B 183 23.27 -31.03 -11.09
C TYR B 183 22.16 -31.93 -10.63
N SER B 184 22.13 -33.14 -11.14
CA SER B 184 21.13 -34.09 -10.69
C SER B 184 21.79 -35.43 -10.64
N MET B 185 21.41 -36.28 -9.71
CA MET B 185 21.94 -37.62 -9.71
C MET B 185 21.04 -38.30 -10.69
N ARG B 186 21.60 -38.80 -11.77
CA ARG B 186 20.80 -39.41 -12.79
C ARG B 186 20.97 -40.89 -12.69
N ILE B 187 19.88 -41.59 -12.39
CA ILE B 187 19.93 -43.03 -12.34
C ILE B 187 19.30 -43.46 -13.65
N TRP B 188 20.06 -44.16 -14.49
CA TRP B 188 19.57 -44.57 -15.79
C TRP B 188 19.32 -46.05 -15.82
N LEU B 189 18.08 -46.46 -15.80
CA LEU B 189 17.75 -47.87 -15.78
C LEU B 189 18.00 -48.55 -17.10
N GLU B 190 18.70 -49.68 -17.10
CA GLU B 190 18.88 -50.42 -18.33
C GLU B 190 17.68 -51.37 -18.44
N PRO B 191 16.89 -51.31 -19.55
CA PRO B 191 15.66 -52.12 -19.57
C PRO B 191 15.95 -53.60 -19.63
N ASP B 192 16.97 -54.01 -20.39
CA ASP B 192 17.32 -55.41 -20.51
C ASP B 192 17.72 -55.99 -19.18
N LEU B 193 18.43 -55.21 -18.38
CA LEU B 193 18.91 -55.70 -17.10
C LEU B 193 17.82 -55.64 -16.04
N LEU B 194 16.95 -54.64 -16.15
CA LEU B 194 15.86 -54.52 -15.20
C LEU B 194 15.06 -55.80 -15.27
N ASN B 195 14.69 -56.20 -16.48
CA ASN B 195 13.90 -57.42 -16.65
C ASN B 195 14.64 -58.68 -16.23
N LYS B 196 15.94 -58.75 -16.51
CA LYS B 196 16.71 -59.96 -16.20
C LYS B 196 16.72 -60.22 -14.71
N PHE B 197 16.87 -59.16 -13.92
CA PHE B 197 16.88 -59.33 -12.48
C PHE B 197 15.46 -59.24 -11.93
N GLY B 198 14.49 -59.00 -12.80
CA GLY B 198 13.10 -58.97 -12.38
C GLY B 198 12.63 -57.65 -11.79
N VAL B 199 13.50 -56.65 -11.78
CA VAL B 199 13.16 -55.35 -11.23
C VAL B 199 12.24 -54.54 -12.14
N THR B 200 11.46 -53.63 -11.56
CA THR B 200 10.57 -52.78 -12.34
C THR B 200 10.95 -51.36 -11.96
N ALA B 201 10.59 -50.37 -12.77
CA ALA B 201 11.03 -49.03 -12.46
C ALA B 201 10.45 -48.69 -11.11
N ASN B 202 9.20 -49.07 -10.86
CA ASN B 202 8.55 -48.69 -9.61
C ASN B 202 9.37 -49.12 -8.40
N ASP B 203 10.01 -50.28 -8.49
CA ASP B 203 10.84 -50.78 -7.40
C ASP B 203 11.94 -49.79 -7.09
N VAL B 204 12.63 -49.31 -8.11
CA VAL B 204 13.74 -48.38 -7.90
C VAL B 204 13.25 -47.10 -7.26
N ILE B 205 12.08 -46.62 -7.66
CA ILE B 205 11.55 -45.40 -7.10
C ILE B 205 11.35 -45.56 -5.61
N ASN B 206 10.81 -46.70 -5.19
CA ASN B 206 10.56 -46.92 -3.78
C ASN B 206 11.84 -46.96 -2.98
N ALA B 207 12.87 -47.63 -3.49
CA ALA B 207 14.13 -47.74 -2.78
C ALA B 207 14.80 -46.39 -2.58
N VAL B 208 14.80 -45.57 -3.62
CA VAL B 208 15.37 -44.24 -3.51
C VAL B 208 14.61 -43.33 -2.54
N ASN B 209 13.28 -43.45 -2.50
CA ASN B 209 12.52 -42.69 -1.53
C ASN B 209 13.03 -43.04 -0.16
N ASP B 210 12.95 -44.32 0.20
CA ASP B 210 13.34 -44.76 1.53
C ASP B 210 14.80 -44.61 1.95
N GLN B 211 15.74 -44.96 1.08
CA GLN B 211 17.13 -44.94 1.50
C GLN B 211 17.91 -43.64 1.30
N ASN B 212 17.31 -42.66 0.65
CA ASN B 212 17.99 -41.39 0.39
C ASN B 212 17.36 -40.22 1.17
N ALA B 213 16.68 -40.50 2.26
CA ALA B 213 15.98 -39.43 2.98
C ALA B 213 16.56 -39.13 4.35
N GLN B 214 16.34 -37.93 4.84
CA GLN B 214 16.78 -37.60 6.19
C GLN B 214 15.56 -37.71 7.06
N TYR B 215 15.68 -38.37 8.21
CA TYR B 215 14.52 -38.56 9.06
C TYR B 215 14.72 -37.92 10.40
N ALA B 216 13.82 -38.17 11.33
CA ALA B 216 13.91 -37.50 12.61
C ALA B 216 14.26 -38.42 13.76
N THR B 217 15.34 -38.11 14.47
CA THR B 217 15.78 -38.90 15.62
C THR B 217 15.90 -37.93 16.77
N GLY B 218 15.42 -38.30 17.95
CA GLY B 218 15.42 -37.36 19.06
C GLY B 218 16.67 -37.10 19.86
N LYS B 219 16.50 -36.69 21.11
CA LYS B 219 17.65 -36.38 21.96
C LYS B 219 17.72 -37.35 23.10
N ILE B 220 18.92 -37.56 23.63
CA ILE B 220 19.12 -38.52 24.69
C ILE B 220 19.33 -37.79 26.00
N GLY B 221 18.62 -38.19 27.04
CA GLY B 221 18.70 -37.49 28.32
C GLY B 221 17.82 -36.27 28.45
N GLU B 222 16.91 -36.06 27.51
CA GLU B 222 15.96 -34.98 27.64
C GLU B 222 14.86 -35.31 28.65
N GLU B 223 14.38 -34.32 29.39
CA GLU B 223 13.35 -34.54 30.40
C GLU B 223 11.96 -34.78 29.81
N PRO B 224 11.07 -35.54 30.54
CA PRO B 224 10.97 -35.88 31.97
C PRO B 224 11.67 -37.19 32.35
N VAL B 225 12.85 -37.09 32.96
CA VAL B 225 13.56 -38.27 33.40
C VAL B 225 13.73 -38.29 34.91
N VAL B 226 13.39 -39.40 35.55
CA VAL B 226 13.49 -39.51 37.02
C VAL B 226 14.91 -39.40 37.55
N ASN B 227 15.87 -40.01 36.87
CA ASN B 227 17.26 -39.94 37.30
C ASN B 227 17.89 -38.93 36.39
N LYS B 228 18.54 -37.92 36.94
CA LYS B 228 19.03 -36.87 36.09
C LYS B 228 20.38 -37.16 35.45
N SER B 229 20.50 -36.85 34.17
CA SER B 229 21.73 -37.13 33.42
C SER B 229 22.47 -35.83 33.27
N PRO B 230 23.83 -35.87 33.32
CA PRO B 230 24.46 -34.53 33.21
C PRO B 230 24.25 -33.80 31.91
N GLN B 231 24.22 -34.49 30.77
CA GLN B 231 24.13 -33.79 29.49
C GLN B 231 23.07 -34.33 28.54
N VAL B 232 22.49 -33.45 27.73
CA VAL B 232 21.49 -33.88 26.75
C VAL B 232 22.19 -33.94 25.41
N ILE B 233 22.20 -35.11 24.79
CA ILE B 233 22.97 -35.26 23.56
C ILE B 233 22.12 -35.59 22.35
N SER B 234 22.01 -34.65 21.39
CA SER B 234 21.16 -34.90 20.24
C SER B 234 21.69 -35.98 19.33
N ILE B 235 20.81 -36.84 18.83
CA ILE B 235 21.19 -37.90 17.92
C ILE B 235 21.07 -37.40 16.49
N THR B 236 22.17 -37.45 15.75
CA THR B 236 22.16 -36.98 14.38
C THR B 236 22.24 -38.13 13.39
N MET B 237 21.66 -37.97 12.21
CA MET B 237 21.75 -38.97 11.15
C MET B 237 21.93 -38.41 9.76
N GLN B 238 22.70 -39.08 8.92
CA GLN B 238 22.79 -38.66 7.52
C GLN B 238 22.24 -39.77 6.62
N GLY B 239 20.94 -39.77 6.34
CA GLY B 239 20.37 -40.80 5.51
C GLY B 239 20.54 -40.44 4.05
N ARG B 240 20.57 -39.15 3.77
CA ARG B 240 20.74 -38.71 2.40
C ARG B 240 22.09 -39.14 1.91
N LEU B 241 22.18 -39.57 0.67
CA LEU B 241 23.42 -40.12 0.15
C LEU B 241 24.16 -39.12 -0.73
N GLN B 242 25.37 -38.75 -0.34
CA GLN B 242 26.12 -37.76 -1.11
C GLN B 242 26.73 -38.21 -2.42
N THR B 243 27.30 -39.40 -2.45
CA THR B 243 27.99 -39.83 -3.65
C THR B 243 27.28 -40.86 -4.56
N PRO B 244 27.66 -40.97 -5.86
CA PRO B 244 26.92 -41.96 -6.66
C PRO B 244 27.24 -43.38 -6.28
N GLN B 245 28.36 -43.61 -5.62
CA GLN B 245 28.73 -44.97 -5.31
C GLN B 245 27.87 -45.36 -4.15
N GLU B 246 27.11 -44.42 -3.62
CA GLU B 246 26.14 -44.75 -2.59
C GLU B 246 24.75 -44.90 -3.12
N PHE B 247 24.52 -44.46 -4.36
CA PHE B 247 23.22 -44.65 -4.97
C PHE B 247 23.25 -45.93 -5.73
N GLU B 248 24.45 -46.44 -5.96
CA GLU B 248 24.60 -47.65 -6.70
C GLU B 248 24.48 -48.73 -5.68
N ASN B 249 24.89 -48.43 -4.47
CA ASN B 249 24.79 -49.41 -3.39
C ASN B 249 23.38 -49.63 -2.84
N ILE B 250 22.43 -48.77 -3.17
CA ILE B 250 21.08 -48.91 -2.60
C ILE B 250 20.56 -50.30 -2.92
N ILE B 251 20.06 -51.02 -1.91
CA ILE B 251 19.64 -52.38 -2.15
C ILE B 251 18.18 -52.50 -2.53
N LEU B 252 17.94 -52.89 -3.78
CA LEU B 252 16.57 -53.10 -4.22
C LEU B 252 15.91 -54.31 -3.62
N ARG B 253 16.63 -55.44 -3.58
CA ARG B 253 16.03 -56.69 -3.08
C ARG B 253 17.01 -57.70 -2.54
N VAL B 254 16.86 -58.10 -1.27
CA VAL B 254 17.72 -59.15 -0.73
C VAL B 254 17.39 -60.43 -1.49
N ASN B 255 18.39 -61.19 -1.89
CA ASN B 255 18.13 -62.37 -2.71
C ASN B 255 17.91 -63.66 -1.94
N GLU B 256 18.04 -63.63 -0.61
CA GLU B 256 17.82 -64.81 0.27
C GLU B 256 19.04 -65.72 0.28
N ASP B 257 20.03 -65.37 -0.52
CA ASP B 257 21.26 -66.14 -0.56
C ASP B 257 22.26 -65.29 0.19
N LYS B 258 21.75 -64.26 0.90
CA LYS B 258 22.61 -63.31 1.61
C LYS B 258 23.29 -62.41 0.62
N SER B 259 22.77 -62.39 -0.60
CA SER B 259 23.32 -61.52 -1.63
C SER B 259 22.30 -60.41 -1.76
N PHE B 260 22.76 -59.22 -2.15
CA PHE B 260 21.84 -58.11 -2.22
C PHE B 260 21.78 -57.54 -3.62
N LEU B 261 20.58 -57.46 -4.18
CA LEU B 261 20.45 -56.86 -5.49
C LEU B 261 20.66 -55.38 -5.25
N ARG B 262 21.20 -54.66 -6.22
CA ARG B 262 21.50 -53.26 -6.01
C ARG B 262 21.20 -52.43 -7.24
N ILE B 263 21.13 -51.12 -7.07
CA ILE B 263 20.84 -50.24 -8.19
C ILE B 263 21.91 -50.38 -9.25
N LYS B 264 23.14 -50.58 -8.84
CA LYS B 264 24.24 -50.71 -9.80
C LYS B 264 23.98 -51.86 -10.74
N ASP B 265 23.43 -52.96 -10.23
CA ASP B 265 23.21 -54.12 -11.07
C ASP B 265 22.26 -53.84 -12.21
N VAL B 266 21.21 -53.07 -11.94
CA VAL B 266 20.17 -52.86 -12.95
C VAL B 266 20.28 -51.50 -13.62
N ALA B 267 21.17 -50.64 -13.13
CA ALA B 267 21.23 -49.26 -13.64
C ALA B 267 22.58 -48.59 -13.56
N LYS B 268 22.78 -47.54 -14.34
CA LYS B 268 24.01 -46.78 -14.28
C LYS B 268 23.74 -45.44 -13.62
N VAL B 269 24.53 -45.07 -12.62
CA VAL B 269 24.28 -43.83 -11.89
C VAL B 269 25.41 -42.83 -12.13
N GLU B 270 25.06 -41.60 -12.47
CA GLU B 270 26.07 -40.56 -12.66
C GLU B 270 25.47 -39.23 -12.29
N ILE B 271 26.28 -38.22 -12.07
CA ILE B 271 25.73 -36.90 -11.79
C ILE B 271 25.71 -36.12 -13.07
N GLY B 272 24.53 -35.93 -13.64
CA GLY B 272 24.40 -35.17 -14.85
C GLY B 272 23.73 -33.84 -14.60
N ALA B 273 22.66 -33.55 -15.35
CA ALA B 273 21.94 -32.32 -15.13
C ALA B 273 20.50 -32.50 -15.50
N GLU B 274 19.60 -31.79 -14.83
CA GLU B 274 18.19 -32.03 -15.06
C GLU B 274 17.77 -31.85 -16.50
N GLN B 275 18.29 -30.83 -17.17
CA GLN B 275 17.99 -30.64 -18.58
C GLN B 275 19.29 -30.46 -19.33
N TYR B 276 19.45 -31.13 -20.46
CA TYR B 276 20.70 -31.06 -21.20
C TYR B 276 20.59 -30.36 -22.53
N ASN B 277 19.38 -30.20 -23.05
CA ASN B 277 19.21 -29.63 -24.40
C ASN B 277 19.78 -28.24 -24.68
N SER B 278 19.33 -27.21 -23.95
CA SER B 278 19.76 -25.84 -24.25
C SER B 278 21.24 -25.53 -24.15
N THR B 279 21.74 -24.70 -25.06
CA THR B 279 23.15 -24.33 -25.06
C THR B 279 23.27 -22.82 -25.15
N GLY B 280 24.37 -22.26 -24.65
CA GLY B 280 24.58 -20.83 -24.77
C GLY B 280 25.90 -20.57 -25.43
N ARG B 281 25.95 -19.64 -26.37
CA ARG B 281 27.19 -19.35 -27.07
C ARG B 281 27.56 -17.89 -27.05
N LEU B 282 28.80 -17.56 -26.74
CA LEU B 282 29.26 -16.19 -26.79
C LEU B 282 30.15 -16.19 -27.99
N ASN B 283 29.71 -15.58 -29.09
CA ASN B 283 30.47 -15.62 -30.32
C ASN B 283 30.59 -17.09 -30.64
N THR B 284 31.80 -17.58 -30.83
CA THR B 284 32.00 -18.97 -31.18
C THR B 284 32.20 -19.91 -30.01
N SER B 285 32.19 -19.40 -28.80
CA SER B 285 32.50 -20.25 -27.63
C SER B 285 31.35 -20.53 -26.69
N ALA B 286 31.25 -21.77 -26.23
CA ALA B 286 30.21 -22.11 -25.27
C ALA B 286 30.31 -21.25 -24.04
N ALA B 287 29.19 -20.76 -23.56
CA ALA B 287 29.16 -19.83 -22.44
C ALA B 287 27.77 -19.78 -21.86
N VAL B 288 27.63 -20.09 -20.58
CA VAL B 288 26.33 -20.09 -19.95
C VAL B 288 25.77 -18.68 -20.05
N PRO B 289 24.50 -18.54 -20.43
CA PRO B 289 24.04 -17.17 -20.56
C PRO B 289 23.11 -16.77 -19.43
N ILE B 290 23.36 -15.62 -18.81
CA ILE B 290 22.55 -15.18 -17.70
C ILE B 290 21.71 -14.00 -18.16
N ILE B 291 20.41 -14.18 -18.30
CA ILE B 291 19.56 -13.06 -18.67
C ILE B 291 19.17 -12.33 -17.40
N ILE B 292 19.42 -11.02 -17.34
CA ILE B 292 19.14 -10.25 -16.15
C ILE B 292 17.99 -9.33 -16.46
N ASN B 293 16.95 -9.34 -15.64
CA ASN B 293 15.77 -8.53 -15.89
C ASN B 293 15.66 -7.39 -14.92
N LEU B 294 15.20 -6.24 -15.40
CA LEU B 294 15.13 -5.06 -14.55
C LEU B 294 13.80 -4.91 -13.86
N GLN B 295 13.83 -4.75 -12.54
CA GLN B 295 12.62 -4.59 -11.77
C GLN B 295 11.95 -3.29 -12.16
N SER B 296 10.63 -3.27 -12.19
CA SER B 296 9.93 -2.06 -12.61
C SER B 296 10.22 -0.92 -11.65
N GLY B 297 10.45 0.27 -12.19
CA GLY B 297 10.75 1.41 -11.34
C GLY B 297 12.18 1.52 -10.87
N ALA B 298 13.06 0.68 -11.40
CA ALA B 298 14.46 0.73 -11.02
C ALA B 298 15.29 1.36 -12.12
N ASN B 299 16.23 2.22 -11.76
CA ASN B 299 17.03 2.91 -12.77
C ASN B 299 17.89 1.88 -13.46
N ALA B 300 17.83 1.86 -14.78
CA ALA B 300 18.63 0.92 -15.54
C ALA B 300 20.11 1.17 -15.34
N VAL B 301 20.53 2.42 -15.45
CA VAL B 301 21.96 2.72 -15.35
C VAL B 301 22.56 2.36 -14.01
N ASN B 302 21.88 2.70 -12.92
CA ASN B 302 22.40 2.41 -11.60
C ASN B 302 22.50 0.92 -11.37
N THR B 303 21.47 0.18 -11.75
CA THR B 303 21.47 -1.26 -11.52
C THR B 303 22.57 -1.88 -12.34
N ALA B 304 22.79 -1.37 -13.55
CA ALA B 304 23.82 -1.91 -14.43
C ALA B 304 25.20 -1.75 -13.85
N LYS B 305 25.44 -0.65 -13.15
CA LYS B 305 26.77 -0.39 -12.66
C LYS B 305 27.00 -1.25 -11.44
N LEU B 306 25.96 -1.47 -10.65
CA LEU B 306 26.10 -2.35 -9.51
C LEU B 306 26.38 -3.78 -9.95
N ILE B 307 25.66 -4.23 -10.97
CA ILE B 307 25.90 -5.54 -11.58
C ILE B 307 27.35 -5.68 -12.00
N ASN B 308 27.88 -4.73 -12.74
CA ASN B 308 29.23 -4.86 -13.23
C ASN B 308 30.19 -4.96 -12.05
N GLU B 309 29.98 -4.14 -11.04
CA GLU B 309 30.86 -4.16 -9.87
C GLU B 309 30.80 -5.49 -9.13
N LYS B 310 29.60 -6.03 -8.97
CA LYS B 310 29.45 -7.29 -8.27
C LYS B 310 30.18 -8.37 -9.03
N MET B 311 30.06 -8.33 -10.35
CA MET B 311 30.72 -9.34 -11.16
C MET B 311 32.23 -9.29 -10.99
N GLN B 312 32.78 -8.09 -10.89
CA GLN B 312 34.21 -7.95 -10.68
C GLN B 312 34.64 -8.58 -9.35
N GLU B 313 33.86 -8.36 -8.30
CA GLU B 313 34.18 -8.97 -7.01
C GLU B 313 34.13 -10.47 -7.12
N LEU B 314 33.11 -10.98 -7.80
CA LEU B 314 32.99 -12.41 -8.01
C LEU B 314 34.13 -12.92 -8.87
N SER B 315 34.57 -12.13 -9.83
CA SER B 315 35.61 -12.56 -10.77
C SER B 315 36.90 -12.94 -10.06
N LYS B 316 37.21 -12.26 -8.97
CA LYS B 316 38.42 -12.57 -8.24
C LYS B 316 38.37 -14.01 -7.74
N ASN B 317 37.20 -14.47 -7.34
CA ASN B 317 37.06 -15.83 -6.83
C ASN B 317 36.78 -16.89 -7.90
N PHE B 318 36.72 -16.49 -9.17
CA PHE B 318 36.39 -17.44 -10.24
C PHE B 318 37.42 -18.55 -10.31
N PRO B 319 36.96 -19.78 -10.59
CA PRO B 319 37.95 -20.84 -10.74
C PRO B 319 38.87 -20.53 -11.90
N GLN B 320 40.13 -20.91 -11.84
CA GLN B 320 41.07 -20.49 -12.86
C GLN B 320 40.57 -20.87 -14.24
N GLY B 321 40.75 -19.97 -15.20
CA GLY B 321 40.28 -20.22 -16.54
C GLY B 321 38.81 -19.90 -16.75
N LEU B 322 38.16 -19.23 -15.80
CA LEU B 322 36.78 -18.83 -16.01
C LEU B 322 36.71 -17.32 -16.10
N LYS B 323 35.99 -16.80 -17.09
CA LYS B 323 35.91 -15.37 -17.30
C LYS B 323 34.49 -14.93 -17.57
N TYR B 324 34.19 -13.65 -17.35
CA TYR B 324 32.86 -13.15 -17.64
C TYR B 324 32.87 -12.01 -18.64
N GLN B 325 31.88 -11.94 -19.50
CA GLN B 325 31.76 -10.82 -20.41
C GLN B 325 30.30 -10.46 -20.41
N ILE B 326 29.94 -9.20 -20.59
CA ILE B 326 28.52 -8.86 -20.68
C ILE B 326 28.30 -8.29 -22.05
N PRO B 327 27.99 -9.19 -23.05
CA PRO B 327 27.80 -8.74 -24.42
C PRO B 327 26.73 -7.69 -24.63
N TYR B 328 25.52 -7.98 -24.18
CA TYR B 328 24.41 -7.09 -24.45
C TYR B 328 24.09 -6.27 -23.24
N ASP B 329 24.23 -4.97 -23.33
CA ASP B 329 23.83 -4.11 -22.24
C ASP B 329 22.95 -3.02 -22.82
N THR B 330 21.75 -2.87 -22.28
CA THR B 330 20.86 -1.82 -22.74
C THR B 330 21.39 -0.49 -22.30
N THR B 331 22.24 -0.49 -21.28
CA THR B 331 22.74 0.75 -20.72
C THR B 331 23.76 1.43 -21.63
N ILE B 332 24.44 0.68 -22.47
CA ILE B 332 25.36 1.29 -23.41
C ILE B 332 24.61 2.25 -24.29
N PHE B 333 23.48 1.82 -24.81
CA PHE B 333 22.65 2.67 -25.66
C PHE B 333 22.14 3.88 -24.91
N VAL B 334 21.87 3.74 -23.63
CA VAL B 334 21.25 4.84 -22.92
C VAL B 334 22.31 5.88 -22.61
N LYS B 335 23.51 5.45 -22.26
CA LYS B 335 24.59 6.40 -22.03
C LYS B 335 24.95 7.12 -23.31
N ALA B 336 24.99 6.40 -24.42
CA ALA B 336 25.30 7.00 -25.72
C ALA B 336 24.27 8.02 -26.13
N SER B 337 23.03 7.81 -25.75
CA SER B 337 21.96 8.71 -26.15
C SER B 337 22.02 9.95 -25.32
N ILE B 338 22.19 9.78 -24.01
CA ILE B 338 22.23 10.91 -23.09
C ILE B 338 23.38 11.82 -23.46
N LYS B 339 24.55 11.23 -23.71
CA LYS B 339 25.73 12.00 -24.08
C LYS B 339 25.46 12.82 -25.32
N GLU B 340 24.79 12.21 -26.29
CA GLU B 340 24.49 12.91 -27.53
C GLU B 340 23.57 14.10 -27.33
N VAL B 341 22.64 14.03 -26.39
CA VAL B 341 21.71 15.14 -26.24
C VAL B 341 22.43 16.22 -25.48
N ILE B 342 23.38 15.84 -24.63
CA ILE B 342 24.19 16.86 -23.98
C ILE B 342 25.01 17.59 -25.03
N LYS B 343 25.51 16.89 -26.03
CA LYS B 343 26.23 17.54 -27.11
C LYS B 343 25.28 18.43 -27.88
N THR B 344 24.05 17.97 -28.09
CA THR B 344 23.02 18.76 -28.77
C THR B 344 22.66 19.99 -27.94
N PHE B 345 22.88 19.91 -26.64
CA PHE B 345 22.51 21.00 -25.75
C PHE B 345 23.57 22.07 -25.87
N VAL B 346 24.82 21.63 -25.87
CA VAL B 346 25.93 22.56 -25.92
C VAL B 346 25.93 23.29 -27.27
N GLU B 347 25.66 22.56 -28.33
CA GLU B 347 25.65 23.17 -29.65
C GLU B 347 24.58 24.24 -29.74
N ALA B 348 23.40 23.97 -29.21
CA ALA B 348 22.33 24.95 -29.22
C ALA B 348 22.69 26.17 -28.40
N LEU B 349 23.27 25.93 -27.23
CA LEU B 349 23.65 27.03 -26.34
C LEU B 349 24.71 27.90 -26.94
N ALA B 350 25.32 27.44 -28.02
CA ALA B 350 26.29 28.25 -28.73
C ALA B 350 25.59 28.95 -29.88
N LEU B 351 24.71 28.22 -30.57
CA LEU B 351 23.98 28.79 -31.71
C LEU B 351 23.09 29.95 -31.29
N VAL B 352 22.44 29.82 -30.14
CA VAL B 352 21.57 30.88 -29.66
C VAL B 352 22.47 32.04 -29.30
N LEU B 353 23.55 31.77 -28.58
CA LEU B 353 24.48 32.81 -28.17
C LEU B 353 24.88 33.66 -29.38
N VAL B 354 25.26 33.00 -30.47
CA VAL B 354 25.67 33.71 -31.68
C VAL B 354 24.55 34.57 -32.22
N VAL B 355 23.36 34.00 -32.36
CA VAL B 355 22.22 34.74 -32.90
C VAL B 355 21.99 35.99 -32.07
N MET B 356 21.97 35.83 -30.76
CA MET B 356 21.74 36.97 -29.88
C MET B 356 22.89 37.94 -29.94
N TYR B 357 24.10 37.44 -30.16
CA TYR B 357 25.24 38.34 -30.31
C TYR B 357 25.09 39.22 -31.54
N LEU B 358 24.61 38.64 -32.63
CA LEU B 358 24.39 39.44 -33.81
C LEU B 358 23.31 40.48 -33.59
N PHE B 359 22.19 40.05 -33.00
CA PHE B 359 21.09 40.97 -32.73
C PHE B 359 21.37 42.02 -31.67
N LEU B 360 21.99 41.62 -30.57
CA LEU B 360 22.37 42.58 -29.55
C LEU B 360 23.84 42.70 -29.80
N LYS B 361 24.25 43.76 -30.46
CA LYS B 361 25.65 43.92 -30.84
C LYS B 361 26.70 43.91 -29.75
N ASN B 362 26.47 44.62 -28.65
CA ASN B 362 27.46 44.72 -27.59
C ASN B 362 27.60 43.37 -26.92
N PHE B 363 28.83 42.97 -26.65
CA PHE B 363 29.05 41.72 -25.96
C PHE B 363 28.49 41.73 -24.56
N LYS B 364 28.65 42.84 -23.84
CA LYS B 364 28.09 42.93 -22.51
C LYS B 364 26.58 42.82 -22.58
N SER B 365 25.97 43.57 -23.50
CA SER B 365 24.53 43.54 -23.63
C SER B 365 24.08 42.12 -23.85
N THR B 366 24.84 41.39 -24.65
CA THR B 366 24.48 40.01 -24.95
C THR B 366 24.47 39.11 -23.72
N ILE B 367 25.44 39.26 -22.82
CA ILE B 367 25.46 38.30 -21.72
C ILE B 367 24.28 38.34 -20.74
N ILE B 368 23.66 39.50 -20.50
CA ILE B 368 22.51 39.46 -19.58
C ILE B 368 21.39 38.52 -20.03
N PRO B 369 21.09 38.47 -21.33
CA PRO B 369 20.12 37.45 -21.74
C PRO B 369 20.67 36.06 -21.48
N MET B 370 21.97 35.87 -21.66
CA MET B 370 22.52 34.53 -21.51
C MET B 370 22.69 34.22 -20.03
N ILE B 371 22.48 35.19 -19.16
CA ILE B 371 22.52 34.89 -17.72
C ILE B 371 21.22 34.18 -17.35
N ALA B 372 20.17 34.44 -18.13
CA ALA B 372 18.89 33.81 -17.86
C ALA B 372 18.94 32.30 -18.00
N VAL B 373 19.68 31.79 -18.98
CA VAL B 373 19.67 30.34 -19.20
C VAL B 373 20.15 29.49 -18.02
N PRO B 374 21.29 29.85 -17.41
CA PRO B 374 21.65 28.99 -16.28
C PRO B 374 20.63 29.05 -15.16
N VAL B 375 20.18 30.24 -14.81
CA VAL B 375 19.26 30.36 -13.68
C VAL B 375 17.96 29.63 -13.97
N SER B 376 17.43 29.81 -15.17
CA SER B 376 16.17 29.19 -15.53
C SER B 376 16.20 27.69 -15.60
N LEU B 377 17.27 27.13 -16.14
CA LEU B 377 17.29 25.69 -16.33
C LEU B 377 17.73 24.95 -15.08
N LEU B 378 18.69 25.52 -14.35
CA LEU B 378 19.08 24.91 -13.08
C LEU B 378 17.90 24.92 -12.14
N GLY B 379 17.15 26.01 -12.14
CA GLY B 379 16.00 26.12 -11.28
C GLY B 379 15.00 25.02 -11.59
N THR B 380 14.90 24.66 -12.86
CA THR B 380 13.97 23.63 -13.27
C THR B 380 14.29 22.33 -12.58
N PHE B 381 15.56 22.01 -12.38
CA PHE B 381 15.88 20.71 -11.81
C PHE B 381 15.60 20.66 -10.33
N ALA B 382 15.39 21.81 -9.71
CA ALA B 382 15.06 21.83 -8.30
C ALA B 382 13.58 21.53 -8.20
N VAL B 383 12.79 22.02 -9.15
CA VAL B 383 11.36 21.72 -9.13
C VAL B 383 11.15 20.26 -9.50
N LEU B 384 11.92 19.76 -10.47
CA LEU B 384 11.79 18.38 -10.88
C LEU B 384 12.12 17.46 -9.72
N TYR B 385 13.16 17.79 -8.96
CA TYR B 385 13.55 16.96 -7.83
C TYR B 385 12.48 16.87 -6.77
N VAL B 386 11.86 18.00 -6.43
CA VAL B 386 10.81 17.99 -5.44
C VAL B 386 9.61 17.20 -5.95
N LEU B 387 9.26 17.40 -7.21
CA LEU B 387 8.14 16.68 -7.81
C LEU B 387 8.43 15.21 -8.01
N GLY B 388 9.71 14.85 -8.07
CA GLY B 388 10.10 13.47 -8.28
C GLY B 388 10.29 13.09 -9.73
N PHE B 389 10.11 14.04 -10.65
CA PHE B 389 10.36 13.75 -12.05
C PHE B 389 11.87 13.62 -12.22
N SER B 390 12.32 12.57 -12.88
CA SER B 390 13.75 12.34 -13.05
C SER B 390 14.29 12.84 -14.38
N ILE B 391 15.61 12.90 -14.51
CA ILE B 391 16.20 13.36 -15.75
C ILE B 391 16.17 12.25 -16.76
N ASN B 392 15.48 12.50 -17.88
CA ASN B 392 15.33 11.47 -18.90
C ASN B 392 15.50 12.11 -20.26
N LEU B 393 15.51 11.31 -21.31
CA LEU B 393 15.73 11.85 -22.63
C LEU B 393 14.64 12.86 -22.92
N LEU B 394 13.42 12.56 -22.49
CA LEU B 394 12.30 13.46 -22.72
C LEU B 394 12.47 14.84 -22.07
N THR B 395 13.05 14.90 -20.88
CA THR B 395 13.26 16.20 -20.26
C THR B 395 14.47 16.86 -20.85
N LEU B 396 15.50 16.09 -21.16
CA LEU B 396 16.69 16.63 -21.79
C LEU B 396 16.37 17.23 -23.15
N PHE B 397 15.48 16.59 -23.91
CA PHE B 397 15.10 17.13 -25.19
C PHE B 397 14.43 18.48 -24.95
N ALA B 398 13.61 18.56 -23.91
CA ALA B 398 12.93 19.81 -23.59
C ALA B 398 13.89 20.91 -23.20
N LEU B 399 14.94 20.57 -22.47
CA LEU B 399 15.94 21.57 -22.11
C LEU B 399 16.60 22.16 -23.33
N VAL B 400 16.91 21.33 -24.33
CA VAL B 400 17.49 21.83 -25.57
C VAL B 400 16.50 22.76 -26.24
N LEU B 401 15.23 22.41 -26.22
CA LEU B 401 14.19 23.28 -26.78
C LEU B 401 14.09 24.58 -26.04
N ALA B 402 14.22 24.56 -24.72
CA ALA B 402 13.97 25.77 -23.95
C ALA B 402 15.11 26.76 -23.86
N ILE B 403 16.30 26.42 -24.32
CA ILE B 403 17.36 27.40 -24.34
C ILE B 403 16.87 28.60 -25.13
N GLY B 404 16.21 28.37 -26.25
CA GLY B 404 15.63 29.48 -26.99
C GLY B 404 14.52 30.16 -26.23
N ILE B 405 13.66 29.39 -25.59
CA ILE B 405 12.53 29.93 -24.84
C ILE B 405 12.86 30.76 -23.60
N VAL B 406 13.92 30.41 -22.87
CA VAL B 406 14.18 31.11 -21.63
C VAL B 406 14.89 32.43 -21.85
N VAL B 407 15.47 32.63 -23.02
CA VAL B 407 16.04 33.93 -23.33
C VAL B 407 15.03 34.88 -23.96
N ASP B 408 13.85 34.37 -24.34
CA ASP B 408 12.87 35.21 -25.01
C ASP B 408 12.39 36.37 -24.18
N ASP B 409 12.17 36.12 -22.89
CA ASP B 409 11.64 37.17 -22.02
C ASP B 409 12.72 38.21 -21.79
N ALA B 410 13.94 37.75 -21.54
CA ALA B 410 15.05 38.66 -21.28
C ALA B 410 15.37 39.48 -22.51
N ILE B 411 15.30 38.86 -23.69
CA ILE B 411 15.60 39.55 -24.94
C ILE B 411 14.69 40.73 -25.12
N ILE B 412 13.40 40.53 -24.88
CA ILE B 412 12.44 41.61 -25.10
C ILE B 412 12.76 42.77 -24.19
N VAL B 413 13.12 42.46 -22.95
CA VAL B 413 13.41 43.53 -22.01
C VAL B 413 14.66 44.31 -22.38
N VAL B 414 15.72 43.63 -22.81
CA VAL B 414 16.96 44.35 -23.12
C VAL B 414 16.84 44.98 -24.49
N GLU B 415 15.95 44.45 -25.33
CA GLU B 415 15.71 45.05 -26.64
C GLU B 415 15.08 46.40 -26.43
N ASN B 416 14.19 46.49 -25.45
CA ASN B 416 13.44 47.72 -25.28
C ASN B 416 14.25 48.77 -24.55
N ILE B 417 15.04 48.37 -23.57
CA ILE B 417 15.88 49.36 -22.91
C ILE B 417 16.82 50.00 -23.90
N ASP B 418 17.35 49.23 -24.84
CA ASP B 418 18.33 49.78 -25.73
C ASP B 418 17.60 50.60 -26.77
N ARG B 419 16.34 50.25 -27.05
CA ARG B 419 15.58 51.08 -27.97
C ARG B 419 15.26 52.40 -27.31
N ILE B 420 14.86 52.37 -26.05
CA ILE B 420 14.56 53.60 -25.32
C ILE B 420 15.82 54.44 -25.17
N LEU B 421 16.96 53.77 -24.98
CA LEU B 421 18.21 54.50 -24.85
C LEU B 421 18.52 55.26 -26.14
N HIS B 422 18.22 54.67 -27.27
CA HIS B 422 18.57 55.32 -28.53
C HIS B 422 17.54 56.37 -28.88
N GLU B 423 16.29 56.18 -28.46
CA GLU B 423 15.31 57.23 -28.68
C GLU B 423 15.64 58.47 -27.89
N ASP B 424 15.75 58.36 -26.57
CA ASP B 424 15.99 59.54 -25.75
C ASP B 424 17.39 59.59 -25.19
N SER B 425 18.16 60.59 -25.58
CA SER B 425 19.50 60.76 -25.04
C SER B 425 19.45 61.10 -23.56
N ASN B 426 18.48 61.93 -23.20
CA ASN B 426 18.31 62.37 -21.82
C ASN B 426 18.14 61.26 -20.81
N ILE B 427 17.25 60.31 -21.07
CA ILE B 427 16.94 59.30 -20.07
C ILE B 427 18.13 58.51 -19.56
N SER B 428 18.19 58.27 -18.26
CA SER B 428 19.32 57.56 -17.68
C SER B 428 18.97 56.11 -17.57
N VAL B 429 19.95 55.23 -17.65
CA VAL B 429 19.67 53.81 -17.72
C VAL B 429 18.82 53.22 -16.60
N LYS B 430 19.01 53.65 -15.36
CA LYS B 430 18.13 53.13 -14.33
C LYS B 430 16.71 53.56 -14.64
N ASP B 431 16.53 54.81 -15.04
CA ASP B 431 15.20 55.31 -15.40
C ASP B 431 14.68 54.58 -16.63
N ALA B 432 15.56 54.36 -17.61
CA ALA B 432 15.15 53.58 -18.77
C ALA B 432 14.60 52.24 -18.39
N ALA B 433 15.29 51.55 -17.49
CA ALA B 433 14.86 50.20 -17.16
C ALA B 433 13.47 50.22 -16.56
N ILE B 434 13.19 51.18 -15.69
CA ILE B 434 11.85 51.28 -15.11
C ILE B 434 10.84 51.55 -16.21
N LYS B 435 11.17 52.48 -17.10
CA LYS B 435 10.25 52.82 -18.18
C LYS B 435 10.05 51.63 -19.09
N ALA B 436 11.14 50.94 -19.40
CA ALA B 436 11.05 49.79 -20.28
C ALA B 436 10.20 48.72 -19.66
N MET B 437 10.36 48.51 -18.36
CA MET B 437 9.62 47.45 -17.72
C MET B 437 8.14 47.71 -17.82
N ASN B 438 7.72 48.95 -17.63
CA ASN B 438 6.31 49.27 -17.71
C ASN B 438 5.76 48.73 -19.02
N GLU B 439 6.39 49.09 -20.13
CA GLU B 439 5.91 48.65 -21.43
C GLU B 439 5.95 47.14 -21.65
N VAL B 440 7.06 46.50 -21.29
CA VAL B 440 7.21 45.06 -21.56
C VAL B 440 6.74 44.08 -20.48
N SER B 441 6.24 44.56 -19.35
CA SER B 441 5.85 43.64 -18.30
C SER B 441 4.64 42.83 -18.70
N SER B 442 3.64 43.47 -19.27
CA SER B 442 2.48 42.73 -19.75
C SER B 442 2.86 41.68 -20.79
N PRO B 443 3.63 42.05 -21.82
CA PRO B 443 4.00 40.98 -22.75
C PRO B 443 4.77 39.85 -22.12
N VAL B 444 5.63 40.10 -21.13
CA VAL B 444 6.46 39.03 -20.61
C VAL B 444 5.64 38.13 -19.70
N ILE B 445 4.80 38.70 -18.85
CA ILE B 445 3.90 37.86 -18.05
C ILE B 445 3.05 37.02 -18.98
N SER B 446 2.60 37.60 -20.08
CA SER B 446 1.75 36.89 -21.03
C SER B 446 2.41 35.69 -21.64
N ILE B 447 3.73 35.75 -21.87
CA ILE B 447 4.40 34.66 -22.56
C ILE B 447 4.69 33.55 -21.58
N VAL B 448 4.72 33.87 -20.30
CA VAL B 448 4.91 32.81 -19.33
C VAL B 448 3.56 32.18 -19.07
N LEU B 449 2.51 33.00 -19.00
CA LEU B 449 1.18 32.45 -18.81
C LEU B 449 0.75 31.51 -19.93
N VAL B 450 0.89 31.91 -21.19
CA VAL B 450 0.48 31.05 -22.31
C VAL B 450 1.28 29.77 -22.39
N LEU B 451 2.50 29.76 -21.86
CA LEU B 451 3.35 28.59 -21.96
C LEU B 451 3.12 27.69 -20.78
N CYS B 452 2.39 28.15 -19.78
CA CYS B 452 1.99 27.28 -18.70
C CYS B 452 0.54 26.87 -18.85
N ALA B 453 -0.28 27.67 -19.52
CA ALA B 453 -1.69 27.33 -19.74
C ALA B 453 -1.89 26.17 -20.70
N VAL B 454 -1.09 26.13 -21.77
CA VAL B 454 -1.21 25.05 -22.74
C VAL B 454 -0.87 23.73 -22.09
N PHE B 455 0.10 23.73 -21.20
CA PHE B 455 0.52 22.50 -20.56
C PHE B 455 -0.40 21.93 -19.48
N ILE B 456 -1.34 22.73 -19.00
CA ILE B 456 -2.22 22.27 -17.91
C ILE B 456 -3.08 21.04 -18.26
N PRO B 457 -3.69 21.01 -19.45
CA PRO B 457 -4.43 19.78 -19.82
C PRO B 457 -3.53 18.57 -19.88
N VAL B 458 -2.29 18.75 -20.30
CA VAL B 458 -1.36 17.64 -20.42
C VAL B 458 -1.14 16.96 -19.08
N SER B 459 -1.13 17.72 -18.01
CA SER B 459 -0.82 17.12 -16.72
C SER B 459 -2.04 16.41 -16.19
N PHE B 460 -3.17 16.53 -16.87
CA PHE B 460 -4.34 15.76 -16.49
C PHE B 460 -4.43 14.47 -17.29
N ILE B 461 -4.13 14.53 -18.58
CA ILE B 461 -4.25 13.36 -19.42
C ILE B 461 -3.28 12.27 -18.99
N SER B 462 -3.79 11.05 -18.84
CA SER B 462 -2.92 9.93 -18.48
C SER B 462 -2.68 9.00 -19.66
N GLY B 463 -1.86 7.98 -19.45
CA GLY B 463 -1.58 7.04 -20.52
C GLY B 463 -0.17 7.14 -21.04
N PHE B 464 0.12 6.44 -22.14
CA PHE B 464 1.44 6.51 -22.75
C PHE B 464 1.69 7.93 -23.22
N VAL B 465 0.72 8.52 -23.90
CA VAL B 465 0.85 9.88 -24.40
C VAL B 465 0.99 10.89 -23.28
N GLY B 466 0.28 10.72 -22.18
CA GLY B 466 0.44 11.62 -21.05
C GLY B 466 1.70 11.47 -20.24
N GLU B 467 2.23 10.28 -20.08
CA GLU B 467 3.51 10.14 -19.39
C GLU B 467 4.68 10.67 -20.21
N ILE B 468 4.45 10.94 -21.49
CA ILE B 468 5.51 11.45 -22.37
C ILE B 468 5.45 12.96 -22.38
N GLN B 469 4.28 13.49 -22.69
CA GLN B 469 4.11 14.93 -22.78
C GLN B 469 4.32 15.64 -21.45
N ARG B 470 4.02 14.98 -20.34
CA ARG B 470 4.23 15.59 -19.04
C ARG B 470 5.70 15.87 -18.78
N GLN B 471 6.58 15.01 -19.27
CA GLN B 471 8.02 15.23 -19.11
C GLN B 471 8.48 16.47 -19.85
N PHE B 472 7.96 16.67 -21.05
CA PHE B 472 8.31 17.84 -21.82
C PHE B 472 7.66 19.05 -21.22
N ALA B 473 6.40 18.93 -20.84
CA ALA B 473 5.64 20.08 -20.38
C ALA B 473 5.95 20.61 -19.00
N LEU B 474 6.35 19.78 -18.06
CA LEU B 474 6.78 20.31 -16.78
C LEU B 474 8.09 21.06 -16.94
N THR B 475 9.02 20.48 -17.68
CA THR B 475 10.32 21.11 -17.80
C THR B 475 10.21 22.46 -18.49
N LEU B 476 9.46 22.49 -19.58
CA LEU B 476 9.29 23.73 -20.31
C LEU B 476 8.53 24.78 -19.49
N ALA B 477 7.44 24.39 -18.85
CA ALA B 477 6.65 25.38 -18.14
C ALA B 477 7.45 25.97 -16.99
N ILE B 478 8.07 25.12 -16.18
CA ILE B 478 8.81 25.61 -15.03
C ILE B 478 9.96 26.52 -15.46
N SER B 479 10.70 26.13 -16.50
CA SER B 479 11.81 26.94 -16.96
C SER B 479 11.34 28.29 -17.45
N VAL B 480 10.23 28.32 -18.18
CA VAL B 480 9.69 29.56 -18.68
C VAL B 480 9.29 30.48 -17.52
N ALA B 481 8.72 29.90 -16.48
CA ALA B 481 8.27 30.71 -15.36
C ALA B 481 9.45 31.34 -14.66
N ILE B 482 10.53 30.59 -14.51
CA ILE B 482 11.73 31.14 -13.91
C ILE B 482 12.30 32.22 -14.80
N SER B 483 12.27 32.00 -16.11
CA SER B 483 12.78 32.98 -17.05
C SER B 483 11.98 34.26 -16.94
N GLY B 484 10.68 34.12 -16.72
CA GLY B 484 9.83 35.29 -16.55
C GLY B 484 10.30 36.06 -15.34
N PHE B 485 10.46 35.37 -14.22
CA PHE B 485 10.88 36.04 -13.00
C PHE B 485 12.24 36.70 -13.20
N VAL B 486 13.18 36.01 -13.85
CA VAL B 486 14.47 36.60 -14.13
C VAL B 486 14.35 37.83 -15.02
N ALA B 487 13.52 37.74 -16.04
CA ALA B 487 13.32 38.88 -16.92
C ALA B 487 12.68 40.04 -16.17
N LEU B 488 11.74 39.73 -15.29
CA LEU B 488 11.09 40.75 -14.50
C LEU B 488 12.05 41.39 -13.53
N THR B 489 12.76 40.56 -12.76
CA THR B 489 13.63 41.12 -11.73
C THR B 489 15.11 41.25 -12.03
N LEU B 490 15.78 40.15 -12.36
CA LEU B 490 17.22 40.20 -12.57
C LEU B 490 17.67 41.00 -13.78
N THR B 491 17.00 40.83 -14.90
CA THR B 491 17.47 41.48 -16.12
C THR B 491 17.46 43.01 -16.11
N PRO B 492 16.34 43.66 -15.71
CA PRO B 492 16.46 45.13 -15.70
C PRO B 492 17.53 45.60 -14.74
N SER B 493 17.57 45.09 -13.52
CA SER B 493 18.53 45.59 -12.54
C SER B 493 19.95 45.44 -13.01
N LEU B 494 20.28 44.30 -13.58
CA LEU B 494 21.62 44.11 -14.12
C LEU B 494 21.87 45.07 -15.27
N SER B 495 20.86 45.27 -16.11
CA SER B 495 21.02 46.18 -17.23
C SER B 495 21.31 47.58 -16.76
N ALA B 496 20.60 48.04 -15.73
CA ALA B 496 20.81 49.38 -15.25
C ALA B 496 22.22 49.50 -14.72
N LEU B 497 22.67 48.49 -13.97
CA LEU B 497 24.01 48.49 -13.43
C LEU B 497 25.11 48.43 -14.46
N PHE B 498 24.97 47.55 -15.46
CA PHE B 498 26.06 47.37 -16.42
C PHE B 498 25.95 48.03 -17.78
N LEU B 499 24.76 48.13 -18.36
CA LEU B 499 24.65 48.64 -19.72
C LEU B 499 25.15 50.06 -19.85
N THR B 500 25.88 50.32 -20.92
CA THR B 500 26.45 51.65 -21.10
C THR B 500 25.74 52.42 -22.18
N ARG B 501 25.45 53.69 -21.91
CA ARG B 501 24.78 54.51 -22.90
C ARG B 501 25.66 54.68 -24.12
N ASN B 502 26.91 55.07 -23.90
CA ASN B 502 27.80 55.31 -25.03
C ASN B 502 28.01 54.01 -25.79
N GLU B 503 27.92 54.09 -27.11
CA GLU B 503 28.04 52.88 -27.90
C GLU B 503 29.27 52.90 -28.78
N SER B 504 30.19 51.98 -28.54
CA SER B 504 31.36 51.89 -29.39
C SER B 504 30.89 51.07 -30.56
N LYS B 505 31.22 51.48 -31.76
CA LYS B 505 30.71 50.78 -32.93
C LYS B 505 31.17 49.33 -32.94
N PRO B 506 30.28 48.42 -33.35
CA PRO B 506 30.58 46.99 -33.30
C PRO B 506 31.39 46.49 -34.47
N PHE B 507 31.47 45.18 -34.62
CA PHE B 507 32.29 44.59 -35.66
C PHE B 507 31.46 44.64 -36.92
N TYR B 508 32.11 44.96 -38.03
CA TYR B 508 31.40 45.17 -39.30
C TYR B 508 30.39 44.09 -39.63
N PHE B 509 30.73 42.83 -39.37
CA PHE B 509 29.82 41.73 -39.66
C PHE B 509 28.53 41.86 -38.85
N ILE B 510 28.66 42.24 -37.58
CA ILE B 510 27.50 42.39 -36.71
C ILE B 510 26.63 43.53 -37.18
N GLN B 511 27.24 44.54 -37.79
CA GLN B 511 26.48 45.72 -38.13
C GLN B 511 25.72 45.55 -39.42
N LYS B 512 26.39 45.07 -40.47
CA LYS B 512 25.73 44.95 -41.76
C LYS B 512 24.47 44.08 -41.67
N PHE B 513 24.53 43.01 -40.89
CA PHE B 513 23.37 42.13 -40.70
C PHE B 513 22.25 42.92 -40.09
N ASN B 514 22.58 43.81 -39.16
CA ASN B 514 21.57 44.63 -38.50
C ASN B 514 20.94 45.66 -39.43
N ASP B 515 21.68 46.05 -40.46
CA ASP B 515 21.16 47.04 -41.39
C ASP B 515 20.26 46.28 -42.31
N PHE B 516 20.59 45.02 -42.58
CA PHE B 516 19.69 44.19 -43.37
C PHE B 516 18.41 43.96 -42.59
N PHE B 517 18.53 43.77 -41.29
CA PHE B 517 17.35 43.55 -40.47
C PHE B 517 16.48 44.79 -40.41
N ASP B 518 17.09 45.97 -40.42
CA ASP B 518 16.31 47.19 -40.44
C ASP B 518 15.52 47.24 -41.73
N TRP B 519 16.14 46.80 -42.83
CA TRP B 519 15.45 46.77 -44.11
C TRP B 519 14.27 45.82 -44.05
N SER B 520 14.44 44.69 -43.40
CA SER B 520 13.34 43.72 -43.29
C SER B 520 12.22 44.25 -42.41
N THR B 521 12.55 45.09 -41.43
CA THR B 521 11.51 45.69 -40.61
C THR B 521 10.62 46.57 -41.45
N SER B 522 11.22 47.36 -42.33
CA SER B 522 10.45 48.22 -43.21
C SER B 522 9.60 47.40 -44.17
N VAL B 523 10.17 46.30 -44.68
CA VAL B 523 9.43 45.44 -45.59
C VAL B 523 8.22 44.85 -44.88
N PHE B 524 8.41 44.43 -43.64
CA PHE B 524 7.30 43.89 -42.88
C PHE B 524 6.20 44.91 -42.71
N SER B 525 6.56 46.12 -42.31
CA SER B 525 5.54 47.13 -42.04
C SER B 525 4.76 47.47 -43.29
N SER B 526 5.44 47.64 -44.41
CA SER B 526 4.75 47.92 -45.65
C SER B 526 3.88 46.75 -46.03
N GLY B 527 4.37 45.54 -45.81
CA GLY B 527 3.61 44.35 -46.13
C GLY B 527 2.35 44.27 -45.32
N VAL B 528 2.44 44.61 -44.05
CA VAL B 528 1.25 44.59 -43.19
C VAL B 528 0.23 45.55 -43.73
N ALA B 529 0.66 46.74 -44.14
CA ALA B 529 -0.29 47.74 -44.62
C ALA B 529 -1.00 47.22 -45.85
N TYR B 530 -0.27 46.56 -46.74
CA TYR B 530 -0.87 45.98 -47.94
C TYR B 530 -1.97 45.04 -47.55
N ILE B 531 -1.67 44.14 -46.62
CA ILE B 531 -2.65 43.16 -46.19
C ILE B 531 -3.85 43.82 -45.55
N LEU B 532 -3.63 44.82 -44.71
CA LEU B 532 -4.73 45.44 -44.01
C LEU B 532 -5.69 46.11 -44.97
N LYS B 533 -5.16 46.84 -45.95
CA LYS B 533 -6.02 47.47 -46.93
C LYS B 533 -6.75 46.45 -47.79
N ARG B 534 -6.07 45.40 -48.19
CA ARG B 534 -6.71 44.33 -48.96
C ARG B 534 -7.20 43.28 -47.98
N THR B 535 -8.20 43.62 -47.19
CA THR B 535 -8.72 42.73 -46.14
C THR B 535 -9.30 41.39 -46.54
N ILE B 536 -9.99 41.31 -47.67
CA ILE B 536 -10.69 40.08 -48.00
C ILE B 536 -9.83 38.99 -48.60
N ARG B 537 -9.10 39.28 -49.66
CA ARG B 537 -8.26 38.30 -50.32
C ARG B 537 -7.45 37.52 -49.32
N PHE B 538 -6.88 38.22 -48.36
CA PHE B 538 -6.03 37.62 -47.34
C PHE B 538 -6.76 36.66 -46.41
N VAL B 539 -8.01 36.96 -46.07
CA VAL B 539 -8.82 36.06 -45.25
C VAL B 539 -9.06 34.77 -46.02
N LEU B 540 -9.06 34.87 -47.34
CA LEU B 540 -9.31 33.70 -48.18
C LEU B 540 -8.03 32.89 -48.22
N VAL B 541 -6.88 33.56 -48.20
CA VAL B 541 -5.61 32.85 -48.14
C VAL B 541 -5.51 32.10 -46.82
N PHE B 542 -5.99 32.70 -45.73
CA PHE B 542 -5.97 32.04 -44.44
C PHE B 542 -6.79 30.76 -44.49
N CYS B 543 -7.88 30.76 -45.23
CA CYS B 543 -8.73 29.57 -45.26
C CYS B 543 -8.18 28.54 -46.23
N ILE B 544 -7.55 28.97 -47.32
CA ILE B 544 -6.93 28.02 -48.22
C ILE B 544 -5.87 27.28 -47.43
N MET B 545 -5.17 27.98 -46.56
CA MET B 545 -4.15 27.34 -45.74
C MET B 545 -4.77 26.31 -44.82
N ILE B 546 -5.92 26.62 -44.24
CA ILE B 546 -6.59 25.69 -43.33
C ILE B 546 -6.92 24.42 -44.09
N GLY B 547 -7.38 24.58 -45.33
CA GLY B 547 -7.67 23.43 -46.15
C GLY B 547 -6.43 22.60 -46.43
N PHE B 548 -5.31 23.27 -46.66
CA PHE B 548 -4.08 22.56 -46.94
C PHE B 548 -3.55 21.84 -45.71
N ILE B 549 -3.77 22.39 -44.53
CA ILE B 549 -3.33 21.71 -43.32
C ILE B 549 -4.05 20.38 -43.20
N ALA B 550 -5.35 20.38 -43.47
CA ALA B 550 -6.12 19.15 -43.36
C ALA B 550 -5.65 18.09 -44.34
N TYR B 551 -5.39 18.49 -45.57
CA TYR B 551 -4.89 17.55 -46.58
C TYR B 551 -3.56 17.02 -46.11
N LEU B 552 -2.71 17.89 -45.61
CA LEU B 552 -1.38 17.49 -45.18
C LEU B 552 -1.44 16.50 -44.04
N PHE B 553 -2.35 16.72 -43.10
CA PHE B 553 -2.49 15.79 -41.99
C PHE B 553 -2.90 14.42 -42.50
N LYS B 554 -3.79 14.37 -43.48
CA LYS B 554 -4.23 13.10 -44.03
C LYS B 554 -3.12 12.32 -44.71
N ILE B 555 -2.29 12.98 -45.49
CA ILE B 555 -1.23 12.29 -46.21
C ILE B 555 0.02 11.99 -45.38
N VAL B 556 0.01 12.33 -44.10
CA VAL B 556 1.18 12.12 -43.27
C VAL B 556 0.99 10.87 -42.44
N PRO B 557 1.89 9.89 -42.58
CA PRO B 557 1.74 8.62 -41.87
C PRO B 557 1.87 8.75 -40.37
N SER B 558 1.11 7.98 -39.60
CA SER B 558 1.19 8.04 -38.15
C SER B 558 2.06 6.96 -37.53
N SER B 559 2.86 7.31 -36.54
CA SER B 559 3.67 6.33 -35.83
C SER B 559 3.67 6.71 -34.37
N LEU B 560 3.84 5.77 -33.45
CA LEU B 560 3.95 6.19 -32.04
C LEU B 560 5.24 6.93 -31.78
N VAL B 561 6.37 6.26 -31.97
CA VAL B 561 7.67 6.86 -31.72
C VAL B 561 8.59 6.45 -32.87
N PRO B 562 9.63 7.25 -33.15
CA PRO B 562 10.57 6.89 -34.21
C PRO B 562 11.36 5.63 -33.93
N SER B 563 11.59 4.82 -34.95
CA SER B 563 12.38 3.60 -34.79
C SER B 563 13.84 3.95 -34.77
N GLU B 564 14.56 3.50 -33.74
CA GLU B 564 15.95 3.93 -33.58
C GLU B 564 16.93 2.79 -33.70
N ASP B 565 18.17 3.10 -34.08
CA ASP B 565 19.20 2.09 -34.16
C ASP B 565 19.66 1.97 -32.74
N GLN B 566 19.59 0.77 -32.19
CA GLN B 566 19.97 0.56 -30.81
C GLN B 566 21.29 -0.17 -30.73
N GLY B 567 22.00 -0.25 -31.85
CA GLY B 567 23.26 -0.95 -31.87
C GLY B 567 23.20 -2.45 -31.69
N VAL B 568 22.01 -3.03 -31.62
CA VAL B 568 21.88 -4.48 -31.53
C VAL B 568 20.83 -4.97 -32.51
N ILE B 569 21.11 -6.01 -33.27
CA ILE B 569 20.11 -6.60 -34.16
C ILE B 569 19.81 -7.95 -33.56
N MET B 570 18.55 -8.22 -33.28
CA MET B 570 18.20 -9.47 -32.63
C MET B 570 17.61 -10.42 -33.63
N SER B 571 18.14 -11.63 -33.72
CA SER B 571 17.63 -12.60 -34.66
C SER B 571 16.89 -13.70 -33.98
N ILE B 572 15.60 -13.83 -34.27
CA ILE B 572 14.83 -14.93 -33.73
C ILE B 572 14.88 -16.06 -34.73
N ILE B 573 15.49 -17.19 -34.36
CA ILE B 573 15.63 -18.30 -35.28
C ILE B 573 14.74 -19.43 -34.83
N ASN B 574 13.82 -19.85 -35.68
CA ASN B 574 12.96 -20.97 -35.35
C ASN B 574 13.14 -22.05 -36.39
N LEU B 575 13.33 -23.27 -35.94
CA LEU B 575 13.54 -24.36 -36.86
C LEU B 575 12.24 -25.14 -37.06
N PRO B 576 12.19 -26.19 -37.94
CA PRO B 576 10.92 -26.92 -37.99
C PRO B 576 10.43 -27.47 -36.66
N SER B 577 9.19 -27.98 -36.62
CA SER B 577 8.60 -28.41 -35.34
C SER B 577 9.29 -29.50 -34.55
N GLY B 578 9.77 -30.54 -35.20
CA GLY B 578 10.37 -31.64 -34.48
C GLY B 578 11.86 -31.51 -34.37
N SER B 579 12.41 -30.39 -34.80
CA SER B 579 13.86 -30.26 -34.85
C SER B 579 14.52 -30.40 -33.51
N SER B 580 15.51 -31.29 -33.44
CA SER B 580 16.16 -31.52 -32.17
C SER B 580 17.18 -30.45 -31.94
N ILE B 581 17.77 -30.41 -30.75
CA ILE B 581 18.66 -29.31 -30.42
C ILE B 581 19.88 -29.30 -31.33
N HIS B 582 20.37 -30.47 -31.70
CA HIS B 582 21.58 -30.50 -32.49
C HIS B 582 21.38 -29.77 -33.80
N ARG B 583 20.23 -29.91 -34.43
CA ARG B 583 19.95 -29.23 -35.67
C ARG B 583 19.90 -27.74 -35.44
N THR B 584 19.32 -27.35 -34.32
CA THR B 584 19.23 -25.92 -33.97
C THR B 584 20.59 -25.32 -33.76
N ILE B 585 21.55 -26.09 -33.27
CA ILE B 585 22.84 -25.51 -32.95
C ILE B 585 23.62 -25.33 -34.24
N GLU B 586 23.42 -26.22 -35.20
CA GLU B 586 24.10 -26.08 -36.46
C GLU B 586 23.67 -24.81 -37.18
N GLU B 587 22.37 -24.55 -37.22
CA GLU B 587 21.88 -23.38 -37.90
C GLU B 587 22.33 -22.09 -37.24
N VAL B 588 22.31 -22.06 -35.92
CA VAL B 588 22.77 -20.88 -35.19
C VAL B 588 24.26 -20.66 -35.42
N ASP B 589 25.04 -21.73 -35.45
CA ASP B 589 26.48 -21.61 -35.68
C ASP B 589 26.80 -21.25 -37.12
N THR B 590 25.82 -21.38 -38.02
CA THR B 590 26.04 -20.99 -39.41
C THR B 590 25.58 -19.55 -39.59
N ILE B 591 24.50 -19.18 -38.91
CA ILE B 591 24.05 -17.80 -38.97
C ILE B 591 25.08 -16.88 -38.36
N ASN B 592 25.69 -17.31 -37.27
CA ASN B 592 26.68 -16.49 -36.62
C ASN B 592 27.89 -16.28 -37.53
N LYS B 593 28.31 -17.30 -38.25
CA LYS B 593 29.45 -17.17 -39.14
C LYS B 593 29.20 -16.19 -40.27
N ASN B 594 28.03 -16.24 -40.89
CA ASN B 594 27.70 -15.26 -41.94
C ASN B 594 27.64 -13.89 -41.32
N ALA B 595 27.11 -13.80 -40.11
CA ALA B 595 27.05 -12.54 -39.39
C ALA B 595 28.42 -11.97 -39.03
N THR B 596 29.40 -12.82 -38.79
CA THR B 596 30.69 -12.32 -38.34
C THR B 596 31.38 -11.83 -39.57
N GLN B 597 31.05 -12.39 -40.73
CA GLN B 597 31.58 -11.87 -41.96
C GLN B 597 31.35 -10.36 -42.03
N MET B 598 30.20 -9.91 -41.53
CA MET B 598 29.88 -8.48 -41.53
C MET B 598 30.84 -7.70 -40.64
N LYS B 599 31.48 -6.68 -41.19
CA LYS B 599 32.43 -5.89 -40.42
C LYS B 599 31.73 -5.10 -39.34
N GLU B 600 30.50 -4.68 -39.58
CA GLU B 600 29.74 -3.92 -38.60
C GLU B 600 29.43 -4.70 -37.34
N ILE B 601 29.15 -5.99 -37.46
CA ILE B 601 28.74 -6.75 -36.28
C ILE B 601 29.94 -7.20 -35.50
N SER B 602 30.23 -6.52 -34.39
CA SER B 602 31.37 -6.89 -33.57
C SER B 602 31.29 -8.22 -32.84
N SER B 603 30.16 -8.50 -32.18
CA SER B 603 30.04 -9.73 -31.42
C SER B 603 28.61 -10.20 -31.27
N SER B 604 28.42 -11.44 -30.81
CA SER B 604 27.07 -12.00 -30.68
C SER B 604 26.86 -12.91 -29.48
N VAL B 605 25.68 -12.89 -28.87
CA VAL B 605 25.39 -13.80 -27.77
C VAL B 605 24.22 -14.68 -28.12
N SER B 606 24.44 -15.98 -28.23
CA SER B 606 23.41 -16.88 -28.73
C SER B 606 22.78 -17.70 -27.65
N LEU B 607 21.45 -17.70 -27.60
CA LEU B 607 20.79 -18.57 -26.65
C LEU B 607 20.21 -19.59 -27.58
N ILE B 608 20.60 -20.84 -27.44
CA ILE B 608 20.16 -21.87 -28.36
C ILE B 608 19.27 -22.77 -27.56
N GLY B 609 18.12 -23.12 -28.11
CA GLY B 609 17.19 -23.90 -27.33
C GLY B 609 16.35 -23.05 -26.42
N PHE B 610 16.35 -21.74 -26.62
CA PHE B 610 15.54 -20.85 -25.82
C PHE B 610 14.64 -19.98 -26.67
N ASP B 611 13.40 -19.78 -26.27
CA ASP B 611 12.56 -18.84 -27.00
C ASP B 611 12.31 -17.63 -26.15
N LEU B 612 12.69 -16.47 -26.67
CA LEU B 612 12.51 -15.21 -25.96
C LEU B 612 11.07 -14.78 -25.77
N PHE B 613 10.23 -15.04 -26.77
CA PHE B 613 8.84 -14.59 -26.73
C PHE B 613 8.00 -15.36 -25.72
N THR B 614 8.40 -16.57 -25.37
CA THR B 614 7.69 -17.31 -24.34
C THR B 614 8.53 -17.45 -23.08
N SER B 615 9.76 -16.94 -23.11
CA SER B 615 10.65 -17.07 -21.97
C SER B 615 10.83 -18.52 -21.60
N SER B 616 10.69 -19.42 -22.56
CA SER B 616 10.75 -20.85 -22.27
C SER B 616 11.74 -21.57 -23.16
N LEU B 617 12.19 -22.74 -22.72
CA LEU B 617 13.15 -23.50 -23.51
C LEU B 617 12.49 -24.38 -24.55
N LYS B 618 12.70 -24.06 -25.83
CA LYS B 618 12.16 -24.86 -26.92
C LYS B 618 13.30 -25.27 -27.80
N GLU B 619 13.42 -26.54 -28.14
CA GLU B 619 14.57 -26.98 -28.90
C GLU B 619 14.66 -26.36 -30.28
N ASN B 620 13.53 -26.26 -30.96
CA ASN B 620 13.52 -25.65 -32.29
C ASN B 620 13.94 -24.17 -32.28
N ALA B 621 13.60 -23.43 -31.24
CA ALA B 621 13.88 -22.00 -31.26
C ALA B 621 15.19 -21.56 -30.67
N ALA B 622 15.71 -20.44 -31.16
CA ALA B 622 16.95 -19.89 -30.65
C ALA B 622 16.92 -18.40 -30.83
N ALA B 623 17.69 -17.67 -30.05
CA ALA B 623 17.77 -16.22 -30.23
C ALA B 623 19.22 -15.78 -30.24
N VAL B 624 19.64 -14.98 -31.22
CA VAL B 624 21.00 -14.48 -31.18
C VAL B 624 20.93 -12.97 -31.23
N PHE B 625 21.71 -12.28 -30.40
CA PHE B 625 21.75 -10.84 -30.44
C PHE B 625 23.04 -10.46 -31.10
N PHE B 626 22.99 -9.82 -32.26
CA PHE B 626 24.21 -9.37 -32.90
C PHE B 626 24.52 -7.95 -32.47
N ILE B 627 25.58 -7.76 -31.69
CA ILE B 627 25.93 -6.43 -31.25
C ILE B 627 26.74 -5.73 -32.30
N LEU B 628 26.20 -4.65 -32.86
CA LEU B 628 26.88 -3.90 -33.89
C LEU B 628 27.92 -2.97 -33.33
N LYS B 629 28.76 -2.43 -34.18
CA LYS B 629 29.80 -1.51 -33.72
C LYS B 629 29.24 -0.16 -33.31
N ASP B 630 30.10 0.71 -32.82
CA ASP B 630 29.67 2.02 -32.38
C ASP B 630 29.19 2.77 -33.60
N TRP B 631 28.23 3.65 -33.43
CA TRP B 631 27.66 4.33 -34.57
C TRP B 631 28.73 5.12 -35.30
N SER B 632 29.66 5.69 -34.55
CA SER B 632 30.73 6.47 -35.15
C SER B 632 31.62 5.60 -36.02
N GLN B 633 31.96 4.42 -35.52
CA GLN B 633 32.85 3.52 -36.25
C GLN B 633 32.26 3.06 -37.56
N ARG B 634 30.98 2.68 -37.58
CA ARG B 634 30.39 2.12 -38.80
C ARG B 634 29.39 2.98 -39.53
N GLU B 635 29.58 3.12 -40.83
CA GLU B 635 28.65 3.89 -41.64
C GLU B 635 27.24 3.31 -41.71
N ALA B 636 27.14 1.99 -41.79
CA ALA B 636 25.82 1.36 -41.95
C ALA B 636 24.88 1.47 -40.76
N SER B 637 23.58 1.62 -41.03
CA SER B 637 22.61 1.64 -39.94
C SER B 637 22.12 0.25 -39.66
N SER B 638 21.34 0.09 -38.59
CA SER B 638 20.82 -1.22 -38.25
C SER B 638 19.93 -1.79 -39.33
N ASP B 639 19.08 -0.95 -39.92
CA ASP B 639 18.15 -1.42 -40.93
C ASP B 639 18.86 -1.97 -42.15
N GLN B 640 19.93 -1.31 -42.57
CA GLN B 640 20.69 -1.78 -43.70
C GLN B 640 21.32 -3.14 -43.43
N ILE B 641 21.88 -3.30 -42.24
CA ILE B 641 22.50 -4.57 -41.87
C ILE B 641 21.43 -5.64 -41.83
N ILE B 642 20.24 -5.29 -41.37
CA ILE B 642 19.14 -6.24 -41.30
C ILE B 642 18.84 -6.74 -42.69
N ALA B 643 18.92 -5.88 -43.68
CA ALA B 643 18.56 -6.29 -45.03
C ALA B 643 19.68 -7.09 -45.65
N GLN B 644 20.92 -6.81 -45.24
CA GLN B 644 22.01 -7.63 -45.70
C GLN B 644 21.96 -9.02 -45.10
N LEU B 645 21.61 -9.12 -43.82
CA LEU B 645 21.51 -10.41 -43.17
C LEU B 645 20.40 -11.22 -43.83
N PHE B 646 19.28 -10.56 -44.10
CA PHE B 646 18.19 -11.24 -44.79
C PHE B 646 18.65 -11.64 -46.17
N GLY B 647 19.46 -10.81 -46.80
CA GLY B 647 19.93 -11.09 -48.14
C GLY B 647 20.74 -12.36 -48.21
N GLN B 648 21.58 -12.61 -47.22
CA GLN B 648 22.44 -13.78 -47.23
C GLN B 648 21.60 -15.04 -47.26
N TYR B 649 20.52 -15.04 -46.49
CA TYR B 649 19.68 -16.22 -46.42
C TYR B 649 18.43 -16.02 -47.24
N ALA B 650 18.26 -16.81 -48.29
CA ALA B 650 17.12 -16.58 -49.16
C ALA B 650 16.34 -17.85 -49.31
N ALA B 651 15.22 -17.93 -48.59
CA ALA B 651 14.36 -19.12 -48.66
C ALA B 651 15.09 -20.45 -48.54
N ASP B 652 16.08 -20.52 -47.67
CA ASP B 652 16.77 -21.78 -47.46
C ASP B 652 15.79 -22.80 -46.91
N ARG B 653 14.94 -22.40 -45.96
CA ARG B 653 13.90 -23.27 -45.38
C ARG B 653 14.41 -24.22 -44.31
N ASN B 654 15.69 -24.23 -44.05
CA ASN B 654 16.19 -25.02 -42.93
C ASN B 654 16.03 -24.23 -41.65
N ALA B 655 16.33 -22.95 -41.66
CA ALA B 655 16.06 -22.14 -40.49
C ALA B 655 15.28 -20.93 -40.89
N LEU B 656 14.18 -20.64 -40.20
CA LEU B 656 13.48 -19.40 -40.50
C LEU B 656 14.01 -18.42 -39.50
N SER B 657 14.72 -17.41 -39.97
CA SER B 657 15.32 -16.45 -39.08
C SER B 657 14.87 -15.07 -39.44
N TYR B 658 14.41 -14.33 -38.45
CA TYR B 658 13.97 -12.98 -38.69
C TYR B 658 14.91 -12.08 -37.95
N PHE B 659 15.57 -11.19 -38.67
CA PHE B 659 16.53 -10.30 -38.05
C PHE B 659 15.78 -9.04 -37.73
N LEU B 660 15.52 -8.81 -36.45
CA LEU B 660 14.70 -7.69 -36.06
C LEU B 660 15.44 -6.66 -35.26
N ASN B 661 15.05 -5.39 -35.38
CA ASN B 661 15.66 -4.35 -34.58
C ASN B 661 14.99 -4.31 -33.23
N LEU B 662 15.71 -3.87 -32.21
CA LEU B 662 15.17 -3.80 -30.86
C LEU B 662 14.04 -2.77 -30.77
N PRO B 663 13.09 -2.95 -29.85
CA PRO B 663 11.94 -2.04 -29.73
C PRO B 663 12.30 -0.61 -29.37
N PRO B 664 11.54 0.37 -29.88
CA PRO B 664 11.89 1.78 -29.64
C PRO B 664 11.86 2.17 -28.16
N ILE B 665 10.87 1.73 -27.41
CA ILE B 665 10.81 1.99 -25.97
C ILE B 665 11.27 0.67 -25.44
N PRO B 666 12.23 0.67 -24.51
CA PRO B 666 12.79 -0.63 -24.10
C PRO B 666 11.86 -1.69 -23.53
N GLY B 667 10.92 -1.35 -22.68
CA GLY B 667 10.11 -2.39 -22.07
C GLY B 667 8.76 -2.69 -22.69
N LEU B 668 8.34 -1.92 -23.69
CA LEU B 668 7.02 -2.11 -24.27
C LEU B 668 6.90 -3.47 -24.89
N SER B 669 7.93 -3.92 -25.59
CA SER B 669 7.86 -5.21 -26.27
C SER B 669 9.21 -5.86 -26.31
N LEU B 670 9.25 -7.17 -26.50
CA LEU B 670 10.54 -7.83 -26.65
C LEU B 670 11.22 -7.35 -27.91
N THR B 671 10.46 -7.22 -28.99
CA THR B 671 11.03 -6.82 -30.27
C THR B 671 10.23 -5.74 -30.95
N GLY B 672 10.80 -5.13 -31.99
CA GLY B 672 10.10 -4.12 -32.76
C GLY B 672 9.08 -4.69 -33.72
N GLY B 673 7.97 -3.98 -33.91
CA GLY B 673 6.93 -4.46 -34.80
C GLY B 673 5.64 -4.83 -34.11
N PHE B 674 4.56 -4.95 -34.87
CA PHE B 674 3.26 -5.34 -34.31
C PHE B 674 3.06 -6.75 -33.80
N GLU B 675 2.30 -6.88 -32.72
CA GLU B 675 2.02 -8.18 -32.15
C GLU B 675 0.52 -8.34 -32.01
N MET B 676 -0.17 -8.57 -33.11
CA MET B 676 -1.61 -8.76 -33.10
C MET B 676 -1.99 -10.15 -32.67
N TYR B 677 -3.13 -10.31 -32.01
CA TYR B 677 -3.60 -11.64 -31.63
C TYR B 677 -4.94 -11.91 -32.27
N ALA B 678 -5.06 -12.98 -33.05
CA ALA B 678 -6.34 -13.34 -33.64
C ALA B 678 -7.11 -14.19 -32.65
N GLN B 679 -8.15 -13.64 -32.05
CA GLN B 679 -8.85 -14.37 -31.01
C GLN B 679 -10.07 -15.06 -31.56
N ASN B 680 -10.03 -16.38 -31.64
CA ASN B 680 -11.20 -17.11 -32.08
C ASN B 680 -12.37 -17.09 -31.13
N LYS B 681 -13.40 -16.33 -31.46
CA LYS B 681 -14.60 -16.35 -30.65
C LYS B 681 -15.38 -17.63 -30.76
N SER B 682 -15.44 -18.25 -31.95
CA SER B 682 -16.30 -19.42 -32.07
C SER B 682 -15.84 -20.46 -31.10
N GLY B 683 -14.54 -20.73 -31.00
CA GLY B 683 -14.18 -21.95 -30.29
C GLY B 683 -13.55 -23.04 -31.13
N LYS B 684 -13.18 -22.72 -32.36
CA LYS B 684 -12.57 -23.69 -33.24
C LYS B 684 -11.27 -24.20 -32.64
N ASP B 685 -11.00 -25.48 -32.81
CA ASP B 685 -9.80 -26.07 -32.23
C ASP B 685 -8.55 -25.46 -32.80
N TYR B 686 -7.43 -25.60 -32.09
CA TYR B 686 -6.21 -24.96 -32.52
C TYR B 686 -5.77 -25.42 -33.90
N ASP B 687 -5.99 -26.67 -34.23
CA ASP B 687 -5.67 -27.14 -35.56
C ASP B 687 -6.50 -26.39 -36.60
N ALA B 688 -7.77 -26.17 -36.32
CA ALA B 688 -8.60 -25.41 -37.26
C ALA B 688 -8.22 -23.95 -37.26
N ILE B 689 -7.83 -23.41 -36.11
CA ILE B 689 -7.40 -22.03 -36.02
C ILE B 689 -6.16 -21.80 -36.85
N GLN B 690 -5.25 -22.77 -36.88
CA GLN B 690 -3.99 -22.49 -37.57
C GLN B 690 -4.15 -22.62 -39.06
N GLN B 691 -5.27 -23.14 -39.55
CA GLN B 691 -5.41 -23.14 -40.98
C GLN B 691 -6.05 -21.82 -41.32
N ASP B 692 -6.73 -21.22 -40.37
CA ASP B 692 -7.29 -19.89 -40.57
C ASP B 692 -6.25 -18.81 -40.57
N VAL B 693 -5.25 -18.93 -39.71
CA VAL B 693 -4.28 -17.86 -39.60
C VAL B 693 -3.21 -18.01 -40.65
N ASN B 694 -2.93 -19.22 -41.11
CA ASN B 694 -2.01 -19.39 -42.22
C ASN B 694 -2.54 -18.77 -43.49
N LYS B 695 -3.84 -18.90 -43.73
CA LYS B 695 -4.46 -18.29 -44.90
C LYS B 695 -4.33 -16.79 -44.81
N MET B 696 -4.52 -16.25 -43.61
CA MET B 696 -4.42 -14.82 -43.41
C MET B 696 -3.02 -14.32 -43.72
N LEU B 697 -2.02 -15.14 -43.46
CA LEU B 697 -0.66 -14.67 -43.62
C LEU B 697 -0.25 -14.66 -45.08
N GLU B 698 -0.94 -15.40 -45.94
CA GLU B 698 -0.58 -15.33 -47.34
C GLU B 698 -1.10 -14.02 -47.89
N LEU B 699 -2.23 -13.55 -47.40
CA LEU B 699 -2.72 -12.22 -47.76
C LEU B 699 -1.87 -11.12 -47.17
N ALA B 700 -1.41 -11.30 -45.94
CA ALA B 700 -0.55 -10.31 -45.32
C ALA B 700 0.72 -10.21 -46.11
N ARG B 701 1.19 -11.33 -46.64
CA ARG B 701 2.40 -11.31 -47.44
C ARG B 701 2.25 -10.55 -48.75
N THR B 702 1.04 -10.49 -49.28
CA THR B 702 0.82 -9.73 -50.51
C THR B 702 0.91 -8.23 -50.29
N ARG B 703 0.47 -7.74 -49.13
CA ARG B 703 0.47 -6.30 -48.87
C ARG B 703 1.83 -5.65 -48.82
N LYS B 704 1.98 -4.47 -49.41
CA LYS B 704 3.28 -3.84 -49.46
C LYS B 704 3.59 -3.15 -48.15
N GLU B 705 2.57 -2.80 -47.38
CA GLU B 705 2.79 -2.20 -46.08
C GLU B 705 3.47 -3.12 -45.08
N LEU B 706 3.16 -4.41 -45.10
CA LEU B 706 3.68 -5.34 -44.10
C LEU B 706 4.86 -6.19 -44.54
N ALA B 707 5.84 -6.38 -43.66
CA ALA B 707 6.97 -7.25 -43.98
C ALA B 707 7.27 -8.17 -42.81
N ASN B 708 7.91 -9.31 -43.07
CA ASN B 708 8.27 -10.26 -42.01
C ASN B 708 7.09 -10.69 -41.17
N VAL B 709 5.95 -10.94 -41.80
CA VAL B 709 4.77 -11.36 -41.07
C VAL B 709 4.89 -12.84 -40.75
N ARG B 710 4.65 -13.18 -39.49
CA ARG B 710 4.80 -14.57 -39.06
C ARG B 710 3.85 -14.86 -37.93
N THR B 711 3.54 -16.12 -37.68
CA THR B 711 2.74 -16.43 -36.52
C THR B 711 3.52 -17.42 -35.67
N THR B 712 3.36 -17.35 -34.36
CA THR B 712 4.01 -18.35 -33.53
C THR B 712 3.21 -19.62 -33.18
N LEU B 713 2.02 -19.80 -33.76
CA LEU B 713 1.24 -21.01 -33.52
C LEU B 713 1.68 -22.13 -34.42
N ASP B 714 2.25 -23.18 -33.84
CA ASP B 714 2.68 -24.32 -34.62
C ASP B 714 1.96 -25.55 -34.11
N THR B 715 0.98 -26.03 -34.87
CA THR B 715 0.19 -27.17 -34.43
C THR B 715 0.69 -28.46 -35.05
N SER B 716 1.87 -28.41 -35.67
CA SER B 716 2.35 -29.60 -36.36
C SER B 716 3.48 -30.32 -35.65
N PHE B 717 3.71 -30.07 -34.38
CA PHE B 717 4.71 -30.83 -33.65
C PHE B 717 4.32 -32.30 -33.59
N PRO B 718 5.29 -33.22 -33.87
CA PRO B 718 4.86 -34.62 -33.76
C PRO B 718 4.60 -35.10 -32.34
N GLN B 719 3.50 -35.81 -32.15
CA GLN B 719 3.15 -36.32 -30.83
C GLN B 719 2.75 -37.79 -30.91
N TYR B 720 2.83 -38.49 -29.78
CA TYR B 720 2.48 -39.89 -29.77
C TYR B 720 1.51 -40.03 -28.64
N LYS B 721 0.45 -40.78 -28.86
CA LYS B 721 -0.57 -40.90 -27.84
C LYS B 721 -0.74 -42.34 -27.41
N LEU B 722 -0.15 -42.72 -26.28
CA LEU B 722 -0.35 -44.06 -25.78
C LEU B 722 -1.81 -44.22 -25.38
N ILE B 723 -2.41 -45.35 -25.73
CA ILE B 723 -3.79 -45.58 -25.38
C ILE B 723 -3.84 -46.85 -24.55
N ILE B 724 -4.53 -46.82 -23.42
CA ILE B 724 -4.55 -47.97 -22.53
C ILE B 724 -5.81 -48.78 -22.73
N ASP B 725 -5.67 -50.07 -22.99
CA ASP B 725 -6.85 -50.91 -23.09
C ASP B 725 -7.05 -51.41 -21.68
N ARG B 726 -8.10 -50.92 -21.03
CA ARG B 726 -8.35 -51.30 -19.65
C ARG B 726 -8.67 -52.74 -19.46
N ASP B 727 -9.40 -53.33 -20.40
CA ASP B 727 -9.79 -54.70 -20.23
C ASP B 727 -8.55 -55.58 -20.17
N LYS B 728 -7.60 -55.35 -21.06
CA LYS B 728 -6.35 -56.10 -21.00
C LYS B 728 -5.60 -55.77 -19.74
N MET B 729 -5.61 -54.50 -19.35
CA MET B 729 -4.84 -54.11 -18.19
C MET B 729 -5.32 -54.79 -16.92
N LYS B 730 -6.61 -54.97 -16.76
CA LYS B 730 -7.09 -55.55 -15.52
C LYS B 730 -7.04 -57.05 -15.66
N TYR B 731 -7.11 -57.54 -16.89
CA TYR B 731 -6.97 -58.97 -17.14
C TYR B 731 -5.56 -59.38 -16.79
N TYR B 732 -4.66 -58.42 -16.75
CA TYR B 732 -3.29 -58.73 -16.36
C TYR B 732 -3.06 -58.29 -14.95
N ASN B 733 -4.14 -58.11 -14.18
CA ASN B 733 -4.02 -57.75 -12.78
C ASN B 733 -3.16 -56.53 -12.48
N LEU B 734 -3.38 -55.45 -13.21
CA LEU B 734 -2.55 -54.26 -13.06
C LEU B 734 -3.32 -53.03 -12.68
N ASN B 735 -2.76 -52.18 -11.84
CA ASN B 735 -3.41 -50.94 -11.46
C ASN B 735 -3.04 -49.86 -12.44
N MET B 736 -3.98 -48.97 -12.73
CA MET B 736 -3.72 -47.92 -13.71
C MET B 736 -2.60 -47.02 -13.31
N GLN B 737 -2.48 -46.71 -12.03
CA GLN B 737 -1.49 -45.72 -11.67
C GLN B 737 -0.11 -46.31 -11.63
N ASP B 738 0.02 -47.61 -11.44
CA ASP B 738 1.35 -48.18 -11.53
C ASP B 738 1.87 -48.08 -12.95
N VAL B 739 0.98 -48.18 -13.93
CA VAL B 739 1.36 -48.02 -15.32
C VAL B 739 1.82 -46.61 -15.58
N PHE B 740 1.12 -45.66 -14.99
CA PHE B 740 1.47 -44.26 -15.14
C PHE B 740 2.82 -43.98 -14.54
N ASN B 741 3.11 -44.63 -13.42
CA ASN B 741 4.38 -44.43 -12.74
C ASN B 741 5.55 -45.05 -13.49
N THR B 742 5.37 -46.26 -14.03
CA THR B 742 6.44 -46.88 -14.82
C THR B 742 6.78 -45.99 -16.00
N ILE B 743 5.78 -45.54 -16.73
CA ILE B 743 6.02 -44.71 -17.91
C ILE B 743 6.72 -43.42 -17.52
N SER B 744 6.37 -42.82 -16.39
CA SER B 744 6.97 -41.54 -16.07
C SER B 744 8.36 -41.77 -15.59
N ALA B 745 8.67 -42.99 -15.18
CA ALA B 745 10.05 -43.32 -14.87
C ALA B 745 10.89 -43.70 -16.08
N THR B 746 10.51 -44.75 -16.80
CA THR B 746 11.29 -45.15 -17.96
C THR B 746 11.33 -44.18 -19.15
N ILE B 747 10.17 -43.70 -19.58
CA ILE B 747 10.15 -42.72 -20.68
C ILE B 747 10.69 -41.33 -20.31
N GLY B 748 10.36 -40.84 -19.13
CA GLY B 748 10.80 -39.50 -18.73
C GLY B 748 11.60 -39.43 -17.45
N THR B 749 12.19 -38.28 -17.13
CA THR B 749 12.87 -38.15 -15.87
C THR B 749 11.84 -38.15 -14.77
N TYR B 750 12.10 -38.88 -13.69
CA TYR B 750 11.19 -38.86 -12.56
C TYR B 750 11.96 -38.33 -11.37
N TYR B 751 11.45 -37.29 -10.73
CA TYR B 751 12.17 -36.67 -9.62
C TYR B 751 11.79 -37.36 -8.31
N VAL B 752 12.55 -38.38 -7.94
CA VAL B 752 12.19 -39.10 -6.73
C VAL B 752 12.39 -38.28 -5.47
N ASN B 753 13.56 -37.70 -5.28
CA ASN B 753 13.82 -36.83 -4.12
C ASN B 753 15.04 -35.96 -4.31
N ASP B 754 15.38 -35.17 -3.29
CA ASP B 754 16.61 -34.38 -3.32
C ASP B 754 17.81 -35.12 -2.76
N PHE B 755 19.01 -34.70 -3.14
CA PHE B 755 20.24 -35.30 -2.61
C PHE B 755 21.18 -34.14 -2.32
N PRO B 756 22.16 -34.34 -1.46
CA PRO B 756 22.98 -33.16 -1.16
C PRO B 756 24.28 -33.06 -1.92
N MET B 757 24.50 -31.93 -2.60
CA MET B 757 25.78 -31.71 -3.26
C MET B 757 26.22 -30.28 -3.14
N LEU B 758 27.47 -30.03 -2.76
CA LEU B 758 28.00 -28.66 -2.73
C LEU B 758 27.17 -27.69 -1.91
N GLY B 759 26.61 -28.17 -0.81
CA GLY B 759 25.80 -27.32 0.06
C GLY B 759 24.40 -26.96 -0.37
N LYS B 760 23.89 -27.59 -1.41
CA LYS B 760 22.54 -27.32 -1.90
C LYS B 760 21.84 -28.62 -2.23
N ASN B 761 20.51 -28.62 -2.21
CA ASN B 761 19.81 -29.87 -2.43
C ASN B 761 19.49 -30.03 -3.91
N PHE B 762 20.16 -30.96 -4.57
CA PHE B 762 19.93 -31.20 -5.99
C PHE B 762 19.03 -32.40 -6.22
N GLN B 763 18.39 -32.48 -7.38
CA GLN B 763 17.44 -33.57 -7.66
C GLN B 763 18.00 -34.96 -7.95
N VAL B 764 17.22 -35.99 -7.68
CA VAL B 764 17.63 -37.35 -8.07
C VAL B 764 16.61 -37.73 -9.10
N ASN B 765 17.04 -38.05 -10.32
CA ASN B 765 16.09 -38.32 -11.39
C ASN B 765 16.26 -39.71 -11.98
N ILE B 766 15.15 -40.40 -12.22
CA ILE B 766 15.20 -41.74 -12.83
C ILE B 766 14.72 -41.72 -14.29
N ARG B 767 15.45 -42.33 -15.21
CA ARG B 767 14.99 -42.43 -16.61
C ARG B 767 15.57 -43.70 -17.17
N ALA B 768 15.26 -44.03 -18.41
CA ALA B 768 15.74 -45.28 -18.98
C ALA B 768 16.61 -45.12 -20.19
N LEU B 769 17.75 -45.79 -20.20
CA LEU B 769 18.67 -45.70 -21.31
C LEU B 769 18.18 -46.52 -22.50
N GLY B 770 18.67 -46.23 -23.70
CA GLY B 770 18.30 -47.00 -24.87
C GLY B 770 16.85 -47.16 -25.30
N ASP B 771 16.07 -46.08 -25.28
CA ASP B 771 14.68 -46.12 -25.75
C ASP B 771 14.61 -45.48 -27.13
N PHE B 772 15.74 -45.49 -27.84
CA PHE B 772 15.82 -44.81 -29.13
C PHE B 772 15.06 -45.40 -30.31
N ARG B 773 14.52 -46.61 -30.17
CA ARG B 773 13.83 -47.24 -31.28
C ARG B 773 12.70 -46.35 -31.76
N ASN B 774 11.82 -45.94 -30.85
CA ASN B 774 10.67 -45.07 -31.17
C ASN B 774 9.61 -45.86 -31.90
N THR B 775 9.79 -47.17 -31.98
CA THR B 775 8.84 -48.02 -32.69
C THR B 775 8.10 -48.94 -31.76
N GLN B 776 8.06 -48.60 -30.47
CA GLN B 776 7.34 -49.39 -29.48
C GLN B 776 8.08 -50.66 -29.15
N ASP B 777 9.35 -50.73 -29.52
CA ASP B 777 10.16 -51.86 -29.11
C ASP B 777 10.20 -51.64 -27.61
N ALA B 778 10.25 -50.38 -27.20
CA ALA B 778 10.29 -50.04 -25.79
C ALA B 778 9.05 -50.57 -25.11
N LEU B 779 7.92 -50.50 -25.78
CA LEU B 779 6.67 -51.00 -25.22
C LEU B 779 6.77 -52.48 -24.90
N LYS B 780 7.51 -53.23 -25.70
CA LYS B 780 7.68 -54.63 -25.37
C LYS B 780 8.77 -54.82 -24.34
N ASN B 781 9.84 -54.04 -24.44
CA ASN B 781 10.95 -54.14 -23.49
C ASN B 781 10.64 -53.77 -22.03
N ILE B 782 9.85 -52.73 -21.81
CA ILE B 782 9.54 -52.32 -20.46
C ILE B 782 8.53 -53.27 -19.84
N TYR B 783 8.78 -53.74 -18.63
CA TYR B 783 7.90 -54.71 -18.00
C TYR B 783 7.35 -54.25 -16.66
N ILE B 784 6.04 -54.35 -16.47
CA ILE B 784 5.44 -54.01 -15.18
C ILE B 784 4.99 -55.26 -14.42
N ARG B 785 5.27 -55.36 -13.13
CA ARG B 785 4.79 -56.49 -12.33
C ARG B 785 3.35 -56.34 -11.90
N SER B 786 2.62 -57.43 -11.85
CA SER B 786 1.22 -57.38 -11.48
C SER B 786 1.05 -57.78 -10.03
N SER B 787 -0.18 -57.78 -9.53
CA SER B 787 -0.44 -58.23 -8.17
C SER B 787 -0.10 -59.71 -8.10
N ASP B 788 -0.32 -60.43 -9.20
CA ASP B 788 -0.04 -61.86 -9.27
C ASP B 788 1.45 -62.12 -9.34
N ASN B 789 2.26 -61.07 -9.25
CA ASN B 789 3.72 -61.21 -9.37
C ASN B 789 4.19 -61.78 -10.69
N LYS B 790 3.51 -61.48 -11.79
CA LYS B 790 4.01 -61.91 -13.08
C LYS B 790 4.15 -60.68 -13.92
N MET B 791 5.32 -60.50 -14.51
CA MET B 791 5.59 -59.30 -15.27
C MET B 791 4.77 -59.26 -16.54
N ILE B 792 4.23 -58.10 -16.86
CA ILE B 792 3.43 -57.95 -18.06
C ILE B 792 4.14 -56.94 -18.93
N PRO B 793 4.40 -57.26 -20.22
CA PRO B 793 5.05 -56.17 -20.95
C PRO B 793 4.02 -55.09 -21.27
N LEU B 794 4.47 -53.87 -21.53
CA LEU B 794 3.54 -52.78 -21.81
C LEU B 794 2.85 -52.98 -23.12
N ASN B 795 3.43 -53.79 -24.00
CA ASN B 795 2.88 -53.96 -25.34
C ASN B 795 1.48 -54.50 -25.30
N SER B 796 1.20 -55.39 -24.36
CA SER B 796 -0.13 -55.98 -24.24
C SER B 796 -1.22 -54.95 -24.29
N PHE B 797 -1.26 -54.07 -23.29
CA PHE B 797 -2.32 -53.09 -23.19
C PHE B 797 -2.10 -51.70 -23.77
N LEU B 798 -0.88 -51.38 -24.19
CA LEU B 798 -0.63 -50.02 -24.66
C LEU B 798 -0.38 -49.97 -26.15
N THR B 799 -1.16 -49.16 -26.87
CA THR B 799 -0.93 -48.99 -28.30
C THR B 799 -0.47 -47.58 -28.61
N LEU B 800 0.62 -47.43 -29.36
CA LEU B 800 1.17 -46.13 -29.69
C LEU B 800 0.55 -45.59 -30.97
N VAL B 801 -0.04 -44.39 -30.90
CA VAL B 801 -0.68 -43.80 -32.06
C VAL B 801 0.06 -42.55 -32.51
N ARG B 802 0.42 -42.46 -33.77
CA ARG B 802 1.18 -41.31 -34.25
C ARG B 802 0.28 -40.17 -34.67
N SER B 803 0.50 -38.98 -34.13
CA SER B 803 -0.38 -37.83 -34.41
C SER B 803 0.41 -36.54 -34.31
N ALA B 804 -0.19 -35.41 -34.68
CA ALA B 804 0.50 -34.13 -34.54
C ALA B 804 -0.35 -33.07 -33.88
N GLY B 805 0.20 -32.38 -32.90
CA GLY B 805 -0.55 -31.36 -32.18
C GLY B 805 0.32 -30.27 -31.58
N PRO B 806 -0.29 -29.14 -31.22
CA PRO B 806 0.51 -28.00 -30.74
C PRO B 806 1.30 -28.24 -29.48
N ASP B 807 2.58 -27.88 -29.49
CA ASP B 807 3.40 -27.98 -28.30
C ASP B 807 2.97 -26.98 -27.25
N ASP B 808 2.76 -25.72 -27.66
CA ASP B 808 2.31 -24.70 -26.72
C ASP B 808 1.16 -23.89 -27.26
N VAL B 809 0.14 -23.67 -26.44
CA VAL B 809 -1.05 -22.99 -26.88
C VAL B 809 -1.20 -21.64 -26.20
N LYS B 810 -1.77 -20.66 -26.89
CA LYS B 810 -1.88 -19.32 -26.31
C LYS B 810 -3.30 -18.80 -26.23
N ARG B 811 -3.65 -18.19 -25.11
CA ARG B 811 -4.97 -17.57 -24.97
C ARG B 811 -4.74 -16.12 -24.65
N PHE B 812 -5.35 -15.23 -25.42
CA PHE B 812 -5.20 -13.81 -25.16
C PHE B 812 -6.55 -13.20 -24.86
N ASN B 813 -6.67 -12.50 -23.74
CA ASN B 813 -7.92 -11.81 -23.45
C ASN B 813 -9.10 -12.73 -23.28
N LEU B 814 -8.91 -13.84 -22.57
CA LEU B 814 -10.00 -14.78 -22.32
C LEU B 814 -10.49 -15.49 -23.56
N PHE B 815 -9.72 -15.44 -24.64
CA PHE B 815 -10.11 -16.09 -25.87
C PHE B 815 -8.95 -16.89 -26.44
N PRO B 816 -9.24 -18.08 -27.04
CA PRO B 816 -8.07 -18.72 -27.64
C PRO B 816 -7.49 -17.83 -28.69
N ALA B 817 -6.18 -17.87 -28.93
CA ALA B 817 -5.60 -16.94 -29.89
C ALA B 817 -4.31 -17.39 -30.54
N ALA B 818 -3.98 -16.74 -31.64
CA ALA B 818 -2.74 -17.05 -32.34
C ALA B 818 -2.00 -15.74 -32.44
N LEU B 819 -0.71 -15.74 -32.15
CA LEU B 819 0.00 -14.48 -32.15
C LEU B 819 0.61 -14.24 -33.50
N ILE B 820 0.22 -13.14 -34.14
CA ILE B 820 0.78 -12.80 -35.44
C ILE B 820 1.70 -11.64 -35.22
N GLN B 821 2.98 -11.83 -35.50
CA GLN B 821 3.93 -10.75 -35.34
C GLN B 821 4.30 -10.30 -36.73
N GLY B 822 4.70 -9.04 -36.86
CA GLY B 822 5.09 -8.52 -38.16
C GLY B 822 5.88 -7.24 -37.98
N ASP B 823 6.48 -6.74 -39.05
CA ASP B 823 7.23 -5.50 -39.01
C ASP B 823 6.74 -4.60 -40.12
N PRO B 824 6.71 -3.29 -39.91
CA PRO B 824 6.34 -2.41 -41.02
C PRO B 824 7.36 -2.52 -42.16
N ALA B 825 6.89 -2.65 -43.40
CA ALA B 825 7.80 -2.70 -44.54
C ALA B 825 8.59 -1.42 -44.78
N PRO B 826 9.87 -1.49 -45.25
CA PRO B 826 10.67 -0.26 -45.27
C PRO B 826 9.92 0.87 -45.93
N GLY B 827 9.86 2.03 -45.27
CA GLY B 827 9.18 3.11 -45.96
C GLY B 827 7.87 3.37 -45.27
N TYR B 828 7.39 2.37 -44.53
CA TYR B 828 6.08 2.50 -43.90
C TYR B 828 6.19 2.61 -42.41
N THR B 829 5.37 3.47 -41.81
CA THR B 829 5.44 3.69 -40.39
C THR B 829 4.69 2.63 -39.64
N SER B 830 4.82 2.65 -38.32
CA SER B 830 4.19 1.62 -37.51
C SER B 830 2.69 1.64 -37.67
N GLY B 831 2.11 2.83 -37.73
CA GLY B 831 0.68 2.95 -37.85
C GLY B 831 0.16 2.37 -39.12
N GLN B 832 0.88 2.59 -40.22
CA GLN B 832 0.46 2.04 -41.50
C GLN B 832 0.47 0.53 -41.44
N ALA B 833 1.47 -0.06 -40.80
CA ALA B 833 1.52 -1.50 -40.66
C ALA B 833 0.42 -2.03 -39.77
N ILE B 834 0.14 -1.35 -38.67
CA ILE B 834 -0.92 -1.78 -37.77
C ILE B 834 -2.24 -1.73 -38.52
N ASP B 835 -2.46 -0.67 -39.28
CA ASP B 835 -3.67 -0.59 -40.07
C ASP B 835 -3.74 -1.69 -41.11
N ALA B 836 -2.63 -1.95 -41.77
CA ALA B 836 -2.63 -2.96 -42.82
C ALA B 836 -2.90 -4.36 -42.31
N ILE B 837 -2.29 -4.75 -41.20
CA ILE B 837 -2.49 -6.10 -40.71
C ILE B 837 -3.92 -6.23 -40.23
N ALA B 838 -4.50 -5.15 -39.71
CA ALA B 838 -5.88 -5.19 -39.28
C ALA B 838 -6.79 -5.46 -40.46
N GLU B 839 -6.53 -4.80 -41.59
CA GLU B 839 -7.36 -5.00 -42.77
C GLU B 839 -7.27 -6.40 -43.31
N VAL B 840 -6.06 -6.95 -43.41
CA VAL B 840 -5.92 -8.28 -43.97
C VAL B 840 -6.55 -9.27 -43.04
N ALA B 841 -6.49 -8.97 -41.75
CA ALA B 841 -7.09 -9.86 -40.78
C ALA B 841 -8.58 -9.91 -40.96
N LYS B 842 -9.20 -8.76 -41.19
CA LYS B 842 -10.65 -8.74 -41.26
C LYS B 842 -11.14 -9.59 -42.42
N GLN B 843 -10.51 -9.44 -43.58
CA GLN B 843 -10.95 -10.21 -44.73
C GLN B 843 -10.72 -11.69 -44.59
N SER B 844 -9.54 -12.10 -44.16
CA SER B 844 -9.23 -13.52 -44.12
C SER B 844 -9.82 -14.22 -42.92
N LEU B 845 -9.56 -13.72 -41.73
CA LEU B 845 -10.08 -14.35 -40.52
C LEU B 845 -11.59 -14.32 -40.44
N GLY B 846 -12.20 -13.21 -40.85
CA GLY B 846 -13.65 -13.15 -40.86
C GLY B 846 -14.34 -12.72 -39.58
N ASP B 847 -15.67 -12.82 -39.55
CA ASP B 847 -16.46 -12.43 -38.39
C ASP B 847 -16.08 -13.11 -37.09
N GLU B 848 -15.92 -14.43 -37.11
CA GLU B 848 -15.67 -15.15 -35.87
C GLU B 848 -14.40 -14.73 -35.16
N TYR B 849 -13.35 -14.39 -35.89
CA TYR B 849 -12.10 -13.96 -35.27
C TYR B 849 -12.05 -12.49 -34.96
N SER B 850 -11.51 -12.13 -33.80
CA SER B 850 -11.39 -10.73 -33.42
C SER B 850 -9.94 -10.39 -33.24
N ILE B 851 -9.55 -9.16 -33.50
CA ILE B 851 -8.13 -8.84 -33.41
C ILE B 851 -7.80 -7.94 -32.24
N ALA B 852 -6.74 -8.28 -31.52
CA ALA B 852 -6.38 -7.54 -30.33
C ALA B 852 -4.92 -7.23 -30.38
N TRP B 853 -4.49 -6.21 -29.65
CA TRP B 853 -3.10 -5.78 -29.77
C TRP B 853 -2.35 -5.80 -28.46
N SER B 854 -1.03 -5.91 -28.52
CA SER B 854 -0.21 -5.92 -27.33
C SER B 854 1.01 -5.05 -27.48
N GLY B 855 1.57 -4.62 -26.37
CA GLY B 855 2.79 -3.83 -26.40
C GLY B 855 2.70 -2.54 -27.14
N SER B 856 3.66 -2.29 -28.02
CA SER B 856 3.71 -1.03 -28.72
C SER B 856 2.47 -0.80 -29.56
N ALA B 857 1.96 -1.85 -30.17
CA ALA B 857 0.78 -1.75 -31.01
C ALA B 857 -0.41 -1.30 -30.21
N TYR B 858 -0.60 -1.89 -29.05
CA TYR B 858 -1.73 -1.56 -28.22
C TYR B 858 -1.61 -0.12 -27.89
N GLN B 859 -0.45 0.29 -27.43
CA GLN B 859 -0.30 1.66 -26.99
C GLN B 859 -0.63 2.61 -28.13
N GLU B 860 -0.17 2.30 -29.34
CA GLU B 860 -0.49 3.14 -30.47
C GLU B 860 -1.98 3.20 -30.80
N VAL B 861 -2.65 2.06 -30.82
CA VAL B 861 -4.09 2.05 -31.10
C VAL B 861 -4.85 2.76 -30.01
N SER B 862 -4.49 2.52 -28.76
CA SER B 862 -5.21 3.12 -27.64
C SER B 862 -4.91 4.60 -27.50
N SER B 863 -3.90 5.09 -28.19
CA SER B 863 -3.49 6.47 -28.04
C SER B 863 -4.16 7.43 -29.01
N LYS B 864 -5.02 6.94 -29.89
CA LYS B 864 -5.62 7.80 -30.91
C LYS B 864 -6.48 8.93 -30.33
N GLY B 865 -6.24 10.19 -30.73
CA GLY B 865 -7.10 11.26 -30.26
C GLY B 865 -6.57 11.95 -29.02
N ALA B 866 -5.57 11.36 -28.38
CA ALA B 866 -4.97 11.97 -27.19
C ALA B 866 -4.32 13.30 -27.52
N GLY B 867 -3.53 13.33 -28.59
CA GLY B 867 -2.83 14.55 -28.96
C GLY B 867 -3.79 15.67 -29.27
N ALA B 868 -4.90 15.36 -29.92
CA ALA B 868 -5.90 16.37 -30.23
C ALA B 868 -6.49 16.97 -28.97
N TYR B 869 -6.74 16.16 -27.96
CA TYR B 869 -7.35 16.65 -26.74
C TYR B 869 -6.46 17.67 -26.11
N ALA B 870 -5.16 17.40 -26.07
CA ALA B 870 -4.21 18.38 -25.54
C ALA B 870 -4.18 19.64 -26.38
N PHE B 871 -4.19 19.49 -27.70
CA PHE B 871 -4.15 20.64 -28.59
C PHE B 871 -5.36 21.53 -28.49
N VAL B 872 -6.53 20.95 -28.29
CA VAL B 872 -7.75 21.73 -28.30
C VAL B 872 -7.99 22.28 -26.92
N LEU B 873 -7.78 21.49 -25.89
CA LEU B 873 -7.91 22.02 -24.54
C LEU B 873 -6.88 23.09 -24.28
N GLY B 874 -5.66 22.90 -24.77
CA GLY B 874 -4.61 23.88 -24.58
C GLY B 874 -5.00 25.21 -25.18
N MET B 875 -5.55 25.18 -26.38
CA MET B 875 -5.97 26.40 -27.04
C MET B 875 -7.08 27.11 -26.27
N ILE B 876 -8.04 26.36 -25.75
CA ILE B 876 -9.10 26.98 -24.97
C ILE B 876 -8.52 27.64 -23.74
N PHE B 877 -7.63 26.94 -23.07
CA PHE B 877 -7.00 27.50 -21.87
C PHE B 877 -6.13 28.72 -22.13
N VAL B 878 -5.38 28.73 -23.21
CA VAL B 878 -4.58 29.90 -23.56
C VAL B 878 -5.52 31.04 -23.87
N PHE B 879 -6.64 30.75 -24.52
CA PHE B 879 -7.61 31.78 -24.86
C PHE B 879 -8.14 32.41 -23.61
N LEU B 880 -8.34 31.61 -22.57
CA LEU B 880 -8.96 32.16 -21.37
C LEU B 880 -7.97 32.89 -20.47
N ILE B 881 -6.75 32.40 -20.30
CA ILE B 881 -5.86 33.07 -19.37
C ILE B 881 -5.44 34.36 -20.02
N LEU B 882 -5.51 34.42 -21.34
CA LEU B 882 -5.24 35.67 -22.04
C LEU B 882 -6.37 36.65 -21.84
N ALA B 883 -7.59 36.16 -21.76
CA ALA B 883 -8.73 37.08 -21.68
C ALA B 883 -8.90 37.52 -20.26
N ALA B 884 -8.33 36.81 -19.32
CA ALA B 884 -8.38 37.21 -17.93
C ALA B 884 -7.39 38.31 -17.71
N GLN B 885 -6.23 38.22 -18.35
CA GLN B 885 -5.21 39.23 -18.17
C GLN B 885 -5.60 40.49 -18.90
N TYR B 886 -5.85 40.37 -20.19
CA TYR B 886 -6.25 41.52 -21.00
C TYR B 886 -7.60 42.14 -20.66
N GLU B 887 -8.55 41.33 -20.19
CA GLU B 887 -9.91 41.81 -19.92
C GLU B 887 -10.65 42.07 -21.22
N ARG B 888 -10.29 41.33 -22.26
CA ARG B 888 -10.96 41.46 -23.54
C ARG B 888 -11.26 40.04 -23.95
N TRP B 889 -12.30 39.82 -24.73
CA TRP B 889 -12.69 38.48 -25.14
C TRP B 889 -12.18 38.29 -26.54
N LEU B 890 -12.34 39.32 -27.35
CA LEU B 890 -11.85 39.27 -28.74
C LEU B 890 -10.34 39.31 -29.01
N MET B 891 -9.60 40.09 -28.24
CA MET B 891 -8.15 40.14 -28.44
C MET B 891 -7.47 38.78 -28.28
N PRO B 892 -7.84 37.97 -27.26
CA PRO B 892 -7.19 36.65 -27.25
C PRO B 892 -7.61 35.80 -28.43
N LEU B 893 -8.73 36.09 -29.06
CA LEU B 893 -9.10 35.36 -30.26
C LEU B 893 -8.08 35.63 -31.37
N ALA B 894 -7.58 36.86 -31.47
CA ALA B 894 -6.67 37.18 -32.56
C ALA B 894 -5.31 36.62 -32.26
N VAL B 895 -5.02 36.38 -30.98
CA VAL B 895 -3.77 35.76 -30.59
C VAL B 895 -3.81 34.30 -30.97
N ILE B 896 -4.98 33.71 -30.89
CA ILE B 896 -5.10 32.28 -31.15
C ILE B 896 -5.17 31.99 -32.64
N THR B 897 -5.63 32.95 -33.42
CA THR B 897 -5.63 32.73 -34.87
C THR B 897 -4.25 32.48 -35.45
N ALA B 898 -3.21 32.94 -34.78
CA ALA B 898 -1.84 32.65 -35.22
C ALA B 898 -1.50 31.16 -35.15
N VAL B 899 -2.18 30.42 -34.29
CA VAL B 899 -1.90 28.99 -34.15
C VAL B 899 -1.87 28.19 -35.45
N PRO B 900 -2.97 28.25 -36.27
CA PRO B 900 -2.89 27.39 -37.46
C PRO B 900 -1.80 27.73 -38.44
N PHE B 901 -1.18 28.88 -38.31
CA PHE B 901 -0.04 29.19 -39.16
C PHE B 901 1.11 28.26 -38.82
N ALA B 902 1.24 27.95 -37.54
CA ALA B 902 2.35 27.12 -37.12
C ALA B 902 2.07 25.67 -37.30
N VAL B 903 0.84 25.24 -37.05
CA VAL B 903 0.51 23.85 -37.33
C VAL B 903 0.77 23.57 -38.79
N PHE B 904 0.42 24.50 -39.66
CA PHE B 904 0.72 24.34 -41.08
C PHE B 904 2.20 24.23 -41.31
N GLY B 905 2.98 25.14 -40.74
CA GLY B 905 4.40 25.12 -41.01
C GLY B 905 5.03 23.81 -40.59
N SER B 906 4.62 23.29 -39.44
CA SER B 906 5.14 22.01 -38.99
C SER B 906 4.73 20.89 -39.90
N ILE B 907 3.43 20.74 -40.14
CA ILE B 907 2.94 19.66 -40.97
C ILE B 907 3.59 19.71 -42.35
N LEU B 908 3.78 20.91 -42.89
CA LEU B 908 4.33 21.00 -44.21
C LEU B 908 5.73 20.43 -44.20
N LEU B 909 6.53 20.80 -43.20
CA LEU B 909 7.89 20.32 -43.16
C LEU B 909 7.99 18.82 -42.94
N VAL B 910 7.16 18.27 -42.07
CA VAL B 910 7.18 16.83 -41.89
C VAL B 910 6.75 16.09 -43.15
N ALA B 911 5.78 16.61 -43.89
CA ALA B 911 5.39 15.98 -45.14
C ALA B 911 6.49 16.10 -46.17
N LEU B 912 7.11 17.27 -46.26
CA LEU B 912 8.19 17.47 -47.22
C LEU B 912 9.39 16.61 -46.90
N ARG B 913 9.69 16.45 -45.61
CA ARG B 913 10.88 15.70 -45.21
C ARG B 913 10.56 14.22 -45.01
N GLY B 914 9.34 13.81 -45.35
CA GLY B 914 8.94 12.43 -45.16
C GLY B 914 8.97 11.96 -43.72
N PHE B 915 8.51 12.80 -42.81
CA PHE B 915 8.51 12.45 -41.41
C PHE B 915 7.13 12.14 -40.87
N ASP B 916 7.00 11.07 -40.12
CA ASP B 916 5.73 10.66 -39.55
C ASP B 916 5.09 11.50 -38.45
N ASN B 917 3.76 11.47 -38.34
CA ASN B 917 3.11 12.15 -37.23
C ASN B 917 3.39 11.21 -36.10
N ASP B 918 3.77 11.74 -34.95
CA ASP B 918 4.12 10.91 -33.81
C ASP B 918 3.87 11.67 -32.55
N ILE B 919 4.13 11.04 -31.41
CA ILE B 919 3.98 11.75 -30.17
C ILE B 919 4.92 12.95 -30.16
N TYR B 920 6.11 12.80 -30.70
CA TYR B 920 7.04 13.93 -30.76
C TYR B 920 6.50 15.09 -31.59
N PHE B 921 5.91 14.82 -32.74
CA PHE B 921 5.30 15.88 -33.53
C PHE B 921 4.14 16.51 -32.80
N GLN B 922 3.34 15.67 -32.15
CA GLN B 922 2.15 16.16 -31.46
C GLN B 922 2.55 16.97 -30.25
N THR B 923 3.65 16.61 -29.62
CA THR B 923 4.16 17.39 -28.50
C THR B 923 4.66 18.74 -28.97
N GLY B 924 5.30 18.77 -30.12
CA GLY B 924 5.82 20.00 -30.67
C GLY B 924 4.70 20.99 -30.97
N LEU B 925 3.59 20.51 -31.49
CA LEU B 925 2.44 21.36 -31.73
C LEU B 925 2.05 22.07 -30.45
N LEU B 926 2.00 21.33 -29.35
CA LEU B 926 1.65 21.92 -28.05
C LEU B 926 2.52 23.11 -27.77
N LEU B 927 3.83 22.91 -27.88
CA LEU B 927 4.77 23.98 -27.63
C LEU B 927 4.55 25.11 -28.62
N LEU B 928 4.21 24.78 -29.85
CA LEU B 928 4.09 25.84 -30.83
C LEU B 928 2.79 26.58 -30.68
N ILE B 929 1.87 26.12 -29.83
CA ILE B 929 0.71 26.96 -29.56
C ILE B 929 1.19 28.13 -28.74
N GLY B 930 2.00 27.86 -27.73
CA GLY B 930 2.56 28.91 -26.90
C GLY B 930 3.44 29.85 -27.69
N LEU B 931 4.36 29.30 -28.46
CA LEU B 931 5.28 30.11 -29.23
C LEU B 931 4.64 31.00 -30.29
N SER B 932 3.54 30.58 -30.88
CA SER B 932 2.93 31.38 -31.92
C SER B 932 2.18 32.44 -31.19
N ALA B 933 1.66 32.13 -30.01
CA ALA B 933 1.05 33.14 -29.18
C ALA B 933 2.06 34.21 -28.79
N LYS B 934 3.29 33.82 -28.50
CA LYS B 934 4.33 34.77 -28.13
C LYS B 934 4.57 35.75 -29.25
N ASN B 935 4.62 35.24 -30.48
CA ASN B 935 4.82 36.10 -31.63
C ASN B 935 3.66 37.05 -31.77
N ALA B 936 2.45 36.59 -31.50
CA ALA B 936 1.30 37.43 -31.72
C ALA B 936 1.02 38.36 -30.55
N ILE B 937 1.18 37.88 -29.33
CA ILE B 937 0.96 38.72 -28.17
C ILE B 937 1.78 39.97 -28.30
N LEU B 938 3.02 39.81 -28.75
CA LEU B 938 3.88 40.97 -28.82
C LEU B 938 3.32 42.00 -29.78
N ILE B 939 2.87 41.59 -30.95
CA ILE B 939 2.24 42.54 -31.86
C ILE B 939 0.91 43.10 -31.40
N ILE B 940 0.05 42.27 -30.82
CA ILE B 940 -1.30 42.76 -30.50
C ILE B 940 -1.38 43.52 -29.18
N GLU B 941 -0.59 43.14 -28.19
CA GLU B 941 -0.60 43.89 -26.94
C GLU B 941 -0.25 45.35 -27.21
N PHE B 942 0.75 45.57 -28.05
CA PHE B 942 1.14 46.93 -28.36
C PHE B 942 0.00 47.61 -29.04
N ALA B 943 -0.67 46.89 -29.93
CA ALA B 943 -1.75 47.51 -30.69
C ALA B 943 -2.90 47.99 -29.85
N MET B 944 -3.29 47.23 -28.83
CA MET B 944 -4.45 47.64 -28.06
C MET B 944 -4.04 48.84 -27.26
N GLU B 945 -2.86 48.79 -26.64
CA GLU B 945 -2.37 49.94 -25.90
C GLU B 945 -2.44 51.19 -26.75
N GLU B 946 -2.07 51.09 -28.02
CA GLU B 946 -2.15 52.25 -28.91
C GLU B 946 -3.59 52.67 -29.14
N ARG B 947 -4.46 51.72 -29.40
CA ARG B 947 -5.88 52.00 -29.61
C ARG B 947 -6.53 52.59 -28.38
N LEU B 948 -6.11 52.13 -27.20
CA LEU B 948 -6.77 52.56 -25.97
C LEU B 948 -6.20 53.83 -25.36
N LYS B 949 -4.88 53.90 -25.19
CA LYS B 949 -4.31 55.06 -24.52
C LYS B 949 -3.86 56.16 -25.48
N LYS B 950 -3.07 55.79 -26.46
CA LYS B 950 -2.57 56.77 -27.42
C LYS B 950 -3.69 57.36 -28.26
N GLY B 951 -4.73 56.58 -28.52
CA GLY B 951 -5.84 57.06 -29.32
C GLY B 951 -5.65 56.78 -30.79
N LYS B 952 -4.69 55.94 -31.13
CA LYS B 952 -4.38 55.66 -32.53
C LYS B 952 -5.54 54.97 -33.23
N SER B 953 -5.68 55.19 -34.53
CA SER B 953 -6.72 54.49 -35.27
C SER B 953 -6.41 53.02 -35.35
N ILE B 954 -7.38 52.21 -35.77
CA ILE B 954 -7.20 50.78 -35.83
C ILE B 954 -6.10 50.41 -36.81
N PHE B 955 -5.94 51.19 -37.87
CA PHE B 955 -4.96 50.87 -38.88
C PHE B 955 -3.60 51.31 -38.40
N GLU B 956 -3.54 52.49 -37.82
CA GLU B 956 -2.26 53.02 -37.34
C GLU B 956 -1.70 52.16 -36.23
N ALA B 957 -2.56 51.70 -35.34
CA ALA B 957 -2.10 50.92 -34.20
C ALA B 957 -1.46 49.65 -34.69
N ALA B 958 -2.11 49.00 -35.64
CA ALA B 958 -1.58 47.75 -36.13
C ALA B 958 -0.24 47.98 -36.80
N ILE B 959 -0.16 49.01 -37.63
CA ILE B 959 1.10 49.32 -38.30
C ILE B 959 2.20 49.78 -37.34
N ASN B 960 1.86 50.57 -36.33
CA ASN B 960 2.82 51.01 -35.33
C ASN B 960 3.42 49.81 -34.65
N ALA B 961 2.55 48.92 -34.17
CA ALA B 961 3.00 47.73 -33.48
C ALA B 961 3.85 46.89 -34.40
N ALA B 962 3.46 46.80 -35.65
CA ALA B 962 4.22 46.03 -36.59
C ALA B 962 5.62 46.59 -36.73
N LYS B 963 5.76 47.90 -36.83
CA LYS B 963 7.10 48.48 -36.87
C LYS B 963 7.86 48.28 -35.57
N LEU B 964 7.23 48.60 -34.45
CA LEU B 964 7.90 48.47 -33.15
C LEU B 964 8.25 47.06 -32.75
N ARG B 965 7.27 46.18 -32.71
CA ARG B 965 7.50 44.81 -32.22
C ARG B 965 8.04 43.76 -33.18
N PHE B 966 8.30 44.11 -34.43
CA PHE B 966 8.91 43.16 -35.35
C PHE B 966 10.20 42.64 -34.76
N ARG B 967 11.10 43.56 -34.39
CA ARG B 967 12.39 43.13 -33.89
C ARG B 967 12.34 42.28 -32.62
N PRO B 968 11.52 42.66 -31.62
CA PRO B 968 11.46 41.75 -30.49
C PRO B 968 11.10 40.35 -30.93
N ILE B 969 10.11 40.19 -31.82
CA ILE B 969 9.68 38.87 -32.25
C ILE B 969 10.71 38.11 -33.05
N ILE B 970 11.35 38.74 -34.02
CA ILE B 970 12.27 37.97 -34.83
C ILE B 970 13.43 37.46 -33.98
N MET B 971 13.94 38.28 -33.07
CA MET B 971 15.09 37.83 -32.31
C MET B 971 14.66 36.65 -31.46
N THR B 972 13.56 36.78 -30.75
CA THR B 972 13.10 35.68 -29.94
C THR B 972 12.78 34.44 -30.77
N SER B 973 12.12 34.60 -31.91
CA SER B 973 11.81 33.47 -32.78
C SER B 973 13.05 32.81 -33.35
N LEU B 974 14.02 33.61 -33.79
CA LEU B 974 15.25 33.06 -34.37
C LEU B 974 16.04 32.27 -33.35
N ALA B 975 16.03 32.72 -32.11
CA ALA B 975 16.80 32.05 -31.11
C ALA B 975 16.20 30.68 -30.86
N PHE B 976 14.88 30.57 -30.90
CA PHE B 976 14.26 29.25 -30.77
C PHE B 976 14.58 28.34 -31.94
N THR B 977 14.52 28.87 -33.15
CA THR B 977 14.76 28.05 -34.32
C THR B 977 16.18 27.54 -34.28
N PHE B 978 17.11 28.41 -33.94
CA PHE B 978 18.50 27.99 -33.83
C PHE B 978 18.73 27.00 -32.71
N GLY B 979 17.97 27.09 -31.63
CA GLY B 979 18.24 26.21 -30.51
C GLY B 979 17.61 24.85 -30.76
N VAL B 980 16.74 24.74 -31.76
CA VAL B 980 16.20 23.43 -32.11
C VAL B 980 16.83 22.95 -33.40
N LEU B 981 17.69 23.78 -33.99
CA LEU B 981 18.40 23.39 -35.22
C LEU B 981 19.39 22.23 -35.04
N PRO B 982 20.07 22.13 -33.86
CA PRO B 982 20.96 20.97 -33.80
C PRO B 982 20.19 19.66 -33.68
N MET B 983 18.91 19.69 -33.33
CA MET B 983 18.14 18.45 -33.34
C MET B 983 18.00 17.90 -34.74
N ILE B 984 17.71 18.77 -35.71
CA ILE B 984 17.52 18.34 -37.09
C ILE B 984 18.80 17.79 -37.69
N PHE B 985 19.94 18.22 -37.18
CA PHE B 985 21.23 17.78 -37.72
C PHE B 985 21.90 16.76 -36.83
N ALA B 986 21.14 16.18 -35.90
CA ALA B 986 21.73 15.24 -34.96
C ALA B 986 22.21 13.93 -35.54
N THR B 987 23.31 13.40 -35.02
CA THR B 987 23.80 12.10 -35.46
C THR B 987 24.01 11.24 -34.24
N GLY B 988 24.47 10.00 -34.42
CA GLY B 988 24.75 9.15 -33.28
C GLY B 988 23.51 8.58 -32.66
N ALA B 989 23.61 8.09 -31.43
CA ALA B 989 22.48 7.43 -30.80
C ALA B 989 21.29 8.34 -30.57
N GLY B 990 20.09 7.82 -30.77
CA GLY B 990 18.91 8.61 -30.47
C GLY B 990 18.61 9.64 -31.53
N SER B 991 19.29 9.59 -32.65
CA SER B 991 19.10 10.62 -33.66
C SER B 991 17.75 10.63 -34.32
N ALA B 992 17.12 9.48 -34.55
CA ALA B 992 15.84 9.52 -35.23
C ALA B 992 14.80 10.33 -34.47
N SER B 993 14.76 10.17 -33.15
CA SER B 993 13.80 10.91 -32.34
C SER B 993 14.04 12.41 -32.35
N ARG B 994 15.29 12.82 -32.24
CA ARG B 994 15.62 14.25 -32.28
C ARG B 994 15.20 14.83 -33.59
N HIS B 995 15.43 14.10 -34.67
CA HIS B 995 15.10 14.60 -35.98
C HIS B 995 13.63 14.87 -36.10
N SER B 996 12.80 13.97 -35.59
CA SER B 996 11.37 14.15 -35.67
C SER B 996 10.88 15.39 -34.92
N LEU B 997 11.36 15.56 -33.70
CA LEU B 997 10.96 16.70 -32.90
C LEU B 997 11.43 17.98 -33.56
N GLY B 998 12.70 17.98 -33.95
CA GLY B 998 13.29 19.13 -34.63
C GLY B 998 12.52 19.61 -35.82
N THR B 999 12.19 18.70 -36.73
CA THR B 999 11.57 19.11 -37.99
C THR B 999 10.25 19.84 -37.86
N GLY B 1000 9.36 19.34 -37.02
CA GLY B 1000 8.11 20.03 -36.82
C GLY B 1000 8.28 21.40 -36.21
N LEU B 1001 9.11 21.48 -35.18
CA LEU B 1001 9.30 22.75 -34.50
C LEU B 1001 9.94 23.80 -35.38
N ILE B 1002 10.97 23.41 -36.12
CA ILE B 1002 11.63 24.36 -37.01
C ILE B 1002 10.63 24.90 -38.01
N GLY B 1003 9.91 24.01 -38.68
CA GLY B 1003 8.97 24.45 -39.70
C GLY B 1003 7.90 25.33 -39.12
N GLY B 1004 7.38 24.97 -37.96
CA GLY B 1004 6.36 25.77 -37.32
C GLY B 1004 6.84 27.15 -36.94
N MET B 1005 8.07 27.24 -36.44
CA MET B 1005 8.59 28.53 -36.01
C MET B 1005 8.86 29.43 -37.20
N ILE B 1006 9.27 28.84 -38.32
CA ILE B 1006 9.49 29.65 -39.51
C ILE B 1006 8.17 30.26 -39.95
N ALA B 1007 7.11 29.47 -39.96
CA ALA B 1007 5.80 29.99 -40.34
C ALA B 1007 5.27 31.03 -39.37
N ALA B 1008 5.44 30.76 -38.08
CA ALA B 1008 4.97 31.70 -37.08
C ALA B 1008 5.73 32.99 -37.18
N SER B 1009 7.03 32.91 -37.35
CA SER B 1009 7.84 34.12 -37.51
C SER B 1009 7.53 34.86 -38.78
N THR B 1010 7.09 34.16 -39.82
CA THR B 1010 6.92 34.79 -41.12
C THR B 1010 5.49 35.09 -41.52
N LEU B 1011 4.73 34.05 -41.83
CA LEU B 1011 3.36 34.23 -42.27
C LEU B 1011 2.43 34.76 -41.19
N ALA B 1012 2.53 34.22 -39.99
CA ALA B 1012 1.59 34.61 -38.95
C ALA B 1012 1.69 36.05 -38.57
N ILE B 1013 2.90 36.59 -38.49
CA ILE B 1013 2.98 37.95 -38.03
C ILE B 1013 2.52 38.90 -39.11
N PHE B 1014 2.62 38.52 -40.37
CA PHE B 1014 2.03 39.39 -41.40
C PHE B 1014 0.53 39.39 -41.23
N PHE B 1015 -0.05 38.20 -41.01
CA PHE B 1015 -1.50 38.06 -40.81
C PHE B 1015 -2.12 38.56 -39.51
N VAL B 1016 -1.40 38.50 -38.40
CA VAL B 1016 -2.01 38.87 -37.11
C VAL B 1016 -2.51 40.32 -36.99
N PRO B 1017 -1.77 41.32 -37.56
CA PRO B 1017 -2.36 42.66 -37.56
C PRO B 1017 -3.74 42.58 -38.19
N LEU B 1018 -3.87 41.90 -39.32
CA LEU B 1018 -5.15 41.87 -40.02
C LEU B 1018 -6.26 41.32 -39.17
N PHE B 1019 -5.99 40.27 -38.40
CA PHE B 1019 -7.02 39.77 -37.50
C PHE B 1019 -7.40 40.81 -36.44
N PHE B 1020 -6.41 41.49 -35.88
CA PHE B 1020 -6.68 42.60 -34.95
C PHE B 1020 -7.61 43.57 -35.60
N TYR B 1021 -7.22 44.05 -36.77
CA TYR B 1021 -7.98 45.08 -37.44
C TYR B 1021 -9.40 44.64 -37.72
N LEU B 1022 -9.60 43.41 -38.17
CA LEU B 1022 -10.95 42.93 -38.39
C LEU B 1022 -11.76 42.85 -37.10
N LEU B 1023 -11.17 42.29 -36.05
CA LEU B 1023 -11.86 42.15 -34.78
C LEU B 1023 -12.16 43.48 -34.11
N GLU B 1024 -11.19 44.39 -34.10
CA GLU B 1024 -11.37 45.66 -33.43
C GLU B 1024 -12.45 46.45 -34.12
N ASN B 1025 -12.48 46.39 -35.45
CA ASN B 1025 -13.53 47.07 -36.20
C ASN B 1025 -14.88 46.48 -35.84
N PHE B 1026 -14.95 45.17 -35.70
CA PHE B 1026 -16.20 44.53 -35.33
C PHE B 1026 -16.67 44.99 -33.98
N ASN B 1027 -15.77 45.11 -33.03
CA ASN B 1027 -16.13 45.60 -31.70
C ASN B 1027 -16.63 47.03 -31.77
N GLU B 1028 -15.97 47.87 -32.55
CA GLU B 1028 -16.39 49.24 -32.67
C GLU B 1028 -17.77 49.29 -33.28
N TRP B 1029 -18.00 48.48 -34.30
CA TRP B 1029 -19.32 48.43 -34.92
C TRP B 1029 -20.36 47.94 -33.94
N LEU B 1030 -20.00 46.92 -33.16
CA LEU B 1030 -20.92 46.37 -32.19
C LEU B 1030 -21.29 47.40 -31.14
N ASP B 1031 -20.31 48.16 -30.69
CA ASP B 1031 -20.56 49.21 -29.71
C ASP B 1031 -21.49 50.29 -30.25
N LYS B 1032 -21.31 50.66 -31.51
CA LYS B 1032 -22.17 51.68 -32.11
C LYS B 1032 -23.34 51.04 -32.84
N MET C 1 -9.32 45.41 -2.26
CA MET C 1 -10.13 44.32 -1.74
C MET C 1 -10.25 43.20 -2.76
N PHE C 2 -10.35 41.97 -2.29
CA PHE C 2 -10.44 40.82 -3.20
C PHE C 2 -11.68 40.91 -4.05
N SER C 3 -12.80 41.25 -3.42
CA SER C 3 -14.04 41.37 -4.16
C SER C 3 -13.94 42.49 -5.17
N LYS C 4 -13.32 43.59 -4.78
CA LYS C 4 -13.22 44.75 -5.66
C LYS C 4 -12.47 44.40 -6.92
N PHE C 5 -11.41 43.60 -6.78
CA PHE C 5 -10.64 43.17 -7.94
C PHE C 5 -11.59 42.57 -8.95
N PHE C 6 -12.36 41.59 -8.51
CA PHE C 6 -13.30 40.93 -9.41
C PHE C 6 -14.41 41.82 -9.93
N ILE C 7 -14.94 42.71 -9.10
CA ILE C 7 -15.97 43.62 -9.58
C ILE C 7 -15.41 44.51 -10.67
N GLU C 8 -14.20 45.02 -10.47
CA GLU C 8 -13.55 45.82 -11.49
C GLU C 8 -13.25 45.03 -12.73
N ARG C 9 -12.61 43.87 -12.59
CA ARG C 9 -12.35 43.00 -13.73
C ARG C 9 -13.38 41.89 -13.88
N PRO C 10 -14.44 42.11 -14.72
CA PRO C 10 -15.47 41.06 -14.77
C PRO C 10 -15.01 39.80 -15.48
N ILE C 11 -14.20 39.94 -16.51
CA ILE C 11 -13.76 38.80 -17.31
C ILE C 11 -12.95 37.80 -16.49
N PHE C 12 -12.15 38.29 -15.55
CA PHE C 12 -11.38 37.41 -14.71
C PHE C 12 -12.33 36.51 -13.93
N ALA C 13 -13.41 37.09 -13.42
CA ALA C 13 -14.40 36.30 -12.68
C ALA C 13 -15.02 35.27 -13.58
N SER C 14 -15.33 35.68 -14.80
CA SER C 14 -15.92 34.75 -15.76
C SER C 14 -15.02 33.59 -16.12
N VAL C 15 -13.73 33.82 -16.33
CA VAL C 15 -12.83 32.70 -16.59
C VAL C 15 -12.73 31.77 -15.40
N VAL C 16 -12.72 32.30 -14.19
CA VAL C 16 -12.68 31.46 -13.02
C VAL C 16 -13.94 30.63 -13.01
N ALA C 17 -15.07 31.24 -13.33
CA ALA C 17 -16.33 30.51 -13.37
C ALA C 17 -16.33 29.41 -14.42
N ILE C 18 -15.79 29.69 -15.59
CA ILE C 18 -15.70 28.69 -16.63
C ILE C 18 -14.80 27.56 -16.16
N ILE C 19 -13.69 27.88 -15.53
CA ILE C 19 -12.75 26.87 -15.05
C ILE C 19 -13.39 26.03 -13.94
N ILE C 20 -14.10 26.67 -13.03
CA ILE C 20 -14.79 25.93 -11.98
C ILE C 20 -15.82 25.03 -12.63
N SER C 21 -16.58 25.56 -13.58
CA SER C 21 -17.62 24.78 -14.24
C SER C 21 -17.04 23.60 -14.97
N ILE C 22 -15.92 23.82 -15.68
CA ILE C 22 -15.28 22.74 -16.43
C ILE C 22 -14.85 21.63 -15.49
N ALA C 23 -14.15 21.99 -14.42
CA ALA C 23 -13.68 20.98 -13.48
C ALA C 23 -14.87 20.29 -12.88
N GLY C 24 -15.92 21.04 -12.61
CA GLY C 24 -17.12 20.47 -12.04
C GLY C 24 -17.78 19.45 -12.91
N ILE C 25 -17.80 19.67 -14.22
CA ILE C 25 -18.44 18.76 -15.15
C ILE C 25 -17.62 17.50 -15.34
N ILE C 26 -16.31 17.66 -15.50
CA ILE C 26 -15.47 16.50 -15.64
C ILE C 26 -15.58 15.68 -14.37
N GLY C 27 -15.56 16.36 -13.23
CA GLY C 27 -15.64 15.67 -11.96
C GLY C 27 -16.94 14.93 -11.80
N LEU C 28 -18.03 15.54 -12.23
CA LEU C 28 -19.33 14.90 -12.09
C LEU C 28 -19.42 13.65 -12.94
N ALA C 29 -18.93 13.73 -14.17
CA ALA C 29 -18.93 12.55 -15.03
C ALA C 29 -18.06 11.48 -14.44
N ASN C 30 -16.92 11.85 -13.87
CA ASN C 30 -16.00 10.86 -13.30
C ASN C 30 -16.40 10.35 -11.92
N LEU C 31 -17.37 11.00 -11.27
CA LEU C 31 -17.77 10.60 -9.92
C LEU C 31 -18.41 9.22 -9.88
N PRO C 32 -18.05 8.41 -8.88
CA PRO C 32 -18.69 7.09 -8.73
C PRO C 32 -20.13 7.23 -8.29
N VAL C 33 -21.03 6.41 -8.83
CA VAL C 33 -22.42 6.44 -8.38
C VAL C 33 -22.74 5.14 -7.69
N GLU C 34 -23.21 5.21 -6.45
CA GLU C 34 -23.49 4.01 -5.67
C GLU C 34 -24.81 4.22 -4.99
N GLN C 35 -25.37 3.18 -4.39
CA GLN C 35 -26.60 3.35 -3.64
C GLN C 35 -26.23 3.86 -2.26
N TYR C 36 -25.35 3.15 -1.57
CA TYR C 36 -24.90 3.60 -0.26
C TYR C 36 -23.40 3.49 -0.13
N PRO C 37 -22.80 4.38 0.66
CA PRO C 37 -21.35 4.33 0.90
C PRO C 37 -20.99 3.20 1.83
N SER C 38 -19.71 2.87 1.96
CA SER C 38 -19.28 1.75 2.79
C SER C 38 -19.23 2.11 4.26
N LEU C 39 -20.39 2.24 4.90
CA LEU C 39 -20.45 2.59 6.31
C LEU C 39 -19.82 1.55 7.23
N THR C 40 -20.08 0.28 6.96
CA THR C 40 -19.54 -0.79 7.81
C THR C 40 -18.05 -1.06 7.64
N PRO C 41 -17.38 -1.51 8.71
CA PRO C 41 -15.95 -1.87 8.62
C PRO C 41 -15.70 -3.04 7.68
N PRO C 42 -14.52 -3.12 7.05
CA PRO C 42 -14.29 -4.19 6.08
C PRO C 42 -14.27 -5.59 6.67
N THR C 43 -14.72 -6.58 5.90
CA THR C 43 -14.78 -7.95 6.40
C THR C 43 -14.22 -8.93 5.39
N VAL C 44 -13.62 -10.02 5.87
CA VAL C 44 -13.11 -11.05 4.97
C VAL C 44 -13.74 -12.40 5.31
N GLN C 45 -14.26 -13.11 4.32
CA GLN C 45 -14.93 -14.37 4.60
C GLN C 45 -14.14 -15.59 4.18
N VAL C 46 -13.84 -16.47 5.11
CA VAL C 46 -13.16 -17.71 4.78
C VAL C 46 -14.17 -18.83 4.69
N SER C 47 -14.13 -19.61 3.62
CA SER C 47 -15.09 -20.69 3.44
C SER C 47 -14.39 -22.01 3.30
N ALA C 48 -14.88 -23.03 3.99
CA ALA C 48 -14.30 -24.36 3.88
C ALA C 48 -15.38 -25.41 3.74
N THR C 49 -15.07 -26.54 3.12
CA THR C 49 -16.03 -27.62 3.03
C THR C 49 -15.49 -28.99 3.37
N TYR C 50 -16.13 -29.68 4.32
CA TYR C 50 -15.74 -31.03 4.69
C TYR C 50 -17.04 -31.73 4.46
N THR C 51 -17.24 -32.32 3.31
CA THR C 51 -18.54 -32.90 3.03
C THR C 51 -18.86 -34.08 3.87
N GLY C 52 -20.05 -34.08 4.45
CA GLY C 52 -20.47 -35.20 5.26
C GLY C 52 -20.00 -35.13 6.68
N ALA C 53 -19.56 -33.97 7.13
CA ALA C 53 -19.20 -33.86 8.53
C ALA C 53 -20.16 -32.99 9.32
N ASP C 54 -20.47 -33.36 10.55
CA ASP C 54 -21.41 -32.63 11.38
C ASP C 54 -20.84 -31.32 11.83
N ALA C 55 -21.66 -30.36 12.24
CA ALA C 55 -21.08 -29.08 12.57
C ALA C 55 -20.09 -29.25 13.70
N GLN C 56 -20.34 -30.11 14.68
CA GLN C 56 -19.39 -30.21 15.76
C GLN C 56 -18.03 -30.65 15.24
N THR C 57 -18.02 -31.64 14.35
CA THR C 57 -16.76 -32.10 13.78
C THR C 57 -16.10 -30.99 12.99
N ILE C 58 -16.86 -30.27 12.18
CA ILE C 58 -16.29 -29.23 11.36
C ILE C 58 -15.84 -28.07 12.24
N ALA C 59 -16.52 -27.79 13.34
CA ALA C 59 -16.02 -26.75 14.21
C ALA C 59 -14.72 -27.19 14.85
N SER C 60 -14.67 -28.36 15.47
CA SER C 60 -13.40 -28.76 16.01
C SER C 60 -12.27 -29.04 15.01
N THR C 61 -12.51 -29.84 13.98
CA THR C 61 -11.50 -30.15 12.99
C THR C 61 -11.10 -29.06 12.00
N VAL C 62 -12.06 -28.31 11.48
CA VAL C 62 -11.74 -27.31 10.46
C VAL C 62 -11.72 -25.89 10.94
N ALA C 63 -12.75 -25.46 11.66
CA ALA C 63 -12.81 -24.09 12.10
C ALA C 63 -11.73 -23.74 13.07
N THR C 64 -11.46 -24.61 14.02
CA THR C 64 -10.48 -24.30 15.06
C THR C 64 -9.05 -24.11 14.52
N PRO C 65 -8.59 -24.99 13.62
CA PRO C 65 -7.25 -24.69 13.10
C PRO C 65 -7.17 -23.38 12.33
N ILE C 66 -8.14 -23.10 11.49
CA ILE C 66 -8.11 -21.90 10.68
C ILE C 66 -8.25 -20.68 11.55
N GLU C 67 -9.20 -20.71 12.47
CA GLU C 67 -9.47 -19.57 13.33
C GLU C 67 -8.22 -19.19 14.10
N ASP C 68 -7.49 -20.19 14.59
CA ASP C 68 -6.27 -19.91 15.34
C ASP C 68 -5.19 -19.23 14.51
N ALA C 69 -4.98 -19.70 13.27
CA ALA C 69 -3.96 -19.12 12.42
C ALA C 69 -4.25 -17.68 12.06
N ILE C 70 -5.50 -17.34 11.77
CA ILE C 70 -5.81 -15.98 11.36
C ILE C 70 -5.73 -15.03 12.56
N ASN C 71 -5.80 -15.56 13.77
CA ASN C 71 -5.79 -14.69 14.95
C ASN C 71 -4.50 -13.90 14.99
N GLY C 72 -4.57 -12.64 15.37
CA GLY C 72 -3.40 -11.79 15.39
C GLY C 72 -3.11 -11.07 14.10
N VAL C 73 -3.93 -11.27 13.07
CA VAL C 73 -3.73 -10.57 11.80
C VAL C 73 -3.97 -9.12 12.07
N ASP C 74 -3.12 -8.27 11.52
CA ASP C 74 -3.21 -6.85 11.84
C ASP C 74 -4.50 -6.16 11.53
N ASN C 75 -4.90 -5.26 12.43
CA ASN C 75 -6.14 -4.51 12.26
C ASN C 75 -7.35 -5.41 12.27
N MET C 76 -7.31 -6.48 13.05
CA MET C 76 -8.48 -7.33 13.16
C MET C 76 -9.16 -7.09 14.48
N ILE C 77 -10.37 -6.55 14.46
CA ILE C 77 -11.11 -6.36 15.71
C ILE C 77 -11.70 -7.62 16.34
N TYR C 78 -12.35 -8.48 15.55
CA TYR C 78 -12.89 -9.74 16.08
C TYR C 78 -13.14 -10.78 14.99
N MET C 79 -13.16 -12.06 15.35
CA MET C 79 -13.44 -13.12 14.38
C MET C 79 -14.68 -13.93 14.75
N ASP C 80 -15.49 -14.31 13.77
CA ASP C 80 -16.68 -15.12 14.03
C ASP C 80 -16.75 -16.27 13.05
N SER C 81 -16.97 -17.49 13.56
CA SER C 81 -17.09 -18.65 12.69
C SER C 81 -18.35 -19.45 12.93
N THR C 82 -19.06 -19.81 11.87
CA THR C 82 -20.23 -20.67 12.03
C THR C 82 -20.03 -21.95 11.26
N SER C 83 -20.34 -23.08 11.88
CA SER C 83 -20.17 -24.37 11.24
C SER C 83 -21.51 -25.02 11.00
N SER C 84 -21.72 -25.55 9.82
CA SER C 84 -22.99 -26.16 9.47
C SER C 84 -22.60 -27.42 8.79
N PRO C 85 -23.44 -28.46 8.88
CA PRO C 85 -22.95 -29.71 8.31
C PRO C 85 -22.47 -29.53 6.90
N GLY C 86 -21.24 -29.95 6.65
CA GLY C 86 -20.68 -29.83 5.33
C GLY C 86 -19.99 -28.52 5.03
N GLN C 87 -20.29 -27.44 5.75
CA GLN C 87 -19.73 -26.13 5.41
C GLN C 87 -19.25 -25.32 6.59
N MET C 88 -18.12 -24.64 6.44
CA MET C 88 -17.64 -23.75 7.50
C MET C 88 -17.56 -22.33 6.97
N LYS C 89 -18.21 -21.37 7.61
CA LYS C 89 -18.07 -20.00 7.18
C LYS C 89 -17.46 -19.19 8.30
N LEU C 90 -16.36 -18.50 8.02
CA LEU C 90 -15.64 -17.74 9.05
C LEU C 90 -15.37 -16.33 8.59
N THR C 91 -16.05 -15.34 9.15
CA THR C 91 -15.86 -13.98 8.70
C THR C 91 -15.00 -13.18 9.63
N VAL C 92 -13.78 -12.85 9.24
CA VAL C 92 -12.98 -11.95 10.07
C VAL C 92 -13.57 -10.55 9.95
N TYR C 93 -13.54 -9.76 11.01
CA TYR C 93 -13.98 -8.39 10.94
C TYR C 93 -12.79 -7.52 11.25
N PHE C 94 -12.60 -6.46 10.47
CA PHE C 94 -11.42 -5.63 10.62
C PHE C 94 -11.77 -4.22 11.03
N ASN C 95 -10.82 -3.52 11.62
CA ASN C 95 -11.07 -2.18 12.09
C ASN C 95 -11.42 -1.29 10.92
N ILE C 96 -12.30 -0.32 11.15
CA ILE C 96 -12.74 0.53 10.06
C ILE C 96 -11.55 1.29 9.48
N GLY C 97 -11.52 1.42 8.15
CA GLY C 97 -10.40 2.07 7.50
C GLY C 97 -9.30 1.14 7.05
N THR C 98 -9.38 -0.15 7.38
CA THR C 98 -8.40 -1.10 6.88
C THR C 98 -8.62 -1.29 5.40
N ASP C 99 -7.56 -1.35 4.60
CA ASP C 99 -7.75 -1.61 3.19
C ASP C 99 -8.15 -3.05 3.01
N PRO C 100 -9.31 -3.30 2.33
CA PRO C 100 -9.70 -4.69 2.07
C PRO C 100 -8.63 -5.54 1.42
N ASP C 101 -8.00 -5.07 0.36
CA ASP C 101 -7.03 -5.87 -0.35
C ASP C 101 -5.89 -6.30 0.56
N GLN C 102 -5.60 -5.52 1.58
CA GLN C 102 -4.50 -5.83 2.46
C GLN C 102 -4.99 -6.82 3.51
N ALA C 103 -6.25 -6.67 3.90
CA ALA C 103 -6.83 -7.60 4.85
C ALA C 103 -6.93 -8.99 4.23
N ALA C 104 -7.48 -9.07 3.02
CA ALA C 104 -7.61 -10.37 2.37
C ALA C 104 -6.28 -11.08 2.23
N ILE C 105 -5.27 -10.40 1.70
CA ILE C 105 -4.00 -11.06 1.46
C ILE C 105 -3.38 -11.59 2.76
N ASP C 106 -3.48 -10.84 3.85
CA ASP C 106 -2.97 -11.31 5.12
C ASP C 106 -3.67 -12.58 5.57
N VAL C 107 -5.00 -12.57 5.54
CA VAL C 107 -5.78 -13.73 5.94
C VAL C 107 -5.36 -14.92 5.11
N ASN C 108 -5.16 -14.71 3.81
CA ASN C 108 -4.77 -15.80 2.93
C ASN C 108 -3.45 -16.40 3.32
N ASN C 109 -2.47 -15.53 3.57
CA ASN C 109 -1.17 -15.98 4.01
C ASN C 109 -1.26 -16.89 5.20
N ARG C 110 -1.91 -16.41 6.25
CA ARG C 110 -1.99 -17.18 7.48
C ARG C 110 -2.68 -18.51 7.25
N ILE C 111 -3.70 -18.50 6.42
CA ILE C 111 -4.40 -19.73 6.12
C ILE C 111 -3.58 -20.74 5.35
N SER C 112 -2.72 -20.29 4.43
CA SER C 112 -2.04 -21.28 3.60
C SER C 112 -1.02 -21.97 4.46
N ALA C 113 -0.63 -21.37 5.57
CA ALA C 113 0.23 -22.09 6.51
C ALA C 113 -0.53 -23.18 7.24
N ALA C 114 -1.82 -23.00 7.47
CA ALA C 114 -2.54 -23.98 8.28
C ALA C 114 -3.41 -24.89 7.45
N THR C 115 -3.20 -24.89 6.13
CA THR C 115 -3.95 -25.79 5.28
C THR C 115 -3.61 -27.23 5.64
N ALA C 116 -2.33 -27.50 5.87
CA ALA C 116 -1.90 -28.88 6.14
C ALA C 116 -2.51 -29.53 7.35
N LYS C 117 -2.75 -28.74 8.40
CA LYS C 117 -3.39 -29.27 9.59
C LYS C 117 -4.78 -29.76 9.25
N LEU C 118 -5.48 -29.03 8.38
CA LEU C 118 -6.82 -29.39 8.00
C LEU C 118 -7.03 -30.84 7.48
N PRO C 119 -8.23 -31.44 7.69
CA PRO C 119 -8.42 -32.81 7.18
C PRO C 119 -8.22 -32.85 5.68
N GLU C 120 -7.81 -34.01 5.16
CA GLU C 120 -7.55 -34.12 3.73
C GLU C 120 -8.73 -33.79 2.83
N ALA C 121 -9.93 -34.19 3.21
CA ALA C 121 -11.07 -33.93 2.34
C ALA C 121 -11.22 -32.43 2.18
N VAL C 122 -11.06 -31.69 3.28
CA VAL C 122 -11.14 -30.24 3.22
C VAL C 122 -10.02 -29.67 2.37
N LYS C 123 -8.81 -30.20 2.49
CA LYS C 123 -7.72 -29.71 1.65
C LYS C 123 -7.94 -29.96 0.18
N LYS C 124 -8.56 -31.07 -0.16
CA LYS C 124 -8.77 -31.41 -1.55
C LYS C 124 -9.64 -30.34 -2.19
N LEU C 125 -10.62 -29.86 -1.45
CA LEU C 125 -11.49 -28.83 -1.97
C LEU C 125 -10.92 -27.44 -1.72
N GLY C 126 -10.04 -27.31 -0.73
CA GLY C 126 -9.38 -26.04 -0.49
C GLY C 126 -10.18 -25.02 0.28
N VAL C 127 -9.56 -23.88 0.59
CA VAL C 127 -10.23 -22.83 1.36
C VAL C 127 -10.35 -21.55 0.57
N THR C 128 -11.54 -20.94 0.57
CA THR C 128 -11.75 -19.74 -0.21
C THR C 128 -11.72 -18.52 0.67
N VAL C 129 -10.87 -17.56 0.33
CA VAL C 129 -10.81 -16.33 1.10
C VAL C 129 -11.26 -15.19 0.20
N ARG C 130 -12.30 -14.46 0.61
CA ARG C 130 -12.85 -13.40 -0.22
C ARG C 130 -13.18 -12.17 0.60
N LYS C 131 -13.27 -11.02 -0.05
CA LYS C 131 -13.68 -9.82 0.66
C LYS C 131 -15.18 -9.73 0.58
N SER C 132 -15.86 -9.66 1.72
CA SER C 132 -17.32 -9.63 1.72
C SER C 132 -17.86 -8.22 1.82
N SER C 133 -16.99 -7.22 1.73
CA SER C 133 -17.42 -5.83 1.83
C SER C 133 -18.40 -5.42 0.73
N SER C 134 -18.50 -6.23 -0.32
CA SER C 134 -19.40 -5.90 -1.44
C SER C 134 -20.87 -6.05 -1.13
N THR C 135 -21.71 -5.31 -1.85
CA THR C 135 -23.17 -5.40 -1.65
C THR C 135 -23.87 -5.79 -2.94
N ILE C 136 -25.15 -6.11 -2.86
CA ILE C 136 -25.89 -6.57 -4.05
C ILE C 136 -26.41 -5.44 -4.91
N LEU C 137 -25.83 -5.25 -6.09
CA LEU C 137 -26.32 -4.23 -7.01
C LEU C 137 -27.66 -4.63 -7.58
N GLU C 138 -27.78 -5.87 -8.03
CA GLU C 138 -29.03 -6.35 -8.59
C GLU C 138 -29.06 -7.86 -8.67
N VAL C 139 -30.26 -8.43 -8.75
CA VAL C 139 -30.39 -9.87 -8.86
C VAL C 139 -31.08 -10.22 -10.16
N VAL C 140 -30.49 -11.13 -10.93
CA VAL C 140 -31.07 -11.52 -12.20
C VAL C 140 -31.43 -12.98 -12.17
N SER C 141 -32.72 -13.28 -12.26
CA SER C 141 -33.14 -14.68 -12.16
C SER C 141 -33.55 -15.28 -13.48
N VAL C 142 -32.74 -16.18 -14.01
CA VAL C 142 -33.08 -16.84 -15.25
C VAL C 142 -34.05 -17.94 -14.92
N TYR C 143 -35.21 -17.97 -15.58
CA TYR C 143 -36.24 -18.95 -15.24
C TYR C 143 -36.80 -19.73 -16.41
N SER C 144 -37.03 -21.02 -16.21
CA SER C 144 -37.66 -21.81 -17.26
C SER C 144 -39.16 -21.61 -17.15
N GLU C 145 -39.75 -20.82 -18.05
CA GLU C 145 -41.17 -20.56 -17.99
C GLU C 145 -41.78 -21.92 -18.21
N ASP C 146 -41.25 -22.63 -19.20
CA ASP C 146 -41.71 -23.97 -19.52
C ASP C 146 -41.03 -24.99 -18.60
N SER C 147 -41.49 -26.22 -18.63
CA SER C 147 -40.89 -27.25 -17.79
C SER C 147 -39.73 -27.92 -18.49
N SER C 148 -39.21 -27.30 -19.56
CA SER C 148 -38.20 -27.98 -20.38
C SER C 148 -36.77 -27.99 -19.84
N MET C 149 -36.50 -27.27 -18.76
CA MET C 149 -35.17 -27.31 -18.18
C MET C 149 -35.22 -27.59 -16.69
N ASN C 150 -34.41 -28.54 -16.23
CA ASN C 150 -34.46 -28.88 -14.82
C ASN C 150 -33.62 -27.89 -14.06
N ASP C 151 -33.91 -27.73 -12.77
CA ASP C 151 -33.19 -26.76 -11.96
C ASP C 151 -31.68 -26.91 -12.05
N ILE C 152 -31.22 -28.11 -12.38
CA ILE C 152 -29.79 -28.31 -12.52
C ILE C 152 -29.30 -27.81 -13.87
N ASP C 153 -30.05 -28.05 -14.92
CA ASP C 153 -29.66 -27.63 -16.26
C ASP C 153 -29.54 -26.12 -16.28
N ILE C 154 -30.50 -25.43 -15.67
CA ILE C 154 -30.48 -23.98 -15.68
C ILE C 154 -29.24 -23.44 -14.98
N TYR C 155 -28.88 -24.03 -13.85
CA TYR C 155 -27.71 -23.57 -13.10
C TYR C 155 -26.53 -23.71 -14.00
N ASN C 156 -26.38 -24.88 -14.59
CA ASN C 156 -25.25 -25.13 -15.47
C ASN C 156 -25.23 -24.18 -16.66
N TYR C 157 -26.37 -24.00 -17.31
CA TYR C 157 -26.43 -23.13 -18.47
C TYR C 157 -25.98 -21.74 -18.07
N VAL C 158 -26.27 -21.34 -16.84
CA VAL C 158 -25.92 -20.00 -16.42
C VAL C 158 -24.44 -19.97 -16.06
N SER C 159 -23.95 -20.99 -15.37
CA SER C 159 -22.55 -20.96 -14.95
C SER C 159 -21.63 -21.20 -16.11
N LEU C 160 -22.16 -21.80 -17.16
CA LEU C 160 -21.35 -22.00 -18.35
C LEU C 160 -21.43 -20.82 -19.30
N ASN C 161 -22.60 -20.21 -19.46
CA ASN C 161 -22.69 -19.14 -20.44
C ASN C 161 -23.08 -17.77 -19.91
N ILE C 162 -24.19 -17.68 -19.19
CA ILE C 162 -24.69 -16.38 -18.72
C ILE C 162 -23.83 -15.62 -17.73
N LEU C 163 -23.18 -16.30 -16.80
CA LEU C 163 -22.48 -15.60 -15.72
C LEU C 163 -21.13 -14.99 -16.09
N ASP C 164 -20.38 -15.65 -16.95
CA ASP C 164 -19.09 -15.13 -17.36
C ASP C 164 -19.24 -13.82 -18.09
N GLU C 165 -20.26 -13.73 -18.94
CA GLU C 165 -20.50 -12.51 -19.69
C GLU C 165 -20.79 -11.37 -18.75
N LEU C 166 -21.55 -11.63 -17.70
CA LEU C 166 -21.89 -10.60 -16.74
C LEU C 166 -20.64 -10.07 -16.07
N LYS C 167 -19.71 -10.97 -15.76
CA LYS C 167 -18.45 -10.57 -15.14
C LYS C 167 -17.71 -9.57 -15.99
N ARG C 168 -17.71 -9.79 -17.30
CA ARG C 168 -16.98 -8.93 -18.19
C ARG C 168 -17.52 -7.51 -18.17
N ILE C 169 -18.83 -7.38 -18.10
CA ILE C 169 -19.46 -6.08 -18.10
C ILE C 169 -18.73 -5.09 -17.18
N PRO C 170 -18.25 -3.95 -17.72
CA PRO C 170 -17.63 -2.99 -16.77
C PRO C 170 -18.43 -2.70 -15.50
N GLY C 171 -17.78 -2.66 -14.35
CA GLY C 171 -18.47 -2.28 -13.13
C GLY C 171 -19.17 -3.44 -12.45
N VAL C 172 -18.98 -4.64 -12.96
CA VAL C 172 -19.49 -5.80 -12.24
C VAL C 172 -18.37 -6.28 -11.33
N GLY C 173 -18.47 -6.06 -10.04
CA GLY C 173 -17.46 -6.58 -9.14
C GLY C 173 -17.42 -8.09 -9.18
N ASP C 174 -18.59 -8.72 -9.20
CA ASP C 174 -18.66 -10.18 -9.26
C ASP C 174 -20.04 -10.67 -9.65
N ALA C 175 -20.13 -11.90 -10.12
CA ALA C 175 -21.40 -12.48 -10.49
C ALA C 175 -21.48 -13.85 -9.82
N SER C 176 -22.64 -14.21 -9.31
CA SER C 176 -22.76 -15.46 -8.57
C SER C 176 -24.05 -16.22 -8.85
N ALA C 177 -24.13 -17.47 -8.45
CA ALA C 177 -25.37 -18.18 -8.62
C ALA C 177 -25.68 -18.87 -7.32
N ILE C 178 -26.94 -19.19 -7.10
CA ILE C 178 -27.32 -19.79 -5.84
C ILE C 178 -27.81 -21.20 -6.07
N GLY C 179 -27.57 -22.10 -5.12
CA GLY C 179 -27.98 -23.49 -5.25
C GLY C 179 -26.87 -24.50 -5.30
N ASN C 180 -25.74 -24.16 -5.91
CA ASN C 180 -24.58 -25.06 -5.89
C ASN C 180 -24.87 -26.36 -6.63
N LYS C 181 -25.51 -26.29 -7.79
CA LYS C 181 -25.87 -27.49 -8.51
C LYS C 181 -25.07 -27.64 -9.78
N ASN C 182 -23.76 -27.79 -9.65
CA ASN C 182 -22.91 -27.94 -10.82
C ASN C 182 -22.96 -29.38 -11.27
N TYR C 183 -22.67 -29.63 -12.53
CA TYR C 183 -22.75 -30.98 -13.05
C TYR C 183 -21.74 -31.85 -12.35
N SER C 184 -22.13 -33.07 -12.03
CA SER C 184 -21.24 -33.99 -11.37
C SER C 184 -21.50 -35.38 -11.87
N MET C 185 -20.51 -36.25 -11.83
CA MET C 185 -20.74 -37.62 -12.21
C MET C 185 -21.27 -38.25 -10.95
N ARG C 186 -22.55 -38.58 -10.94
CA ARG C 186 -23.13 -39.12 -9.72
C ARG C 186 -23.35 -40.61 -9.80
N ILE C 187 -22.45 -41.36 -9.19
CA ILE C 187 -22.58 -42.81 -9.16
C ILE C 187 -23.50 -43.18 -8.01
N TRP C 188 -24.65 -43.76 -8.33
CA TRP C 188 -25.57 -44.16 -7.28
C TRP C 188 -25.41 -45.64 -7.00
N LEU C 189 -24.78 -45.96 -5.87
CA LEU C 189 -24.57 -47.35 -5.51
C LEU C 189 -25.84 -48.01 -5.08
N GLU C 190 -26.00 -49.30 -5.37
CA GLU C 190 -27.17 -50.00 -4.85
C GLU C 190 -26.66 -51.05 -3.89
N PRO C 191 -27.07 -50.97 -2.62
CA PRO C 191 -26.60 -51.91 -1.60
C PRO C 191 -27.01 -53.36 -1.80
N ASP C 192 -28.04 -53.62 -2.60
CA ASP C 192 -28.52 -54.99 -2.79
C ASP C 192 -27.76 -55.59 -3.94
N LEU C 193 -27.39 -54.78 -4.92
CA LEU C 193 -26.56 -55.26 -6.01
C LEU C 193 -25.13 -55.47 -5.56
N LEU C 194 -24.61 -54.54 -4.74
CA LEU C 194 -23.25 -54.69 -4.22
C LEU C 194 -23.15 -55.94 -3.37
N ASN C 195 -24.14 -56.19 -2.53
CA ASN C 195 -24.14 -57.35 -1.65
C ASN C 195 -24.20 -58.66 -2.43
N LYS C 196 -24.76 -58.62 -3.62
CA LYS C 196 -24.92 -59.81 -4.43
C LYS C 196 -23.60 -60.13 -5.08
N PHE C 197 -23.03 -59.15 -5.76
CA PHE C 197 -21.77 -59.36 -6.47
C PHE C 197 -20.58 -59.28 -5.54
N GLY C 198 -20.83 -59.24 -4.24
CA GLY C 198 -19.75 -59.21 -3.27
C GLY C 198 -18.76 -58.07 -3.40
N VAL C 199 -19.24 -56.87 -3.68
CA VAL C 199 -18.36 -55.71 -3.78
C VAL C 199 -18.72 -54.66 -2.75
N THR C 200 -17.73 -54.21 -1.97
CA THR C 200 -17.97 -53.15 -0.99
C THR C 200 -17.91 -51.75 -1.60
N ALA C 201 -18.39 -50.77 -0.85
CA ALA C 201 -18.35 -49.39 -1.31
C ALA C 201 -16.91 -48.97 -1.49
N ASN C 202 -16.03 -49.43 -0.60
CA ASN C 202 -14.63 -49.08 -0.69
C ASN C 202 -14.01 -49.57 -1.99
N ASP C 203 -14.42 -50.74 -2.46
CA ASP C 203 -13.90 -51.29 -3.70
C ASP C 203 -14.22 -50.34 -4.84
N VAL C 204 -15.41 -49.76 -4.83
CA VAL C 204 -15.81 -48.82 -5.87
C VAL C 204 -14.97 -47.56 -5.77
N ILE C 205 -14.80 -47.03 -4.57
CA ILE C 205 -14.03 -45.81 -4.38
C ILE C 205 -12.62 -46.03 -4.88
N ASN C 206 -12.03 -47.16 -4.53
CA ASN C 206 -10.67 -47.44 -4.94
C ASN C 206 -10.56 -47.55 -6.44
N ALA C 207 -11.53 -48.24 -7.05
CA ALA C 207 -11.48 -48.42 -8.48
C ALA C 207 -11.59 -47.10 -9.20
N VAL C 208 -12.48 -46.24 -8.74
CA VAL C 208 -12.66 -44.96 -9.39
C VAL C 208 -11.40 -44.11 -9.28
N ASN C 209 -10.80 -44.05 -8.12
CA ASN C 209 -9.56 -43.33 -7.91
C ASN C 209 -8.49 -43.86 -8.85
N ASP C 210 -8.30 -45.17 -8.89
CA ASP C 210 -7.34 -45.74 -9.82
C ASP C 210 -7.62 -45.56 -11.31
N GLN C 211 -8.84 -45.83 -11.75
CA GLN C 211 -9.11 -45.80 -13.20
C GLN C 211 -9.38 -44.44 -13.83
N ASN C 212 -10.02 -43.52 -13.13
CA ASN C 212 -10.21 -42.19 -13.68
C ASN C 212 -8.94 -41.39 -13.40
N ALA C 213 -7.81 -41.93 -13.83
CA ALA C 213 -6.53 -41.28 -13.58
C ALA C 213 -6.31 -40.07 -14.47
N GLN C 214 -5.29 -39.29 -14.17
CA GLN C 214 -5.03 -38.11 -14.96
C GLN C 214 -4.08 -38.41 -16.09
N TYR C 215 -2.99 -37.67 -16.20
CA TYR C 215 -2.10 -37.86 -17.34
C TYR C 215 -0.64 -38.03 -16.96
N ALA C 216 0.15 -38.58 -17.88
CA ALA C 216 1.58 -38.72 -17.65
C ALA C 216 2.27 -38.60 -18.98
N THR C 217 3.41 -37.92 -19.01
CA THR C 217 4.08 -37.68 -20.30
C THR C 217 5.59 -37.82 -20.25
N GLY C 218 6.18 -38.13 -21.39
CA GLY C 218 7.63 -38.24 -21.49
C GLY C 218 8.02 -37.95 -22.94
N LYS C 219 9.26 -37.53 -23.20
CA LYS C 219 9.71 -37.25 -24.56
C LYS C 219 10.65 -38.31 -25.13
N ILE C 220 10.19 -39.05 -26.13
CA ILE C 220 11.02 -40.06 -26.76
C ILE C 220 11.95 -39.30 -27.69
N GLY C 221 13.06 -39.90 -28.05
CA GLY C 221 13.96 -39.23 -28.96
C GLY C 221 14.55 -37.96 -28.39
N GLU C 222 15.15 -38.05 -27.20
CA GLU C 222 15.72 -36.86 -26.58
C GLU C 222 17.12 -37.08 -26.00
N GLU C 223 17.96 -36.03 -26.00
CA GLU C 223 19.31 -36.14 -25.45
C GLU C 223 19.24 -36.16 -23.93
N PRO C 224 20.08 -37.02 -23.23
CA PRO C 224 21.30 -37.73 -23.61
C PRO C 224 21.09 -39.20 -24.00
N VAL C 225 19.96 -39.79 -23.66
CA VAL C 225 19.67 -41.16 -24.05
C VAL C 225 19.82 -41.35 -25.55
N VAL C 226 19.10 -40.55 -26.33
CA VAL C 226 19.13 -40.69 -27.77
C VAL C 226 20.03 -39.62 -28.38
N ASN C 227 20.92 -40.03 -29.28
CA ASN C 227 21.88 -39.08 -29.85
C ASN C 227 21.62 -38.69 -31.30
N LYS C 228 21.95 -37.45 -31.66
CA LYS C 228 21.83 -36.97 -33.05
C LYS C 228 20.49 -37.30 -33.63
N SER C 229 19.42 -37.12 -32.86
CA SER C 229 18.11 -37.51 -33.32
C SER C 229 17.53 -36.59 -34.41
N PRO C 230 16.83 -37.16 -35.42
CA PRO C 230 16.29 -36.19 -36.38
C PRO C 230 15.17 -35.39 -35.75
N GLN C 231 14.33 -36.05 -34.96
CA GLN C 231 13.19 -35.38 -34.35
C GLN C 231 12.88 -35.83 -32.95
N VAL C 232 12.25 -34.95 -32.18
CA VAL C 232 11.83 -35.30 -30.82
C VAL C 232 10.33 -35.53 -30.90
N ILE C 233 9.84 -36.62 -30.32
CA ILE C 233 8.41 -36.86 -30.31
C ILE C 233 7.94 -37.00 -28.88
N SER C 234 6.87 -36.31 -28.52
CA SER C 234 6.40 -36.34 -27.14
C SER C 234 5.30 -37.35 -26.95
N ILE C 235 5.41 -38.19 -25.94
CA ILE C 235 4.43 -39.23 -25.71
C ILE C 235 3.52 -38.84 -24.59
N THR C 236 2.22 -38.94 -24.82
CA THR C 236 1.24 -38.57 -23.83
C THR C 236 0.42 -39.79 -23.48
N MET C 237 0.20 -40.08 -22.20
CA MET C 237 -0.69 -41.16 -21.85
C MET C 237 -1.75 -40.54 -20.98
N GLN C 238 -3.01 -40.82 -21.26
CA GLN C 238 -4.09 -40.22 -20.51
C GLN C 238 -4.99 -41.33 -20.00
N GLY C 239 -5.71 -41.07 -18.93
CA GLY C 239 -6.63 -42.06 -18.42
C GLY C 239 -7.94 -41.43 -18.01
N ARG C 240 -8.07 -40.13 -18.19
CA ARG C 240 -9.30 -39.45 -17.80
C ARG C 240 -10.55 -40.01 -18.45
N LEU C 241 -11.60 -40.25 -17.67
CA LEU C 241 -12.85 -40.80 -18.19
C LEU C 241 -13.87 -39.68 -18.28
N GLN C 242 -14.52 -39.55 -19.41
CA GLN C 242 -15.47 -38.45 -19.61
C GLN C 242 -16.94 -38.83 -19.56
N THR C 243 -17.38 -39.66 -20.50
CA THR C 243 -18.80 -40.00 -20.59
C THR C 243 -19.30 -40.86 -19.44
N PRO C 244 -20.64 -40.79 -19.14
CA PRO C 244 -21.14 -41.70 -18.11
C PRO C 244 -20.84 -43.14 -18.42
N GLN C 245 -20.90 -43.49 -19.70
CA GLN C 245 -20.71 -44.87 -20.10
C GLN C 245 -19.33 -45.37 -19.74
N GLU C 246 -18.33 -44.52 -19.91
CA GLU C 246 -16.98 -44.89 -19.56
C GLU C 246 -16.90 -45.16 -18.07
N PHE C 247 -17.58 -44.35 -17.27
CA PHE C 247 -17.60 -44.56 -15.83
C PHE C 247 -18.27 -45.88 -15.48
N GLU C 248 -19.34 -46.21 -16.19
CA GLU C 248 -20.05 -47.44 -15.94
C GLU C 248 -19.15 -48.61 -16.23
N ASN C 249 -18.37 -48.49 -17.30
CA ASN C 249 -17.46 -49.55 -17.66
C ASN C 249 -16.14 -49.42 -16.93
N ILE C 250 -16.18 -49.46 -15.60
CA ILE C 250 -14.94 -49.46 -14.82
C ILE C 250 -14.91 -50.83 -14.20
N ILE C 251 -13.77 -51.50 -14.25
CA ILE C 251 -13.74 -52.88 -13.78
C ILE C 251 -13.36 -53.07 -12.32
N LEU C 252 -14.33 -53.46 -11.51
CA LEU C 252 -14.08 -53.74 -10.10
C LEU C 252 -13.29 -55.02 -9.89
N ARG C 253 -13.85 -56.14 -10.31
CA ARG C 253 -13.25 -57.45 -10.10
C ARG C 253 -13.32 -58.34 -11.34
N VAL C 254 -12.23 -59.02 -11.66
CA VAL C 254 -12.25 -59.97 -12.76
C VAL C 254 -12.89 -61.23 -12.20
N ASN C 255 -13.92 -61.74 -12.87
CA ASN C 255 -14.66 -62.90 -12.36
C ASN C 255 -13.93 -64.24 -12.44
N GLU C 256 -12.83 -64.31 -13.18
CA GLU C 256 -12.03 -65.56 -13.36
C GLU C 256 -12.60 -66.39 -14.48
N ASP C 257 -13.76 -65.97 -15.00
CA ASP C 257 -14.33 -66.65 -16.14
C ASP C 257 -13.98 -65.69 -17.23
N LYS C 258 -12.90 -64.94 -17.04
CA LYS C 258 -12.47 -63.96 -18.02
C LYS C 258 -13.59 -62.98 -18.32
N SER C 259 -14.32 -62.59 -17.29
CA SER C 259 -15.40 -61.64 -17.46
C SER C 259 -15.18 -60.57 -16.43
N PHE C 260 -15.62 -59.36 -16.70
CA PHE C 260 -15.32 -58.27 -15.79
C PHE C 260 -16.53 -57.73 -15.07
N LEU C 261 -16.45 -57.63 -13.75
CA LEU C 261 -17.55 -57.02 -13.01
C LEU C 261 -17.37 -55.53 -13.15
N ARG C 262 -18.38 -54.85 -13.67
CA ARG C 262 -18.26 -53.43 -13.94
C ARG C 262 -19.18 -52.60 -13.06
N ILE C 263 -18.83 -51.34 -12.85
CA ILE C 263 -19.65 -50.48 -12.01
C ILE C 263 -21.12 -50.51 -12.42
N LYS C 264 -21.40 -50.57 -13.71
CA LYS C 264 -22.77 -50.57 -14.17
C LYS C 264 -23.57 -51.68 -13.50
N ASP C 265 -22.96 -52.84 -13.30
CA ASP C 265 -23.64 -53.94 -12.66
C ASP C 265 -24.05 -53.62 -11.22
N VAL C 266 -23.18 -52.94 -10.47
CA VAL C 266 -23.45 -52.72 -9.05
C VAL C 266 -23.98 -51.33 -8.75
N ALA C 267 -24.10 -50.48 -9.77
CA ALA C 267 -24.50 -49.09 -9.53
C ALA C 267 -25.05 -48.39 -10.77
N LYS C 268 -25.73 -47.27 -10.58
CA LYS C 268 -26.21 -46.50 -11.73
C LYS C 268 -25.46 -45.18 -11.82
N VAL C 269 -24.88 -44.88 -12.97
CA VAL C 269 -24.09 -43.67 -13.12
C VAL C 269 -24.75 -42.68 -14.06
N GLU C 270 -24.96 -41.44 -13.62
CA GLU C 270 -25.57 -40.41 -14.45
C GLU C 270 -25.06 -39.03 -14.06
N ILE C 271 -25.21 -38.05 -14.95
CA ILE C 271 -24.67 -36.73 -14.64
C ILE C 271 -25.71 -35.86 -13.97
N GLY C 272 -25.55 -35.63 -12.67
CA GLY C 272 -26.47 -34.75 -11.97
C GLY C 272 -25.87 -33.58 -11.26
N ALA C 273 -26.47 -33.14 -10.16
CA ALA C 273 -25.96 -31.99 -9.44
C ALA C 273 -25.15 -32.37 -8.23
N GLU C 274 -24.11 -31.60 -7.93
CA GLU C 274 -23.27 -31.89 -6.78
C GLU C 274 -24.07 -31.86 -5.50
N GLN C 275 -24.95 -30.88 -5.35
CA GLN C 275 -25.83 -30.86 -4.18
C GLN C 275 -27.29 -30.72 -4.54
N TYR C 276 -28.13 -31.52 -3.91
CA TYR C 276 -29.55 -31.44 -4.16
C TYR C 276 -30.25 -30.73 -3.01
N ASN C 277 -29.48 -30.14 -2.11
CA ASN C 277 -30.06 -29.50 -0.93
C ASN C 277 -30.93 -28.29 -1.17
N SER C 278 -30.64 -27.48 -2.16
CA SER C 278 -31.44 -26.27 -2.30
C SER C 278 -31.96 -26.02 -3.69
N THR C 279 -33.28 -25.89 -3.84
CA THR C 279 -33.77 -25.51 -5.17
C THR C 279 -34.37 -24.10 -5.15
N GLY C 280 -34.39 -23.41 -6.28
CA GLY C 280 -35.03 -22.11 -6.33
C GLY C 280 -36.12 -22.00 -7.36
N ARG C 281 -37.17 -21.24 -7.05
CA ARG C 281 -38.30 -21.08 -7.96
C ARG C 281 -38.76 -19.64 -8.13
N LEU C 282 -38.93 -19.18 -9.36
CA LEU C 282 -39.48 -17.85 -9.59
C LEU C 282 -40.90 -18.05 -10.08
N ASN C 283 -41.88 -17.62 -9.30
CA ASN C 283 -43.28 -17.77 -9.68
C ASN C 283 -43.66 -19.22 -9.94
N THR C 284 -43.09 -20.16 -9.21
CA THR C 284 -43.42 -21.60 -9.32
C THR C 284 -42.77 -22.26 -10.53
N SER C 285 -41.84 -21.55 -11.15
CA SER C 285 -41.08 -22.08 -12.28
C SER C 285 -39.64 -22.19 -11.81
N ALA C 286 -38.91 -23.19 -12.27
CA ALA C 286 -37.55 -23.38 -11.79
C ALA C 286 -36.68 -22.21 -12.21
N ALA C 287 -35.80 -21.75 -11.33
CA ALA C 287 -35.01 -20.57 -11.63
C ALA C 287 -33.84 -20.32 -10.70
N VAL C 288 -32.67 -20.09 -11.27
CA VAL C 288 -31.48 -19.82 -10.47
C VAL C 288 -31.23 -18.33 -10.42
N PRO C 289 -30.98 -17.79 -9.23
CA PRO C 289 -30.81 -16.34 -9.11
C PRO C 289 -29.36 -15.89 -9.08
N ILE C 290 -28.97 -15.05 -10.03
CA ILE C 290 -27.60 -14.55 -10.07
C ILE C 290 -27.50 -13.24 -9.32
N ILE C 291 -26.57 -13.17 -8.38
CA ILE C 291 -26.41 -11.96 -7.59
C ILE C 291 -25.17 -11.18 -8.03
N ILE C 292 -25.37 -9.96 -8.50
CA ILE C 292 -24.25 -9.16 -8.97
C ILE C 292 -23.89 -8.08 -7.99
N ASN C 293 -22.60 -7.93 -7.69
CA ASN C 293 -22.17 -6.87 -6.79
C ASN C 293 -21.39 -5.84 -7.56
N LEU C 294 -21.64 -4.55 -7.32
CA LEU C 294 -20.99 -3.53 -8.15
C LEU C 294 -19.59 -3.20 -7.69
N GLN C 295 -18.67 -3.12 -8.65
CA GLN C 295 -17.26 -2.86 -8.35
C GLN C 295 -17.01 -1.53 -7.69
N SER C 296 -16.07 -1.50 -6.75
CA SER C 296 -15.75 -0.26 -6.04
C SER C 296 -15.47 0.90 -6.97
N GLY C 297 -16.17 2.01 -6.78
CA GLY C 297 -15.95 3.20 -7.58
C GLY C 297 -16.44 3.15 -9.02
N ALA C 298 -17.60 2.56 -9.24
CA ALA C 298 -18.16 2.52 -10.58
C ALA C 298 -19.51 3.20 -10.58
N ASN C 299 -20.13 3.28 -11.75
CA ASN C 299 -21.42 3.93 -11.85
C ASN C 299 -22.48 2.85 -11.85
N ALA C 300 -23.36 2.88 -10.85
CA ALA C 300 -24.41 1.89 -10.77
C ALA C 300 -25.33 2.02 -11.95
N VAL C 301 -25.66 3.24 -12.33
CA VAL C 301 -26.61 3.43 -13.41
C VAL C 301 -26.08 2.85 -14.72
N ASN C 302 -24.82 3.14 -15.03
CA ASN C 302 -24.24 2.62 -16.25
C ASN C 302 -24.15 1.12 -16.20
N THR C 303 -23.71 0.58 -15.06
CA THR C 303 -23.52 -0.85 -14.96
C THR C 303 -24.85 -1.56 -15.12
N ALA C 304 -25.89 -1.07 -14.46
CA ALA C 304 -27.19 -1.71 -14.53
C ALA C 304 -27.70 -1.72 -15.94
N LYS C 305 -27.55 -0.60 -16.63
CA LYS C 305 -28.03 -0.50 -17.99
C LYS C 305 -27.28 -1.48 -18.86
N LEU C 306 -25.97 -1.57 -18.65
CA LEU C 306 -25.16 -2.49 -19.43
C LEU C 306 -25.59 -3.93 -19.18
N ILE C 307 -25.87 -4.26 -17.92
CA ILE C 307 -26.27 -5.61 -17.59
C ILE C 307 -27.58 -5.94 -18.28
N ASN C 308 -28.53 -5.03 -18.22
CA ASN C 308 -29.83 -5.28 -18.83
C ASN C 308 -29.67 -5.48 -20.32
N GLU C 309 -28.84 -4.65 -20.94
CA GLU C 309 -28.58 -4.79 -22.37
C GLU C 309 -27.92 -6.11 -22.72
N LYS C 310 -26.90 -6.52 -21.95
CA LYS C 310 -26.28 -7.80 -22.21
C LYS C 310 -27.25 -8.94 -21.98
N MET C 311 -28.19 -8.74 -21.08
CA MET C 311 -29.19 -9.77 -20.84
C MET C 311 -30.07 -9.95 -22.06
N GLN C 312 -30.44 -8.86 -22.70
CA GLN C 312 -31.25 -8.95 -23.91
C GLN C 312 -30.49 -9.67 -25.01
N GLU C 313 -29.20 -9.37 -25.14
CA GLU C 313 -28.39 -10.04 -26.14
C GLU C 313 -28.31 -11.52 -25.85
N LEU C 314 -28.12 -11.87 -24.57
CA LEU C 314 -28.10 -13.26 -24.19
C LEU C 314 -29.46 -13.89 -24.40
N SER C 315 -30.51 -13.14 -24.12
CA SER C 315 -31.87 -13.69 -24.21
C SER C 315 -32.31 -14.16 -25.58
N LYS C 316 -31.91 -13.46 -26.64
CA LYS C 316 -32.28 -13.97 -27.95
C LYS C 316 -31.66 -15.33 -28.18
N ASN C 317 -30.41 -15.51 -27.77
CA ASN C 317 -29.78 -16.83 -27.88
C ASN C 317 -30.05 -17.63 -26.62
N PHE C 318 -31.31 -18.01 -26.43
CA PHE C 318 -31.69 -18.74 -25.22
C PHE C 318 -32.36 -20.09 -25.54
N PRO C 319 -32.19 -21.12 -24.67
CA PRO C 319 -32.92 -22.37 -24.91
C PRO C 319 -34.39 -22.05 -24.83
N GLN C 320 -35.22 -22.78 -25.54
CA GLN C 320 -36.63 -22.43 -25.56
C GLN C 320 -37.21 -22.42 -24.17
N GLY C 321 -37.95 -21.38 -23.85
CA GLY C 321 -38.57 -21.28 -22.54
C GLY C 321 -37.68 -20.73 -21.45
N LEU C 322 -36.45 -20.37 -21.78
CA LEU C 322 -35.61 -19.74 -20.77
C LEU C 322 -35.85 -18.25 -20.87
N LYS C 323 -36.19 -17.63 -19.76
CA LYS C 323 -36.49 -16.21 -19.76
C LYS C 323 -35.75 -15.60 -18.59
N TYR C 324 -35.49 -14.30 -18.65
CA TYR C 324 -34.81 -13.63 -17.55
C TYR C 324 -35.68 -12.52 -17.03
N GLN C 325 -35.55 -12.24 -15.75
CA GLN C 325 -36.29 -11.14 -15.15
C GLN C 325 -35.38 -10.62 -14.08
N ILE C 326 -35.34 -9.31 -13.89
CA ILE C 326 -34.52 -8.74 -12.83
C ILE C 326 -35.38 -8.39 -11.63
N PRO C 327 -35.46 -9.29 -10.66
CA PRO C 327 -36.33 -9.06 -9.49
C PRO C 327 -35.91 -7.87 -8.64
N TYR C 328 -34.62 -7.57 -8.58
CA TYR C 328 -34.16 -6.48 -7.72
C TYR C 328 -33.14 -5.60 -8.41
N ASP C 329 -33.20 -4.30 -8.14
CA ASP C 329 -32.25 -3.36 -8.74
C ASP C 329 -32.08 -2.14 -7.87
N THR C 330 -30.92 -2.02 -7.24
CA THR C 330 -30.66 -0.87 -6.38
C THR C 330 -30.64 0.39 -7.19
N THR C 331 -30.37 0.25 -8.49
CA THR C 331 -30.28 1.42 -9.36
C THR C 331 -31.62 2.14 -9.48
N ILE C 332 -32.71 1.43 -9.27
CA ILE C 332 -34.02 2.06 -9.33
C ILE C 332 -34.08 3.10 -8.23
N PHE C 333 -33.58 2.76 -7.06
CA PHE C 333 -33.59 3.68 -5.95
C PHE C 333 -32.73 4.91 -6.19
N VAL C 334 -31.58 4.74 -6.84
CA VAL C 334 -30.69 5.88 -6.98
C VAL C 334 -31.11 6.78 -8.12
N LYS C 335 -31.63 6.21 -9.20
CA LYS C 335 -32.16 7.03 -10.27
C LYS C 335 -33.29 7.91 -9.77
N ALA C 336 -34.13 7.36 -8.92
CA ALA C 336 -35.25 8.12 -8.39
C ALA C 336 -34.70 9.28 -7.58
N SER C 337 -33.68 9.01 -6.78
CA SER C 337 -33.09 10.06 -5.97
C SER C 337 -32.47 11.15 -6.84
N ILE C 338 -31.82 10.75 -7.92
CA ILE C 338 -31.19 11.72 -8.80
C ILE C 338 -32.26 12.63 -9.39
N LYS C 339 -33.36 12.03 -9.82
CA LYS C 339 -34.44 12.82 -10.38
C LYS C 339 -34.92 13.82 -9.35
N GLU C 340 -35.17 13.34 -8.14
CA GLU C 340 -35.69 14.21 -7.11
C GLU C 340 -34.73 15.34 -6.74
N VAL C 341 -33.44 15.05 -6.65
CA VAL C 341 -32.48 16.10 -6.36
C VAL C 341 -32.47 17.12 -7.48
N ILE C 342 -32.49 16.66 -8.73
CA ILE C 342 -32.53 17.59 -9.85
C ILE C 342 -33.81 18.41 -9.83
N LYS C 343 -34.93 17.76 -9.52
CA LYS C 343 -36.20 18.46 -9.49
C LYS C 343 -36.17 19.53 -8.43
N THR C 344 -35.62 19.18 -7.26
CA THR C 344 -35.57 20.13 -6.17
C THR C 344 -34.72 21.32 -6.58
N PHE C 345 -33.60 21.05 -7.23
CA PHE C 345 -32.72 22.13 -7.63
C PHE C 345 -33.41 23.05 -8.62
N VAL C 346 -34.07 22.48 -9.61
CA VAL C 346 -34.77 23.28 -10.62
C VAL C 346 -35.89 24.07 -9.98
N GLU C 347 -36.68 23.43 -9.13
CA GLU C 347 -37.77 24.12 -8.46
C GLU C 347 -37.24 25.23 -7.59
N ALA C 348 -36.15 24.98 -6.89
CA ALA C 348 -35.60 25.99 -5.98
C ALA C 348 -35.02 27.12 -6.80
N LEU C 349 -34.33 26.79 -7.88
CA LEU C 349 -33.70 27.80 -8.70
C LEU C 349 -34.75 28.74 -9.26
N ALA C 350 -35.89 28.19 -9.66
CA ALA C 350 -36.96 29.01 -10.21
C ALA C 350 -37.64 29.81 -9.13
N LEU C 351 -37.79 29.20 -7.95
CA LEU C 351 -38.39 29.91 -6.83
C LEU C 351 -37.51 31.08 -6.43
N VAL C 352 -36.20 30.88 -6.48
CA VAL C 352 -35.30 31.97 -6.16
C VAL C 352 -35.53 33.08 -7.17
N LEU C 353 -35.67 32.72 -8.44
CA LEU C 353 -35.90 33.73 -9.45
C LEU C 353 -37.16 34.52 -9.13
N VAL C 354 -38.21 33.85 -8.67
CA VAL C 354 -39.44 34.54 -8.31
C VAL C 354 -39.22 35.51 -7.17
N VAL C 355 -38.50 35.09 -6.13
CA VAL C 355 -38.18 36.01 -5.03
C VAL C 355 -37.27 37.12 -5.51
N MET C 356 -36.40 36.83 -6.47
CA MET C 356 -35.46 37.84 -6.96
C MET C 356 -36.24 38.84 -7.74
N TYR C 357 -37.30 38.37 -8.40
CA TYR C 357 -38.05 39.23 -9.29
C TYR C 357 -39.05 40.07 -8.53
N LEU C 358 -39.79 39.47 -7.60
CA LEU C 358 -40.72 40.25 -6.80
C LEU C 358 -40.07 41.22 -5.82
N PHE C 359 -39.11 40.73 -5.05
CA PHE C 359 -38.44 41.57 -4.05
C PHE C 359 -37.56 42.66 -4.62
N LEU C 360 -36.80 42.34 -5.68
CA LEU C 360 -35.85 43.32 -6.21
C LEU C 360 -36.47 44.07 -7.36
N LYS C 361 -37.67 43.66 -7.76
CA LYS C 361 -38.41 44.38 -8.82
C LYS C 361 -37.59 44.57 -10.07
N ASN C 362 -36.70 43.63 -10.37
CA ASN C 362 -35.92 43.70 -11.59
C ASN C 362 -35.92 42.33 -12.23
N PHE C 363 -35.83 42.28 -13.55
CA PHE C 363 -35.83 41.01 -14.26
C PHE C 363 -34.39 40.66 -14.56
N LYS C 364 -33.58 41.69 -14.80
CA LYS C 364 -32.17 41.46 -15.06
C LYS C 364 -31.41 41.00 -13.84
N SER C 365 -32.01 41.12 -12.67
CA SER C 365 -31.33 40.74 -11.45
C SER C 365 -31.38 39.23 -11.32
N THR C 366 -32.36 38.62 -11.97
CA THR C 366 -32.51 37.15 -11.92
C THR C 366 -31.38 36.40 -12.58
N ILE C 367 -30.74 37.01 -13.57
CA ILE C 367 -29.68 36.34 -14.28
C ILE C 367 -28.53 35.99 -13.34
N ILE C 368 -28.26 36.87 -12.37
CA ILE C 368 -27.13 36.63 -11.48
C ILE C 368 -27.26 35.33 -10.66
N PRO C 369 -28.44 35.03 -10.08
CA PRO C 369 -28.54 33.73 -9.40
C PRO C 369 -28.38 32.58 -10.38
N MET C 370 -28.97 32.70 -11.55
CA MET C 370 -28.88 31.65 -12.56
C MET C 370 -27.44 31.31 -12.88
N ILE C 371 -26.60 32.29 -13.20
CA ILE C 371 -25.21 31.94 -13.41
C ILE C 371 -24.51 31.44 -12.13
N ALA C 372 -24.72 32.10 -11.00
CA ALA C 372 -24.02 31.73 -9.77
C ALA C 372 -24.32 30.39 -9.12
N VAL C 373 -25.59 30.01 -9.02
CA VAL C 373 -25.93 28.77 -8.31
C VAL C 373 -25.37 27.49 -8.94
N PRO C 374 -25.47 27.34 -10.27
CA PRO C 374 -24.83 26.16 -10.86
C PRO C 374 -23.33 26.13 -10.65
N VAL C 375 -22.66 27.28 -10.78
CA VAL C 375 -21.22 27.34 -10.60
C VAL C 375 -20.88 26.90 -9.18
N SER C 376 -21.71 27.29 -8.23
CA SER C 376 -21.46 26.95 -6.83
C SER C 376 -21.79 25.50 -6.52
N LEU C 377 -22.44 24.81 -7.45
CA LEU C 377 -22.72 23.39 -7.26
C LEU C 377 -21.76 22.57 -8.07
N LEU C 378 -21.42 23.00 -9.27
CA LEU C 378 -20.43 22.30 -10.05
C LEU C 378 -19.11 22.28 -9.30
N GLY C 379 -18.78 23.38 -8.64
CA GLY C 379 -17.56 23.44 -7.86
C GLY C 379 -17.60 22.42 -6.74
N THR C 380 -18.75 22.28 -6.10
CA THR C 380 -18.89 21.32 -5.02
C THR C 380 -18.65 19.93 -5.56
N PHE C 381 -19.18 19.63 -6.74
CA PHE C 381 -19.01 18.31 -7.33
C PHE C 381 -17.54 18.03 -7.61
N ALA C 382 -16.82 19.03 -8.09
CA ALA C 382 -15.42 18.82 -8.42
C ALA C 382 -14.62 18.45 -7.20
N VAL C 383 -14.86 19.14 -6.10
CA VAL C 383 -14.17 18.80 -4.87
C VAL C 383 -14.59 17.41 -4.39
N LEU C 384 -15.87 17.09 -4.51
CA LEU C 384 -16.35 15.80 -4.05
C LEU C 384 -15.69 14.71 -4.85
N TYR C 385 -15.36 14.98 -6.11
CA TYR C 385 -14.59 14.01 -6.89
C TYR C 385 -13.15 13.87 -6.43
N VAL C 386 -12.51 14.99 -6.12
CA VAL C 386 -11.11 14.94 -5.68
C VAL C 386 -11.04 14.17 -4.38
N LEU C 387 -11.98 14.44 -3.46
CA LEU C 387 -12.03 13.69 -2.22
C LEU C 387 -12.65 12.33 -2.53
N GLY C 388 -12.46 11.36 -1.65
CA GLY C 388 -12.97 10.04 -1.96
C GLY C 388 -14.49 9.95 -2.10
N PHE C 389 -15.21 11.04 -1.82
CA PHE C 389 -16.67 11.00 -1.87
C PHE C 389 -17.29 10.58 -3.19
N SER C 390 -18.33 9.75 -3.13
CA SER C 390 -19.02 9.33 -4.33
C SER C 390 -20.45 9.85 -4.30
N ILE C 391 -21.21 9.69 -5.38
CA ILE C 391 -22.59 10.12 -5.32
C ILE C 391 -23.36 8.90 -4.89
N ASN C 392 -24.02 9.00 -3.74
CA ASN C 392 -24.80 7.90 -3.21
C ASN C 392 -26.06 8.52 -2.67
N LEU C 393 -26.93 7.72 -2.08
CA LEU C 393 -28.20 8.28 -1.63
C LEU C 393 -27.98 9.34 -0.58
N LEU C 394 -27.06 9.11 0.34
CA LEU C 394 -26.87 10.06 1.42
C LEU C 394 -26.24 11.36 0.94
N THR C 395 -25.30 11.30 0.01
CA THR C 395 -24.73 12.53 -0.56
C THR C 395 -25.77 13.29 -1.36
N LEU C 396 -26.64 12.59 -2.07
CA LEU C 396 -27.69 13.24 -2.83
C LEU C 396 -28.63 13.98 -1.89
N PHE C 397 -28.97 13.39 -0.75
CA PHE C 397 -29.80 14.09 0.22
C PHE C 397 -29.06 15.32 0.70
N ALA C 398 -27.75 15.20 0.89
CA ALA C 398 -26.94 16.34 1.32
C ALA C 398 -26.97 17.45 0.28
N LEU C 399 -27.00 17.09 -1.00
CA LEU C 399 -27.04 18.07 -2.06
C LEU C 399 -28.29 18.93 -1.95
N VAL C 400 -29.41 18.33 -1.57
CA VAL C 400 -30.62 19.10 -1.36
C VAL C 400 -30.37 20.13 -0.27
N LEU C 401 -29.71 19.73 0.80
CA LEU C 401 -29.39 20.66 1.87
C LEU C 401 -28.42 21.70 1.35
N ALA C 402 -27.49 21.30 0.50
CA ALA C 402 -26.48 22.21 -0.04
C ALA C 402 -27.11 23.32 -0.87
N ILE C 403 -28.23 23.03 -1.51
CA ILE C 403 -28.91 24.03 -2.31
C ILE C 403 -29.14 25.24 -1.43
N GLY C 404 -29.50 24.98 -0.18
CA GLY C 404 -29.78 26.07 0.75
C GLY C 404 -28.64 27.03 0.96
N ILE C 405 -27.46 26.50 1.24
CA ILE C 405 -26.33 27.36 1.50
C ILE C 405 -26.04 28.20 0.27
N VAL C 406 -26.07 27.56 -0.90
CA VAL C 406 -25.76 28.27 -2.12
C VAL C 406 -26.75 29.38 -2.42
N VAL C 407 -28.04 29.10 -2.28
CA VAL C 407 -29.03 30.11 -2.57
C VAL C 407 -28.94 31.28 -1.61
N ASP C 408 -28.69 31.00 -0.33
CA ASP C 408 -28.64 32.06 0.65
C ASP C 408 -27.51 33.00 0.31
N ASP C 409 -26.37 32.45 -0.10
CA ASP C 409 -25.22 33.29 -0.39
C ASP C 409 -25.47 34.23 -1.55
N ALA C 410 -26.08 33.74 -2.61
CA ALA C 410 -26.42 34.62 -3.71
C ALA C 410 -27.41 35.66 -3.27
N ILE C 411 -28.43 35.26 -2.52
CA ILE C 411 -29.48 36.18 -2.14
C ILE C 411 -28.94 37.30 -1.25
N ILE C 412 -28.08 36.96 -0.29
CA ILE C 412 -27.59 37.99 0.60
C ILE C 412 -26.78 39.03 -0.15
N VAL C 413 -25.97 38.61 -1.11
CA VAL C 413 -25.14 39.53 -1.85
C VAL C 413 -25.93 40.44 -2.79
N VAL C 414 -26.69 39.86 -3.72
CA VAL C 414 -27.52 40.66 -4.63
C VAL C 414 -28.38 41.65 -3.88
N GLU C 415 -29.11 41.19 -2.87
CA GLU C 415 -30.01 42.07 -2.15
C GLU C 415 -29.32 43.23 -1.51
N ASN C 416 -28.14 43.01 -0.94
CA ASN C 416 -27.51 44.09 -0.22
C ASN C 416 -26.97 45.11 -1.19
N ILE C 417 -26.50 44.66 -2.34
CA ILE C 417 -26.09 45.58 -3.38
C ILE C 417 -27.27 46.39 -3.87
N ASP C 418 -28.40 45.73 -4.11
CA ASP C 418 -29.58 46.45 -4.54
C ASP C 418 -30.02 47.43 -3.48
N ARG C 419 -29.89 47.04 -2.22
CA ARG C 419 -30.33 47.90 -1.13
C ARG C 419 -29.54 49.19 -1.17
N ILE C 420 -28.22 49.08 -1.31
CA ILE C 420 -27.37 50.26 -1.35
C ILE C 420 -27.61 51.02 -2.64
N LEU C 421 -27.92 50.32 -3.72
CA LEU C 421 -28.15 51.00 -4.99
C LEU C 421 -29.47 51.74 -4.94
N HIS C 422 -30.32 51.41 -3.97
CA HIS C 422 -31.56 52.15 -3.82
C HIS C 422 -31.49 53.17 -2.70
N GLU C 423 -30.50 53.02 -1.83
CA GLU C 423 -30.31 53.96 -0.74
C GLU C 423 -29.78 55.28 -1.26
N ASP C 424 -28.96 55.23 -2.30
CA ASP C 424 -28.38 56.44 -2.87
C ASP C 424 -28.59 56.50 -4.38
N SER C 425 -29.28 57.54 -4.84
CA SER C 425 -29.46 57.72 -6.28
C SER C 425 -28.13 57.99 -6.96
N ASN C 426 -27.30 58.79 -6.33
CA ASN C 426 -26.01 59.14 -6.92
C ASN C 426 -25.09 57.95 -7.12
N ILE C 427 -25.00 57.04 -6.16
CA ILE C 427 -24.23 55.81 -6.38
C ILE C 427 -24.48 54.94 -7.59
N SER C 428 -23.38 54.59 -8.28
CA SER C 428 -23.49 53.76 -9.48
C SER C 428 -23.44 52.31 -9.09
N VAL C 429 -23.88 51.43 -9.98
CA VAL C 429 -23.97 50.02 -9.63
C VAL C 429 -22.64 49.45 -9.22
N LYS C 430 -21.55 49.86 -9.86
CA LYS C 430 -20.28 49.26 -9.53
C LYS C 430 -19.75 49.77 -8.20
N ASP C 431 -19.92 51.05 -7.91
CA ASP C 431 -19.56 51.57 -6.60
C ASP C 431 -20.40 50.90 -5.52
N ALA C 432 -21.67 50.70 -5.81
CA ALA C 432 -22.55 50.07 -4.83
C ALA C 432 -22.09 48.68 -4.52
N ALA C 433 -21.67 47.95 -5.55
CA ALA C 433 -21.22 46.60 -5.35
C ALA C 433 -20.00 46.59 -4.44
N ILE C 434 -19.07 47.52 -4.69
CA ILE C 434 -17.87 47.56 -3.89
C ILE C 434 -18.20 47.87 -2.44
N LYS C 435 -19.07 48.86 -2.23
CA LYS C 435 -19.50 49.24 -0.89
C LYS C 435 -20.02 48.03 -0.13
N ALA C 436 -21.03 47.39 -0.71
CA ALA C 436 -21.67 46.26 -0.04
C ALA C 436 -20.71 45.12 0.19
N MET C 437 -19.86 44.86 -0.77
CA MET C 437 -18.89 43.80 -0.60
C MET C 437 -17.97 44.11 0.56
N ASN C 438 -17.57 45.35 0.72
CA ASN C 438 -16.73 45.71 1.86
C ASN C 438 -17.48 45.44 3.16
N GLU C 439 -18.77 45.76 3.19
CA GLU C 439 -19.55 45.49 4.39
C GLU C 439 -19.67 44.01 4.70
N VAL C 440 -19.90 43.18 3.68
CA VAL C 440 -20.12 41.76 3.95
C VAL C 440 -18.95 40.82 3.73
N SER C 441 -17.82 41.29 3.23
CA SER C 441 -16.74 40.37 2.93
C SER C 441 -16.23 39.69 4.18
N SER C 442 -16.03 40.47 5.24
CA SER C 442 -15.57 39.90 6.49
C SER C 442 -16.58 38.93 7.11
N PRO C 443 -17.89 39.33 7.17
CA PRO C 443 -18.79 38.30 7.69
C PRO C 443 -18.77 37.03 6.85
N VAL C 444 -18.73 37.12 5.54
CA VAL C 444 -18.80 35.92 4.72
C VAL C 444 -17.63 34.97 4.97
N ILE C 445 -16.42 35.51 5.08
CA ILE C 445 -15.28 34.66 5.38
C ILE C 445 -15.46 34.04 6.76
N SER C 446 -16.00 34.80 7.70
CA SER C 446 -16.24 34.29 9.05
C SER C 446 -17.35 33.25 9.03
N ILE C 447 -18.31 33.42 8.13
CA ILE C 447 -19.41 32.48 7.99
C ILE C 447 -18.90 31.15 7.50
N VAL C 448 -17.89 31.15 6.64
CA VAL C 448 -17.45 29.91 6.02
C VAL C 448 -16.59 29.17 7.01
N LEU C 449 -15.87 29.90 7.82
CA LEU C 449 -15.05 29.26 8.85
C LEU C 449 -15.91 28.74 9.99
N VAL C 450 -16.84 29.55 10.48
CA VAL C 450 -17.74 29.12 11.56
C VAL C 450 -18.53 27.90 11.14
N LEU C 451 -19.14 27.97 9.95
CA LEU C 451 -19.95 26.86 9.48
C LEU C 451 -19.12 25.59 9.35
N CYS C 452 -17.87 25.69 8.93
CA CYS C 452 -17.13 24.46 8.72
C CYS C 452 -16.75 23.96 10.09
N ALA C 453 -16.56 24.86 11.04
CA ALA C 453 -16.32 24.40 12.40
C ALA C 453 -17.52 23.64 12.93
N VAL C 454 -18.72 24.01 12.51
CA VAL C 454 -19.91 23.27 12.90
C VAL C 454 -19.91 21.86 12.30
N PHE C 455 -19.45 21.72 11.06
CA PHE C 455 -19.54 20.42 10.38
C PHE C 455 -18.42 19.40 10.60
N ILE C 456 -17.17 19.82 10.76
CA ILE C 456 -16.08 18.86 10.91
C ILE C 456 -16.18 17.92 12.13
N PRO C 457 -16.63 18.43 13.29
CA PRO C 457 -16.82 17.51 14.42
C PRO C 457 -17.80 16.39 14.12
N VAL C 458 -18.83 16.66 13.31
CA VAL C 458 -19.73 15.57 12.94
C VAL C 458 -18.96 14.46 12.26
N SER C 459 -17.90 14.82 11.56
CA SER C 459 -17.10 13.83 10.84
C SER C 459 -16.29 12.99 11.80
N PHE C 460 -16.01 13.54 12.98
CA PHE C 460 -15.22 12.82 13.96
C PHE C 460 -16.05 11.91 14.84
N ILE C 461 -17.35 11.93 14.67
CA ILE C 461 -18.20 11.03 15.43
C ILE C 461 -17.80 9.62 15.04
N SER C 462 -17.69 8.74 16.01
CA SER C 462 -17.27 7.37 15.75
C SER C 462 -18.49 6.49 15.62
N GLY C 463 -18.36 5.34 14.97
CA GLY C 463 -19.50 4.47 14.79
C GLY C 463 -20.18 4.57 13.44
N PHE C 464 -21.05 3.61 13.15
CA PHE C 464 -21.72 3.57 11.84
C PHE C 464 -22.56 4.81 11.59
N VAL C 465 -23.04 5.46 12.65
CA VAL C 465 -23.92 6.59 12.45
C VAL C 465 -23.09 7.81 12.15
N GLY C 466 -21.83 7.84 12.59
CA GLY C 466 -20.97 8.95 12.24
C GLY C 466 -20.47 8.88 10.81
N GLU C 467 -20.43 7.67 10.26
CA GLU C 467 -20.00 7.47 8.89
C GLU C 467 -21.13 7.99 8.06
N ILE C 468 -22.36 7.71 8.46
CA ILE C 468 -23.53 8.21 7.74
C ILE C 468 -23.55 9.70 7.83
N GLN C 469 -23.41 10.23 9.03
CA GLN C 469 -23.44 11.67 9.23
C GLN C 469 -22.31 12.42 8.55
N ARG C 470 -21.17 11.77 8.35
CA ARG C 470 -20.05 12.51 7.81
C ARG C 470 -20.27 12.69 6.33
N GLN C 471 -20.86 11.71 5.68
CA GLN C 471 -21.17 11.89 4.27
C GLN C 471 -21.99 13.15 4.09
N PHE C 472 -22.99 13.39 4.93
CA PHE C 472 -23.75 14.64 4.87
C PHE C 472 -22.94 15.86 5.25
N ALA C 473 -22.27 15.82 6.40
CA ALA C 473 -21.55 16.99 6.89
C ALA C 473 -20.45 17.50 5.98
N LEU C 474 -19.56 16.63 5.56
CA LEU C 474 -18.44 17.08 4.74
C LEU C 474 -18.93 17.70 3.44
N THR C 475 -19.97 17.12 2.84
CA THR C 475 -20.52 17.68 1.62
C THR C 475 -21.02 19.10 1.89
N LEU C 476 -21.69 19.30 3.02
CA LEU C 476 -22.16 20.62 3.39
C LEU C 476 -20.99 21.58 3.59
N ALA C 477 -19.91 21.11 4.20
CA ALA C 477 -18.76 21.97 4.44
C ALA C 477 -18.11 22.34 3.13
N ILE C 478 -18.06 21.41 2.18
CA ILE C 478 -17.51 21.74 0.88
C ILE C 478 -18.39 22.80 0.25
N SER C 479 -19.70 22.64 0.39
CA SER C 479 -20.62 23.57 -0.22
C SER C 479 -20.45 24.97 0.31
N VAL C 480 -20.29 25.11 1.63
CA VAL C 480 -20.20 26.45 2.20
C VAL C 480 -18.95 27.14 1.68
N ALA C 481 -17.85 26.41 1.54
CA ALA C 481 -16.62 27.03 1.09
C ALA C 481 -16.69 27.41 -0.37
N ILE C 482 -17.10 26.49 -1.23
CA ILE C 482 -17.19 26.80 -2.64
C ILE C 482 -18.20 27.93 -2.86
N SER C 483 -19.34 27.85 -2.20
CA SER C 483 -20.35 28.90 -2.33
C SER C 483 -19.82 30.23 -1.83
N GLY C 484 -18.98 30.20 -0.79
CA GLY C 484 -18.60 31.47 -0.19
C GLY C 484 -17.56 32.12 -1.07
N PHE C 485 -16.67 31.34 -1.65
CA PHE C 485 -15.71 31.91 -2.58
C PHE C 485 -16.43 32.53 -3.77
N VAL C 486 -17.44 31.85 -4.29
CA VAL C 486 -18.21 32.40 -5.40
C VAL C 486 -18.90 33.69 -4.98
N ALA C 487 -19.44 33.70 -3.77
CA ALA C 487 -20.12 34.90 -3.28
C ALA C 487 -19.14 36.05 -3.18
N LEU C 488 -17.91 35.75 -2.79
CA LEU C 488 -16.89 36.77 -2.70
C LEU C 488 -16.53 37.31 -4.07
N THR C 489 -16.24 36.40 -5.01
CA THR C 489 -15.78 36.85 -6.31
C THR C 489 -16.76 36.94 -7.46
N LEU C 490 -17.37 35.83 -7.87
CA LEU C 490 -18.25 35.83 -9.03
C LEU C 490 -19.54 36.63 -8.88
N THR C 491 -20.24 36.47 -7.76
CA THR C 491 -21.54 37.12 -7.62
C THR C 491 -21.53 38.65 -7.67
N PRO C 492 -20.59 39.32 -6.95
CA PRO C 492 -20.62 40.78 -7.10
C PRO C 492 -20.38 41.22 -8.54
N SER C 493 -19.48 40.54 -9.24
CA SER C 493 -19.14 40.96 -10.60
C SER C 493 -20.34 40.85 -11.51
N LEU C 494 -21.08 39.76 -11.39
CA LEU C 494 -22.26 39.59 -12.20
C LEU C 494 -23.27 40.66 -11.85
N SER C 495 -23.36 40.97 -10.56
CA SER C 495 -24.34 41.96 -10.13
C SER C 495 -24.03 43.30 -10.76
N ALA C 496 -22.75 43.66 -10.81
CA ALA C 496 -22.38 44.93 -11.38
C ALA C 496 -22.78 44.95 -12.85
N LEU C 497 -22.56 43.85 -13.55
CA LEU C 497 -22.98 43.81 -14.95
C LEU C 497 -24.49 43.79 -15.11
N PHE C 498 -25.14 42.73 -14.66
CA PHE C 498 -26.58 42.60 -14.85
C PHE C 498 -27.51 43.56 -14.10
N LEU C 499 -27.26 43.79 -12.81
CA LEU C 499 -28.11 44.75 -12.11
C LEU C 499 -28.02 46.13 -12.71
N THR C 500 -29.12 46.87 -12.63
CA THR C 500 -29.15 48.21 -13.18
C THR C 500 -30.04 49.00 -12.26
N ARG C 501 -29.87 50.32 -12.22
CA ARG C 501 -30.80 51.11 -11.43
C ARG C 501 -32.11 50.95 -12.18
N ASN C 502 -33.19 50.67 -11.47
CA ASN C 502 -34.46 50.57 -12.14
C ASN C 502 -35.34 51.76 -11.81
N GLU C 503 -35.61 52.59 -12.81
CA GLU C 503 -36.47 53.74 -12.59
C GLU C 503 -37.79 53.49 -13.29
N SER C 504 -37.89 52.36 -13.98
CA SER C 504 -39.11 52.03 -14.69
C SER C 504 -40.18 51.61 -13.70
N LYS C 505 -41.43 51.91 -14.01
CA LYS C 505 -42.51 51.54 -13.12
C LYS C 505 -42.62 50.03 -13.01
N PRO C 506 -42.76 49.49 -11.78
CA PRO C 506 -42.91 48.03 -11.79
C PRO C 506 -44.29 47.61 -12.23
N PHE C 507 -44.54 46.31 -12.35
CA PHE C 507 -45.88 45.85 -12.69
C PHE C 507 -46.79 46.07 -11.50
N TYR C 508 -48.08 46.17 -11.75
CA TYR C 508 -49.03 46.45 -10.66
C TYR C 508 -48.90 45.43 -9.56
N PHE C 509 -48.93 44.15 -9.94
CA PHE C 509 -48.85 43.10 -8.94
C PHE C 509 -47.56 43.21 -8.15
N ILE C 510 -46.45 43.47 -8.83
CA ILE C 510 -45.17 43.57 -8.15
C ILE C 510 -45.18 44.74 -7.18
N GLN C 511 -45.74 45.86 -7.61
CA GLN C 511 -45.76 47.04 -6.76
C GLN C 511 -46.56 46.74 -5.51
N LYS C 512 -47.68 46.07 -5.66
CA LYS C 512 -48.52 45.74 -4.52
C LYS C 512 -47.76 44.84 -3.56
N PHE C 513 -47.06 43.84 -4.09
CA PHE C 513 -46.33 42.91 -3.25
C PHE C 513 -45.27 43.66 -2.46
N ASN C 514 -44.57 44.57 -3.12
CA ASN C 514 -43.52 45.31 -2.45
C ASN C 514 -44.13 46.14 -1.34
N ASP C 515 -45.26 46.76 -1.61
CA ASP C 515 -45.91 47.60 -0.62
C ASP C 515 -46.32 46.78 0.59
N PHE C 516 -46.84 45.59 0.35
CA PHE C 516 -47.24 44.71 1.44
C PHE C 516 -46.02 44.38 2.28
N PHE C 517 -44.92 44.07 1.61
CA PHE C 517 -43.69 43.74 2.31
C PHE C 517 -43.17 44.91 3.14
N ASP C 518 -43.27 46.11 2.60
CA ASP C 518 -42.81 47.29 3.33
C ASP C 518 -43.65 47.46 4.59
N TRP C 519 -44.95 47.23 4.47
CA TRP C 519 -45.82 47.32 5.64
C TRP C 519 -45.41 46.26 6.65
N SER C 520 -45.08 45.08 6.16
CA SER C 520 -44.67 44.00 7.05
C SER C 520 -43.40 44.36 7.78
N THR C 521 -42.47 45.01 7.10
CA THR C 521 -41.22 45.39 7.71
C THR C 521 -41.48 46.36 8.86
N SER C 522 -42.40 47.29 8.66
CA SER C 522 -42.73 48.24 9.70
C SER C 522 -43.30 47.54 10.92
N VAL C 523 -44.18 46.57 10.70
CA VAL C 523 -44.76 45.82 11.80
C VAL C 523 -43.65 45.05 12.51
N PHE C 524 -42.76 44.46 11.72
CA PHE C 524 -41.68 43.69 12.30
C PHE C 524 -40.77 44.56 13.15
N SER C 525 -40.47 45.76 12.67
CA SER C 525 -39.63 46.68 13.42
C SER C 525 -40.31 47.05 14.72
N SER C 526 -41.62 47.25 14.66
CA SER C 526 -42.36 47.61 15.86
C SER C 526 -42.28 46.47 16.86
N GLY C 527 -42.36 45.25 16.37
CA GLY C 527 -42.26 44.09 17.25
C GLY C 527 -40.90 44.03 17.89
N VAL C 528 -39.87 44.37 17.13
CA VAL C 528 -38.52 44.38 17.67
C VAL C 528 -38.42 45.40 18.79
N ALA C 529 -39.10 46.53 18.67
CA ALA C 529 -38.94 47.56 19.68
C ALA C 529 -39.76 47.21 20.89
N TYR C 530 -40.82 46.44 20.71
CA TYR C 530 -41.55 45.96 21.88
C TYR C 530 -40.65 45.09 22.71
N ILE C 531 -39.95 44.16 22.05
CA ILE C 531 -39.06 43.24 22.76
C ILE C 531 -37.99 44.01 23.50
N LEU C 532 -37.36 44.96 22.81
CA LEU C 532 -36.28 45.70 23.40
C LEU C 532 -36.72 46.44 24.66
N LYS C 533 -37.97 46.90 24.70
CA LYS C 533 -38.40 47.67 25.86
C LYS C 533 -38.69 46.73 27.02
N ARG C 534 -39.58 45.76 26.82
CA ARG C 534 -39.81 44.75 27.86
C ARG C 534 -38.76 43.66 27.76
N THR C 535 -37.52 44.00 28.05
CA THR C 535 -36.42 43.05 27.93
C THR C 535 -36.54 41.80 28.79
N ILE C 536 -36.82 41.97 30.07
CA ILE C 536 -36.83 40.81 30.97
C ILE C 536 -37.83 39.72 30.65
N ARG C 537 -39.05 40.10 30.29
CA ARG C 537 -40.07 39.10 30.04
C ARG C 537 -39.64 38.23 28.87
N PHE C 538 -39.13 38.86 27.83
CA PHE C 538 -38.70 38.11 26.65
C PHE C 538 -37.49 37.21 26.91
N VAL C 539 -36.55 37.67 27.72
CA VAL C 539 -35.40 36.82 28.07
C VAL C 539 -35.94 35.60 28.79
N LEU C 540 -36.92 35.80 29.66
CA LEU C 540 -37.52 34.69 30.36
C LEU C 540 -38.19 33.75 29.37
N VAL C 541 -38.86 34.31 28.37
CA VAL C 541 -39.52 33.50 27.35
C VAL C 541 -38.50 32.60 26.64
N PHE C 542 -37.32 33.14 26.39
CA PHE C 542 -36.28 32.36 25.73
C PHE C 542 -35.92 31.16 26.59
N CYS C 543 -35.82 31.38 27.90
CA CYS C 543 -35.50 30.28 28.80
C CYS C 543 -36.60 29.24 28.80
N ILE C 544 -37.85 29.68 28.75
CA ILE C 544 -38.95 28.74 28.69
C ILE C 544 -38.84 27.91 27.41
N MET C 545 -38.49 28.56 26.31
CA MET C 545 -38.40 27.85 25.04
C MET C 545 -37.33 26.77 25.05
N ILE C 546 -36.16 27.07 25.59
CA ILE C 546 -35.11 26.08 25.66
C ILE C 546 -35.51 24.89 26.54
N GLY C 547 -36.26 25.16 27.60
CA GLY C 547 -36.74 24.09 28.45
C GLY C 547 -37.67 23.20 27.64
N PHE C 548 -38.51 23.82 26.82
CA PHE C 548 -39.43 23.06 25.99
C PHE C 548 -38.67 22.18 25.00
N ILE C 549 -37.57 22.69 24.45
CA ILE C 549 -36.76 21.92 23.53
C ILE C 549 -36.35 20.60 24.17
N ALA C 550 -35.97 20.66 25.45
CA ALA C 550 -35.48 19.46 26.13
C ALA C 550 -36.64 18.57 26.53
N TYR C 551 -37.81 19.15 26.77
CA TYR C 551 -38.96 18.30 27.02
C TYR C 551 -39.29 17.60 25.72
N LEU C 552 -39.32 18.36 24.62
CA LEU C 552 -39.63 17.77 23.32
C LEU C 552 -38.64 16.71 22.91
N PHE C 553 -37.37 16.95 23.17
CA PHE C 553 -36.33 15.99 22.82
C PHE C 553 -36.53 14.69 23.58
N LYS C 554 -37.06 14.80 24.79
CA LYS C 554 -37.27 13.62 25.62
C LYS C 554 -38.53 12.85 25.20
N ILE C 555 -39.59 13.56 24.84
CA ILE C 555 -40.81 12.87 24.40
C ILE C 555 -40.73 12.27 22.98
N VAL C 556 -40.00 12.90 22.08
CA VAL C 556 -39.86 12.35 20.73
C VAL C 556 -39.02 11.08 20.81
N PRO C 557 -39.49 10.00 20.16
CA PRO C 557 -38.72 8.75 20.17
C PRO C 557 -37.40 8.90 19.45
N SER C 558 -36.35 8.23 19.90
CA SER C 558 -35.10 8.27 19.15
C SER C 558 -34.91 7.00 18.30
N SER C 559 -35.08 7.11 16.98
CA SER C 559 -34.92 5.97 16.09
C SER C 559 -33.84 6.21 15.07
N LEU C 560 -33.04 5.19 14.75
CA LEU C 560 -31.91 5.39 13.85
C LEU C 560 -32.23 5.85 12.42
N VAL C 561 -33.09 5.12 11.72
CA VAL C 561 -33.47 5.47 10.35
C VAL C 561 -34.90 5.01 10.09
N PRO C 562 -35.68 5.80 9.36
CA PRO C 562 -37.09 5.44 9.13
C PRO C 562 -37.24 4.15 8.33
N SER C 563 -38.21 3.31 8.67
CA SER C 563 -38.46 2.11 7.89
C SER C 563 -38.99 2.53 6.53
N GLU C 564 -38.52 1.88 5.46
CA GLU C 564 -38.91 2.30 4.12
C GLU C 564 -39.37 1.24 3.16
N ASP C 565 -40.39 1.54 2.37
CA ASP C 565 -40.84 0.62 1.33
C ASP C 565 -39.81 0.50 0.22
N GLN C 566 -39.15 -0.65 0.10
CA GLN C 566 -38.21 -0.86 -0.98
C GLN C 566 -38.86 -1.64 -2.11
N GLY C 567 -40.14 -1.96 -1.96
CA GLY C 567 -40.85 -2.68 -3.00
C GLY C 567 -40.85 -4.18 -2.84
N VAL C 568 -39.99 -4.71 -1.98
CA VAL C 568 -39.91 -6.14 -1.78
C VAL C 568 -40.37 -6.51 -0.38
N ILE C 569 -41.17 -7.56 -0.26
CA ILE C 569 -41.64 -8.00 1.04
C ILE C 569 -41.01 -9.33 1.39
N MET C 570 -39.81 -9.30 1.95
CA MET C 570 -39.11 -10.53 2.29
C MET C 570 -39.96 -11.39 3.20
N SER C 571 -39.91 -12.70 2.99
CA SER C 571 -40.69 -13.61 3.81
C SER C 571 -39.85 -14.81 4.22
N ILE C 572 -39.65 -14.99 5.51
CA ILE C 572 -38.82 -16.09 5.96
C ILE C 572 -39.74 -17.18 6.46
N ILE C 573 -39.65 -18.36 5.86
CA ILE C 573 -40.50 -19.45 6.26
C ILE C 573 -39.63 -20.56 6.82
N ASN C 574 -39.84 -20.91 8.07
CA ASN C 574 -39.08 -22.00 8.64
C ASN C 574 -40.05 -23.07 9.09
N LEU C 575 -39.83 -24.29 8.61
CA LEU C 575 -40.68 -25.39 9.03
C LEU C 575 -40.13 -25.92 10.33
N PRO C 576 -40.81 -26.89 10.99
CA PRO C 576 -40.14 -27.40 12.21
C PRO C 576 -38.75 -27.95 11.91
N SER C 577 -37.88 -28.01 12.91
CA SER C 577 -36.50 -28.42 12.66
C SER C 577 -36.41 -29.82 12.09
N GLY C 578 -35.52 -30.01 11.12
CA GLY C 578 -35.38 -31.30 10.48
C GLY C 578 -36.30 -31.56 9.30
N SER C 579 -37.19 -30.64 8.97
CA SER C 579 -38.14 -30.89 7.90
C SER C 579 -37.44 -31.11 6.57
N SER C 580 -37.90 -32.09 5.80
CA SER C 580 -37.27 -32.39 4.52
C SER C 580 -37.57 -31.32 3.51
N ILE C 581 -36.76 -31.22 2.48
CA ILE C 581 -36.96 -30.16 1.51
C ILE C 581 -38.33 -30.29 0.85
N HIS C 582 -38.82 -31.51 0.64
CA HIS C 582 -40.09 -31.67 -0.05
C HIS C 582 -41.21 -31.03 0.74
N ARG C 583 -41.18 -31.15 2.06
CA ARG C 583 -42.18 -30.50 2.88
C ARG C 583 -42.06 -29.01 2.74
N THR C 584 -40.84 -28.50 2.75
CA THR C 584 -40.61 -27.08 2.69
C THR C 584 -41.01 -26.49 1.35
N ILE C 585 -40.93 -27.28 0.30
CA ILE C 585 -41.19 -26.76 -1.03
C ILE C 585 -42.69 -26.71 -1.19
N GLU C 586 -43.38 -27.70 -0.66
CA GLU C 586 -44.83 -27.71 -0.73
C GLU C 586 -45.34 -26.48 -0.04
N GLU C 587 -44.77 -26.18 1.12
CA GLU C 587 -45.21 -25.02 1.87
C GLU C 587 -44.96 -23.73 1.11
N VAL C 588 -43.81 -23.63 0.45
CA VAL C 588 -43.50 -22.43 -0.32
C VAL C 588 -44.54 -22.28 -1.42
N ASP C 589 -44.90 -23.39 -2.06
CA ASP C 589 -45.88 -23.34 -3.12
C ASP C 589 -47.25 -22.85 -2.64
N THR C 590 -47.69 -23.33 -1.48
CA THR C 590 -48.95 -22.89 -0.94
C THR C 590 -48.89 -21.42 -0.63
N ILE C 591 -47.76 -20.98 -0.09
CA ILE C 591 -47.60 -19.57 0.23
C ILE C 591 -47.63 -18.71 -1.02
N ASN C 592 -47.06 -19.18 -2.11
CA ASN C 592 -46.96 -18.31 -3.28
C ASN C 592 -48.21 -18.23 -4.14
N LYS C 593 -49.06 -19.26 -4.16
CA LYS C 593 -50.28 -19.11 -4.96
C LYS C 593 -51.26 -18.19 -4.27
N ASN C 594 -51.29 -18.20 -2.95
CA ASN C 594 -52.15 -17.27 -2.24
C ASN C 594 -51.67 -15.86 -2.49
N ALA C 595 -50.36 -15.66 -2.50
CA ALA C 595 -49.79 -14.35 -2.76
C ALA C 595 -50.12 -13.86 -4.15
N THR C 596 -50.19 -14.79 -5.11
CA THR C 596 -50.52 -14.43 -6.47
C THR C 596 -51.89 -13.77 -6.51
N GLN C 597 -52.75 -14.16 -5.59
CA GLN C 597 -54.11 -13.62 -5.59
C GLN C 597 -54.12 -12.12 -5.37
N MET C 598 -53.27 -11.63 -4.46
CA MET C 598 -53.18 -10.20 -4.23
C MET C 598 -52.67 -9.45 -5.45
N LYS C 599 -53.34 -8.38 -5.82
CA LYS C 599 -52.94 -7.59 -6.99
C LYS C 599 -51.54 -7.02 -6.89
N GLU C 600 -51.22 -6.40 -5.76
CA GLU C 600 -49.93 -5.72 -5.63
C GLU C 600 -48.71 -6.61 -5.85
N ILE C 601 -48.75 -7.86 -5.40
CA ILE C 601 -47.56 -8.69 -5.54
C ILE C 601 -47.50 -9.28 -6.93
N SER C 602 -46.81 -8.61 -7.84
CA SER C 602 -46.71 -9.07 -9.23
C SER C 602 -45.98 -10.38 -9.46
N SER C 603 -44.83 -10.56 -8.82
CA SER C 603 -44.02 -11.76 -9.05
C SER C 603 -43.45 -12.20 -7.73
N SER C 604 -42.73 -13.30 -7.73
CA SER C 604 -42.17 -13.83 -6.49
C SER C 604 -40.95 -14.71 -6.71
N VAL C 605 -39.84 -14.37 -6.06
CA VAL C 605 -38.65 -15.18 -6.15
C VAL C 605 -38.51 -16.00 -4.88
N SER C 606 -38.09 -17.25 -5.00
CA SER C 606 -37.99 -18.13 -3.84
C SER C 606 -36.64 -18.80 -3.71
N LEU C 607 -36.21 -19.07 -2.49
CA LEU C 607 -34.93 -19.74 -2.27
C LEU C 607 -35.10 -20.86 -1.27
N ILE C 608 -35.61 -22.00 -1.72
CA ILE C 608 -35.86 -23.11 -0.83
C ILE C 608 -34.58 -23.73 -0.29
N GLY C 609 -34.60 -24.15 0.98
CA GLY C 609 -33.46 -24.78 1.58
C GLY C 609 -32.37 -23.82 2.00
N PHE C 610 -32.57 -22.52 1.84
CA PHE C 610 -31.58 -21.58 2.35
C PHE C 610 -32.15 -20.65 3.39
N ASP C 611 -31.64 -20.76 4.61
CA ASP C 611 -32.09 -19.91 5.71
C ASP C 611 -31.43 -18.55 5.60
N LEU C 612 -32.23 -17.52 5.37
CA LEU C 612 -31.67 -16.19 5.18
C LEU C 612 -31.06 -15.64 6.46
N PHE C 613 -31.74 -15.81 7.59
CA PHE C 613 -31.25 -15.24 8.85
C PHE C 613 -29.90 -15.81 9.23
N THR C 614 -29.79 -17.13 9.28
CA THR C 614 -28.52 -17.76 9.58
C THR C 614 -27.99 -18.32 8.30
N SER C 615 -27.27 -17.50 7.54
CA SER C 615 -26.82 -17.94 6.23
C SER C 615 -26.35 -19.38 6.35
N SER C 616 -27.03 -20.29 5.64
CA SER C 616 -26.68 -21.69 5.71
C SER C 616 -27.73 -22.49 4.98
N LEU C 617 -27.40 -23.71 4.58
CA LEU C 617 -28.33 -24.51 3.83
C LEU C 617 -29.05 -25.43 4.78
N LYS C 618 -30.27 -25.08 5.12
CA LYS C 618 -31.08 -25.90 6.00
C LYS C 618 -32.31 -26.29 5.23
N GLU C 619 -32.63 -27.57 5.18
CA GLU C 619 -33.77 -28.02 4.39
C GLU C 619 -35.09 -27.48 4.91
N ASN C 620 -35.23 -27.38 6.22
CA ASN C 620 -36.45 -26.83 6.82
C ASN C 620 -36.72 -25.37 6.50
N ALA C 621 -35.66 -24.60 6.25
CA ALA C 621 -35.84 -23.17 6.05
C ALA C 621 -35.99 -22.79 4.61
N ALA C 622 -36.57 -21.61 4.35
CA ALA C 622 -36.76 -21.15 2.97
C ALA C 622 -37.27 -19.73 2.93
N ALA C 623 -36.74 -18.92 2.03
CA ALA C 623 -37.16 -17.53 1.96
C ALA C 623 -37.81 -17.17 0.64
N VAL C 624 -39.01 -16.60 0.70
CA VAL C 624 -39.71 -16.22 -0.51
C VAL C 624 -39.88 -14.72 -0.61
N PHE C 625 -39.09 -14.07 -1.47
CA PHE C 625 -39.22 -12.64 -1.66
C PHE C 625 -40.41 -12.36 -2.56
N PHE C 626 -41.36 -11.57 -2.08
CA PHE C 626 -42.55 -11.27 -2.86
C PHE C 626 -42.42 -9.88 -3.47
N ILE C 627 -42.04 -9.81 -4.74
CA ILE C 627 -41.86 -8.53 -5.40
C ILE C 627 -43.18 -7.83 -5.58
N LEU C 628 -43.25 -6.57 -5.22
CA LEU C 628 -44.50 -5.82 -5.33
C LEU C 628 -44.54 -5.01 -6.60
N LYS C 629 -45.64 -4.31 -6.84
CA LYS C 629 -45.77 -3.51 -8.05
C LYS C 629 -45.13 -2.17 -7.82
N ASP C 630 -44.97 -1.38 -8.87
CA ASP C 630 -44.35 -0.06 -8.75
C ASP C 630 -45.10 0.77 -7.74
N TRP C 631 -44.41 1.69 -7.09
CA TRP C 631 -45.05 2.49 -6.06
C TRP C 631 -46.19 3.28 -6.66
N SER C 632 -46.01 3.76 -7.89
CA SER C 632 -47.05 4.59 -8.49
C SER C 632 -48.21 3.77 -9.01
N GLN C 633 -47.99 2.48 -9.26
CA GLN C 633 -49.10 1.61 -9.66
C GLN C 633 -49.94 1.02 -8.52
N ARG C 634 -49.39 0.94 -7.32
CA ARG C 634 -50.15 0.32 -6.23
C ARG C 634 -50.55 1.28 -5.13
N GLU C 635 -51.84 1.35 -4.84
CA GLU C 635 -52.31 2.19 -3.75
C GLU C 635 -51.81 1.71 -2.40
N ALA C 636 -51.81 0.40 -2.20
CA ALA C 636 -51.40 -0.16 -0.91
C ALA C 636 -49.92 -0.04 -0.64
N SER C 637 -49.57 0.36 0.58
CA SER C 637 -48.17 0.45 0.95
C SER C 637 -47.64 -0.93 1.26
N SER C 638 -46.33 -1.04 1.44
CA SER C 638 -45.74 -2.33 1.74
C SER C 638 -46.27 -2.82 3.07
N ASP C 639 -46.44 -1.93 4.03
CA ASP C 639 -46.91 -2.33 5.35
C ASP C 639 -48.31 -2.93 5.28
N GLN C 640 -49.18 -2.33 4.48
CA GLN C 640 -50.53 -2.85 4.34
C GLN C 640 -50.50 -4.24 3.75
N ILE C 641 -49.67 -4.45 2.74
CA ILE C 641 -49.60 -5.76 2.11
C ILE C 641 -49.01 -6.77 3.08
N ILE C 642 -48.05 -6.34 3.91
CA ILE C 642 -47.47 -7.24 4.89
C ILE C 642 -48.53 -7.70 5.86
N ALA C 643 -49.40 -6.79 6.25
CA ALA C 643 -50.47 -7.12 7.18
C ALA C 643 -51.40 -8.17 6.59
N GLN C 644 -51.72 -8.02 5.32
CA GLN C 644 -52.59 -8.97 4.66
C GLN C 644 -51.95 -10.35 4.64
N LEU C 645 -50.66 -10.40 4.34
CA LEU C 645 -49.95 -11.68 4.34
C LEU C 645 -49.93 -12.28 5.73
N PHE C 646 -49.68 -11.46 6.74
CA PHE C 646 -49.66 -11.97 8.10
C PHE C 646 -51.03 -12.48 8.48
N GLY C 647 -52.08 -11.78 8.08
CA GLY C 647 -53.43 -12.19 8.43
C GLY C 647 -53.83 -13.54 7.87
N GLN C 648 -53.49 -13.81 6.61
CA GLN C 648 -53.79 -15.12 6.05
C GLN C 648 -53.03 -16.24 6.75
N TYR C 649 -51.79 -16.00 7.11
CA TYR C 649 -50.97 -17.03 7.76
C TYR C 649 -50.97 -16.94 9.27
N ALA C 650 -51.82 -16.09 9.83
CA ALA C 650 -51.94 -15.97 11.30
C ALA C 650 -52.39 -17.27 11.92
N ALA C 651 -53.20 -18.03 11.20
CA ALA C 651 -53.70 -19.31 11.71
C ALA C 651 -52.52 -20.23 11.91
N ASP C 652 -52.58 -21.12 12.90
CA ASP C 652 -51.51 -22.08 13.02
C ASP C 652 -51.48 -23.01 11.83
N ARG C 653 -50.28 -23.28 11.31
CA ARG C 653 -50.17 -24.15 10.15
C ARG C 653 -48.91 -24.99 10.22
N ASN C 654 -48.53 -25.56 9.09
CA ASN C 654 -47.30 -26.35 9.04
C ASN C 654 -46.06 -25.52 9.33
N ALA C 655 -46.01 -24.31 8.77
CA ALA C 655 -44.79 -23.52 8.92
C ALA C 655 -44.98 -22.21 9.64
N LEU C 656 -43.86 -21.58 10.00
CA LEU C 656 -43.91 -20.29 10.65
C LEU C 656 -43.37 -19.28 9.69
N SER C 657 -44.12 -18.22 9.41
CA SER C 657 -43.69 -17.25 8.43
C SER C 657 -43.53 -15.87 9.02
N TYR C 658 -42.41 -15.22 8.74
CA TYR C 658 -42.19 -13.87 9.20
C TYR C 658 -42.08 -12.99 7.97
N PHE C 659 -42.87 -11.92 7.91
CA PHE C 659 -42.86 -11.06 6.74
C PHE C 659 -42.25 -9.74 7.11
N LEU C 660 -41.24 -9.32 6.36
CA LEU C 660 -40.54 -8.09 6.70
C LEU C 660 -40.18 -7.28 5.48
N ASN C 661 -40.07 -5.96 5.62
CA ASN C 661 -39.63 -5.15 4.50
C ASN C 661 -38.12 -5.18 4.46
N LEU C 662 -37.56 -5.09 3.26
CA LEU C 662 -36.10 -5.17 3.12
C LEU C 662 -35.45 -4.05 3.91
N PRO C 663 -34.27 -4.33 4.48
CA PRO C 663 -33.62 -3.33 5.32
C PRO C 663 -33.41 -2.02 4.59
N PRO C 664 -33.80 -0.90 5.22
CA PRO C 664 -33.61 0.41 4.59
C PRO C 664 -32.16 0.60 4.17
N ILE C 665 -31.24 0.51 5.11
CA ILE C 665 -29.83 0.65 4.79
C ILE C 665 -29.13 -0.67 5.02
N PRO C 666 -28.65 -1.30 3.94
CA PRO C 666 -28.02 -2.61 4.08
C PRO C 666 -26.81 -2.57 4.99
N GLY C 667 -26.60 -3.63 5.76
CA GLY C 667 -25.43 -3.69 6.63
C GLY C 667 -25.58 -2.94 7.94
N LEU C 668 -26.79 -2.49 8.23
CA LEU C 668 -27.02 -1.73 9.45
C LEU C 668 -28.33 -2.16 10.08
N SER C 669 -28.31 -2.44 11.37
CA SER C 669 -29.55 -2.79 12.08
C SER C 669 -30.29 -1.52 12.45
N LEU C 670 -31.57 -1.44 12.10
CA LEU C 670 -32.35 -0.26 12.45
C LEU C 670 -32.45 -0.18 13.95
N THR C 671 -32.46 -1.33 14.62
CA THR C 671 -32.52 -1.33 16.08
C THR C 671 -31.22 -0.89 16.71
N GLY C 672 -31.23 -0.67 18.02
CA GLY C 672 -30.04 -0.27 18.74
C GLY C 672 -29.56 -1.51 19.43
N GLY C 673 -29.93 -2.66 18.90
CA GLY C 673 -29.62 -3.91 19.54
C GLY C 673 -28.21 -4.42 19.67
N PHE C 674 -27.87 -4.92 20.84
CA PHE C 674 -26.57 -5.54 21.07
C PHE C 674 -26.44 -6.98 20.66
N GLU C 675 -25.31 -7.32 20.09
CA GLU C 675 -25.05 -8.71 19.79
C GLU C 675 -23.95 -9.09 20.76
N MET C 676 -24.23 -10.05 21.63
CA MET C 676 -23.25 -10.43 22.63
C MET C 676 -22.95 -11.91 22.53
N TYR C 677 -21.67 -12.27 22.52
CA TYR C 677 -21.32 -13.66 22.40
C TYR C 677 -20.84 -14.20 23.72
N ALA C 678 -21.54 -15.19 24.25
CA ALA C 678 -21.14 -15.79 25.51
C ALA C 678 -20.15 -16.91 25.29
N GLN C 679 -18.86 -16.57 25.21
CA GLN C 679 -17.85 -17.57 24.99
C GLN C 679 -17.67 -18.49 26.20
N ASN C 680 -17.52 -19.79 25.95
CA ASN C 680 -17.37 -20.78 27.01
C ASN C 680 -15.93 -21.25 27.15
N LYS C 681 -15.26 -20.85 28.22
CA LYS C 681 -13.87 -21.21 28.38
C LYS C 681 -13.63 -22.57 29.06
N SER C 682 -14.68 -23.24 29.50
CA SER C 682 -14.53 -24.51 30.21
C SER C 682 -14.75 -25.82 29.42
N GLY C 683 -15.04 -25.73 28.14
CA GLY C 683 -15.22 -26.93 27.34
C GLY C 683 -16.57 -27.61 27.38
N LYS C 684 -17.54 -27.01 28.04
CA LYS C 684 -18.88 -27.58 28.14
C LYS C 684 -19.48 -27.79 26.76
N ASP C 685 -20.28 -28.86 26.60
CA ASP C 685 -20.89 -29.12 25.30
C ASP C 685 -21.96 -28.12 24.92
N TYR C 686 -22.24 -27.97 23.64
CA TYR C 686 -23.18 -26.95 23.18
C TYR C 686 -24.56 -27.11 23.79
N ASP C 687 -25.00 -28.34 23.99
CA ASP C 687 -26.28 -28.54 24.64
C ASP C 687 -26.23 -27.96 26.04
N ALA C 688 -25.13 -28.19 26.75
CA ALA C 688 -24.98 -27.65 28.09
C ALA C 688 -24.87 -26.14 28.03
N ILE C 689 -24.25 -25.63 26.97
CA ILE C 689 -24.10 -24.19 26.82
C ILE C 689 -25.46 -23.54 26.71
N GLN C 690 -26.40 -24.16 26.01
CA GLN C 690 -27.67 -23.49 25.80
C GLN C 690 -28.60 -23.63 26.99
N GLN C 691 -28.27 -24.51 27.93
CA GLN C 691 -29.11 -24.58 29.10
C GLN C 691 -28.61 -23.49 30.02
N ASP C 692 -27.32 -23.20 29.94
CA ASP C 692 -26.75 -22.11 30.72
C ASP C 692 -27.22 -20.77 30.19
N VAL C 693 -27.36 -20.68 28.88
CA VAL C 693 -27.71 -19.40 28.28
C VAL C 693 -29.20 -19.17 28.35
N ASN C 694 -30.00 -20.24 28.40
CA ASN C 694 -31.42 -19.97 28.55
C ASN C 694 -31.68 -19.47 29.96
N LYS C 695 -30.81 -19.80 30.91
CA LYS C 695 -30.96 -19.25 32.26
C LYS C 695 -30.62 -17.78 32.21
N MET C 696 -29.60 -17.42 31.44
CA MET C 696 -29.21 -16.03 31.28
C MET C 696 -30.41 -15.31 30.72
N LEU C 697 -31.12 -15.97 29.82
CA LEU C 697 -32.26 -15.37 29.17
C LEU C 697 -33.37 -15.03 30.13
N GLU C 698 -33.58 -15.84 31.15
CA GLU C 698 -34.71 -15.61 32.01
C GLU C 698 -34.38 -14.47 32.93
N LEU C 699 -33.13 -14.36 33.35
CA LEU C 699 -32.76 -13.19 34.16
C LEU C 699 -32.87 -11.94 33.31
N ALA C 700 -32.47 -12.04 32.06
CA ALA C 700 -32.51 -10.90 31.15
C ALA C 700 -33.90 -10.36 30.92
N ARG C 701 -34.90 -11.25 30.89
CA ARG C 701 -36.23 -10.79 30.54
C ARG C 701 -36.87 -10.11 31.74
N THR C 702 -36.37 -10.37 32.93
CA THR C 702 -36.86 -9.65 34.09
C THR C 702 -36.39 -8.20 34.07
N ARG C 703 -35.14 -7.97 33.68
CA ARG C 703 -34.62 -6.61 33.71
C ARG C 703 -35.32 -5.66 32.74
N LYS C 704 -35.60 -4.45 33.20
CA LYS C 704 -36.34 -3.49 32.37
C LYS C 704 -35.64 -3.05 31.11
N GLU C 705 -34.37 -2.68 31.21
CA GLU C 705 -33.66 -2.14 30.04
C GLU C 705 -33.67 -3.08 28.87
N LEU C 706 -33.44 -4.36 29.12
CA LEU C 706 -33.44 -5.34 28.05
C LEU C 706 -34.82 -5.62 27.51
N ALA C 707 -34.97 -5.69 26.19
CA ALA C 707 -36.25 -6.04 25.60
C ALA C 707 -36.02 -6.99 24.44
N ASN C 708 -36.95 -7.90 24.20
CA ASN C 708 -36.85 -8.83 23.08
C ASN C 708 -35.54 -9.62 23.09
N VAL C 709 -35.09 -10.04 24.27
CA VAL C 709 -33.84 -10.77 24.35
C VAL C 709 -34.04 -12.12 23.70
N ARG C 710 -33.10 -12.53 22.85
CA ARG C 710 -33.25 -13.77 22.11
C ARG C 710 -31.91 -14.42 21.88
N THR C 711 -31.88 -15.73 21.66
CA THR C 711 -30.61 -16.35 21.31
C THR C 711 -30.67 -17.08 19.97
N THR C 712 -29.56 -17.10 19.25
CA THR C 712 -29.48 -17.81 17.98
C THR C 712 -29.31 -19.32 18.12
N LEU C 713 -28.62 -19.76 19.17
CA LEU C 713 -28.33 -21.18 19.32
C LEU C 713 -29.57 -22.03 19.39
N ASP C 714 -29.61 -23.11 18.61
CA ASP C 714 -30.71 -24.02 18.67
C ASP C 714 -30.15 -25.42 18.74
N THR C 715 -30.53 -26.18 19.75
CA THR C 715 -30.09 -27.57 19.84
C THR C 715 -31.24 -28.49 19.44
N SER C 716 -32.33 -27.94 18.95
CA SER C 716 -33.51 -28.72 18.58
C SER C 716 -33.38 -29.72 17.45
N PHE C 717 -32.50 -29.47 16.49
CA PHE C 717 -32.43 -30.32 15.29
C PHE C 717 -32.19 -31.79 15.53
N PRO C 718 -32.91 -32.65 14.81
CA PRO C 718 -32.74 -34.10 14.95
C PRO C 718 -31.38 -34.57 14.48
N GLN C 719 -30.75 -35.49 15.20
CA GLN C 719 -29.44 -36.00 14.83
C GLN C 719 -29.39 -37.46 15.19
N TYR C 720 -28.50 -38.22 14.56
CA TYR C 720 -28.35 -39.63 14.88
C TYR C 720 -26.96 -39.80 15.39
N LYS C 721 -26.79 -40.43 16.54
CA LYS C 721 -25.47 -40.54 17.12
C LYS C 721 -24.91 -41.92 16.80
N LEU C 722 -23.71 -41.96 16.25
CA LEU C 722 -23.14 -43.24 15.87
C LEU C 722 -22.34 -43.77 17.03
N ILE C 723 -22.73 -44.91 17.56
CA ILE C 723 -21.99 -45.51 18.66
C ILE C 723 -21.11 -46.57 18.06
N ILE C 724 -19.82 -46.50 18.32
CA ILE C 724 -18.89 -47.44 17.74
C ILE C 724 -18.44 -48.41 18.81
N ASP C 725 -18.64 -49.69 18.59
CA ASP C 725 -18.13 -50.65 19.54
C ASP C 725 -16.75 -50.90 19.01
N ARG C 726 -15.77 -50.23 19.60
CA ARG C 726 -14.41 -50.41 19.16
C ARG C 726 -13.87 -51.76 19.54
N ASP C 727 -14.50 -52.42 20.49
CA ASP C 727 -14.10 -53.76 20.83
C ASP C 727 -14.41 -54.68 19.69
N LYS C 728 -15.60 -54.50 19.13
CA LYS C 728 -16.02 -55.38 18.05
C LYS C 728 -15.33 -55.00 16.78
N MET C 729 -15.24 -53.72 16.50
CA MET C 729 -14.66 -53.32 15.23
C MET C 729 -13.28 -53.88 15.09
N LYS C 730 -12.47 -53.74 16.12
CA LYS C 730 -11.12 -54.27 16.11
C LYS C 730 -11.13 -55.78 15.97
N TYR C 731 -11.97 -56.44 16.75
CA TYR C 731 -12.07 -57.90 16.68
C TYR C 731 -12.48 -58.33 15.29
N TYR C 732 -13.36 -57.59 14.64
CA TYR C 732 -13.73 -57.91 13.28
C TYR C 732 -12.62 -57.55 12.30
N ASN C 733 -11.46 -57.15 12.82
CA ASN C 733 -10.31 -56.80 11.98
C ASN C 733 -10.61 -55.66 11.02
N LEU C 734 -11.33 -54.65 11.50
CA LEU C 734 -11.68 -53.52 10.66
C LEU C 734 -11.03 -52.25 11.16
N ASN C 735 -10.44 -51.46 10.26
CA ASN C 735 -9.81 -50.20 10.64
C ASN C 735 -10.82 -49.09 10.60
N MET C 736 -10.79 -48.20 11.57
CA MET C 736 -11.81 -47.16 11.68
C MET C 736 -11.93 -46.22 10.51
N GLN C 737 -10.83 -45.81 9.89
CA GLN C 737 -10.95 -44.95 8.73
C GLN C 737 -11.73 -45.64 7.65
N ASP C 738 -11.48 -46.93 7.46
CA ASP C 738 -12.18 -47.68 6.44
C ASP C 738 -13.68 -47.78 6.67
N VAL C 739 -14.12 -47.95 7.91
CA VAL C 739 -15.55 -48.11 8.13
C VAL C 739 -16.28 -46.79 7.94
N PHE C 740 -15.53 -45.70 7.91
CA PHE C 740 -16.16 -44.42 7.70
C PHE C 740 -16.12 -44.04 6.25
N ASN C 741 -15.18 -44.61 5.50
CA ASN C 741 -15.17 -44.39 4.07
C ASN C 741 -16.41 -45.06 3.50
N THR C 742 -16.75 -46.23 4.02
CA THR C 742 -17.99 -46.87 3.58
C THR C 742 -19.22 -46.07 3.95
N ILE C 743 -19.29 -45.51 5.15
CA ILE C 743 -20.42 -44.66 5.49
C ILE C 743 -20.44 -43.42 4.60
N SER C 744 -19.28 -42.82 4.37
CA SER C 744 -19.22 -41.62 3.58
C SER C 744 -19.64 -41.92 2.17
N ALA C 745 -19.31 -43.09 1.63
CA ALA C 745 -19.84 -43.37 0.30
C ALA C 745 -21.33 -43.74 0.27
N THR C 746 -21.79 -44.60 1.16
CA THR C 746 -23.18 -44.98 1.07
C THR C 746 -24.13 -43.91 1.61
N ILE C 747 -24.12 -43.66 2.92
CA ILE C 747 -25.04 -42.67 3.47
C ILE C 747 -24.78 -41.24 3.02
N GLY C 748 -23.53 -40.82 2.96
CA GLY C 748 -23.21 -39.47 2.50
C GLY C 748 -22.59 -39.44 1.12
N THR C 749 -21.93 -38.36 0.74
CA THR C 749 -21.42 -38.25 -0.62
C THR C 749 -19.89 -38.22 -0.57
N TYR C 750 -19.24 -39.08 -1.35
CA TYR C 750 -17.78 -39.13 -1.38
C TYR C 750 -17.27 -38.66 -2.72
N TYR C 751 -16.41 -37.65 -2.73
CA TYR C 751 -15.89 -37.13 -3.97
C TYR C 751 -14.54 -37.75 -4.27
N VAL C 752 -14.54 -38.76 -5.14
CA VAL C 752 -13.29 -39.45 -5.44
C VAL C 752 -12.28 -38.66 -6.28
N ASN C 753 -12.71 -38.16 -7.44
CA ASN C 753 -11.81 -37.44 -8.35
C ASN C 753 -12.59 -36.55 -9.29
N ASP C 754 -11.90 -35.73 -10.08
CA ASP C 754 -12.58 -34.84 -11.02
C ASP C 754 -12.60 -35.33 -12.46
N PHE C 755 -13.75 -35.24 -13.12
CA PHE C 755 -13.86 -35.66 -14.51
C PHE C 755 -14.00 -34.49 -15.51
N PRO C 756 -13.45 -34.58 -16.75
CA PRO C 756 -13.58 -33.42 -17.62
C PRO C 756 -14.88 -33.34 -18.40
N MET C 757 -15.56 -32.19 -18.33
CA MET C 757 -16.80 -32.01 -19.08
C MET C 757 -16.91 -30.60 -19.59
N LEU C 758 -17.12 -30.43 -20.89
CA LEU C 758 -17.29 -29.09 -21.48
C LEU C 758 -16.13 -28.16 -21.19
N GLY C 759 -14.93 -28.72 -21.04
CA GLY C 759 -13.75 -27.90 -20.79
C GLY C 759 -13.56 -27.50 -19.35
N LYS C 760 -14.42 -27.97 -18.45
CA LYS C 760 -14.22 -27.69 -17.04
C LYS C 760 -14.35 -28.93 -16.20
N ASN C 761 -13.35 -29.16 -15.36
CA ASN C 761 -13.36 -30.35 -14.54
C ASN C 761 -14.53 -30.30 -13.59
N PHE C 762 -15.24 -31.42 -13.47
CA PHE C 762 -16.38 -31.47 -12.59
C PHE C 762 -16.20 -32.64 -11.64
N GLN C 763 -16.82 -32.57 -10.48
CA GLN C 763 -16.68 -33.62 -9.47
C GLN C 763 -17.28 -34.98 -9.77
N VAL C 764 -16.67 -36.05 -9.28
CA VAL C 764 -17.27 -37.38 -9.43
C VAL C 764 -17.62 -37.75 -8.01
N ASN C 765 -18.89 -38.03 -7.75
CA ASN C 765 -19.32 -38.32 -6.38
C ASN C 765 -20.03 -39.64 -6.27
N ILE C 766 -19.87 -40.33 -5.14
CA ILE C 766 -20.56 -41.59 -4.95
C ILE C 766 -21.43 -41.60 -3.73
N ARG C 767 -22.69 -41.97 -3.91
CA ARG C 767 -23.66 -42.00 -2.80
C ARG C 767 -24.62 -43.11 -3.18
N ALA C 768 -25.46 -43.57 -2.26
CA ALA C 768 -26.35 -44.69 -2.55
C ALA C 768 -27.73 -44.24 -3.01
N LEU C 769 -28.51 -45.14 -3.61
CA LEU C 769 -29.83 -44.79 -4.07
C LEU C 769 -30.55 -44.26 -2.85
N GLY C 770 -31.29 -43.17 -2.98
CA GLY C 770 -31.92 -42.67 -1.77
C GLY C 770 -32.89 -43.57 -1.05
N ASP C 771 -33.31 -44.63 -1.72
CA ASP C 771 -34.27 -45.55 -1.13
C ASP C 771 -33.59 -46.21 0.03
N PHE C 772 -32.29 -46.42 -0.08
CA PHE C 772 -31.58 -47.08 0.97
C PHE C 772 -31.25 -46.14 2.13
N ARG C 773 -30.88 -44.89 1.83
CA ARG C 773 -30.51 -43.95 2.89
C ARG C 773 -31.62 -43.53 3.84
N ASN C 774 -32.84 -43.33 3.35
CA ASN C 774 -33.94 -42.80 4.19
C ASN C 774 -34.23 -43.41 5.56
N THR C 775 -34.00 -44.69 5.77
CA THR C 775 -34.37 -45.31 7.04
C THR C 775 -33.22 -45.54 7.97
N GLN C 776 -33.50 -45.55 9.27
CA GLN C 776 -32.45 -45.70 10.27
C GLN C 776 -31.66 -46.99 10.08
N ASP C 777 -32.32 -48.05 9.64
CA ASP C 777 -31.61 -49.32 9.51
C ASP C 777 -30.80 -49.33 8.24
N ALA C 778 -30.62 -48.18 7.61
CA ALA C 778 -29.75 -48.06 6.44
C ALA C 778 -28.43 -48.77 6.67
N LEU C 779 -27.96 -48.74 7.90
CA LEU C 779 -26.66 -49.30 8.21
C LEU C 779 -26.56 -50.77 7.89
N LYS C 780 -27.64 -51.51 8.09
CA LYS C 780 -27.56 -52.94 7.92
C LYS C 780 -27.29 -53.44 6.49
N ASN C 781 -27.62 -52.66 5.47
CA ASN C 781 -27.30 -53.10 4.12
C ASN C 781 -25.87 -52.76 3.71
N ILE C 782 -25.20 -51.88 4.44
CA ILE C 782 -23.81 -51.58 4.17
C ILE C 782 -22.87 -52.66 4.72
N TYR C 783 -21.86 -53.05 3.94
CA TYR C 783 -20.92 -54.09 4.37
C TYR C 783 -19.46 -53.66 4.18
N ILE C 784 -18.58 -54.09 5.08
CA ILE C 784 -17.15 -53.78 4.93
C ILE C 784 -16.30 -55.06 5.01
N ARG C 785 -15.35 -55.21 4.09
CA ARG C 785 -14.46 -56.38 4.11
C ARG C 785 -13.52 -56.39 5.29
N SER C 786 -13.30 -57.57 5.86
CA SER C 786 -12.34 -57.71 6.96
C SER C 786 -10.96 -57.82 6.37
N SER C 787 -9.92 -57.82 7.20
CA SER C 787 -8.59 -58.02 6.67
C SER C 787 -8.53 -59.50 6.44
N ASP C 788 -9.45 -60.26 7.01
CA ASP C 788 -9.55 -61.69 6.74
C ASP C 788 -10.46 -61.94 5.55
N ASN C 789 -10.70 -60.91 4.73
CA ASN C 789 -11.63 -61.01 3.59
C ASN C 789 -13.05 -61.49 3.92
N LYS C 790 -13.57 -61.09 5.07
CA LYS C 790 -14.92 -61.50 5.45
C LYS C 790 -15.84 -60.29 5.45
N MET C 791 -16.96 -60.38 4.75
CA MET C 791 -17.90 -59.27 4.74
C MET C 791 -18.50 -59.12 6.11
N ILE C 792 -18.44 -57.92 6.67
CA ILE C 792 -19.03 -57.70 7.98
C ILE C 792 -19.93 -56.49 7.93
N PRO C 793 -21.21 -56.69 8.28
CA PRO C 793 -22.18 -55.60 8.19
C PRO C 793 -21.92 -54.49 9.18
N LEU C 794 -22.19 -53.26 8.77
CA LEU C 794 -21.94 -52.12 9.64
C LEU C 794 -22.78 -52.16 10.89
N ASN C 795 -24.01 -52.64 10.80
CA ASN C 795 -24.90 -52.64 11.95
C ASN C 795 -24.35 -53.46 13.12
N SER C 796 -23.53 -54.46 12.83
CA SER C 796 -22.92 -55.25 13.89
C SER C 796 -22.23 -54.40 14.94
N PHE C 797 -21.22 -53.65 14.52
CA PHE C 797 -20.45 -52.83 15.45
C PHE C 797 -20.87 -51.37 15.54
N LEU C 798 -21.84 -50.97 14.74
CA LEU C 798 -22.26 -49.57 14.74
C LEU C 798 -23.74 -49.43 15.00
N THR C 799 -24.11 -48.49 15.87
CA THR C 799 -25.51 -48.29 16.21
C THR C 799 -25.91 -46.83 16.07
N LEU C 800 -27.03 -46.56 15.42
CA LEU C 800 -27.51 -45.19 15.29
C LEU C 800 -28.57 -44.93 16.35
N VAL C 801 -28.37 -43.87 17.13
CA VAL C 801 -29.30 -43.57 18.22
C VAL C 801 -29.92 -42.20 17.99
N ARG C 802 -31.23 -42.09 18.11
CA ARG C 802 -31.90 -40.81 17.95
C ARG C 802 -31.40 -39.81 18.99
N SER C 803 -31.13 -38.58 18.57
CA SER C 803 -30.62 -37.57 19.48
C SER C 803 -30.96 -36.20 18.95
N ALA C 804 -30.79 -35.16 19.76
CA ALA C 804 -31.01 -33.80 19.28
C ALA C 804 -29.76 -32.99 19.51
N GLY C 805 -29.37 -32.18 18.53
CA GLY C 805 -28.14 -31.41 18.66
C GLY C 805 -28.14 -30.18 17.80
N PRO C 806 -27.16 -29.31 17.98
CA PRO C 806 -27.14 -28.06 17.23
C PRO C 806 -26.76 -28.23 15.79
N ASP C 807 -27.58 -27.76 14.86
CA ASP C 807 -27.23 -27.81 13.45
C ASP C 807 -26.09 -26.86 13.15
N ASP C 808 -26.14 -25.67 13.73
CA ASP C 808 -25.10 -24.68 13.48
C ASP C 808 -24.31 -24.37 14.73
N VAL C 809 -23.02 -24.68 14.70
CA VAL C 809 -22.16 -24.48 15.85
C VAL C 809 -21.40 -23.19 15.63
N LYS C 810 -21.43 -22.29 16.59
CA LYS C 810 -20.79 -21.00 16.41
C LYS C 810 -19.63 -20.78 17.37
N ARG C 811 -18.48 -20.40 16.83
CA ARG C 811 -17.34 -20.09 17.69
C ARG C 811 -16.92 -18.66 17.42
N PHE C 812 -16.81 -17.86 18.46
CA PHE C 812 -16.45 -16.45 18.30
C PHE C 812 -15.17 -16.21 19.03
N ASN C 813 -14.23 -15.50 18.39
CA ASN C 813 -12.96 -15.15 19.01
C ASN C 813 -12.19 -16.34 19.53
N LEU C 814 -12.21 -17.44 18.80
CA LEU C 814 -11.43 -18.62 19.18
C LEU C 814 -12.00 -19.37 20.36
N PHE C 815 -13.25 -19.06 20.70
CA PHE C 815 -13.90 -19.76 21.80
C PHE C 815 -15.33 -20.18 21.45
N PRO C 816 -15.79 -21.39 21.89
CA PRO C 816 -17.17 -21.78 21.62
C PRO C 816 -18.14 -20.73 22.12
N ALA C 817 -19.15 -20.34 21.34
CA ALA C 817 -20.02 -19.24 21.76
C ALA C 817 -21.47 -19.33 21.34
N ALA C 818 -22.32 -18.61 22.06
CA ALA C 818 -23.73 -18.56 21.73
C ALA C 818 -23.96 -17.09 21.47
N LEU C 819 -24.96 -16.73 20.69
CA LEU C 819 -25.14 -15.32 20.38
C LEU C 819 -26.42 -14.85 21.01
N ILE C 820 -26.33 -13.78 21.79
CA ILE C 820 -27.52 -13.23 22.41
C ILE C 820 -27.82 -11.90 21.76
N GLN C 821 -28.98 -11.78 21.15
CA GLN C 821 -29.36 -10.52 20.56
C GLN C 821 -30.44 -9.93 21.42
N GLY C 822 -30.55 -8.61 21.43
CA GLY C 822 -31.52 -7.96 22.28
C GLY C 822 -31.82 -6.59 21.75
N ASP C 823 -32.89 -5.97 22.22
CA ASP C 823 -33.23 -4.63 21.79
C ASP C 823 -33.28 -3.77 23.03
N PRO C 824 -32.98 -2.49 22.90
CA PRO C 824 -33.10 -1.61 24.05
C PRO C 824 -34.56 -1.40 24.40
N ALA C 825 -34.84 -0.91 25.60
CA ALA C 825 -36.21 -0.74 26.02
C ALA C 825 -36.59 0.60 25.40
N PRO C 826 -37.86 0.76 24.95
CA PRO C 826 -38.12 2.03 24.25
C PRO C 826 -37.69 3.22 25.09
N GLY C 827 -37.96 3.19 26.38
CA GLY C 827 -37.48 4.25 27.25
C GLY C 827 -35.96 4.28 27.33
N TYR C 828 -35.34 3.14 27.62
CA TYR C 828 -33.88 3.11 27.80
C TYR C 828 -33.01 3.29 26.56
N THR C 829 -31.82 3.84 26.74
CA THR C 829 -30.90 4.03 25.63
C THR C 829 -30.19 2.76 25.24
N SER C 830 -29.56 2.75 24.07
CA SER C 830 -28.84 1.58 23.59
C SER C 830 -27.67 1.24 24.50
N GLY C 831 -26.94 2.26 24.94
CA GLY C 831 -25.80 2.04 25.80
C GLY C 831 -26.22 1.41 27.11
N GLN C 832 -27.34 1.86 27.65
CA GLN C 832 -27.84 1.31 28.90
C GLN C 832 -28.16 -0.17 28.74
N ALA C 833 -28.75 -0.52 27.61
CA ALA C 833 -29.08 -1.92 27.36
C ALA C 833 -27.81 -2.76 27.31
N ILE C 834 -26.76 -2.24 26.68
CA ILE C 834 -25.51 -2.99 26.58
C ILE C 834 -24.96 -3.25 27.97
N ASP C 835 -24.98 -2.23 28.82
CA ASP C 835 -24.48 -2.39 30.16
C ASP C 835 -25.32 -3.38 30.92
N ALA C 836 -26.63 -3.32 30.76
CA ALA C 836 -27.51 -4.20 31.51
C ALA C 836 -27.29 -5.66 31.19
N ILE C 837 -27.19 -5.99 29.90
CA ILE C 837 -27.04 -7.39 29.52
C ILE C 837 -25.70 -7.91 30.00
N ALA C 838 -24.69 -7.05 30.02
CA ALA C 838 -23.38 -7.47 30.49
C ALA C 838 -23.46 -7.87 31.94
N GLU C 839 -24.17 -7.09 32.74
CA GLU C 839 -24.33 -7.43 34.14
C GLU C 839 -25.09 -8.72 34.31
N VAL C 840 -26.16 -8.90 33.53
CA VAL C 840 -26.96 -10.11 33.63
C VAL C 840 -26.09 -11.29 33.26
N ALA C 841 -25.30 -11.13 32.21
CA ALA C 841 -24.47 -12.22 31.76
C ALA C 841 -23.45 -12.63 32.79
N LYS C 842 -22.91 -11.66 33.53
CA LYS C 842 -21.85 -12.04 34.45
C LYS C 842 -22.42 -12.79 35.64
N GLN C 843 -23.56 -12.36 36.16
CA GLN C 843 -24.15 -13.13 37.24
C GLN C 843 -24.79 -14.47 36.85
N SER C 844 -25.64 -14.48 35.84
CA SER C 844 -26.33 -15.71 35.48
C SER C 844 -25.39 -16.75 34.92
N LEU C 845 -24.64 -16.38 33.90
CA LEU C 845 -23.66 -17.30 33.34
C LEU C 845 -22.56 -17.53 34.36
N GLY C 846 -21.83 -18.61 34.20
CA GLY C 846 -20.75 -18.92 35.12
C GLY C 846 -19.51 -18.09 34.93
N ASP C 847 -18.58 -18.18 35.87
CA ASP C 847 -17.32 -17.47 35.75
C ASP C 847 -16.62 -18.01 34.51
N GLU C 848 -16.84 -19.28 34.21
CA GLU C 848 -16.22 -19.88 33.04
C GLU C 848 -16.64 -19.16 31.76
N TYR C 849 -17.84 -18.63 31.70
CA TYR C 849 -18.22 -17.86 30.52
C TYR C 849 -17.48 -16.54 30.39
N SER C 850 -17.66 -15.87 29.28
CA SER C 850 -17.03 -14.55 29.09
C SER C 850 -17.88 -13.79 28.10
N ILE C 851 -17.79 -12.47 28.07
CA ILE C 851 -18.66 -11.75 27.16
C ILE C 851 -17.92 -10.88 26.18
N ALA C 852 -18.30 -10.96 24.91
CA ALA C 852 -17.63 -10.18 23.88
C ALA C 852 -18.71 -9.52 23.06
N TRP C 853 -18.34 -8.55 22.24
CA TRP C 853 -19.34 -7.80 21.51
C TRP C 853 -19.08 -7.74 20.03
N SER C 854 -20.14 -7.59 19.24
CA SER C 854 -20.00 -7.51 17.80
C SER C 854 -20.81 -6.37 17.24
N GLY C 855 -20.43 -5.89 16.06
CA GLY C 855 -21.18 -4.83 15.41
C GLY C 855 -21.30 -3.54 16.16
N SER C 856 -22.52 -3.01 16.28
CA SER C 856 -22.71 -1.72 16.93
C SER C 856 -22.28 -1.78 18.38
N ALA C 857 -22.56 -2.89 19.03
CA ALA C 857 -22.23 -3.00 20.44
C ALA C 857 -20.74 -2.88 20.65
N TYR C 858 -19.96 -3.52 19.78
CA TYR C 858 -18.51 -3.48 19.92
C TYR C 858 -18.03 -2.06 19.90
N GLN C 859 -18.51 -1.29 18.93
CA GLN C 859 -18.04 0.08 18.79
C GLN C 859 -18.39 0.91 20.01
N GLU C 860 -19.60 0.73 20.54
CA GLU C 860 -19.99 1.49 21.71
C GLU C 860 -19.13 1.15 22.91
N VAL C 861 -18.84 -0.13 23.12
CA VAL C 861 -17.95 -0.50 24.21
C VAL C 861 -16.55 0.07 23.96
N SER C 862 -16.05 -0.07 22.74
CA SER C 862 -14.75 0.51 22.41
C SER C 862 -14.87 1.91 21.82
N SER C 863 -15.32 2.87 22.62
CA SER C 863 -15.49 4.22 22.12
C SER C 863 -14.62 5.20 22.87
N LYS C 864 -13.89 6.03 22.14
CA LYS C 864 -12.89 6.91 22.75
C LYS C 864 -13.50 8.23 23.17
N GLY C 865 -14.82 8.35 23.09
CA GLY C 865 -15.46 9.62 23.38
C GLY C 865 -14.93 10.68 22.42
N ALA C 866 -14.53 10.29 21.22
CA ALA C 866 -13.93 11.25 20.28
C ALA C 866 -14.87 12.34 19.83
N GLY C 867 -16.10 11.97 19.53
CA GLY C 867 -17.07 12.94 19.05
C GLY C 867 -17.25 14.05 20.06
N ALA C 868 -17.30 13.69 21.34
CA ALA C 868 -17.54 14.69 22.36
C ALA C 868 -16.43 15.73 22.41
N TYR C 869 -15.19 15.27 22.33
CA TYR C 869 -14.07 16.20 22.36
C TYR C 869 -14.14 17.10 21.15
N ALA C 870 -14.44 16.52 20.00
CA ALA C 870 -14.47 17.29 18.77
C ALA C 870 -15.53 18.38 18.81
N PHE C 871 -16.71 18.04 19.34
CA PHE C 871 -17.77 19.02 19.41
C PHE C 871 -17.43 20.18 20.31
N VAL C 872 -16.79 19.90 21.45
CA VAL C 872 -16.38 20.97 22.33
C VAL C 872 -15.38 21.88 21.63
N LEU C 873 -14.42 21.28 20.93
CA LEU C 873 -13.42 22.06 20.21
C LEU C 873 -14.07 22.90 19.12
N GLY C 874 -15.05 22.33 18.43
CA GLY C 874 -15.70 23.05 17.37
C GLY C 874 -16.40 24.28 17.89
N MET C 875 -17.06 24.15 19.02
CA MET C 875 -17.75 25.29 19.63
C MET C 875 -16.73 26.33 20.03
N ILE C 876 -15.67 25.92 20.70
CA ILE C 876 -14.65 26.87 21.12
C ILE C 876 -14.09 27.58 19.90
N PHE C 877 -13.87 26.85 18.80
CA PHE C 877 -13.40 27.49 17.60
C PHE C 877 -14.40 28.51 17.06
N VAL C 878 -15.67 28.16 17.05
CA VAL C 878 -16.71 29.08 16.58
C VAL C 878 -16.73 30.31 17.45
N PHE C 879 -16.63 30.13 18.76
CA PHE C 879 -16.62 31.24 19.70
C PHE C 879 -15.54 32.21 19.28
N LEU C 880 -14.31 31.71 19.21
CA LEU C 880 -13.17 32.54 18.88
C LEU C 880 -13.22 33.18 17.51
N ILE C 881 -13.79 32.51 16.51
CA ILE C 881 -13.74 33.07 15.18
C ILE C 881 -14.79 34.17 15.06
N LEU C 882 -15.82 34.16 15.89
CA LEU C 882 -16.75 35.26 15.83
C LEU C 882 -16.26 36.34 16.76
N ALA C 883 -15.48 35.96 17.77
CA ALA C 883 -14.89 37.00 18.63
C ALA C 883 -13.98 37.86 17.80
N ALA C 884 -13.22 37.25 16.89
CA ALA C 884 -12.35 38.02 16.03
C ALA C 884 -13.14 38.95 15.12
N GLN C 885 -14.26 38.47 14.58
CA GLN C 885 -15.06 39.28 13.69
C GLN C 885 -15.62 40.50 14.39
N TYR C 886 -16.14 40.31 15.59
CA TYR C 886 -16.76 41.43 16.29
C TYR C 886 -15.79 42.19 17.17
N GLU C 887 -14.58 41.65 17.36
CA GLU C 887 -13.58 42.29 18.19
C GLU C 887 -14.10 42.42 19.60
N ARG C 888 -15.01 41.54 19.98
CA ARG C 888 -15.57 41.58 21.31
C ARG C 888 -15.67 40.14 21.80
N TRP C 889 -15.23 39.88 23.01
CA TRP C 889 -15.39 38.54 23.57
C TRP C 889 -16.84 38.20 23.81
N LEU C 890 -17.62 39.18 24.27
CA LEU C 890 -19.01 38.91 24.62
C LEU C 890 -19.94 38.74 23.42
N MET C 891 -19.74 39.54 22.39
CA MET C 891 -20.66 39.49 21.24
C MET C 891 -21.01 38.16 20.54
N PRO C 892 -20.09 37.18 20.52
CA PRO C 892 -20.51 35.98 19.79
C PRO C 892 -21.51 35.17 20.57
N LEU C 893 -21.71 35.45 21.84
CA LEU C 893 -22.76 34.77 22.59
C LEU C 893 -24.12 35.03 21.95
N ALA C 894 -24.34 36.22 21.42
CA ALA C 894 -25.60 36.56 20.76
C ALA C 894 -25.87 35.65 19.58
N VAL C 895 -24.84 35.29 18.84
CA VAL C 895 -25.00 34.41 17.70
C VAL C 895 -25.33 32.99 18.14
N ILE C 896 -24.78 32.54 19.26
CA ILE C 896 -25.00 31.17 19.69
C ILE C 896 -26.39 31.07 20.29
N THR C 897 -26.91 32.18 20.81
CA THR C 897 -28.29 32.14 21.31
C THR C 897 -29.33 32.04 20.20
N ALA C 898 -29.01 32.51 19.00
CA ALA C 898 -29.94 32.41 17.87
C ALA C 898 -30.20 30.98 17.49
N VAL C 899 -29.23 30.12 17.72
CA VAL C 899 -29.34 28.73 17.30
C VAL C 899 -30.48 27.88 17.89
N PRO C 900 -30.82 28.08 19.18
CA PRO C 900 -31.87 27.18 19.65
C PRO C 900 -33.26 27.50 19.15
N PHE C 901 -33.48 28.63 18.49
CA PHE C 901 -34.78 28.84 17.89
C PHE C 901 -35.01 27.92 16.69
N ALA C 902 -33.98 27.73 15.88
CA ALA C 902 -34.06 26.81 14.75
C ALA C 902 -34.29 25.41 15.26
N VAL C 903 -33.48 24.99 16.23
CA VAL C 903 -33.59 23.63 16.78
C VAL C 903 -34.96 23.39 17.40
N PHE C 904 -35.62 24.46 17.85
CA PHE C 904 -36.88 24.27 18.53
C PHE C 904 -37.97 24.07 17.50
N GLY C 905 -37.90 24.80 16.40
CA GLY C 905 -38.88 24.63 15.36
C GLY C 905 -38.82 23.24 14.79
N SER C 906 -37.61 22.72 14.58
CA SER C 906 -37.46 21.39 14.03
C SER C 906 -37.97 20.28 14.93
N ILE C 907 -37.76 20.38 16.23
CA ILE C 907 -38.15 19.26 17.09
C ILE C 907 -39.61 19.41 17.43
N LEU C 908 -40.15 20.61 17.33
CA LEU C 908 -41.58 20.80 17.56
C LEU C 908 -42.34 20.16 16.42
N LEU C 909 -41.97 20.49 15.19
CA LEU C 909 -42.73 19.97 14.05
C LEU C 909 -42.67 18.45 13.95
N VAL C 910 -41.49 17.86 14.20
CA VAL C 910 -41.39 16.42 14.15
C VAL C 910 -42.28 15.79 15.22
N ALA C 911 -42.35 16.39 16.40
CA ALA C 911 -43.22 15.86 17.43
C ALA C 911 -44.68 15.90 17.01
N LEU C 912 -45.12 17.00 16.41
CA LEU C 912 -46.49 17.10 15.94
C LEU C 912 -46.74 16.09 14.83
N ARG C 913 -45.79 15.96 13.92
CA ARG C 913 -45.91 14.98 12.84
C ARG C 913 -45.85 13.56 13.37
N GLY C 914 -45.13 13.35 14.47
CA GLY C 914 -44.95 12.02 15.00
C GLY C 914 -43.67 11.39 14.48
N PHE C 915 -42.91 12.13 13.70
CA PHE C 915 -41.63 11.64 13.21
C PHE C 915 -40.59 11.52 14.31
N ASP C 916 -39.71 10.52 14.21
CA ASP C 916 -38.70 10.30 15.24
C ASP C 916 -37.42 11.11 15.08
N ASN C 917 -36.47 10.93 16.00
CA ASN C 917 -35.21 11.66 15.93
C ASN C 917 -34.24 10.83 15.12
N ASP C 918 -34.44 10.79 13.80
CA ASP C 918 -33.58 10.00 12.93
C ASP C 918 -32.30 10.70 12.52
N ILE C 919 -31.43 9.98 11.82
CA ILE C 919 -30.21 10.59 11.33
C ILE C 919 -30.56 11.72 10.41
N TYR C 920 -31.61 11.53 9.62
CA TYR C 920 -32.04 12.59 8.71
C TYR C 920 -32.35 13.86 9.48
N PHE C 921 -33.01 13.72 10.62
CA PHE C 921 -33.35 14.87 11.42
C PHE C 921 -32.09 15.56 11.90
N GLN C 922 -31.11 14.78 12.33
CA GLN C 922 -29.86 15.35 12.79
C GLN C 922 -29.12 16.08 11.70
N THR C 923 -29.08 15.51 10.50
CA THR C 923 -28.44 16.18 9.37
C THR C 923 -29.19 17.45 9.01
N GLY C 924 -30.52 17.40 9.10
CA GLY C 924 -31.30 18.60 8.89
C GLY C 924 -30.82 19.69 9.81
N LEU C 925 -30.54 19.31 11.05
CA LEU C 925 -30.14 20.30 12.03
C LEU C 925 -28.85 20.99 11.65
N LEU C 926 -27.93 20.25 11.04
CA LEU C 926 -26.65 20.86 10.74
C LEU C 926 -26.92 22.02 9.79
N LEU C 927 -27.77 21.81 8.80
CA LEU C 927 -28.11 22.90 7.90
C LEU C 927 -28.85 24.01 8.63
N LEU C 928 -29.85 23.64 9.43
CA LEU C 928 -30.64 24.64 10.13
C LEU C 928 -29.77 25.53 10.97
N ILE C 929 -28.98 24.89 11.85
CA ILE C 929 -28.04 25.62 12.70
C ILE C 929 -27.25 26.60 11.90
N GLY C 930 -26.56 26.10 10.88
CA GLY C 930 -25.70 26.96 10.10
C GLY C 930 -26.44 28.08 9.41
N LEU C 931 -27.60 27.82 8.83
CA LEU C 931 -28.34 28.89 8.22
C LEU C 931 -28.77 29.92 9.26
N SER C 932 -29.20 29.47 10.43
CA SER C 932 -29.57 30.39 11.49
C SER C 932 -28.37 31.20 11.94
N ALA C 933 -27.21 30.56 12.04
CA ALA C 933 -26.01 31.27 12.43
C ALA C 933 -25.65 32.31 11.40
N LYS C 934 -25.78 31.97 10.11
CA LYS C 934 -25.39 32.92 9.09
C LYS C 934 -26.25 34.15 9.19
N ASN C 935 -27.54 33.95 9.38
CA ASN C 935 -28.44 35.08 9.45
C ASN C 935 -28.08 35.93 10.66
N ALA C 936 -27.81 35.27 11.78
CA ALA C 936 -27.46 35.99 13.00
C ALA C 936 -26.17 36.77 12.88
N ILE C 937 -25.17 36.19 12.22
CA ILE C 937 -23.88 36.85 12.11
C ILE C 937 -24.08 38.15 11.39
N LEU C 938 -24.86 38.14 10.33
CA LEU C 938 -25.12 39.35 9.58
C LEU C 938 -25.88 40.41 10.37
N ILE C 939 -26.90 40.00 11.13
CA ILE C 939 -27.70 40.96 11.88
C ILE C 939 -26.81 41.62 12.90
N ILE C 940 -25.98 40.83 13.56
CA ILE C 940 -25.11 41.38 14.61
C ILE C 940 -24.06 42.31 14.02
N GLU C 941 -23.46 41.93 12.89
CA GLU C 941 -22.44 42.77 12.29
C GLU C 941 -23.00 44.10 11.83
N PHE C 942 -24.14 44.07 11.15
CA PHE C 942 -24.75 45.31 10.70
C PHE C 942 -25.08 46.18 11.90
N ALA C 943 -25.49 45.55 13.00
CA ALA C 943 -25.83 46.30 14.20
C ALA C 943 -24.60 46.97 14.77
N MET C 944 -23.46 46.30 14.71
CA MET C 944 -22.23 46.87 15.21
C MET C 944 -21.89 48.10 14.41
N GLU C 945 -22.09 48.03 13.10
CA GLU C 945 -21.77 49.16 12.24
C GLU C 945 -22.63 50.36 12.59
N GLU C 946 -23.91 50.14 12.83
CA GLU C 946 -24.79 51.25 13.14
C GLU C 946 -24.34 51.89 14.43
N ARG C 947 -24.02 51.06 15.42
CA ARG C 947 -23.59 51.58 16.72
C ARG C 947 -22.28 52.33 16.63
N LEU C 948 -21.35 51.82 15.83
CA LEU C 948 -20.03 52.44 15.75
C LEU C 948 -19.90 53.45 14.63
N LYS C 949 -19.95 52.99 13.39
CA LYS C 949 -19.73 53.87 12.26
C LYS C 949 -20.70 55.02 12.20
N LYS C 950 -21.99 54.75 12.40
CA LYS C 950 -22.99 55.80 12.29
C LYS C 950 -23.38 56.37 13.63
N GLY C 951 -22.80 55.84 14.71
CA GLY C 951 -23.07 56.43 16.02
C GLY C 951 -24.51 56.40 16.44
N LYS C 952 -25.26 55.40 15.98
CA LYS C 952 -26.65 55.25 16.38
C LYS C 952 -26.74 54.80 17.82
N SER C 953 -27.94 54.87 18.37
CA SER C 953 -28.14 54.47 19.76
C SER C 953 -28.18 52.96 19.83
N ILE C 954 -27.94 52.41 21.03
CA ILE C 954 -27.92 50.96 21.18
C ILE C 954 -29.28 50.40 20.80
N PHE C 955 -30.34 51.13 21.11
CA PHE C 955 -31.68 50.66 20.81
C PHE C 955 -31.92 50.88 19.33
N GLU C 956 -31.66 52.07 18.84
CA GLU C 956 -31.88 52.39 17.43
C GLU C 956 -31.09 51.49 16.51
N ALA C 957 -29.85 51.15 16.89
CA ALA C 957 -29.01 50.26 16.10
C ALA C 957 -29.64 48.89 15.94
N ALA C 958 -30.25 48.39 17.01
CA ALA C 958 -30.86 47.06 16.98
C ALA C 958 -32.14 47.01 16.18
N ILE C 959 -32.68 48.17 15.87
CA ILE C 959 -33.92 48.24 15.12
C ILE C 959 -33.50 48.36 13.69
N ASN C 960 -32.47 49.17 13.45
CA ASN C 960 -32.06 49.41 12.08
C ASN C 960 -31.49 48.15 11.47
N ALA C 961 -30.57 47.51 12.18
CA ALA C 961 -29.96 46.29 11.66
C ALA C 961 -31.01 45.26 11.34
N ALA C 962 -31.93 45.03 12.27
CA ALA C 962 -32.95 44.01 12.08
C ALA C 962 -33.77 44.29 10.83
N LYS C 963 -34.02 45.56 10.55
CA LYS C 963 -34.87 45.89 9.42
C LYS C 963 -34.05 45.78 8.14
N LEU C 964 -32.80 46.19 8.16
CA LEU C 964 -31.94 45.99 7.00
C LEU C 964 -31.85 44.54 6.63
N ARG C 965 -31.75 43.66 7.62
CA ARG C 965 -31.60 42.24 7.34
C ARG C 965 -32.91 41.48 7.21
N PHE C 966 -34.02 42.19 7.34
CA PHE C 966 -35.34 41.57 7.21
C PHE C 966 -35.50 40.91 5.85
N ARG C 967 -35.29 41.69 4.80
CA ARG C 967 -35.51 41.17 3.45
C ARG C 967 -34.66 39.98 3.02
N PRO C 968 -33.34 40.02 3.29
CA PRO C 968 -32.60 38.84 2.82
C PRO C 968 -33.08 37.57 3.49
N ILE C 969 -33.35 37.62 4.79
CA ILE C 969 -33.81 36.44 5.52
C ILE C 969 -35.15 35.95 5.00
N ILE C 970 -36.09 36.87 4.78
CA ILE C 970 -37.36 36.46 4.22
C ILE C 970 -37.15 35.80 2.85
N MET C 971 -36.39 36.44 1.97
CA MET C 971 -36.25 35.90 0.63
C MET C 971 -35.64 34.50 0.63
N THR C 972 -34.56 34.30 1.38
CA THR C 972 -33.91 32.99 1.37
C THR C 972 -34.81 31.93 1.96
N SER C 973 -35.48 32.26 3.06
CA SER C 973 -36.35 31.30 3.71
C SER C 973 -37.49 30.93 2.80
N LEU C 974 -38.07 31.93 2.13
CA LEU C 974 -39.21 31.66 1.31
C LEU C 974 -38.80 30.72 0.19
N ALA C 975 -37.67 31.00 -0.44
CA ALA C 975 -37.26 30.17 -1.55
C ALA C 975 -36.96 28.75 -1.11
N PHE C 976 -36.20 28.63 -0.04
CA PHE C 976 -35.82 27.30 0.42
C PHE C 976 -36.96 26.48 0.97
N THR C 977 -37.80 27.08 1.81
CA THR C 977 -38.87 26.32 2.43
C THR C 977 -39.78 25.79 1.35
N PHE C 978 -40.22 26.65 0.46
CA PHE C 978 -41.07 26.22 -0.64
C PHE C 978 -40.36 25.19 -1.50
N GLY C 979 -39.06 25.35 -1.69
CA GLY C 979 -38.29 24.38 -2.44
C GLY C 979 -38.26 22.99 -1.84
N VAL C 980 -38.16 22.89 -0.51
CA VAL C 980 -38.15 21.59 0.15
C VAL C 980 -39.54 21.15 0.62
N LEU C 981 -40.56 21.94 0.31
CA LEU C 981 -41.93 21.54 0.65
C LEU C 981 -42.40 20.27 -0.08
N PRO C 982 -41.92 20.02 -1.32
CA PRO C 982 -42.31 18.76 -1.94
C PRO C 982 -41.86 17.54 -1.15
N MET C 983 -40.74 17.62 -0.45
CA MET C 983 -40.33 16.51 0.41
C MET C 983 -41.39 16.02 1.38
N ILE C 984 -42.12 16.94 1.97
CA ILE C 984 -43.15 16.58 2.94
C ILE C 984 -44.21 15.73 2.26
N PHE C 985 -44.50 16.05 1.01
CA PHE C 985 -45.55 15.35 0.30
C PHE C 985 -44.99 14.24 -0.59
N ALA C 986 -43.69 13.96 -0.50
CA ALA C 986 -43.12 12.97 -1.41
C ALA C 986 -43.53 11.52 -1.25
N THR C 987 -43.85 10.88 -2.36
CA THR C 987 -44.27 9.49 -2.31
C THR C 987 -43.42 8.72 -3.31
N GLY C 988 -43.32 7.41 -3.16
CA GLY C 988 -42.44 6.64 -4.02
C GLY C 988 -41.24 6.18 -3.25
N ALA C 989 -40.22 5.68 -3.93
CA ALA C 989 -39.06 5.15 -3.24
C ALA C 989 -38.26 6.22 -2.52
N GLY C 990 -37.90 5.95 -1.28
CA GLY C 990 -37.19 6.94 -0.48
C GLY C 990 -38.14 7.90 0.20
N SER C 991 -39.44 7.61 0.16
CA SER C 991 -40.41 8.55 0.70
C SER C 991 -40.25 8.83 2.18
N ALA C 992 -40.01 7.79 2.98
CA ALA C 992 -39.91 8.00 4.41
C ALA C 992 -38.74 8.90 4.73
N SER C 993 -37.62 8.66 4.05
CA SER C 993 -36.45 9.48 4.27
C SER C 993 -36.70 10.92 3.87
N ARG C 994 -37.32 11.11 2.70
CA ARG C 994 -37.63 12.45 2.23
C ARG C 994 -38.46 13.15 3.26
N HIS C 995 -39.49 12.49 3.75
CA HIS C 995 -40.39 13.11 4.70
C HIS C 995 -39.64 13.51 5.95
N SER C 996 -38.78 12.62 6.44
CA SER C 996 -38.07 12.90 7.68
C SER C 996 -37.14 14.09 7.58
N LEU C 997 -36.38 14.17 6.50
CA LEU C 997 -35.50 15.31 6.30
C LEU C 997 -36.35 16.54 6.13
N GLY C 998 -37.42 16.42 5.37
CA GLY C 998 -38.28 17.57 5.11
C GLY C 998 -39.00 18.16 6.29
N THR C 999 -39.56 17.34 7.16
CA THR C 999 -40.34 17.90 8.26
C THR C 999 -39.48 18.74 9.18
N GLY C 1000 -38.28 18.25 9.50
CA GLY C 1000 -37.39 19.02 10.34
C GLY C 1000 -37.01 20.31 9.67
N LEU C 1001 -36.69 20.25 8.38
CA LEU C 1001 -36.24 21.43 7.67
C LEU C 1001 -37.31 22.50 7.64
N ILE C 1002 -38.53 22.13 7.30
CA ILE C 1002 -39.59 23.12 7.18
C ILE C 1002 -39.81 23.79 8.52
N GLY C 1003 -39.87 22.99 9.58
CA GLY C 1003 -40.15 23.55 10.89
C GLY C 1003 -39.06 24.49 11.34
N GLY C 1004 -37.81 24.08 11.17
CA GLY C 1004 -36.70 24.91 11.57
C GLY C 1004 -36.62 26.19 10.79
N MET C 1005 -36.83 26.10 9.48
CA MET C 1005 -36.72 27.29 8.65
C MET C 1005 -37.80 28.28 9.02
N ILE C 1006 -39.00 27.78 9.27
CA ILE C 1006 -40.08 28.67 9.64
C ILE C 1006 -39.74 29.34 10.96
N ALA C 1007 -39.23 28.56 11.90
CA ALA C 1007 -38.93 29.12 13.21
C ALA C 1007 -37.84 30.17 13.12
N ALA C 1008 -36.81 29.88 12.34
CA ALA C 1008 -35.70 30.82 12.24
C ALA C 1008 -36.16 32.12 11.63
N SER C 1009 -36.99 32.08 10.61
CA SER C 1009 -37.50 33.34 10.08
C SER C 1009 -38.63 33.94 10.90
N THR C 1010 -39.59 33.18 11.37
CA THR C 1010 -40.62 33.76 12.22
C THR C 1010 -40.16 34.27 13.60
N LEU C 1011 -39.34 33.49 14.32
CA LEU C 1011 -38.97 33.89 15.69
C LEU C 1011 -37.59 34.46 15.93
N ALA C 1012 -36.57 33.80 15.40
CA ALA C 1012 -35.19 34.24 15.61
C ALA C 1012 -34.98 35.70 15.33
N ILE C 1013 -35.48 36.18 14.19
CA ILE C 1013 -35.19 37.57 13.83
C ILE C 1013 -35.65 38.58 14.86
N PHE C 1014 -36.80 38.39 15.49
CA PHE C 1014 -37.20 39.29 16.56
C PHE C 1014 -36.23 39.20 17.74
N PHE C 1015 -35.89 37.98 18.13
CA PHE C 1015 -34.99 37.76 19.28
C PHE C 1015 -33.52 38.19 19.21
N VAL C 1016 -32.88 38.04 18.05
CA VAL C 1016 -31.43 38.33 17.97
C VAL C 1016 -31.09 39.78 18.34
N PRO C 1017 -31.90 40.76 17.91
CA PRO C 1017 -31.63 42.12 18.36
C PRO C 1017 -31.71 42.25 19.88
N LEU C 1018 -32.63 41.55 20.52
CA LEU C 1018 -32.74 41.60 21.98
C LEU C 1018 -31.45 41.14 22.62
N PHE C 1019 -30.88 40.05 22.13
CA PHE C 1019 -29.61 39.57 22.66
C PHE C 1019 -28.54 40.63 22.46
N PHE C 1020 -28.42 41.17 21.25
CA PHE C 1020 -27.41 42.18 20.98
C PHE C 1020 -27.62 43.37 21.88
N TYR C 1021 -28.86 43.76 22.09
CA TYR C 1021 -29.13 44.95 22.89
C TYR C 1021 -28.60 44.73 24.28
N LEU C 1022 -28.83 43.54 24.83
CA LEU C 1022 -28.35 43.25 26.16
C LEU C 1022 -26.84 43.25 26.26
N LEU C 1023 -26.18 42.63 25.30
CA LEU C 1023 -24.72 42.56 25.32
C LEU C 1023 -24.08 43.93 25.16
N GLU C 1024 -24.62 44.75 24.26
CA GLU C 1024 -24.06 46.07 24.05
C GLU C 1024 -24.24 46.90 25.31
N ASN C 1025 -25.38 46.77 25.96
CA ASN C 1025 -25.61 47.49 27.20
C ASN C 1025 -24.61 47.04 28.25
N PHE C 1026 -24.36 45.74 28.32
CA PHE C 1026 -23.41 45.22 29.29
C PHE C 1026 -22.01 45.74 29.02
N ASN C 1027 -21.63 45.83 27.74
CA ASN C 1027 -20.32 46.36 27.40
C ASN C 1027 -20.21 47.79 27.86
N GLU C 1028 -21.26 48.57 27.64
CA GLU C 1028 -21.25 49.96 28.10
C GLU C 1028 -21.14 50.03 29.60
N TRP C 1029 -21.82 49.14 30.30
CA TRP C 1029 -21.75 49.11 31.75
C TRP C 1029 -20.33 48.84 32.20
N LEU C 1030 -19.65 47.93 31.51
CA LEU C 1030 -18.26 47.65 31.84
C LEU C 1030 -17.42 48.89 31.63
N ASP C 1031 -17.70 49.62 30.57
CA ASP C 1031 -16.95 50.84 30.27
C ASP C 1031 -17.12 51.86 31.40
N LYS C 1032 -18.33 51.99 31.93
CA LYS C 1032 -18.56 52.91 33.03
C LYS C 1032 -17.70 52.54 34.22
#